data_9DMV
#
_entry.id   9DMV
#
_cell.length_a   1.00
_cell.length_b   1.00
_cell.length_c   1.00
_cell.angle_alpha   90.00
_cell.angle_beta   90.00
_cell.angle_gamma   90.00
#
_symmetry.space_group_name_H-M   'P 1'
#
loop_
_entity.id
_entity.type
_entity.pdbx_description
1 polymer 'Acetylcholine receptor subunit alpha'
2 polymer 'Acetylcholine receptor subunit beta'
3 polymer 'Acetylcholine receptor subunit delta'
4 polymer 'Acetylcholine receptor subunit epsilon'
5 polymer 'Fab9 heavy chain'
6 polymer 'Fab9 light chain'
7 branched alpha-D-mannopyranose-(1-3)-[alpha-D-mannopyranose-(1-6)]beta-D-mannopyranose-(1-4)-2-acetamido-2-deoxy-beta-D-glucopyranose-(1-4)-2-acetamido-2-deoxy-beta-D-glucopyranose
8 branched alpha-D-mannopyranose-(1-3)-beta-D-mannopyranose-(1-4)-2-acetamido-2-deoxy-beta-D-glucopyranose-(1-4)-2-acetamido-2-deoxy-beta-D-glucopyranose
9 branched 2-acetamido-2-deoxy-beta-D-glucopyranose-(1-4)-2-acetamido-2-deoxy-beta-D-glucopyranose
10 non-polymer '(2S)-3-(hexadecanoyloxy)-2-[(9Z)-octadec-9-enoyloxy]propyl 2-(trimethylammonio)ethyl phosphate'
11 non-polymer CHOLESTEROL
12 non-polymer 2-acetamido-2-deoxy-beta-D-glucopyranose
#
loop_
_entity_poly.entity_id
_entity_poly.type
_entity_poly.pdbx_seq_one_letter_code
_entity_poly.pdbx_strand_id
1 'polypeptide(L)'
;MEPWPLLLLFSLCSAGLVLGSEHETRLVAKLFKDYSSVVRPVEDHRQVVEVTVGLQLIQLINVDEVNQIVTTNVRLKQQW
VDYNLKWNPDDYGGVKKIHIPSEKIWRPDLVLYNNADGDFAIVKFTKVLLQYTGHITWTPPAIFKSYCEIIVTHFPFDEQ
NCSMKLGTWTYDGSVVAINPESDQPDLSNFMESGEWVIKESRGWKHSVTYSCCPDTPYLDITYHFVMQRLPLYFIVNVII
PCLLFSFLTGLVFYLPTDSGEKMTLSISVLLSLTVFLLVIVELIPSTSSAVPLIGKYMLFTMVFVIASIIITVIVINTHH
RSPSTHVMPNWVRKVFIDTIPNIMFFSTMKRPSREKQDKKIFTEDIDISDISGKPGPPPMGFHSPLIKHPEVKSAIEGIK
YIAETMKSDQESNNAAAEWKYVAMVMDHILLGVFMLVCIIGTLAVFAGRLIELNQQG
;
A,C
2 'polypeptide(L)'
;MTPGALLMLLGALGAPLAPGVRGSEAEGRLREKLFSGYDSSVRPAREVGDRVRVSVGLILAQLISLNEKDEEMSTKVYLD
LEWTDYRLSWDPAEHDGIDSLRITAESVWLPDVVLLNNNDGNFDVALDISVVVSSDGSVRWQPPGIYRSSCSIQVTYFPF
DWQNCTMVFSSYSYDSSEVSLQTGLGPDGQGHQEIHIHEGTFIENGQWEIIHKPSRLIQPPGDPRGGREGQRQEVIFYLI
IRRKPLFYLVNVIAPCILITLLAIFVFYLPPDAGEKMGLSIFALLTLTVFLLLLADKVPETSLSVPIIIKYLMFTMVLVT
FSVILSVVVLNLHHRSPHTHQMPLWVRQIFIHKLPLYLRLKRPKPERDLMPEPPHCSSPGSGWGRGTDEYFIRKPPSDFL
FPKPNRFQPELSAPDLRRFIDGPNRAVALLPELREVVSSISYIARQLQEQEDHDALKEDWQFVAMVVDRLFLWTFIIFTS
VGTLVIFLDATYHLPPPDPFPS
;
E
3 'polypeptide(L)'
;MEGPVLTLGLLAALAVCGSWGLNEEERLIRHLFQEKGYNKELRPVAHKEESVDVALALTLSNLISLKEVEETLTTNVWIE
HGWTDNRLKWNAEEFGNISVLRLPPDMVWLPEIVLENNNDGSFQISYSCNVLVYHYGFVYWLPPAIFRSSCPISVTYFPF
DWQNCSLKFSSLKYTAKEITLSLKQDAKENRTYPVEWIIIDPEGFTENGEWEIVHRPARVNVDPRAPLDSPSRQDITFYL
IIRRKPLFYIINILVPCVLISFMVNLVFYLPADSGEKTSVAISVLLAQSVFLLLISKRLPATSMAIPLIGKFLLFGMVLV
TMVVVICVIVLNIHFRTPSTHVLSEGVKKLFLETLPELLHMSRPAEDGPSPGALVRRSSSLGYISKAEEYFLLKSRSDLM
FEKQSERHGLARRLTTARRPPASSEQAQQELFNELKPAVDGANFIVNHMRDQNNYNEEKDSWNRVARTVDRLCLFVVTPV
MVVGTAWIFLQGVYNQPPPQPFPGDPYSYNVQDKRFI
;
D
4 'polypeptide(L)'
;MARAPLGVLLLLGLLGRGVGKNEELRLYHHLFNNYDPGSRPVREPEDTVTISLKVTLTNLISLNEKEETLTTSVWIGIDW
QDYRLNYSKDDFGGIETLRVPSELVWLPEIVLENNIDGQFGVAYDANVLVYEGGSVTWLPPAIYRSVCAVEVTYFPFDWQ
NCSLIFRSQTYNAEEVEFTFAVDNDGKTINKIDIDTEAYTENGEWAIDFCPGVIRRHHGGATDGPGETDVIYSLIIRRKP
LFYVINIIVPCVLISGLVLLAYFLPAQAGGQKCTVSINVLLAQTVFLFLIAQKIPETSLSVPLLGRFLIFVMVVATLIVM
NCVIVLNVSQRTPTTHAMSPRLRHVLLELLPRLLGSPPPPEAPRAASPPRRASSVGLLLRAEELILKKPRSELVFEGQRH
RQGTWTAAFCQSLGAAAPEVRCCVDAVNFVAESTRDQEATGEEVSDWVRMGNALDNICFWAALVLFSVGSSLIFLGAYFN
RVPDLPYAPCIQP
;
B
5 'polypeptide(L)'
;MDSKGSSQKGSRLLLLLVVSNLLLCQGVVSAQVQLQESGPRLVKPSQTLSLTCTVSGGSVTRGNYYWTWIRQPAGKELEW
IGHIYISGRTNFNPSLKSRVSISVDTSKNQFSLKLTSVTVADTAVYYCAREREVIVDRRRWLDPWGQGILVTVSSASTKG
PSVFPLAPSSKSTSGGTAALGCLVKDYFPEPVTVSWNSGALTSGVHTFPAVLQSSGLYSLSSVVTVPSSSLGTQTYICNV
NHKPSNTKVDKKVEPKSCGSHHHHHH
;
F
6 'polypeptide(L)'
;MGWSCIILFLVATATGVHSDIVMTQSPSSLSASIGDRVTITCRASHNISRYLSWFQQRPGKAPKLLIYAASSLQSGVPSR
FSGSGSGTDYTLTISNLHPEDFATYFCQQSYSTPLIFGQGTKVEIKRTVAAPSVFIFPPSDEQLKSGTASVVCLLNNFYP
REAKVQWKVDNALQSGNSQESVTEQDSKDSTYSLSSTLTLSKADYEKHKVYACEVTHQGLSSPVTKSFNRGEC
;
G
#
loop_
_chem_comp.id
_chem_comp.type
_chem_comp.name
_chem_comp.formula
BMA D-saccharide, beta linking beta-D-mannopyranose 'C6 H12 O6'
CLR non-polymer CHOLESTEROL 'C27 H46 O'
MAN D-saccharide, alpha linking alpha-D-mannopyranose 'C6 H12 O6'
NAG D-saccharide, beta linking 2-acetamido-2-deoxy-beta-D-glucopyranose 'C8 H15 N O6'
POV non-polymer '(2S)-3-(hexadecanoyloxy)-2-[(9Z)-octadec-9-enoyloxy]propyl 2-(trimethylammonio)ethyl phosphate' 'C42 H82 N O8 P'
#
# COMPACT_ATOMS: atom_id res chain seq x y z
N SER A 21 -7.30 43.00 4.00
CA SER A 21 -8.51 42.26 4.45
C SER A 21 -8.92 42.71 5.84
N GLU A 22 -8.71 43.99 6.13
CA GLU A 22 -9.24 44.55 7.36
C GLU A 22 -10.76 44.62 7.32
N HIS A 23 -11.32 44.88 6.15
CA HIS A 23 -12.78 44.87 6.00
C HIS A 23 -13.36 43.52 6.34
N GLU A 24 -12.79 42.45 5.79
CA GLU A 24 -13.27 41.11 6.09
C GLU A 24 -13.01 40.74 7.55
N THR A 25 -11.91 41.23 8.12
CA THR A 25 -11.66 40.97 9.54
C THR A 25 -12.75 41.58 10.41
N ARG A 26 -13.10 42.84 10.13
CA ARG A 26 -14.18 43.49 10.88
C ARG A 26 -15.51 42.79 10.65
N LEU A 27 -15.77 42.36 9.41
CA LEU A 27 -17.01 41.67 9.11
C LEU A 27 -17.11 40.36 9.89
N VAL A 28 -16.04 39.57 9.88
CA VAL A 28 -16.07 38.28 10.57
C VAL A 28 -16.19 38.49 12.07
N ALA A 29 -15.57 39.55 12.59
CA ALA A 29 -15.72 39.83 14.02
C ALA A 29 -17.14 40.26 14.37
N LYS A 30 -17.79 40.99 13.47
CA LYS A 30 -19.16 41.44 13.74
C LYS A 30 -20.16 40.29 13.63
N LEU A 31 -19.98 39.42 12.62
CA LEU A 31 -20.98 38.39 12.35
C LEU A 31 -21.08 37.38 13.49
N PHE A 32 -19.98 37.15 14.20
CA PHE A 32 -19.88 36.12 15.24
C PHE A 32 -19.73 36.70 16.64
N LYS A 33 -20.03 37.98 16.84
CA LYS A 33 -19.94 38.56 18.17
C LYS A 33 -20.95 37.94 19.12
N ASP A 34 -22.20 37.80 18.67
CA ASP A 34 -23.31 37.29 19.49
C ASP A 34 -24.08 36.23 18.70
N TYR A 35 -23.35 35.32 18.07
CA TYR A 35 -23.93 34.29 17.23
C TYR A 35 -24.08 33.01 18.02
N SER A 36 -25.16 32.27 17.76
CA SER A 36 -25.40 30.96 18.34
C SER A 36 -25.50 29.93 17.21
N SER A 37 -24.68 28.89 17.31
CA SER A 37 -24.80 27.73 16.44
C SER A 37 -25.76 26.68 16.98
N VAL A 38 -26.41 26.95 18.12
CA VAL A 38 -27.33 25.99 18.71
C VAL A 38 -28.72 26.11 18.08
N VAL A 39 -29.26 27.33 18.02
CA VAL A 39 -30.61 27.55 17.53
C VAL A 39 -30.64 27.44 16.02
N ARG A 40 -31.83 27.13 15.49
CA ARG A 40 -31.98 27.10 14.05
C ARG A 40 -31.82 28.51 13.48
N PRO A 41 -31.26 28.68 12.29
CA PRO A 41 -30.90 30.02 11.80
C PRO A 41 -32.06 30.69 11.08
N VAL A 42 -33.10 31.03 11.83
CA VAL A 42 -34.32 31.64 11.30
C VAL A 42 -34.65 32.85 12.17
N GLU A 43 -35.38 33.80 11.56
CA GLU A 43 -35.82 34.97 12.30
C GLU A 43 -36.85 34.61 13.36
N ASP A 44 -37.78 33.71 13.02
CA ASP A 44 -38.88 33.33 13.88
C ASP A 44 -39.00 31.81 13.91
N HIS A 45 -39.23 31.25 15.10
CA HIS A 45 -39.11 29.81 15.29
C HIS A 45 -40.14 29.03 14.50
N ARG A 46 -41.29 29.64 14.18
CA ARG A 46 -42.30 28.94 13.39
C ARG A 46 -41.86 28.74 11.94
N GLN A 47 -40.83 29.46 11.49
CA GLN A 47 -40.32 29.26 10.14
C GLN A 47 -39.51 27.97 10.06
N VAL A 48 -39.48 27.40 8.87
CA VAL A 48 -38.73 26.18 8.57
C VAL A 48 -37.43 26.56 7.89
N VAL A 49 -36.37 25.81 8.19
CA VAL A 49 -35.07 26.00 7.55
C VAL A 49 -35.09 25.22 6.24
N GLU A 50 -35.03 25.94 5.12
CA GLU A 50 -35.08 25.32 3.80
C GLU A 50 -33.66 24.97 3.36
N VAL A 51 -33.38 23.68 3.24
CA VAL A 51 -32.06 23.16 2.91
C VAL A 51 -32.14 22.46 1.56
N THR A 52 -31.24 22.80 0.66
CA THR A 52 -31.09 22.14 -0.64
C THR A 52 -29.92 21.19 -0.55
N VAL A 53 -30.18 19.90 -0.76
CA VAL A 53 -29.16 18.85 -0.69
C VAL A 53 -28.94 18.30 -2.09
N GLY A 54 -27.68 18.23 -2.49
CA GLY A 54 -27.28 17.60 -3.73
C GLY A 54 -26.08 16.70 -3.52
N LEU A 55 -26.19 15.46 -3.97
CA LEU A 55 -25.11 14.48 -3.83
C LEU A 55 -24.32 14.42 -5.12
N GLN A 56 -23.00 14.51 -5.01
CA GLN A 56 -22.09 14.35 -6.13
C GLN A 56 -21.24 13.10 -5.88
N LEU A 57 -21.23 12.18 -6.83
CA LEU A 57 -20.48 10.94 -6.71
C LEU A 57 -19.16 11.10 -7.47
N ILE A 58 -18.05 11.10 -6.74
CA ILE A 58 -16.74 11.24 -7.37
C ILE A 58 -16.22 9.88 -7.81
N GLN A 59 -16.37 8.87 -6.97
CA GLN A 59 -15.77 7.57 -7.22
C GLN A 59 -16.61 6.49 -6.54
N LEU A 60 -16.77 5.35 -7.22
CA LEU A 60 -17.34 4.14 -6.63
C LEU A 60 -16.16 3.29 -6.17
N ILE A 61 -15.83 3.38 -4.89
CA ILE A 61 -14.61 2.74 -4.40
C ILE A 61 -14.75 1.23 -4.41
N ASN A 62 -15.86 0.70 -3.90
CA ASN A 62 -15.93 -0.75 -3.74
C ASN A 62 -17.37 -1.22 -3.60
N VAL A 63 -17.60 -2.47 -4.02
CA VAL A 63 -18.87 -3.16 -3.81
C VAL A 63 -18.52 -4.49 -3.14
N ASP A 64 -18.67 -4.54 -1.82
CA ASP A 64 -18.43 -5.75 -1.02
C ASP A 64 -19.72 -6.55 -1.02
N GLU A 65 -19.74 -7.64 -1.78
CA GLU A 65 -20.93 -8.47 -1.89
C GLU A 65 -21.18 -9.29 -0.63
N VAL A 66 -20.11 -9.73 0.04
CA VAL A 66 -20.28 -10.62 1.19
C VAL A 66 -20.92 -9.87 2.35
N ASN A 67 -20.37 -8.71 2.70
CA ASN A 67 -20.91 -7.89 3.77
C ASN A 67 -22.00 -6.93 3.29
N GLN A 68 -22.29 -6.90 1.99
CA GLN A 68 -23.39 -6.10 1.44
C GLN A 68 -23.16 -4.61 1.69
N ILE A 69 -21.94 -4.13 1.41
CA ILE A 69 -21.55 -2.75 1.67
C ILE A 69 -21.03 -2.14 0.38
N VAL A 70 -21.49 -0.92 0.07
CA VAL A 70 -21.00 -0.16 -1.08
C VAL A 70 -20.25 1.05 -0.53
N THR A 71 -18.98 1.19 -0.93
CA THR A 71 -18.12 2.28 -0.53
C THR A 71 -17.98 3.27 -1.67
N THR A 72 -18.31 4.54 -1.40
CA THR A 72 -18.29 5.61 -2.38
C THR A 72 -17.62 6.84 -1.84
N ASN A 73 -16.91 7.55 -2.72
CA ASN A 73 -16.39 8.88 -2.44
C ASN A 73 -17.40 9.90 -2.95
N VAL A 74 -17.87 10.79 -2.07
CA VAL A 74 -18.98 11.69 -2.38
C VAL A 74 -18.69 13.09 -1.87
N ARG A 75 -19.47 14.03 -2.39
CA ARG A 75 -19.48 15.43 -1.97
C ARG A 75 -20.94 15.78 -1.69
N LEU A 76 -21.23 16.20 -0.46
CA LEU A 76 -22.61 16.44 -0.04
C LEU A 76 -22.90 17.94 -0.02
N LYS A 77 -23.23 18.49 -1.19
CA LYS A 77 -23.48 19.92 -1.28
C LYS A 77 -24.77 20.26 -0.56
N GLN A 78 -24.68 21.16 0.43
CA GLN A 78 -25.82 21.60 1.23
C GLN A 78 -25.89 23.11 1.14
N GLN A 79 -27.08 23.64 0.89
CA GLN A 79 -27.27 25.07 0.76
C GLN A 79 -28.46 25.53 1.59
N TRP A 80 -28.26 26.59 2.37
CA TRP A 80 -29.37 27.18 3.12
C TRP A 80 -29.11 28.67 3.28
N VAL A 81 -29.97 29.33 4.05
CA VAL A 81 -29.82 30.74 4.37
C VAL A 81 -29.79 30.88 5.88
N ASP A 82 -28.79 31.61 6.39
CA ASP A 82 -28.70 31.94 7.80
C ASP A 82 -29.14 33.39 7.98
N TYR A 83 -30.23 33.59 8.72
CA TYR A 83 -30.80 34.92 8.86
C TYR A 83 -29.84 35.90 9.52
N ASN A 84 -28.99 35.41 10.43
CA ASN A 84 -28.12 36.26 11.23
C ASN A 84 -26.71 36.42 10.66
N LEU A 85 -26.47 35.94 9.44
CA LEU A 85 -25.14 36.04 8.81
C LEU A 85 -25.21 36.88 7.54
N LYS A 86 -25.89 38.02 7.63
CA LYS A 86 -26.05 38.96 6.53
C LYS A 86 -25.28 40.24 6.81
N TRP A 87 -24.93 40.96 5.74
CA TRP A 87 -24.27 42.24 5.86
C TRP A 87 -24.49 43.03 4.57
N ASN A 88 -24.27 44.34 4.66
CA ASN A 88 -24.27 45.21 3.49
C ASN A 88 -22.85 45.32 2.96
N PRO A 89 -22.57 44.95 1.69
CA PRO A 89 -21.19 45.08 1.21
C PRO A 89 -20.64 46.50 1.24
N ASP A 90 -21.49 47.51 1.04
CA ASP A 90 -21.01 48.89 1.05
C ASP A 90 -20.41 49.27 2.41
N ASP A 91 -20.89 48.65 3.48
CA ASP A 91 -20.36 48.91 4.81
C ASP A 91 -19.04 48.19 5.08
N TYR A 92 -18.57 47.34 4.17
CA TYR A 92 -17.36 46.56 4.38
C TYR A 92 -16.52 46.53 3.10
N GLY A 93 -16.39 47.68 2.44
CA GLY A 93 -15.50 47.78 1.29
C GLY A 93 -15.92 46.97 0.09
N GLY A 94 -17.19 46.60 -0.02
CA GLY A 94 -17.67 45.83 -1.15
C GLY A 94 -17.47 44.34 -1.05
N VAL A 95 -17.18 43.81 0.14
CA VAL A 95 -17.05 42.36 0.30
C VAL A 95 -18.44 41.73 0.14
N LYS A 96 -18.58 40.87 -0.87
CA LYS A 96 -19.85 40.22 -1.18
C LYS A 96 -19.88 38.75 -0.80
N LYS A 97 -18.73 38.10 -0.68
CA LYS A 97 -18.65 36.69 -0.33
C LYS A 97 -17.45 36.48 0.56
N ILE A 98 -17.58 35.56 1.52
CA ILE A 98 -16.47 35.16 2.37
C ILE A 98 -16.50 33.65 2.56
N HIS A 99 -15.36 33.10 2.97
CA HIS A 99 -15.25 31.70 3.34
C HIS A 99 -14.93 31.63 4.83
N ILE A 100 -15.71 30.85 5.57
CA ILE A 100 -15.56 30.79 7.03
C ILE A 100 -15.53 29.34 7.46
N PRO A 101 -14.92 29.04 8.62
CA PRO A 101 -14.96 27.66 9.13
C PRO A 101 -16.39 27.20 9.41
N SER A 102 -16.69 25.97 8.97
CA SER A 102 -18.04 25.43 9.13
C SER A 102 -18.36 25.13 10.59
N GLU A 103 -17.35 24.84 11.40
CA GLU A 103 -17.60 24.42 12.78
C GLU A 103 -18.23 25.53 13.61
N LYS A 104 -18.03 26.80 13.23
CA LYS A 104 -18.54 27.91 14.01
C LYS A 104 -20.04 28.13 13.86
N ILE A 105 -20.65 27.62 12.79
CA ILE A 105 -22.03 27.97 12.45
C ILE A 105 -22.95 26.78 12.69
N TRP A 106 -24.24 27.06 12.72
CA TRP A 106 -25.23 26.00 12.72
C TRP A 106 -25.22 25.33 11.36
N ARG A 107 -25.42 24.02 11.35
CA ARG A 107 -25.49 23.24 10.12
C ARG A 107 -26.59 22.20 10.27
N PRO A 108 -27.16 21.73 9.16
CA PRO A 108 -28.05 20.56 9.25
C PRO A 108 -27.26 19.31 9.60
N ASP A 109 -27.90 18.43 10.35
CA ASP A 109 -27.27 17.18 10.80
C ASP A 109 -27.64 16.02 9.87
N LEU A 110 -27.23 16.15 8.62
CA LEU A 110 -27.50 15.10 7.65
C LEU A 110 -26.75 13.83 8.03
N VAL A 111 -27.46 12.72 8.04
CA VAL A 111 -26.93 11.42 8.41
C VAL A 111 -27.34 10.42 7.33
N LEU A 112 -26.40 9.54 7.00
CA LEU A 112 -26.63 8.39 6.13
C LEU A 112 -27.31 7.32 6.98
N TYR A 113 -28.62 7.16 6.79
CA TYR A 113 -29.39 6.28 7.67
C TYR A 113 -28.94 4.83 7.53
N ASN A 114 -28.64 4.40 6.30
CA ASN A 114 -28.21 3.03 6.02
C ASN A 114 -26.69 2.89 6.02
N ASN A 115 -26.00 3.70 6.83
CA ASN A 115 -24.57 3.48 7.07
C ASN A 115 -24.31 2.08 7.60
N ALA A 116 -23.33 1.40 7.02
CA ALA A 116 -23.02 0.03 7.40
C ALA A 116 -21.96 -0.03 8.49
N ASP A 117 -20.70 0.34 8.16
CA ASP A 117 -19.63 0.36 9.14
C ASP A 117 -18.71 1.56 8.97
N GLY A 118 -19.22 2.67 8.44
CA GLY A 118 -18.47 3.89 8.30
C GLY A 118 -18.98 4.99 9.22
N ASP A 119 -18.85 6.24 8.79
CA ASP A 119 -19.35 7.37 9.56
C ASP A 119 -20.82 7.61 9.25
N PHE A 120 -21.59 7.94 10.27
CA PHE A 120 -23.00 8.27 10.09
C PHE A 120 -23.19 9.67 9.52
N ALA A 121 -22.37 10.62 9.95
CA ALA A 121 -22.50 12.03 9.60
C ALA A 121 -21.22 12.51 8.94
N ILE A 122 -21.23 13.78 8.52
CA ILE A 122 -20.06 14.41 7.95
C ILE A 122 -19.03 14.62 9.06
N VAL A 123 -17.79 14.21 8.80
CA VAL A 123 -16.69 14.39 9.74
C VAL A 123 -15.60 15.31 9.21
N LYS A 124 -15.59 15.64 7.91
CA LYS A 124 -14.62 16.56 7.32
C LYS A 124 -15.28 17.93 7.24
N PHE A 125 -14.90 18.82 8.16
CA PHE A 125 -15.57 20.10 8.30
C PHE A 125 -14.81 21.15 7.50
N THR A 126 -15.04 21.12 6.18
CA THR A 126 -14.46 22.09 5.28
C THR A 126 -15.18 23.43 5.40
N LYS A 127 -14.58 24.47 4.83
CA LYS A 127 -15.12 25.81 4.95
C LYS A 127 -16.44 25.96 4.21
N VAL A 128 -17.31 26.83 4.74
CA VAL A 128 -18.56 27.20 4.07
C VAL A 128 -18.33 28.50 3.32
N LEU A 129 -19.00 28.63 2.18
CA LEU A 129 -19.09 29.87 1.42
C LEU A 129 -20.33 30.62 1.85
N LEU A 130 -20.14 31.80 2.45
CA LEU A 130 -21.22 32.66 2.92
C LEU A 130 -21.31 33.88 2.02
N GLN A 131 -22.49 34.12 1.46
CA GLN A 131 -22.78 35.32 0.69
C GLN A 131 -23.32 36.40 1.61
N TYR A 132 -23.28 37.65 1.13
CA TYR A 132 -23.75 38.77 1.94
C TYR A 132 -25.25 38.69 2.21
N THR A 133 -26.01 38.00 1.35
CA THR A 133 -27.43 37.81 1.56
C THR A 133 -27.75 36.71 2.58
N GLY A 134 -26.73 36.15 3.25
CA GLY A 134 -26.94 35.08 4.20
C GLY A 134 -26.89 33.69 3.60
N HIS A 135 -26.77 33.58 2.28
CA HIS A 135 -26.79 32.28 1.64
C HIS A 135 -25.49 31.53 1.93
N ILE A 136 -25.63 30.29 2.38
CA ILE A 136 -24.52 29.42 2.74
C ILE A 136 -24.50 28.26 1.76
N THR A 137 -23.32 27.98 1.22
CA THR A 137 -23.02 26.76 0.47
C THR A 137 -21.91 26.03 1.22
N TRP A 138 -22.13 24.74 1.48
CA TRP A 138 -21.17 23.90 2.18
C TRP A 138 -21.10 22.57 1.45
N THR A 139 -19.92 22.22 0.93
CA THR A 139 -19.74 21.05 0.06
C THR A 139 -18.68 20.14 0.64
N PRO A 140 -18.95 19.51 1.78
CA PRO A 140 -17.94 18.67 2.43
C PRO A 140 -17.79 17.35 1.70
N PRO A 141 -16.62 16.71 1.79
CA PRO A 141 -16.47 15.36 1.26
C PRO A 141 -16.85 14.31 2.29
N ALA A 142 -17.09 13.10 1.78
CA ALA A 142 -17.37 11.98 2.65
C ALA A 142 -17.02 10.68 1.95
N ILE A 143 -16.75 9.65 2.76
CA ILE A 143 -16.65 8.27 2.31
C ILE A 143 -17.87 7.56 2.85
N PHE A 144 -18.87 7.34 1.99
CA PHE A 144 -20.12 6.72 2.40
C PHE A 144 -19.97 5.21 2.27
N LYS A 145 -20.16 4.50 3.39
CA LYS A 145 -20.23 3.05 3.42
C LYS A 145 -21.68 2.66 3.70
N SER A 146 -22.40 2.26 2.66
CA SER A 146 -23.84 2.11 2.70
C SER A 146 -24.23 0.63 2.59
N TYR A 147 -25.29 0.26 3.30
CA TYR A 147 -25.78 -1.11 3.30
C TYR A 147 -26.75 -1.30 2.14
N CYS A 148 -26.43 -2.25 1.26
CA CYS A 148 -27.17 -2.50 0.03
C CYS A 148 -27.48 -3.99 -0.08
N GLU A 149 -28.74 -4.33 -0.34
CA GLU A 149 -29.06 -5.73 -0.62
C GLU A 149 -28.43 -6.14 -1.93
N ILE A 150 -27.53 -7.12 -1.87
CA ILE A 150 -26.75 -7.56 -3.03
C ILE A 150 -27.34 -8.89 -3.50
N ILE A 151 -27.77 -8.93 -4.75
CA ILE A 151 -28.34 -10.13 -5.36
C ILE A 151 -27.24 -10.76 -6.20
N VAL A 152 -26.79 -11.95 -5.79
CA VAL A 152 -25.71 -12.66 -6.49
C VAL A 152 -26.22 -13.70 -7.47
N THR A 153 -27.55 -13.86 -7.62
CA THR A 153 -28.15 -14.85 -8.50
C THR A 153 -27.48 -14.93 -9.86
N HIS A 154 -27.21 -13.77 -10.46
CA HIS A 154 -26.76 -13.67 -11.84
C HIS A 154 -25.29 -13.34 -11.99
N PHE A 155 -24.52 -13.28 -10.89
CA PHE A 155 -23.10 -13.00 -10.87
C PHE A 155 -22.40 -14.02 -11.79
N PRO A 156 -21.41 -13.60 -12.60
CA PRO A 156 -20.75 -12.29 -12.71
C PRO A 156 -21.48 -11.29 -13.60
N PHE A 157 -22.70 -11.62 -14.05
CA PHE A 157 -23.49 -10.76 -14.92
C PHE A 157 -24.60 -10.03 -14.16
N ASP A 158 -24.35 -9.68 -12.91
CA ASP A 158 -25.39 -9.19 -12.02
C ASP A 158 -25.55 -7.68 -12.12
N GLU A 159 -26.77 -7.22 -11.86
CA GLU A 159 -27.11 -5.81 -11.74
C GLU A 159 -27.49 -5.53 -10.30
N GLN A 160 -26.99 -4.42 -9.74
CA GLN A 160 -27.19 -4.08 -8.32
C GLN A 160 -27.82 -2.69 -8.17
N ASN A 161 -28.90 -2.56 -7.42
CA ASN A 161 -29.56 -1.26 -7.17
C ASN A 161 -29.18 -0.87 -5.74
N CYS A 162 -28.22 0.05 -5.56
CA CYS A 162 -27.70 0.43 -4.22
C CYS A 162 -28.12 1.85 -3.88
N SER A 163 -28.64 2.08 -2.69
CA SER A 163 -29.25 3.32 -2.25
C SER A 163 -28.45 3.97 -1.13
N MET A 164 -28.67 5.27 -0.98
CA MET A 164 -28.06 6.10 0.06
C MET A 164 -29.20 6.97 0.59
N LYS A 165 -29.74 6.59 1.75
CA LYS A 165 -30.79 7.38 2.38
C LYS A 165 -30.15 8.42 3.29
N LEU A 166 -30.53 9.68 3.10
CA LEU A 166 -29.92 10.81 3.80
C LEU A 166 -31.02 11.63 4.45
N GLY A 167 -30.83 11.98 5.72
CA GLY A 167 -31.84 12.78 6.40
C GLY A 167 -31.30 13.48 7.61
N THR A 168 -32.00 14.53 8.02
CA THR A 168 -31.65 15.23 9.25
C THR A 168 -32.02 14.35 10.43
N TRP A 169 -31.00 13.94 11.19
CA TRP A 169 -31.19 12.92 12.21
C TRP A 169 -32.13 13.39 13.32
N THR A 170 -31.94 14.62 13.80
CA THR A 170 -32.65 15.12 14.96
C THR A 170 -33.73 16.15 14.65
N TYR A 171 -33.72 16.72 13.44
CA TYR A 171 -34.72 17.72 13.05
C TYR A 171 -35.77 17.06 12.15
N ASP A 172 -37.03 17.22 12.51
CA ASP A 172 -38.13 16.73 11.69
C ASP A 172 -38.47 17.76 10.61
N GLY A 173 -39.39 17.37 9.73
CA GLY A 173 -39.76 18.19 8.59
C GLY A 173 -40.42 19.50 8.96
N SER A 174 -40.96 19.62 10.18
CA SER A 174 -41.63 20.84 10.60
C SER A 174 -40.67 21.94 11.02
N VAL A 175 -39.38 21.66 11.18
CA VAL A 175 -38.39 22.64 11.60
C VAL A 175 -37.25 22.76 10.60
N VAL A 176 -36.99 21.69 9.85
CA VAL A 176 -35.98 21.69 8.79
C VAL A 176 -36.52 20.88 7.62
N ALA A 177 -36.62 21.53 6.46
CA ALA A 177 -37.06 20.89 5.23
C ALA A 177 -35.87 20.68 4.30
N ILE A 178 -35.74 19.49 3.75
CA ILE A 178 -34.69 19.14 2.79
C ILE A 178 -35.34 18.90 1.44
N ASN A 179 -34.69 19.41 0.39
CA ASN A 179 -35.20 19.32 -0.97
C ASN A 179 -34.04 18.91 -1.88
N PRO A 180 -34.21 17.97 -2.82
CA PRO A 180 -33.11 17.65 -3.73
C PRO A 180 -32.76 18.84 -4.61
N GLU A 181 -31.45 19.05 -4.81
CA GLU A 181 -31.01 20.09 -5.73
C GLU A 181 -31.38 19.74 -7.16
N SER A 182 -31.28 18.45 -7.51
CA SER A 182 -31.60 17.96 -8.84
C SER A 182 -32.29 16.60 -8.69
N ASP A 183 -32.93 16.17 -9.77
CA ASP A 183 -33.58 14.88 -9.78
C ASP A 183 -32.60 13.71 -9.87
N GLN A 184 -31.36 13.97 -10.29
CA GLN A 184 -30.33 12.96 -10.43
C GLN A 184 -29.08 13.36 -9.65
N PRO A 185 -28.30 12.41 -9.13
CA PRO A 185 -27.00 12.79 -8.54
C PRO A 185 -26.06 13.36 -9.59
N ASP A 186 -25.16 14.22 -9.12
CA ASP A 186 -24.19 14.87 -10.00
C ASP A 186 -23.05 13.90 -10.30
N LEU A 187 -22.94 13.50 -11.58
CA LEU A 187 -21.89 12.60 -12.05
C LEU A 187 -20.91 13.31 -12.98
N SER A 188 -20.87 14.64 -12.96
CA SER A 188 -20.00 15.37 -13.88
C SER A 188 -18.53 15.09 -13.59
N ASN A 189 -18.16 14.96 -12.31
CA ASN A 189 -16.80 14.69 -11.88
C ASN A 189 -16.63 13.26 -11.39
N PHE A 190 -17.33 12.31 -12.01
CA PHE A 190 -17.27 10.91 -11.60
C PHE A 190 -16.10 10.23 -12.28
N MET A 191 -15.29 9.51 -11.50
CA MET A 191 -14.17 8.75 -12.01
C MET A 191 -14.66 7.39 -12.50
N GLU A 192 -14.29 7.05 -13.74
CA GLU A 192 -14.71 5.78 -14.32
C GLU A 192 -14.21 4.61 -13.49
N SER A 193 -15.07 3.61 -13.33
CA SER A 193 -14.73 2.38 -12.64
C SER A 193 -14.30 1.31 -13.64
N GLY A 194 -13.38 0.46 -13.21
CA GLY A 194 -12.97 -0.70 -13.97
C GLY A 194 -13.73 -1.96 -13.63
N GLU A 195 -14.79 -1.87 -12.84
CA GLU A 195 -15.57 -3.02 -12.40
C GLU A 195 -17.08 -2.84 -12.51
N TRP A 196 -17.57 -1.61 -12.62
CA TRP A 196 -19.01 -1.33 -12.63
C TRP A 196 -19.30 -0.22 -13.61
N VAL A 197 -20.51 -0.25 -14.16
CA VAL A 197 -21.03 0.81 -15.02
C VAL A 197 -22.36 1.25 -14.42
N ILE A 198 -22.46 2.54 -14.07
CA ILE A 198 -23.69 3.08 -13.50
C ILE A 198 -24.68 3.25 -14.66
N LYS A 199 -25.64 2.33 -14.75
CA LYS A 199 -26.63 2.42 -15.82
C LYS A 199 -27.65 3.50 -15.53
N GLU A 200 -28.01 3.70 -14.26
CA GLU A 200 -29.05 4.67 -13.92
C GLU A 200 -28.74 5.27 -12.56
N SER A 201 -29.21 6.49 -12.33
CA SER A 201 -29.06 7.16 -11.04
C SER A 201 -30.21 8.13 -10.85
N ARG A 202 -30.75 8.22 -9.64
CA ARG A 202 -31.85 9.17 -9.40
C ARG A 202 -32.03 9.43 -7.90
N GLY A 203 -32.42 10.64 -7.53
CA GLY A 203 -32.72 11.03 -6.16
C GLY A 203 -34.19 11.29 -5.94
N TRP A 204 -34.75 10.71 -4.87
CA TRP A 204 -36.17 10.84 -4.54
C TRP A 204 -36.32 11.33 -3.11
N LYS A 205 -37.15 12.36 -2.93
CA LYS A 205 -37.52 12.82 -1.59
C LYS A 205 -38.74 12.04 -1.11
N HIS A 206 -38.70 11.63 0.16
CA HIS A 206 -39.78 10.91 0.81
C HIS A 206 -40.12 11.59 2.13
N SER A 207 -41.41 11.57 2.48
CA SER A 207 -41.91 12.11 3.73
C SER A 207 -42.78 11.05 4.39
N VAL A 208 -42.55 10.81 5.67
CA VAL A 208 -43.24 9.76 6.42
C VAL A 208 -43.83 10.37 7.69
N THR A 209 -45.12 10.15 7.90
CA THR A 209 -45.82 10.58 9.10
C THR A 209 -46.26 9.34 9.87
N TYR A 210 -45.87 9.25 11.14
CA TYR A 210 -46.23 8.15 12.01
C TYR A 210 -47.45 8.49 12.85
N SER A 211 -48.12 7.45 13.33
CA SER A 211 -49.34 7.64 14.11
C SER A 211 -49.05 8.37 15.42
N CYS A 212 -47.95 8.01 16.08
CA CYS A 212 -47.64 8.63 17.37
C CYS A 212 -47.27 10.10 17.24
N CYS A 213 -46.84 10.55 16.05
CA CYS A 213 -46.47 11.95 15.81
C CYS A 213 -47.12 12.41 14.50
N PRO A 214 -48.42 12.73 14.53
CA PRO A 214 -49.08 13.18 13.29
C PRO A 214 -48.75 14.61 12.88
N ASP A 215 -47.90 15.32 13.61
CA ASP A 215 -47.58 16.72 13.33
C ASP A 215 -46.12 16.97 13.01
N THR A 216 -45.28 15.92 12.98
CA THR A 216 -43.84 16.04 12.72
C THR A 216 -43.47 15.07 11.61
N PRO A 217 -43.71 15.43 10.35
CA PRO A 217 -43.27 14.55 9.26
C PRO A 217 -41.76 14.43 9.22
N TYR A 218 -41.29 13.22 8.90
CA TYR A 218 -39.87 12.92 8.82
C TYR A 218 -39.49 12.79 7.36
N LEU A 219 -38.52 13.58 6.93
CA LEU A 219 -38.11 13.66 5.53
C LEU A 219 -36.81 12.91 5.30
N ASP A 220 -36.63 12.45 4.07
CA ASP A 220 -35.36 11.88 3.65
C ASP A 220 -35.22 12.09 2.15
N ILE A 221 -33.99 12.00 1.68
CA ILE A 221 -33.68 11.97 0.25
C ILE A 221 -32.86 10.71 0.04
N THR A 222 -33.40 9.79 -0.75
CA THR A 222 -32.72 8.55 -1.08
C THR A 222 -32.18 8.66 -2.50
N TYR A 223 -30.87 8.47 -2.64
CA TYR A 223 -30.22 8.44 -3.94
C TYR A 223 -29.93 6.99 -4.29
N HIS A 224 -30.45 6.52 -5.42
CA HIS A 224 -30.26 5.14 -5.85
C HIS A 224 -29.42 5.15 -7.12
N PHE A 225 -28.55 4.14 -7.22
CA PHE A 225 -27.68 3.93 -8.37
C PHE A 225 -27.88 2.48 -8.82
N VAL A 226 -28.35 2.32 -10.05
CA VAL A 226 -28.43 1.03 -10.71
C VAL A 226 -27.15 0.85 -11.52
N MET A 227 -26.42 -0.23 -11.21
CA MET A 227 -25.08 -0.47 -11.74
C MET A 227 -25.00 -1.89 -12.28
N GLN A 228 -24.25 -2.04 -13.37
CA GLN A 228 -24.06 -3.32 -14.04
C GLN A 228 -22.59 -3.71 -13.90
N ARG A 229 -22.34 -4.93 -13.47
CA ARG A 229 -20.97 -5.41 -13.32
C ARG A 229 -20.33 -5.65 -14.68
N LEU A 230 -19.06 -5.31 -14.80
CA LEU A 230 -18.27 -5.66 -15.99
C LEU A 230 -17.73 -7.07 -15.78
N PRO A 231 -18.13 -8.07 -16.56
CA PRO A 231 -17.79 -9.46 -16.23
C PRO A 231 -16.53 -10.02 -16.88
N LEU A 232 -15.73 -9.21 -17.57
CA LEU A 232 -14.59 -9.74 -18.33
C LEU A 232 -13.57 -10.40 -17.41
N TYR A 233 -13.31 -9.81 -16.24
CA TYR A 233 -12.36 -10.41 -15.29
C TYR A 233 -12.81 -11.80 -14.88
N PHE A 234 -14.07 -11.95 -14.47
CA PHE A 234 -14.56 -13.24 -14.02
C PHE A 234 -14.73 -14.20 -15.19
N ILE A 235 -15.06 -13.70 -16.38
CA ILE A 235 -15.14 -14.57 -17.55
C ILE A 235 -13.77 -15.17 -17.85
N VAL A 236 -12.73 -14.34 -17.88
CA VAL A 236 -11.41 -14.79 -18.27
C VAL A 236 -10.82 -15.69 -17.19
N ASN A 237 -10.92 -15.29 -15.93
CA ASN A 237 -10.18 -15.95 -14.87
C ASN A 237 -10.89 -17.15 -14.27
N VAL A 238 -12.20 -17.28 -14.47
CA VAL A 238 -13.01 -18.30 -13.77
C VAL A 238 -13.74 -19.20 -14.76
N ILE A 239 -14.44 -18.61 -15.73
CA ILE A 239 -15.29 -19.41 -16.62
C ILE A 239 -14.45 -20.24 -17.58
N ILE A 240 -13.40 -19.67 -18.15
CA ILE A 240 -12.62 -20.35 -19.19
C ILE A 240 -11.92 -21.59 -18.63
N PRO A 241 -11.24 -21.54 -17.47
CA PRO A 241 -10.70 -22.80 -16.91
C PRO A 241 -11.75 -23.86 -16.65
N CYS A 242 -12.91 -23.47 -16.11
CA CYS A 242 -13.97 -24.43 -15.84
C CYS A 242 -14.47 -25.06 -17.14
N LEU A 243 -14.56 -24.24 -18.20
CA LEU A 243 -14.96 -24.76 -19.50
C LEU A 243 -13.92 -25.73 -20.04
N LEU A 244 -12.64 -25.42 -19.83
CA LEU A 244 -11.58 -26.33 -20.30
C LEU A 244 -11.66 -27.67 -19.57
N PHE A 245 -11.87 -27.64 -18.25
CA PHE A 245 -12.01 -28.89 -17.49
C PHE A 245 -13.25 -29.64 -17.92
N SER A 246 -14.35 -28.92 -18.16
CA SER A 246 -15.58 -29.57 -18.60
C SER A 246 -15.39 -30.27 -19.94
N PHE A 247 -14.69 -29.61 -20.87
CA PHE A 247 -14.39 -30.25 -22.15
C PHE A 247 -13.52 -31.48 -21.96
N LEU A 248 -12.49 -31.38 -21.12
CA LEU A 248 -11.59 -32.51 -20.91
C LEU A 248 -12.26 -33.67 -20.17
N THR A 249 -13.37 -33.41 -19.47
CA THR A 249 -14.08 -34.47 -18.77
C THR A 249 -14.51 -35.59 -19.72
N GLY A 250 -15.11 -35.21 -20.86
CA GLY A 250 -15.64 -36.19 -21.79
C GLY A 250 -14.60 -36.91 -22.61
N LEU A 251 -13.36 -36.40 -22.66
CA LEU A 251 -12.31 -37.04 -23.45
C LEU A 251 -11.99 -38.45 -22.96
N VAL A 252 -12.31 -38.78 -21.70
CA VAL A 252 -12.02 -40.10 -21.16
C VAL A 252 -12.73 -41.19 -21.96
N PHE A 253 -13.92 -40.91 -22.48
CA PHE A 253 -14.68 -41.91 -23.20
C PHE A 253 -14.14 -42.18 -24.61
N TYR A 254 -13.23 -41.34 -25.11
CA TYR A 254 -12.46 -41.65 -26.30
C TYR A 254 -11.11 -42.29 -26.00
N LEU A 255 -10.72 -42.36 -24.72
CA LEU A 255 -9.47 -42.99 -24.35
C LEU A 255 -9.69 -44.48 -24.17
N PRO A 256 -8.97 -45.36 -24.87
CA PRO A 256 -9.22 -46.80 -24.71
C PRO A 256 -8.89 -47.31 -23.32
N THR A 257 -9.57 -48.38 -22.94
CA THR A 257 -9.31 -49.04 -21.66
C THR A 257 -7.92 -49.67 -21.63
N ASP A 258 -7.47 -50.20 -22.77
CA ASP A 258 -6.18 -50.87 -22.82
C ASP A 258 -5.01 -49.91 -22.60
N SER A 259 -5.24 -48.59 -22.73
CA SER A 259 -4.19 -47.63 -22.43
C SER A 259 -3.74 -47.74 -20.98
N GLY A 260 -4.67 -48.05 -20.08
CA GLY A 260 -4.37 -48.05 -18.66
C GLY A 260 -4.27 -46.67 -18.05
N GLU A 261 -4.90 -45.67 -18.68
CA GLU A 261 -4.81 -44.28 -18.24
C GLU A 261 -6.16 -43.59 -18.12
N LYS A 262 -7.27 -44.32 -18.25
CA LYS A 262 -8.59 -43.73 -18.11
C LYS A 262 -8.75 -43.05 -16.75
N MET A 263 -8.39 -43.77 -15.68
CA MET A 263 -8.53 -43.22 -14.34
C MET A 263 -7.52 -42.12 -14.10
N THR A 264 -6.32 -42.24 -14.68
CA THR A 264 -5.34 -41.17 -14.59
C THR A 264 -5.93 -39.86 -15.10
N LEU A 265 -6.50 -39.89 -16.32
CA LEU A 265 -7.07 -38.68 -16.90
C LEU A 265 -8.22 -38.15 -16.07
N SER A 266 -9.19 -39.01 -15.74
CA SER A 266 -10.38 -38.51 -15.05
C SER A 266 -10.05 -37.99 -13.66
N ILE A 267 -9.28 -38.76 -12.88
CA ILE A 267 -8.97 -38.37 -11.52
C ILE A 267 -8.10 -37.13 -11.50
N SER A 268 -7.19 -36.99 -12.48
CA SER A 268 -6.34 -35.80 -12.50
C SER A 268 -7.11 -34.57 -12.96
N VAL A 269 -8.10 -34.74 -13.84
CA VAL A 269 -8.97 -33.62 -14.17
C VAL A 269 -9.74 -33.18 -12.92
N LEU A 270 -10.19 -34.15 -12.13
CA LEU A 270 -10.86 -33.81 -10.87
C LEU A 270 -9.92 -33.07 -9.92
N LEU A 271 -8.65 -33.50 -9.86
CA LEU A 271 -7.68 -32.83 -8.99
C LEU A 271 -7.42 -31.39 -9.44
N SER A 272 -7.30 -31.18 -10.76
CA SER A 272 -7.13 -29.83 -11.28
C SER A 272 -8.33 -28.96 -10.95
N LEU A 273 -9.54 -29.52 -11.08
CA LEU A 273 -10.74 -28.78 -10.70
C LEU A 273 -10.74 -28.47 -9.21
N THR A 274 -10.24 -29.40 -8.39
CA THR A 274 -10.22 -29.19 -6.95
C THR A 274 -9.28 -28.05 -6.56
N VAL A 275 -8.12 -27.93 -7.22
CA VAL A 275 -7.25 -26.79 -6.98
C VAL A 275 -7.87 -25.50 -7.54
N PHE A 276 -8.55 -25.59 -8.67
CA PHE A 276 -9.21 -24.41 -9.17
C PHE A 276 -10.36 -23.97 -8.26
N LEU A 277 -10.87 -24.87 -7.43
CA LEU A 277 -11.82 -24.46 -6.40
C LEU A 277 -11.17 -23.51 -5.40
N LEU A 278 -9.89 -23.74 -5.05
CA LEU A 278 -9.18 -22.77 -4.23
C LEU A 278 -9.11 -21.43 -4.94
N VAL A 279 -8.84 -21.46 -6.25
CA VAL A 279 -8.80 -20.21 -7.01
C VAL A 279 -10.14 -19.49 -6.95
N ILE A 280 -11.24 -20.24 -7.16
CA ILE A 280 -12.57 -19.65 -7.18
C ILE A 280 -12.91 -19.07 -5.81
N VAL A 281 -12.54 -19.77 -4.73
CA VAL A 281 -12.82 -19.25 -3.40
C VAL A 281 -12.02 -17.98 -3.15
N GLU A 282 -10.84 -17.83 -3.77
CA GLU A 282 -10.14 -16.56 -3.66
C GLU A 282 -10.82 -15.46 -4.47
N LEU A 283 -11.39 -15.78 -5.63
CA LEU A 283 -11.91 -14.75 -6.53
C LEU A 283 -13.39 -14.43 -6.32
N ILE A 284 -14.22 -15.44 -6.12
CA ILE A 284 -15.67 -15.21 -6.05
C ILE A 284 -16.08 -14.79 -4.63
N PRO A 285 -17.06 -13.90 -4.47
CA PRO A 285 -17.50 -13.54 -3.12
C PRO A 285 -18.25 -14.72 -2.51
N SER A 286 -18.06 -14.94 -1.21
CA SER A 286 -18.67 -16.08 -0.49
C SER A 286 -19.87 -15.57 0.30
N THR A 287 -21.06 -15.74 -0.26
CA THR A 287 -22.31 -15.43 0.42
C THR A 287 -23.27 -16.60 0.31
N SER A 288 -24.26 -16.61 1.22
CA SER A 288 -25.25 -17.68 1.30
C SER A 288 -26.67 -17.15 1.08
N SER A 289 -26.81 -15.96 0.50
CA SER A 289 -28.14 -15.44 0.20
C SER A 289 -28.75 -16.13 -1.01
N ALA A 290 -27.91 -16.61 -1.93
CA ALA A 290 -28.36 -17.36 -3.10
C ALA A 290 -27.13 -18.01 -3.71
N VAL A 291 -27.37 -18.97 -4.60
CA VAL A 291 -26.30 -19.67 -5.31
C VAL A 291 -25.98 -18.85 -6.56
N PRO A 292 -24.79 -18.27 -6.68
CA PRO A 292 -24.49 -17.48 -7.88
C PRO A 292 -24.43 -18.36 -9.13
N LEU A 293 -24.58 -17.70 -10.28
CA LEU A 293 -24.54 -18.41 -11.55
C LEU A 293 -23.18 -19.09 -11.74
N ILE A 294 -22.11 -18.39 -11.36
CA ILE A 294 -20.77 -18.97 -11.42
C ILE A 294 -20.68 -20.17 -10.50
N GLY A 295 -21.33 -20.12 -9.33
CA GLY A 295 -21.35 -21.26 -8.45
C GLY A 295 -22.16 -22.42 -8.98
N LYS A 296 -23.27 -22.13 -9.68
CA LYS A 296 -24.01 -23.19 -10.34
C LYS A 296 -23.16 -23.86 -11.41
N TYR A 297 -22.40 -23.08 -12.16
CA TYR A 297 -21.54 -23.67 -13.19
C TYR A 297 -20.43 -24.50 -12.56
N MET A 298 -19.86 -24.02 -11.45
CA MET A 298 -18.82 -24.79 -10.77
C MET A 298 -19.37 -26.13 -10.29
N LEU A 299 -20.55 -26.11 -9.65
CA LEU A 299 -21.14 -27.34 -9.16
C LEU A 299 -21.51 -28.27 -10.31
N PHE A 300 -22.00 -27.71 -11.42
CA PHE A 300 -22.29 -28.53 -12.59
C PHE A 300 -21.03 -29.20 -13.11
N THR A 301 -19.93 -28.47 -13.20
CA THR A 301 -18.69 -29.05 -13.68
C THR A 301 -18.21 -30.16 -12.75
N MET A 302 -18.30 -29.93 -11.43
CA MET A 302 -17.84 -30.93 -10.48
C MET A 302 -18.69 -32.20 -10.57
N VAL A 303 -20.02 -32.04 -10.63
CA VAL A 303 -20.89 -33.21 -10.74
C VAL A 303 -20.65 -33.92 -12.07
N PHE A 304 -20.38 -33.16 -13.12
CA PHE A 304 -20.05 -33.73 -14.43
C PHE A 304 -18.81 -34.61 -14.34
N VAL A 305 -17.77 -34.11 -13.68
CA VAL A 305 -16.53 -34.90 -13.54
C VAL A 305 -16.80 -36.14 -12.70
N ILE A 306 -17.57 -36.01 -11.62
CA ILE A 306 -17.85 -37.17 -10.76
C ILE A 306 -18.62 -38.24 -11.54
N ALA A 307 -19.63 -37.82 -12.30
CA ALA A 307 -20.39 -38.77 -13.12
C ALA A 307 -19.50 -39.43 -14.15
N SER A 308 -18.60 -38.67 -14.77
CA SER A 308 -17.67 -39.25 -15.73
C SER A 308 -16.79 -40.30 -15.06
N ILE A 309 -16.32 -40.03 -13.85
CA ILE A 309 -15.48 -40.99 -13.14
C ILE A 309 -16.27 -42.28 -12.86
N ILE A 310 -17.50 -42.14 -12.37
CA ILE A 310 -18.30 -43.31 -12.02
C ILE A 310 -18.57 -44.16 -13.26
N ILE A 311 -18.98 -43.51 -14.35
CA ILE A 311 -19.31 -44.26 -15.55
C ILE A 311 -18.04 -44.84 -16.18
N THR A 312 -16.91 -44.16 -16.04
CA THR A 312 -15.65 -44.71 -16.53
C THR A 312 -15.27 -45.97 -15.76
N VAL A 313 -15.50 -45.98 -14.45
CA VAL A 313 -15.23 -47.18 -13.67
C VAL A 313 -16.14 -48.31 -14.13
N ILE A 314 -17.41 -47.99 -14.42
CA ILE A 314 -18.32 -49.02 -14.93
C ILE A 314 -17.82 -49.57 -16.26
N VAL A 315 -17.36 -48.69 -17.15
CA VAL A 315 -16.88 -49.13 -18.46
C VAL A 315 -15.64 -50.01 -18.31
N ILE A 316 -14.74 -49.64 -17.39
CA ILE A 316 -13.55 -50.44 -17.16
C ILE A 316 -13.94 -51.82 -16.63
N ASN A 317 -14.90 -51.85 -15.71
CA ASN A 317 -15.35 -53.12 -15.16
C ASN A 317 -15.96 -54.00 -16.26
N THR A 318 -16.72 -53.40 -17.16
CA THR A 318 -17.31 -54.17 -18.26
C THR A 318 -16.23 -54.66 -19.22
N HIS A 319 -15.20 -53.85 -19.47
CA HIS A 319 -14.15 -54.21 -20.42
C HIS A 319 -13.37 -55.44 -19.95
N HIS A 320 -13.11 -55.53 -18.64
CA HIS A 320 -12.23 -56.55 -18.08
C HIS A 320 -12.96 -57.81 -17.63
N ARG A 321 -14.27 -57.91 -17.88
CA ARG A 321 -15.03 -59.07 -17.44
C ARG A 321 -14.54 -60.34 -18.12
N SER A 322 -13.96 -61.25 -17.33
CA SER A 322 -13.46 -62.50 -17.88
C SER A 322 -14.64 -63.40 -18.28
N PRO A 323 -14.43 -64.32 -19.24
CA PRO A 323 -15.55 -65.19 -19.63
C PRO A 323 -15.78 -66.35 -18.67
N SER A 324 -14.71 -66.82 -18.03
CA SER A 324 -14.85 -67.94 -17.10
C SER A 324 -15.72 -67.56 -15.91
N THR A 325 -15.48 -66.38 -15.33
CA THR A 325 -16.24 -65.95 -14.16
C THR A 325 -17.58 -65.35 -14.57
N HIS A 326 -17.55 -64.33 -15.42
CA HIS A 326 -18.75 -63.63 -15.86
C HIS A 326 -19.22 -64.17 -17.21
N VAL A 327 -20.54 -64.20 -17.37
CA VAL A 327 -21.19 -64.72 -18.58
C VAL A 327 -22.08 -63.64 -19.15
N MET A 328 -22.08 -63.51 -20.47
CA MET A 328 -22.82 -62.45 -21.13
C MET A 328 -24.32 -62.70 -21.00
N PRO A 329 -25.11 -61.77 -20.44
CA PRO A 329 -26.56 -61.91 -20.54
C PRO A 329 -27.04 -61.70 -21.97
N ASN A 330 -28.19 -62.30 -22.28
CA ASN A 330 -28.76 -62.13 -23.61
C ASN A 330 -29.21 -60.70 -23.86
N TRP A 331 -29.68 -60.01 -22.82
CA TRP A 331 -30.14 -58.63 -23.01
C TRP A 331 -28.97 -57.70 -23.32
N VAL A 332 -27.80 -57.95 -22.73
CA VAL A 332 -26.61 -57.15 -23.05
C VAL A 332 -26.26 -57.32 -24.52
N ARG A 333 -26.28 -58.56 -25.01
CA ARG A 333 -25.98 -58.82 -26.42
C ARG A 333 -27.01 -58.15 -27.32
N LYS A 334 -28.29 -58.22 -26.96
CA LYS A 334 -29.33 -57.62 -27.79
C LYS A 334 -29.19 -56.11 -27.83
N VAL A 335 -28.90 -55.48 -26.69
CA VAL A 335 -28.84 -54.03 -26.63
C VAL A 335 -27.60 -53.50 -27.33
N PHE A 336 -26.42 -53.98 -26.92
CA PHE A 336 -25.11 -53.38 -27.32
C PHE A 336 -24.44 -54.00 -28.55
N ILE A 337 -24.66 -55.28 -28.84
CA ILE A 337 -23.94 -55.96 -29.97
C ILE A 337 -24.87 -55.98 -31.18
N ASP A 338 -26.17 -55.75 -31.00
CA ASP A 338 -27.15 -55.87 -32.11
C ASP A 338 -27.88 -54.56 -32.41
N THR A 339 -28.69 -54.04 -31.48
CA THR A 339 -29.55 -52.90 -31.76
C THR A 339 -28.75 -51.62 -31.95
N ILE A 340 -27.89 -51.30 -30.96
CA ILE A 340 -27.12 -50.02 -30.89
C ILE A 340 -26.14 -49.87 -32.05
N PRO A 341 -25.34 -50.89 -32.43
CA PRO A 341 -24.41 -50.70 -33.54
C PRO A 341 -25.06 -50.32 -34.87
N ASN A 342 -26.39 -50.39 -34.99
CA ASN A 342 -27.15 -50.01 -36.22
C ASN A 342 -27.20 -48.48 -36.35
N ILE A 343 -27.54 -47.75 -35.28
CA ILE A 343 -27.54 -46.28 -35.25
C ILE A 343 -26.23 -45.75 -35.82
N MET A 344 -25.11 -46.31 -35.38
CA MET A 344 -23.76 -45.83 -35.66
C MET A 344 -23.07 -46.77 -36.64
N PHE A 345 -21.76 -46.59 -36.83
CA PHE A 345 -20.98 -47.48 -37.69
C PHE A 345 -19.49 -47.29 -37.38
N PHE A 346 -18.65 -47.83 -38.28
CA PHE A 346 -17.18 -47.85 -38.26
C PHE A 346 -16.60 -49.01 -37.44
N SER A 347 -17.40 -49.72 -36.64
CA SER A 347 -16.93 -50.92 -35.89
C SER A 347 -17.51 -52.17 -36.56
N THR A 348 -17.19 -53.39 -36.08
CA THR A 348 -17.67 -54.68 -36.66
C THR A 348 -18.05 -55.65 -35.55
N MET A 349 -18.72 -56.78 -35.85
CA MET A 349 -19.21 -57.82 -34.89
C MET A 349 -20.62 -57.45 -34.44
N HIS A 389 5.49 -96.82 -30.30
CA HIS A 389 6.09 -96.80 -28.97
C HIS A 389 5.18 -96.05 -28.00
N PRO A 390 5.30 -96.32 -26.69
CA PRO A 390 4.54 -95.51 -25.73
C PRO A 390 4.91 -94.03 -25.77
N GLU A 391 6.18 -93.71 -26.00
CA GLU A 391 6.59 -92.32 -26.06
C GLU A 391 6.10 -91.63 -27.33
N VAL A 392 5.95 -92.38 -28.43
CA VAL A 392 5.35 -91.80 -29.63
C VAL A 392 3.89 -91.45 -29.37
N LYS A 393 3.18 -92.32 -28.65
CA LYS A 393 1.81 -92.00 -28.26
C LYS A 393 1.77 -90.78 -27.34
N SER A 394 2.74 -90.69 -26.43
CA SER A 394 2.81 -89.51 -25.55
C SER A 394 3.04 -88.24 -26.36
N ALA A 395 3.92 -88.29 -27.36
CA ALA A 395 4.17 -87.13 -28.20
C ALA A 395 2.95 -86.76 -29.02
N ILE A 396 2.22 -87.77 -29.51
CA ILE A 396 0.98 -87.50 -30.26
C ILE A 396 -0.03 -86.82 -29.36
N GLU A 397 -0.22 -87.34 -28.14
CA GLU A 397 -1.13 -86.71 -27.20
C GLU A 397 -0.67 -85.31 -26.83
N GLY A 398 0.63 -85.07 -26.78
CA GLY A 398 1.14 -83.73 -26.50
C GLY A 398 0.85 -82.74 -27.61
N ILE A 399 1.00 -83.18 -28.86
CA ILE A 399 0.70 -82.31 -29.99
C ILE A 399 -0.79 -81.98 -30.02
N LYS A 400 -1.63 -83.00 -29.88
CA LYS A 400 -3.07 -82.76 -29.82
C LYS A 400 -3.45 -81.93 -28.61
N TYR A 401 -2.69 -82.05 -27.53
CA TYR A 401 -2.94 -81.27 -26.33
C TYR A 401 -2.64 -79.80 -26.56
N ILE A 402 -1.51 -79.51 -27.21
CA ILE A 402 -1.17 -78.13 -27.55
C ILE A 402 -2.24 -77.53 -28.44
N ALA A 403 -2.72 -78.31 -29.42
CA ALA A 403 -3.77 -77.80 -30.30
C ALA A 403 -5.05 -77.52 -29.54
N GLU A 404 -5.43 -78.42 -28.62
CA GLU A 404 -6.66 -78.23 -27.85
C GLU A 404 -6.53 -77.04 -26.92
N THR A 405 -5.36 -76.85 -26.31
CA THR A 405 -5.13 -75.70 -25.45
C THR A 405 -5.26 -74.40 -26.24
N MET A 406 -4.67 -74.35 -27.44
CA MET A 406 -4.80 -73.14 -28.24
C MET A 406 -6.24 -72.91 -28.66
N LYS A 407 -7.00 -73.99 -28.92
CA LYS A 407 -8.41 -73.84 -29.24
C LYS A 407 -9.16 -73.17 -28.08
N SER A 408 -8.96 -73.69 -26.87
CA SER A 408 -9.64 -73.13 -25.70
C SER A 408 -9.24 -71.67 -25.49
N ASP A 409 -7.95 -71.37 -25.67
CA ASP A 409 -7.50 -69.98 -25.56
C ASP A 409 -8.19 -69.10 -26.59
N GLN A 410 -8.37 -69.62 -27.81
CA GLN A 410 -9.06 -68.84 -28.84
C GLN A 410 -10.50 -68.53 -28.45
N GLU A 411 -11.22 -69.52 -27.92
CA GLU A 411 -12.61 -69.26 -27.52
C GLU A 411 -12.66 -68.25 -26.37
N SER A 412 -11.78 -68.39 -25.39
CA SER A 412 -11.79 -67.45 -24.27
C SER A 412 -11.46 -66.04 -24.74
N ASN A 413 -10.55 -65.92 -25.71
CA ASN A 413 -10.15 -64.61 -26.28
C ASN A 413 -11.35 -64.04 -27.02
N ASN A 414 -12.13 -64.87 -27.71
CA ASN A 414 -13.31 -64.43 -28.48
C ASN A 414 -14.35 -63.90 -27.49
N ALA A 415 -14.62 -64.64 -26.41
CA ALA A 415 -15.58 -64.24 -25.36
C ALA A 415 -15.15 -62.91 -24.75
N ALA A 416 -13.88 -62.77 -24.40
CA ALA A 416 -13.34 -61.54 -23.79
C ALA A 416 -13.53 -60.38 -24.77
N ALA A 417 -13.28 -60.61 -26.06
CA ALA A 417 -13.40 -59.58 -27.11
C ALA A 417 -14.84 -59.08 -27.21
N GLU A 418 -15.82 -59.90 -26.84
CA GLU A 418 -17.25 -59.52 -26.86
C GLU A 418 -17.51 -58.56 -25.72
N TRP A 419 -16.97 -58.83 -24.53
CA TRP A 419 -17.08 -57.91 -23.38
C TRP A 419 -16.34 -56.62 -23.68
N LYS A 420 -15.28 -56.70 -24.48
CA LYS A 420 -14.44 -55.52 -24.82
C LYS A 420 -15.13 -54.74 -25.92
N TYR A 421 -15.94 -55.40 -26.75
CA TYR A 421 -16.70 -54.76 -27.84
C TYR A 421 -17.90 -54.05 -27.20
N VAL A 422 -18.47 -54.61 -26.14
CA VAL A 422 -19.62 -54.00 -25.44
C VAL A 422 -19.11 -52.74 -24.72
N ALA A 423 -17.92 -52.77 -24.12
CA ALA A 423 -17.35 -51.59 -23.47
C ALA A 423 -17.06 -50.49 -24.47
N MET A 424 -16.55 -50.85 -25.65
CA MET A 424 -16.24 -49.88 -26.70
C MET A 424 -17.49 -49.15 -27.18
N VAL A 425 -18.57 -49.89 -27.38
CA VAL A 425 -19.83 -49.27 -27.81
C VAL A 425 -20.34 -48.30 -26.76
N MET A 426 -20.31 -48.73 -25.49
CA MET A 426 -20.70 -47.83 -24.41
C MET A 426 -19.82 -46.59 -24.38
N ASP A 427 -18.54 -46.75 -24.68
CA ASP A 427 -17.56 -45.64 -24.66
C ASP A 427 -17.91 -44.63 -25.76
N HIS A 428 -18.33 -45.07 -26.94
CA HIS A 428 -18.74 -44.12 -27.98
C HIS A 428 -20.04 -43.39 -27.60
N ILE A 429 -21.03 -44.12 -27.09
CA ILE A 429 -22.27 -43.45 -26.68
C ILE A 429 -21.98 -42.41 -25.62
N LEU A 430 -21.15 -42.77 -24.64
CA LEU A 430 -20.90 -41.86 -23.53
C LEU A 430 -20.07 -40.66 -23.97
N LEU A 431 -19.17 -40.83 -24.95
CA LEU A 431 -18.45 -39.69 -25.48
C LEU A 431 -19.43 -38.70 -26.10
N GLY A 432 -20.32 -39.18 -26.97
CA GLY A 432 -21.31 -38.29 -27.55
C GLY A 432 -22.17 -37.61 -26.51
N VAL A 433 -22.67 -38.39 -25.55
CA VAL A 433 -23.58 -37.86 -24.55
C VAL A 433 -22.90 -36.84 -23.66
N PHE A 434 -21.65 -37.10 -23.27
CA PHE A 434 -20.95 -36.19 -22.36
C PHE A 434 -20.55 -34.91 -23.07
N MET A 435 -20.11 -34.99 -24.33
CA MET A 435 -19.84 -33.74 -25.05
C MET A 435 -21.12 -32.93 -25.22
N LEU A 436 -22.24 -33.60 -25.51
CA LEU A 436 -23.48 -32.87 -25.64
C LEU A 436 -23.92 -32.27 -24.32
N VAL A 437 -23.70 -32.96 -23.20
CA VAL A 437 -24.04 -32.37 -21.91
C VAL A 437 -23.11 -31.21 -21.60
N CYS A 438 -21.84 -31.30 -21.98
CA CYS A 438 -20.92 -30.19 -21.75
C CYS A 438 -21.35 -28.93 -22.49
N ILE A 439 -21.98 -29.10 -23.66
CA ILE A 439 -22.48 -27.93 -24.40
C ILE A 439 -23.83 -27.45 -23.84
N ILE A 440 -24.79 -28.36 -23.72
CA ILE A 440 -26.14 -27.99 -23.30
C ILE A 440 -26.16 -27.45 -21.87
N GLY A 441 -25.39 -28.04 -20.95
CA GLY A 441 -25.40 -27.52 -19.59
C GLY A 441 -24.79 -26.15 -19.47
N THR A 442 -23.71 -25.89 -20.22
CA THR A 442 -23.13 -24.55 -20.24
C THR A 442 -24.14 -23.54 -20.77
N LEU A 443 -24.84 -23.89 -21.85
CA LEU A 443 -25.87 -22.99 -22.36
C LEU A 443 -27.01 -22.83 -21.35
N ALA A 444 -27.41 -23.91 -20.70
CA ALA A 444 -28.49 -23.85 -19.72
C ALA A 444 -28.13 -22.94 -18.55
N VAL A 445 -26.85 -22.87 -18.20
CA VAL A 445 -26.44 -22.03 -17.08
C VAL A 445 -26.32 -20.57 -17.48
N PHE A 446 -25.84 -20.26 -18.69
CA PHE A 446 -25.49 -18.88 -19.03
C PHE A 446 -26.42 -18.20 -20.03
N ALA A 447 -26.90 -18.93 -21.05
CA ALA A 447 -27.68 -18.38 -22.15
C ALA A 447 -28.83 -17.49 -21.71
N GLY A 448 -29.57 -17.93 -20.69
CA GLY A 448 -30.65 -17.13 -20.12
C GLY A 448 -30.29 -15.69 -19.83
N ARG A 449 -29.36 -15.48 -18.89
CA ARG A 449 -28.99 -14.12 -18.52
C ARG A 449 -28.28 -13.39 -19.66
N LEU A 450 -27.47 -14.12 -20.44
CA LEU A 450 -26.80 -13.44 -21.55
C LEU A 450 -27.80 -12.91 -22.57
N ILE A 451 -28.83 -13.70 -22.88
CA ILE A 451 -29.89 -13.25 -23.79
C ILE A 451 -30.70 -12.13 -23.16
N GLU A 452 -30.94 -12.20 -21.85
CA GLU A 452 -31.67 -11.13 -21.16
C GLU A 452 -30.93 -9.81 -21.30
N LEU A 453 -29.62 -9.81 -21.02
CA LEU A 453 -28.82 -8.61 -21.23
C LEU A 453 -28.83 -8.17 -22.69
N ASN A 454 -28.74 -9.12 -23.62
CA ASN A 454 -28.72 -8.76 -25.03
C ASN A 454 -30.00 -8.04 -25.43
N GLN A 455 -31.16 -8.52 -24.96
CA GLN A 455 -32.42 -7.85 -25.26
C GLN A 455 -32.54 -6.52 -24.55
N GLN A 456 -31.99 -6.41 -23.33
CA GLN A 456 -32.00 -5.13 -22.62
C GLN A 456 -31.23 -4.08 -23.38
N GLY A 457 -30.18 -4.48 -24.10
CA GLY A 457 -29.34 -3.56 -24.85
C GLY A 457 -30.09 -2.68 -25.84
N SER B 21 -28.53 18.90 43.26
CA SER B 21 -27.69 19.28 42.09
C SER B 21 -26.92 20.56 42.36
N GLU B 22 -27.58 21.51 43.02
CA GLU B 22 -26.92 22.77 43.35
C GLU B 22 -25.77 22.54 44.31
N HIS B 23 -25.95 21.65 45.28
CA HIS B 23 -24.88 21.36 46.24
C HIS B 23 -23.66 20.80 45.54
N GLU B 24 -23.86 19.85 44.62
CA GLU B 24 -22.73 19.28 43.89
C GLU B 24 -22.05 20.32 43.02
N THR B 25 -22.82 21.20 42.39
CA THR B 25 -22.24 22.26 41.57
C THR B 25 -21.37 23.19 42.41
N ARG B 26 -21.90 23.61 43.57
CA ARG B 26 -21.14 24.48 44.45
C ARG B 26 -19.88 23.79 44.96
N LEU B 27 -19.99 22.49 45.29
CA LEU B 27 -18.82 21.74 45.75
C LEU B 27 -17.76 21.67 44.66
N VAL B 28 -18.17 21.35 43.43
CA VAL B 28 -17.20 21.21 42.34
C VAL B 28 -16.55 22.55 42.05
N ALA B 29 -17.31 23.65 42.15
CA ALA B 29 -16.71 24.97 41.99
C ALA B 29 -15.70 25.27 43.09
N LYS B 30 -16.02 24.89 44.34
CA LYS B 30 -15.11 25.14 45.44
C LYS B 30 -13.82 24.35 45.29
N LEU B 31 -13.94 23.07 44.96
CA LEU B 31 -12.78 22.17 44.98
C LEU B 31 -11.73 22.57 43.95
N PHE B 32 -12.16 23.05 42.79
CA PHE B 32 -11.27 23.34 41.67
C PHE B 32 -11.07 24.83 41.45
N LYS B 33 -11.38 25.67 42.44
CA LYS B 33 -11.15 27.10 42.29
C LYS B 33 -9.66 27.41 42.17
N ASP B 34 -8.83 26.77 42.99
CA ASP B 34 -7.39 26.98 43.01
C ASP B 34 -6.66 25.64 43.04
N TYR B 35 -7.13 24.70 42.24
CA TYR B 35 -6.57 23.35 42.18
C TYR B 35 -5.54 23.26 41.06
N SER B 36 -4.51 22.45 41.29
CA SER B 36 -3.47 22.20 40.32
C SER B 36 -3.33 20.70 40.11
N SER B 37 -3.51 20.24 38.87
CA SER B 37 -3.34 18.83 38.52
C SER B 37 -1.91 18.48 38.17
N VAL B 38 -1.01 19.46 38.11
CA VAL B 38 0.44 19.24 37.84
C VAL B 38 1.12 18.81 39.15
N VAL B 39 0.80 19.46 40.27
CA VAL B 39 1.44 19.18 41.59
C VAL B 39 0.83 17.91 42.18
N ARG B 40 1.66 17.03 42.76
CA ARG B 40 1.21 15.75 43.34
C ARG B 40 0.12 16.00 44.40
N PRO B 41 -0.75 15.03 44.73
CA PRO B 41 -1.84 15.30 45.67
C PRO B 41 -1.47 15.03 47.13
N VAL B 42 -0.53 15.77 47.73
CA VAL B 42 -0.06 15.58 49.14
C VAL B 42 0.00 16.94 49.84
N GLU B 43 0.09 16.97 51.17
CA GLU B 43 0.10 18.22 51.97
C GLU B 43 1.52 18.75 52.08
N ASP B 44 2.53 17.89 51.98
CA ASP B 44 3.94 18.29 51.98
C ASP B 44 4.63 17.56 50.83
N HIS B 45 5.55 18.26 50.16
CA HIS B 45 6.25 17.65 49.02
C HIS B 45 7.20 16.55 49.43
N ARG B 46 7.54 16.44 50.71
CA ARG B 46 8.40 15.40 51.22
C ARG B 46 7.66 14.08 51.42
N GLN B 47 6.33 14.09 51.33
CA GLN B 47 5.53 12.89 51.45
C GLN B 47 5.44 12.15 50.11
N VAL B 48 5.14 10.86 50.19
CA VAL B 48 5.01 9.99 49.02
C VAL B 48 3.54 9.76 48.75
N VAL B 49 3.13 9.86 47.48
CA VAL B 49 1.77 9.52 47.09
C VAL B 49 1.62 8.00 47.11
N GLU B 50 0.62 7.53 47.84
CA GLU B 50 0.37 6.10 48.00
C GLU B 50 -0.75 5.70 47.05
N VAL B 51 -0.40 4.92 46.03
CA VAL B 51 -1.34 4.46 45.01
C VAL B 51 -1.49 2.96 45.14
N THR B 52 -2.73 2.51 45.29
CA THR B 52 -3.05 1.09 45.27
C THR B 52 -3.48 0.72 43.85
N VAL B 53 -2.77 -0.21 43.23
CA VAL B 53 -2.99 -0.61 41.85
C VAL B 53 -3.54 -2.03 41.84
N GLY B 54 -4.62 -2.22 41.10
CA GLY B 54 -5.18 -3.55 40.90
C GLY B 54 -5.53 -3.74 39.44
N LEU B 55 -5.42 -4.98 38.99
CA LEU B 55 -5.68 -5.37 37.61
C LEU B 55 -6.88 -6.29 37.57
N GLN B 56 -7.80 -6.03 36.65
CA GLN B 56 -8.90 -6.93 36.33
C GLN B 56 -8.73 -7.35 34.87
N LEU B 57 -8.64 -8.66 34.64
CA LEU B 57 -8.52 -9.21 33.30
C LEU B 57 -9.92 -9.59 32.82
N ILE B 58 -10.44 -8.85 31.83
CA ILE B 58 -11.78 -9.12 31.33
C ILE B 58 -11.74 -10.20 30.25
N GLN B 59 -10.77 -10.13 29.34
CA GLN B 59 -10.68 -11.08 28.24
C GLN B 59 -9.25 -11.18 27.78
N LEU B 60 -8.84 -12.41 27.45
CA LEU B 60 -7.59 -12.66 26.75
C LEU B 60 -7.90 -12.66 25.26
N ILE B 61 -7.70 -11.52 24.61
CA ILE B 61 -8.16 -11.37 23.23
C ILE B 61 -7.37 -12.28 22.30
N ASN B 62 -6.04 -12.26 22.38
CA ASN B 62 -5.29 -13.10 21.45
C ASN B 62 -3.84 -13.22 21.91
N VAL B 63 -3.23 -14.37 21.57
CA VAL B 63 -1.81 -14.63 21.75
C VAL B 63 -1.23 -14.80 20.36
N ASP B 64 -0.35 -13.89 19.95
CA ASP B 64 0.32 -13.94 18.66
C ASP B 64 1.74 -14.44 18.91
N GLU B 65 2.00 -15.68 18.50
CA GLU B 65 3.28 -16.32 18.77
C GLU B 65 4.39 -15.81 17.86
N VAL B 66 4.05 -15.34 16.66
CA VAL B 66 5.07 -14.87 15.72
C VAL B 66 5.75 -13.63 16.27
N ASN B 67 4.98 -12.56 16.48
CA ASN B 67 5.52 -11.32 17.03
C ASN B 67 5.61 -11.35 18.55
N GLN B 68 5.14 -12.42 19.19
CA GLN B 68 5.29 -12.60 20.63
C GLN B 68 4.54 -11.52 21.40
N ILE B 69 3.26 -11.33 21.05
CA ILE B 69 2.43 -10.27 21.61
C ILE B 69 1.17 -10.90 22.19
N VAL B 70 0.89 -10.59 23.45
CA VAL B 70 -0.36 -10.94 24.11
C VAL B 70 -1.23 -9.70 24.18
N THR B 71 -2.39 -9.74 23.52
CA THR B 71 -3.37 -8.67 23.59
C THR B 71 -4.54 -9.08 24.49
N THR B 72 -4.79 -8.25 25.49
CA THR B 72 -5.79 -8.51 26.53
C THR B 72 -6.64 -7.26 26.76
N ASN B 73 -7.87 -7.48 27.22
CA ASN B 73 -8.76 -6.42 27.68
C ASN B 73 -8.70 -6.37 29.20
N VAL B 74 -8.41 -5.19 29.75
CA VAL B 74 -8.17 -5.04 31.19
C VAL B 74 -8.87 -3.80 31.72
N ARG B 75 -9.09 -3.81 33.03
CA ARG B 75 -9.50 -2.65 33.80
C ARG B 75 -8.42 -2.39 34.84
N LEU B 76 -7.85 -1.19 34.82
CA LEU B 76 -6.68 -0.86 35.64
C LEU B 76 -7.11 0.00 36.83
N LYS B 77 -7.62 -0.65 37.87
CA LYS B 77 -8.11 0.06 39.03
C LYS B 77 -6.97 0.73 39.78
N GLN B 78 -7.12 2.03 40.05
CA GLN B 78 -6.11 2.82 40.75
C GLN B 78 -6.81 3.60 41.84
N GLN B 79 -6.28 3.51 43.06
CA GLN B 79 -6.87 4.16 44.23
C GLN B 79 -5.83 5.02 44.92
N TRP B 80 -6.19 6.27 45.21
CA TRP B 80 -5.27 7.11 45.96
C TRP B 80 -6.02 8.27 46.59
N VAL B 81 -5.43 8.85 47.63
CA VAL B 81 -6.03 9.96 48.36
C VAL B 81 -5.50 11.26 47.76
N ASP B 82 -6.40 12.19 47.47
CA ASP B 82 -6.05 13.54 47.07
C ASP B 82 -6.28 14.47 48.24
N TYR B 83 -5.21 15.13 48.70
CA TYR B 83 -5.29 15.92 49.92
C TYR B 83 -6.24 17.10 49.78
N ASN B 84 -6.20 17.79 48.64
CA ASN B 84 -6.96 19.01 48.48
C ASN B 84 -8.41 18.77 48.08
N LEU B 85 -8.77 17.57 47.65
CA LEU B 85 -10.13 17.27 47.18
C LEU B 85 -10.95 16.63 48.30
N LYS B 86 -11.07 17.35 49.42
CA LYS B 86 -11.85 16.92 50.57
C LYS B 86 -12.92 17.96 50.88
N TRP B 87 -13.99 17.50 51.52
CA TRP B 87 -15.06 18.40 51.94
C TRP B 87 -15.85 17.75 53.06
N ASN B 88 -16.59 18.59 53.79
CA ASN B 88 -17.54 18.12 54.79
C ASN B 88 -18.89 17.91 54.12
N PRO B 89 -19.46 16.70 54.13
CA PRO B 89 -20.78 16.53 53.49
C PRO B 89 -21.87 17.39 54.10
N ASP B 90 -21.80 17.68 55.41
CA ASP B 90 -22.83 18.48 56.06
C ASP B 90 -22.93 19.88 55.45
N ASP B 91 -21.83 20.41 54.94
CA ASP B 91 -21.82 21.72 54.32
C ASP B 91 -22.32 21.70 52.88
N TYR B 92 -22.61 20.53 52.32
CA TYR B 92 -23.02 20.41 50.92
C TYR B 92 -24.18 19.44 50.79
N GLY B 93 -25.16 19.54 51.68
CA GLY B 93 -26.37 18.77 51.57
C GLY B 93 -26.18 17.27 51.66
N GLY B 94 -25.18 16.82 52.40
CA GLY B 94 -24.97 15.40 52.58
C GLY B 94 -24.38 14.69 51.37
N VAL B 95 -23.72 15.41 50.47
CA VAL B 95 -23.05 14.79 49.34
C VAL B 95 -21.76 14.15 49.83
N LYS B 96 -21.67 12.82 49.73
CA LYS B 96 -20.53 12.07 50.19
C LYS B 96 -19.63 11.55 49.07
N LYS B 97 -20.12 11.51 47.84
CA LYS B 97 -19.32 11.09 46.70
C LYS B 97 -19.77 11.86 45.47
N ILE B 98 -18.84 12.03 44.52
CA ILE B 98 -19.13 12.69 43.26
C ILE B 98 -18.29 12.02 42.16
N HIS B 99 -18.60 12.35 40.92
CA HIS B 99 -17.92 11.83 39.74
C HIS B 99 -17.28 12.98 38.99
N ILE B 100 -15.97 12.89 38.76
CA ILE B 100 -15.17 13.99 38.22
C ILE B 100 -14.47 13.51 36.96
N PRO B 101 -14.33 14.33 35.91
CA PRO B 101 -13.50 13.89 34.77
C PRO B 101 -12.05 13.70 35.20
N SER B 102 -11.47 12.58 34.76
CA SER B 102 -10.11 12.24 35.18
C SER B 102 -9.09 13.23 34.64
N GLU B 103 -9.37 13.86 33.50
CA GLU B 103 -8.44 14.84 32.94
C GLU B 103 -8.26 16.05 33.84
N LYS B 104 -9.21 16.33 34.73
CA LYS B 104 -9.19 17.54 35.53
C LYS B 104 -8.30 17.44 36.76
N ILE B 105 -7.84 16.24 37.14
CA ILE B 105 -7.10 16.03 38.37
C ILE B 105 -5.74 15.41 38.06
N TRP B 106 -4.85 15.50 39.04
CA TRP B 106 -3.61 14.74 38.99
C TRP B 106 -3.92 13.25 38.99
N ARG B 107 -3.15 12.49 38.24
CA ARG B 107 -3.28 11.04 38.17
C ARG B 107 -1.88 10.43 38.21
N PRO B 108 -1.76 9.18 38.65
CA PRO B 108 -0.49 8.47 38.42
C PRO B 108 -0.37 8.07 36.95
N ASP B 109 0.85 8.19 36.43
CA ASP B 109 1.13 7.93 35.02
C ASP B 109 1.63 6.50 34.81
N LEU B 110 0.76 5.55 35.13
CA LEU B 110 1.08 4.15 34.93
C LEU B 110 1.29 3.86 33.44
N VAL B 111 2.36 3.13 33.16
CA VAL B 111 2.74 2.74 31.81
C VAL B 111 3.04 1.25 31.84
N LEU B 112 2.64 0.56 30.78
CA LEU B 112 2.98 -0.85 30.54
C LEU B 112 4.40 -0.87 30.01
N TYR B 113 5.35 -1.14 30.91
CA TYR B 113 6.76 -1.07 30.55
C TYR B 113 7.13 -2.04 29.45
N ASN B 114 6.43 -3.17 29.37
CA ASN B 114 6.68 -4.20 28.37
C ASN B 114 5.63 -4.19 27.26
N ASN B 115 5.13 -3.01 26.91
CA ASN B 115 4.22 -2.86 25.78
C ASN B 115 4.90 -3.27 24.49
N ALA B 116 4.16 -3.96 23.62
CA ALA B 116 4.73 -4.47 22.39
C ALA B 116 4.52 -3.50 21.23
N ASP B 117 3.27 -3.26 20.85
CA ASP B 117 2.96 -2.32 19.78
C ASP B 117 1.59 -1.66 19.98
N GLY B 118 1.14 -1.55 21.21
CA GLY B 118 -0.11 -0.90 21.54
C GLY B 118 0.11 0.43 22.22
N ASP B 119 -0.80 0.81 23.11
CA ASP B 119 -0.66 2.04 23.86
C ASP B 119 0.22 1.82 25.09
N PHE B 120 1.06 2.81 25.38
CA PHE B 120 1.93 2.72 26.54
C PHE B 120 1.17 3.01 27.83
N ALA B 121 0.27 3.98 27.80
CA ALA B 121 -0.46 4.47 28.97
C ALA B 121 -1.95 4.39 28.73
N ILE B 122 -2.71 4.75 29.76
CA ILE B 122 -4.16 4.84 29.64
C ILE B 122 -4.52 5.96 28.69
N VAL B 123 -5.40 5.65 27.74
CA VAL B 123 -5.90 6.65 26.78
C VAL B 123 -7.38 6.94 26.97
N LYS B 124 -8.15 6.01 27.52
CA LYS B 124 -9.59 6.19 27.77
C LYS B 124 -9.74 6.84 29.14
N PHE B 125 -9.93 8.16 29.16
CA PHE B 125 -9.99 8.92 30.40
C PHE B 125 -11.44 8.99 30.89
N THR B 126 -11.84 7.91 31.57
CA THR B 126 -13.15 7.85 32.19
C THR B 126 -13.17 8.68 33.47
N LYS B 127 -14.35 8.83 34.05
CA LYS B 127 -14.51 9.62 35.26
C LYS B 127 -14.02 8.86 36.48
N VAL B 128 -13.55 9.61 37.47
CA VAL B 128 -13.11 9.08 38.75
C VAL B 128 -14.21 9.29 39.77
N LEU B 129 -14.33 8.34 40.69
CA LEU B 129 -15.24 8.45 41.83
C LEU B 129 -14.47 9.04 43.01
N LEU B 130 -14.89 10.22 43.46
CA LEU B 130 -14.21 10.96 44.52
C LEU B 130 -15.10 11.00 45.76
N GLN B 131 -14.58 10.52 46.88
CA GLN B 131 -15.28 10.56 48.15
C GLN B 131 -14.97 11.86 48.90
N TYR B 132 -15.76 12.13 49.94
CA TYR B 132 -15.54 13.33 50.74
C TYR B 132 -14.22 13.26 51.50
N THR B 133 -13.74 12.06 51.80
CA THR B 133 -12.46 11.89 52.48
C THR B 133 -11.26 12.19 51.58
N GLY B 134 -11.48 12.43 50.28
CA GLY B 134 -10.40 12.63 49.34
C GLY B 134 -10.00 11.38 48.58
N HIS B 135 -10.54 10.22 48.93
CA HIS B 135 -10.21 8.99 48.25
C HIS B 135 -10.77 9.00 46.83
N ILE B 136 -9.91 8.69 45.87
CA ILE B 136 -10.25 8.64 44.46
C ILE B 136 -10.05 7.22 43.99
N THR B 137 -11.08 6.67 43.33
CA THR B 137 -11.00 5.40 42.62
C THR B 137 -11.21 5.68 41.14
N TRP B 138 -10.26 5.24 40.32
CA TRP B 138 -10.30 5.44 38.87
C TRP B 138 -10.03 4.09 38.22
N THR B 139 -10.97 3.60 37.43
CA THR B 139 -10.93 2.25 36.87
C THR B 139 -11.09 2.34 35.36
N PRO B 140 -10.07 2.86 34.67
CA PRO B 140 -10.18 2.98 33.21
C PRO B 140 -10.02 1.62 32.55
N PRO B 141 -10.63 1.43 31.38
CA PRO B 141 -10.33 0.24 30.59
C PRO B 141 -9.08 0.45 29.74
N ALA B 142 -8.53 -0.66 29.26
CA ALA B 142 -7.37 -0.59 28.40
C ALA B 142 -7.27 -1.89 27.61
N ILE B 143 -6.60 -1.80 26.47
CA ILE B 143 -6.23 -2.96 25.67
C ILE B 143 -4.72 -3.04 25.75
N PHE B 144 -4.22 -3.97 26.55
CA PHE B 144 -2.79 -4.15 26.77
C PHE B 144 -2.24 -5.10 25.72
N LYS B 145 -1.35 -4.60 24.86
CA LYS B 145 -0.57 -5.41 23.92
C LYS B 145 0.83 -5.51 24.49
N SER B 146 1.09 -6.59 25.23
CA SER B 146 2.34 -6.78 25.96
C SER B 146 3.25 -7.78 25.24
N TYR B 147 4.55 -7.59 25.42
CA TYR B 147 5.55 -8.46 24.82
C TYR B 147 5.81 -9.65 25.73
N CYS B 148 5.66 -10.85 25.20
CA CYS B 148 5.78 -12.11 25.95
C CYS B 148 6.68 -13.07 25.22
N GLU B 149 7.81 -13.43 25.83
CA GLU B 149 8.67 -14.46 25.27
C GLU B 149 7.92 -15.77 25.13
N ILE B 150 7.73 -16.22 23.89
CA ILE B 150 6.97 -17.42 23.58
C ILE B 150 7.96 -18.57 23.41
N ILE B 151 7.78 -19.62 24.20
CA ILE B 151 8.57 -20.84 24.09
C ILE B 151 7.72 -21.84 23.29
N VAL B 152 8.16 -22.15 22.09
CA VAL B 152 7.40 -22.99 21.17
C VAL B 152 7.91 -24.44 21.18
N THR B 153 8.68 -24.83 22.20
CA THR B 153 9.29 -26.16 22.20
C THR B 153 8.25 -27.26 22.19
N HIS B 154 7.19 -27.12 22.99
CA HIS B 154 6.15 -28.13 23.15
C HIS B 154 4.88 -27.78 22.40
N PHE B 155 4.94 -26.88 21.43
CA PHE B 155 3.75 -26.50 20.68
C PHE B 155 3.20 -27.71 19.93
N PRO B 156 1.86 -27.93 19.93
CA PRO B 156 0.76 -27.14 20.50
C PRO B 156 0.42 -27.49 21.95
N PHE B 157 1.24 -28.29 22.64
CA PHE B 157 1.07 -28.61 24.04
C PHE B 157 1.88 -27.70 24.95
N ASP B 158 2.04 -26.44 24.57
CA ASP B 158 2.97 -25.53 25.21
C ASP B 158 2.31 -24.77 26.36
N GLU B 159 3.14 -24.38 27.32
CA GLU B 159 2.75 -23.53 28.44
C GLU B 159 3.50 -22.22 28.33
N GLN B 160 2.79 -21.09 28.48
CA GLN B 160 3.36 -19.74 28.29
C GLN B 160 3.21 -18.88 29.53
N ASN B 161 4.31 -18.31 30.03
CA ASN B 161 4.31 -17.41 31.21
C ASN B 161 4.35 -15.98 30.68
N CYS B 162 3.22 -15.28 30.59
CA CYS B 162 3.15 -13.92 29.99
C CYS B 162 2.94 -12.86 31.07
N SER B 163 3.79 -11.84 31.10
CA SER B 163 3.82 -10.84 32.15
C SER B 163 3.37 -9.48 31.61
N MET B 164 2.92 -8.64 32.54
CA MET B 164 2.53 -7.26 32.24
C MET B 164 3.12 -6.42 33.37
N LYS B 165 4.17 -5.67 33.05
CA LYS B 165 4.88 -4.84 34.00
C LYS B 165 4.34 -3.41 33.93
N LEU B 166 3.84 -2.91 35.05
CA LEU B 166 3.21 -1.60 35.15
C LEU B 166 4.00 -0.73 36.12
N GLY B 167 4.20 0.53 35.75
CA GLY B 167 4.91 1.44 36.64
C GLY B 167 4.72 2.88 36.28
N THR B 168 4.93 3.76 37.26
CA THR B 168 4.87 5.20 37.02
C THR B 168 6.06 5.61 36.17
N TRP B 169 5.79 6.09 34.96
CA TRP B 169 6.85 6.32 33.98
C TRP B 169 7.84 7.37 34.46
N THR B 170 7.35 8.47 35.02
CA THR B 170 8.16 9.63 35.35
C THR B 170 8.33 9.88 36.84
N TYR B 171 7.64 9.15 37.70
CA TYR B 171 7.73 9.29 39.14
C TYR B 171 8.44 8.08 39.72
N ASP B 172 9.47 8.32 40.52
CA ASP B 172 10.20 7.26 41.19
C ASP B 172 9.54 6.94 42.54
N GLY B 173 10.07 5.93 43.23
CA GLY B 173 9.48 5.49 44.47
C GLY B 173 9.55 6.49 45.60
N SER B 174 10.45 7.47 45.51
CA SER B 174 10.56 8.48 46.56
C SER B 174 9.44 9.51 46.52
N VAL B 175 8.76 9.66 45.38
CA VAL B 175 7.68 10.63 45.23
C VAL B 175 6.32 9.97 45.07
N VAL B 176 6.24 8.82 44.40
CA VAL B 176 4.99 8.09 44.22
C VAL B 176 5.27 6.62 44.48
N ALA B 177 4.51 6.02 45.40
CA ALA B 177 4.63 4.61 45.74
C ALA B 177 3.41 3.86 45.23
N ILE B 178 3.65 2.72 44.58
CA ILE B 178 2.60 1.84 44.08
C ILE B 178 2.63 0.54 44.87
N ASN B 179 1.45 0.08 45.27
CA ASN B 179 1.28 -1.18 46.00
C ASN B 179 0.19 -2.01 45.33
N PRO B 180 0.33 -3.33 45.23
CA PRO B 180 -0.76 -4.12 44.64
C PRO B 180 -2.00 -4.10 45.50
N GLU B 181 -3.16 -4.10 44.83
CA GLU B 181 -4.42 -4.19 45.54
C GLU B 181 -4.64 -5.59 46.12
N SER B 182 -4.18 -6.62 45.41
CA SER B 182 -4.33 -7.99 45.84
C SER B 182 -3.14 -8.79 45.35
N ASP B 183 -2.94 -9.96 45.96
CA ASP B 183 -1.83 -10.81 45.57
C ASP B 183 -1.97 -11.30 44.13
N GLN B 184 -3.20 -11.48 43.65
CA GLN B 184 -3.50 -12.03 42.34
C GLN B 184 -4.33 -11.04 41.53
N PRO B 185 -4.31 -11.14 40.20
CA PRO B 185 -5.24 -10.33 39.40
C PRO B 185 -6.69 -10.73 39.63
N ASP B 186 -7.58 -9.76 39.43
CA ASP B 186 -9.01 -10.01 39.56
C ASP B 186 -9.52 -10.69 38.30
N LEU B 187 -9.92 -11.96 38.43
CA LEU B 187 -10.44 -12.76 37.33
C LEU B 187 -11.93 -13.05 37.48
N SER B 188 -12.63 -12.30 38.33
CA SER B 188 -14.04 -12.59 38.61
C SER B 188 -14.90 -12.40 37.36
N ASN B 189 -14.58 -11.38 36.55
CA ASN B 189 -15.32 -11.08 35.32
C ASN B 189 -14.53 -11.48 34.08
N PHE B 190 -13.76 -12.56 34.15
CA PHE B 190 -12.94 -12.99 33.03
C PHE B 190 -13.78 -13.83 32.07
N MET B 191 -13.83 -13.41 30.81
CA MET B 191 -14.54 -14.17 29.80
C MET B 191 -13.77 -15.44 29.48
N GLU B 192 -14.52 -16.52 29.22
CA GLU B 192 -13.88 -17.79 28.87
C GLU B 192 -13.14 -17.65 27.55
N SER B 193 -11.94 -18.22 27.50
CA SER B 193 -11.11 -18.23 26.29
C SER B 193 -11.28 -19.57 25.59
N GLY B 194 -11.45 -19.52 24.27
CA GLY B 194 -11.55 -20.73 23.47
C GLY B 194 -10.23 -21.35 23.07
N GLU B 195 -9.11 -20.77 23.49
CA GLU B 195 -7.78 -21.23 23.09
C GLU B 195 -6.82 -21.44 24.24
N TRP B 196 -7.03 -20.80 25.39
CA TRP B 196 -6.09 -20.83 26.50
C TRP B 196 -6.82 -21.02 27.81
N VAL B 197 -6.14 -21.68 28.75
CA VAL B 197 -6.61 -21.85 30.12
C VAL B 197 -5.56 -21.25 31.05
N ILE B 198 -5.99 -20.32 31.90
CA ILE B 198 -5.09 -19.67 32.85
C ILE B 198 -5.00 -20.58 34.08
N LYS B 199 -3.86 -21.24 34.25
CA LYS B 199 -3.68 -22.09 35.42
C LYS B 199 -3.36 -21.28 36.66
N GLU B 200 -2.54 -20.23 36.53
CA GLU B 200 -2.04 -19.49 37.68
C GLU B 200 -1.88 -18.03 37.27
N SER B 201 -2.13 -17.13 38.22
CA SER B 201 -1.93 -15.70 37.98
C SER B 201 -1.52 -15.05 39.28
N ARG B 202 -0.54 -14.15 39.21
CA ARG B 202 -0.01 -13.56 40.44
C ARG B 202 0.64 -12.21 40.12
N GLY B 203 0.48 -11.25 41.03
CA GLY B 203 1.08 -9.94 40.91
C GLY B 203 2.15 -9.74 41.98
N TRP B 204 3.34 -9.35 41.54
CA TRP B 204 4.49 -9.14 42.41
C TRP B 204 4.98 -7.71 42.27
N LYS B 205 5.23 -7.05 43.40
CA LYS B 205 5.86 -5.74 43.43
C LYS B 205 7.37 -5.90 43.47
N HIS B 206 8.08 -5.04 42.75
CA HIS B 206 9.53 -5.05 42.68
C HIS B 206 10.06 -3.63 42.81
N SER B 207 11.17 -3.50 43.54
CA SER B 207 11.88 -2.23 43.71
C SER B 207 13.32 -2.42 43.27
N VAL B 208 13.81 -1.49 42.44
CA VAL B 208 15.16 -1.54 41.89
C VAL B 208 15.85 -0.23 42.23
N THR B 209 17.06 -0.32 42.79
CA THR B 209 17.88 0.84 43.12
C THR B 209 19.20 0.72 42.37
N TYR B 210 19.50 1.73 41.57
CA TYR B 210 20.77 1.78 40.84
C TYR B 210 21.83 2.46 41.70
N SER B 211 23.09 2.03 41.49
CA SER B 211 24.20 2.56 42.29
C SER B 211 24.37 4.06 42.07
N CYS B 212 24.18 4.52 40.83
CA CYS B 212 24.32 5.94 40.54
C CYS B 212 23.21 6.77 41.15
N CYS B 213 22.08 6.16 41.51
CA CYS B 213 20.91 6.85 42.08
C CYS B 213 20.43 6.09 43.30
N PRO B 214 21.21 6.09 44.39
CA PRO B 214 20.81 5.30 45.57
C PRO B 214 19.51 5.76 46.21
N ASP B 215 19.19 7.04 46.15
CA ASP B 215 18.06 7.59 46.90
C ASP B 215 16.72 7.49 46.17
N THR B 216 16.73 7.23 44.87
CA THR B 216 15.50 7.21 44.07
C THR B 216 15.18 5.77 43.63
N PRO B 217 14.56 4.95 44.47
CA PRO B 217 14.16 3.62 44.02
C PRO B 217 13.08 3.70 42.96
N TYR B 218 13.10 2.72 42.06
CA TYR B 218 12.15 2.62 40.95
C TYR B 218 11.29 1.38 41.17
N LEU B 219 9.98 1.59 41.22
CA LEU B 219 9.03 0.56 41.58
C LEU B 219 8.26 0.09 40.35
N ASP B 220 7.84 -1.17 40.40
CA ASP B 220 6.95 -1.70 39.37
C ASP B 220 6.10 -2.80 40.00
N ILE B 221 4.97 -3.08 39.36
CA ILE B 221 4.12 -4.21 39.70
C ILE B 221 3.98 -5.04 38.43
N THR B 222 4.42 -6.29 38.50
CA THR B 222 4.38 -7.21 37.37
C THR B 222 3.33 -8.26 37.64
N TYR B 223 2.33 -8.35 36.77
CA TYR B 223 1.30 -9.38 36.83
C TYR B 223 1.64 -10.47 35.83
N HIS B 224 1.82 -11.70 36.31
CA HIS B 224 2.16 -12.82 35.44
C HIS B 224 0.96 -13.75 35.35
N PHE B 225 0.81 -14.36 34.18
CA PHE B 225 -0.25 -15.32 33.88
C PHE B 225 0.40 -16.53 33.24
N VAL B 226 0.21 -17.69 33.86
CA VAL B 226 0.61 -18.97 33.29
C VAL B 226 -0.58 -19.54 32.54
N MET B 227 -0.40 -19.82 31.26
CA MET B 227 -1.48 -20.18 30.34
C MET B 227 -1.12 -21.48 29.64
N GLN B 228 -2.06 -22.41 29.60
CA GLN B 228 -1.91 -23.67 28.88
C GLN B 228 -2.75 -23.60 27.62
N ARG B 229 -2.12 -23.84 26.47
CA ARG B 229 -2.86 -23.89 25.22
C ARG B 229 -3.81 -25.07 25.22
N LEU B 230 -5.00 -24.88 24.64
CA LEU B 230 -5.91 -25.97 24.38
C LEU B 230 -5.52 -26.57 23.02
N PRO B 231 -5.06 -27.82 22.95
CA PRO B 231 -4.46 -28.32 21.70
C PRO B 231 -5.41 -29.03 20.75
N LEU B 232 -6.73 -29.05 21.02
CA LEU B 232 -7.65 -29.86 20.22
C LEU B 232 -7.67 -29.40 18.77
N TYR B 233 -7.64 -28.09 18.54
CA TYR B 233 -7.69 -27.57 17.18
C TYR B 233 -6.49 -28.06 16.36
N PHE B 234 -5.30 -27.99 16.94
CA PHE B 234 -4.11 -28.44 16.22
C PHE B 234 -4.06 -29.96 16.14
N ILE B 235 -4.61 -30.66 17.12
CA ILE B 235 -4.67 -32.11 17.05
C ILE B 235 -5.54 -32.55 15.88
N VAL B 236 -6.71 -31.92 15.73
CA VAL B 236 -7.62 -32.33 14.67
C VAL B 236 -7.09 -31.90 13.31
N ASN B 237 -6.67 -30.63 13.18
CA ASN B 237 -6.39 -30.08 11.87
C ASN B 237 -5.00 -30.43 11.36
N VAL B 238 -4.03 -30.66 12.27
CA VAL B 238 -2.62 -30.79 11.90
C VAL B 238 -2.10 -32.20 12.19
N ILE B 239 -2.24 -32.68 13.43
CA ILE B 239 -1.55 -33.90 13.81
C ILE B 239 -2.16 -35.12 13.15
N ILE B 240 -3.49 -35.22 13.11
CA ILE B 240 -4.13 -36.42 12.56
C ILE B 240 -3.84 -36.61 11.08
N PRO B 241 -3.92 -35.59 10.22
CA PRO B 241 -3.50 -35.78 8.83
C PRO B 241 -2.05 -36.23 8.70
N CYS B 242 -1.15 -35.69 9.53
CA CYS B 242 0.24 -36.14 9.50
C CYS B 242 0.35 -37.61 9.88
N LEU B 243 -0.40 -38.03 10.90
CA LEU B 243 -0.38 -39.43 11.29
C LEU B 243 -0.92 -40.32 10.18
N LEU B 244 -1.97 -39.87 9.49
CA LEU B 244 -2.51 -40.66 8.38
C LEU B 244 -1.49 -40.79 7.26
N PHE B 245 -0.78 -39.70 6.92
CA PHE B 245 0.24 -39.79 5.88
C PHE B 245 1.39 -40.69 6.33
N SER B 246 1.77 -40.63 7.61
CA SER B 246 2.80 -41.50 8.13
C SER B 246 2.39 -42.97 8.03
N PHE B 247 1.13 -43.27 8.34
CA PHE B 247 0.64 -44.64 8.19
C PHE B 247 0.63 -45.07 6.74
N LEU B 248 0.18 -44.20 5.83
CA LEU B 248 0.14 -44.53 4.42
C LEU B 248 1.53 -44.72 3.84
N THR B 249 2.55 -44.10 4.43
CA THR B 249 3.92 -44.24 3.93
C THR B 249 4.36 -45.70 3.91
N GLY B 250 4.02 -46.45 4.95
CA GLY B 250 4.48 -47.83 5.05
C GLY B 250 3.74 -48.82 4.18
N LEU B 251 2.55 -48.47 3.69
CA LEU B 251 1.73 -49.41 2.93
C LEU B 251 2.28 -49.69 1.53
N VAL B 252 3.24 -48.89 1.04
CA VAL B 252 3.81 -49.17 -0.27
C VAL B 252 4.57 -50.49 -0.27
N PHE B 253 5.12 -50.89 0.88
CA PHE B 253 5.96 -52.07 0.94
C PHE B 253 5.17 -53.38 0.94
N TYR B 254 3.85 -53.32 1.12
CA TYR B 254 2.99 -54.48 0.92
C TYR B 254 2.40 -54.53 -0.49
N LEU B 255 2.65 -53.52 -1.33
CA LEU B 255 2.14 -53.53 -2.69
C LEU B 255 3.04 -54.42 -3.57
N PRO B 256 2.48 -55.22 -4.47
CA PRO B 256 3.33 -55.91 -5.43
C PRO B 256 4.00 -54.94 -6.39
N THR B 257 5.19 -55.31 -6.85
CA THR B 257 5.88 -54.51 -7.86
C THR B 257 5.13 -54.56 -9.19
N ASP B 258 4.56 -55.72 -9.53
CA ASP B 258 3.85 -55.88 -10.80
C ASP B 258 2.55 -55.08 -10.85
N SER B 259 2.08 -54.55 -9.73
CA SER B 259 0.90 -53.70 -9.77
C SER B 259 1.13 -52.44 -10.57
N GLY B 260 2.37 -51.96 -10.62
CA GLY B 260 2.67 -50.70 -11.29
C GLY B 260 2.04 -49.50 -10.63
N GLU B 261 1.96 -49.52 -9.29
CA GLU B 261 1.34 -48.43 -8.54
C GLU B 261 2.09 -48.05 -7.27
N LYS B 262 3.26 -48.65 -7.02
CA LYS B 262 4.03 -48.30 -5.82
C LYS B 262 4.46 -46.84 -5.86
N MET B 263 5.08 -46.43 -6.97
CA MET B 263 5.50 -45.04 -7.10
C MET B 263 4.30 -44.11 -7.08
N THR B 264 3.19 -44.53 -7.68
CA THR B 264 1.97 -43.71 -7.63
C THR B 264 1.56 -43.45 -6.19
N LEU B 265 1.51 -44.50 -5.38
CA LEU B 265 1.11 -44.35 -3.97
C LEU B 265 2.08 -43.46 -3.21
N SER B 266 3.38 -43.75 -3.29
CA SER B 266 4.35 -43.00 -2.51
C SER B 266 4.41 -41.53 -2.95
N ILE B 267 4.41 -41.30 -4.26
CA ILE B 267 4.48 -39.93 -4.77
C ILE B 267 3.22 -39.16 -4.43
N SER B 268 2.06 -39.83 -4.42
CA SER B 268 0.83 -39.15 -4.05
C SER B 268 0.79 -38.82 -2.57
N VAL B 269 1.34 -39.70 -1.73
CA VAL B 269 1.48 -39.37 -0.31
C VAL B 269 2.37 -38.15 -0.14
N LEU B 270 3.47 -38.10 -0.89
CA LEU B 270 4.36 -36.93 -0.82
C LEU B 270 3.67 -35.67 -1.32
N LEU B 271 2.88 -35.78 -2.39
CA LEU B 271 2.16 -34.62 -2.90
C LEU B 271 1.13 -34.13 -1.90
N SER B 272 0.46 -35.06 -1.22
CA SER B 272 -0.46 -34.68 -0.15
C SER B 272 0.28 -33.95 0.95
N LEU B 273 1.48 -34.42 1.32
CA LEU B 273 2.27 -33.72 2.33
C LEU B 273 2.68 -32.34 1.86
N THR B 274 3.02 -32.21 0.58
CA THR B 274 3.43 -30.92 0.04
C THR B 274 2.27 -29.93 0.02
N VAL B 275 1.07 -30.40 -0.30
CA VAL B 275 -0.11 -29.55 -0.21
C VAL B 275 -0.39 -29.20 1.25
N PHE B 276 -0.16 -30.16 2.15
CA PHE B 276 -0.34 -29.94 3.57
C PHE B 276 0.66 -28.95 4.15
N LEU B 277 1.79 -28.73 3.47
CA LEU B 277 2.75 -27.75 3.94
C LEU B 277 2.14 -26.35 3.99
N LEU B 278 1.23 -26.03 3.08
CA LEU B 278 0.56 -24.74 3.13
C LEU B 278 -0.19 -24.60 4.46
N VAL B 279 -0.91 -25.65 4.85
CA VAL B 279 -1.66 -25.63 6.09
C VAL B 279 -0.72 -25.49 7.29
N ILE B 280 0.35 -26.28 7.31
CA ILE B 280 1.17 -26.30 8.52
C ILE B 280 1.91 -24.98 8.67
N VAL B 281 2.46 -24.42 7.59
CA VAL B 281 3.18 -23.16 7.72
C VAL B 281 2.22 -22.01 8.01
N GLU B 282 1.00 -22.01 7.46
CA GLU B 282 0.09 -20.93 7.82
C GLU B 282 -0.40 -21.05 9.26
N LEU B 283 -0.38 -22.25 9.84
CA LEU B 283 -0.81 -22.43 11.23
C LEU B 283 0.34 -22.34 12.23
N ILE B 284 1.52 -22.86 11.90
CA ILE B 284 2.65 -22.89 12.83
C ILE B 284 3.25 -21.48 12.87
N PRO B 285 3.68 -20.97 14.02
CA PRO B 285 4.32 -19.65 14.02
C PRO B 285 5.66 -19.67 13.32
N SER B 286 5.99 -18.52 12.70
CA SER B 286 7.26 -18.34 11.99
C SER B 286 8.26 -17.69 12.94
N THR B 287 8.89 -18.53 13.76
CA THR B 287 9.93 -18.11 14.68
C THR B 287 11.05 -19.14 14.70
N SER B 288 12.27 -18.68 14.99
CA SER B 288 13.46 -19.52 14.97
C SER B 288 14.07 -19.70 16.36
N SER B 289 13.31 -19.39 17.41
CA SER B 289 13.82 -19.65 18.76
C SER B 289 14.05 -21.13 18.99
N ALA B 290 13.15 -21.97 18.50
CA ALA B 290 13.29 -23.42 18.62
C ALA B 290 12.39 -24.06 17.56
N VAL B 291 12.63 -25.35 17.32
CA VAL B 291 11.81 -26.13 16.40
C VAL B 291 10.54 -26.55 17.14
N PRO B 292 9.34 -26.21 16.67
CA PRO B 292 8.14 -26.72 17.34
C PRO B 292 8.03 -28.24 17.24
N LEU B 293 7.38 -28.83 18.24
CA LEU B 293 7.20 -30.28 18.26
C LEU B 293 6.40 -30.74 17.05
N ILE B 294 5.37 -29.98 16.69
CA ILE B 294 4.59 -30.30 15.50
C ILE B 294 5.45 -30.14 14.24
N GLY B 295 6.35 -29.16 14.23
CA GLY B 295 7.29 -29.05 13.12
C GLY B 295 8.26 -30.20 13.07
N LYS B 296 8.70 -30.69 14.23
CA LYS B 296 9.54 -31.88 14.26
C LYS B 296 8.82 -33.08 13.68
N TYR B 297 7.54 -33.24 14.03
CA TYR B 297 6.76 -34.36 13.49
C TYR B 297 6.58 -34.22 11.97
N MET B 298 6.34 -33.00 11.50
CA MET B 298 6.22 -32.75 10.08
C MET B 298 7.50 -33.12 9.34
N LEU B 299 8.64 -32.70 9.89
CA LEU B 299 9.93 -33.01 9.25
C LEU B 299 10.19 -34.51 9.26
N PHE B 300 9.90 -35.18 10.38
CA PHE B 300 10.02 -36.62 10.48
C PHE B 300 9.22 -37.32 9.39
N THR B 301 7.94 -36.94 9.27
CA THR B 301 7.07 -37.57 8.28
C THR B 301 7.59 -37.34 6.86
N MET B 302 7.98 -36.11 6.54
CA MET B 302 8.44 -35.80 5.19
C MET B 302 9.71 -36.59 4.87
N VAL B 303 10.65 -36.61 5.81
CA VAL B 303 11.91 -37.32 5.59
C VAL B 303 11.65 -38.80 5.36
N PHE B 304 10.68 -39.38 6.08
CA PHE B 304 10.46 -40.81 5.93
C PHE B 304 9.62 -41.17 4.70
N VAL B 305 8.75 -40.28 4.20
CA VAL B 305 8.20 -40.53 2.87
C VAL B 305 9.30 -40.47 1.82
N ILE B 306 10.24 -39.53 1.95
CA ILE B 306 11.34 -39.46 0.99
C ILE B 306 12.18 -40.74 1.03
N ALA B 307 12.48 -41.21 2.24
CA ALA B 307 13.23 -42.45 2.38
C ALA B 307 12.47 -43.63 1.81
N SER B 308 11.15 -43.69 2.04
CA SER B 308 10.34 -44.75 1.48
C SER B 308 10.37 -44.73 -0.03
N ILE B 309 10.33 -43.54 -0.63
CA ILE B 309 10.39 -43.43 -2.08
C ILE B 309 11.72 -43.93 -2.61
N ILE B 310 12.81 -43.53 -1.95
CA ILE B 310 14.15 -43.97 -2.40
C ILE B 310 14.26 -45.49 -2.33
N ILE B 311 13.85 -46.06 -1.19
CA ILE B 311 13.97 -47.50 -1.01
C ILE B 311 13.01 -48.25 -1.93
N THR B 312 11.85 -47.65 -2.24
CA THR B 312 10.93 -48.29 -3.18
C THR B 312 11.52 -48.31 -4.58
N VAL B 313 12.23 -47.25 -4.97
CA VAL B 313 12.91 -47.25 -6.25
C VAL B 313 13.96 -48.37 -6.28
N ILE B 314 14.70 -48.52 -5.18
CA ILE B 314 15.69 -49.59 -5.11
C ILE B 314 15.02 -50.96 -5.22
N VAL B 315 13.89 -51.14 -4.53
CA VAL B 315 13.20 -52.42 -4.56
C VAL B 315 12.67 -52.72 -5.95
N ILE B 316 12.12 -51.71 -6.63
CA ILE B 316 11.60 -51.91 -7.98
C ILE B 316 12.73 -52.26 -8.93
N ASN B 317 13.89 -51.61 -8.77
CA ASN B 317 15.05 -51.97 -9.58
C ASN B 317 15.48 -53.39 -9.32
N THR B 318 15.43 -53.83 -8.04
CA THR B 318 15.79 -55.21 -7.71
C THR B 318 14.82 -56.19 -8.35
N HIS B 319 13.53 -55.87 -8.36
CA HIS B 319 12.53 -56.80 -8.86
C HIS B 319 12.72 -57.09 -10.35
N HIS B 320 13.16 -56.08 -11.12
CA HIS B 320 13.22 -56.18 -12.57
C HIS B 320 14.54 -56.75 -13.08
N ARG B 321 15.49 -57.08 -12.20
CA ARG B 321 16.76 -57.64 -12.66
C ARG B 321 16.55 -59.01 -13.29
N SER B 322 17.30 -59.26 -14.36
CA SER B 322 17.17 -60.45 -15.18
C SER B 322 18.56 -60.95 -15.55
N PRO B 323 18.70 -62.22 -15.96
CA PRO B 323 20.03 -62.68 -16.40
C PRO B 323 20.58 -61.93 -17.59
N SER B 324 19.70 -61.37 -18.44
CA SER B 324 20.15 -60.60 -19.59
C SER B 324 20.78 -59.26 -19.20
N THR B 325 20.68 -58.85 -17.93
CA THR B 325 21.20 -57.58 -17.46
C THR B 325 22.18 -57.71 -16.31
N HIS B 326 21.92 -58.62 -15.36
CA HIS B 326 22.75 -58.80 -14.18
C HIS B 326 22.88 -60.28 -13.86
N VAL B 327 23.87 -60.59 -13.03
CA VAL B 327 24.12 -61.94 -12.53
C VAL B 327 23.96 -61.89 -11.01
N MET B 328 23.21 -62.83 -10.46
CA MET B 328 22.89 -62.81 -9.04
C MET B 328 24.16 -63.02 -8.23
N PRO B 329 24.56 -62.09 -7.35
CA PRO B 329 25.70 -62.36 -6.47
C PRO B 329 25.36 -63.46 -5.46
N ASN B 330 26.41 -64.16 -5.03
CA ASN B 330 26.22 -65.24 -4.07
C ASN B 330 25.76 -64.70 -2.71
N TRP B 331 26.28 -63.53 -2.30
CA TRP B 331 25.92 -63.01 -0.99
C TRP B 331 24.47 -62.59 -0.92
N VAL B 332 23.92 -62.04 -2.01
CA VAL B 332 22.50 -61.70 -2.05
C VAL B 332 21.66 -62.95 -1.86
N ARG B 333 22.02 -64.02 -2.57
CA ARG B 333 21.32 -65.29 -2.45
C ARG B 333 21.37 -65.81 -1.02
N LYS B 334 22.57 -65.80 -0.42
CA LYS B 334 22.72 -66.34 0.93
C LYS B 334 21.91 -65.52 1.94
N VAL B 335 21.98 -64.20 1.86
CA VAL B 335 21.31 -63.36 2.85
C VAL B 335 19.80 -63.46 2.71
N PHE B 336 19.28 -63.36 1.49
CA PHE B 336 17.85 -63.16 1.29
C PHE B 336 17.07 -64.44 1.02
N ILE B 337 17.66 -65.41 0.33
CA ILE B 337 16.92 -66.64 0.01
C ILE B 337 17.09 -67.71 1.08
N ASP B 338 18.17 -67.68 1.86
CA ASP B 338 18.48 -68.73 2.82
C ASP B 338 18.37 -68.28 4.27
N THR B 339 19.09 -67.23 4.66
CA THR B 339 19.18 -66.91 6.09
C THR B 339 17.89 -66.30 6.62
N ILE B 340 17.36 -65.28 5.93
CA ILE B 340 16.19 -64.56 6.45
C ILE B 340 14.96 -65.46 6.55
N PRO B 341 14.64 -66.31 5.57
CA PRO B 341 13.51 -67.22 5.77
C PRO B 341 13.66 -68.18 6.94
N ASN B 342 14.89 -68.44 7.42
CA ASN B 342 15.07 -69.23 8.62
C ASN B 342 14.65 -68.49 9.89
N ILE B 343 14.41 -67.18 9.80
CA ILE B 343 13.93 -66.38 10.93
C ILE B 343 12.67 -65.63 10.52
N MET B 344 11.89 -66.22 9.60
CA MET B 344 10.66 -65.63 9.09
C MET B 344 9.58 -66.69 9.12
N PHE B 345 8.34 -66.27 9.38
CA PHE B 345 7.21 -67.18 9.22
C PHE B 345 7.12 -67.60 7.76
N PHE B 346 7.15 -68.91 7.51
CA PHE B 346 7.13 -69.40 6.14
C PHE B 346 5.73 -69.29 5.57
N SER B 347 5.57 -68.43 4.55
CA SER B 347 4.31 -68.35 3.82
C SER B 347 4.53 -68.19 2.31
N THR B 348 5.76 -68.30 1.82
CA THR B 348 6.07 -68.02 0.42
C THR B 348 7.11 -69.00 -0.09
N MET B 349 6.93 -69.45 -1.33
CA MET B 349 7.80 -70.45 -1.92
C MET B 349 9.16 -69.86 -2.25
N LYS B 350 10.21 -70.59 -1.94
CA LYS B 350 11.59 -70.13 -2.17
C LYS B 350 12.11 -70.65 -3.51
N LEU B 386 13.10 -90.31 -47.53
CA LEU B 386 12.31 -89.13 -47.28
C LEU B 386 12.96 -88.23 -46.23
N ILE B 387 13.70 -88.85 -45.30
CA ILE B 387 14.43 -88.07 -44.29
C ILE B 387 15.48 -87.19 -44.94
N LYS B 388 16.04 -87.64 -46.07
CA LYS B 388 17.03 -86.84 -46.79
C LYS B 388 16.41 -85.61 -47.46
N HIS B 389 15.08 -85.52 -47.52
CA HIS B 389 14.45 -84.32 -48.05
C HIS B 389 14.81 -83.13 -47.15
N PRO B 390 15.19 -81.97 -47.70
CA PRO B 390 15.63 -80.87 -46.82
C PRO B 390 14.54 -80.37 -45.89
N GLU B 391 13.27 -80.43 -46.32
CA GLU B 391 12.19 -79.90 -45.49
C GLU B 391 12.02 -80.72 -44.20
N VAL B 392 12.17 -82.03 -44.29
CA VAL B 392 12.03 -82.88 -43.10
C VAL B 392 13.12 -82.55 -42.09
N LYS B 393 14.37 -82.48 -42.57
CA LYS B 393 15.48 -82.16 -41.67
C LYS B 393 15.32 -80.76 -41.07
N SER B 394 14.85 -79.81 -41.89
CA SER B 394 14.60 -78.47 -41.37
C SER B 394 13.54 -78.49 -40.28
N ALA B 395 12.49 -79.29 -40.45
CA ALA B 395 11.46 -79.40 -39.43
C ALA B 395 12.01 -80.02 -38.15
N ILE B 396 12.83 -81.07 -38.27
CA ILE B 396 13.40 -81.70 -37.09
C ILE B 396 14.29 -80.72 -36.33
N GLU B 397 15.21 -80.07 -37.04
CA GLU B 397 16.08 -79.09 -36.39
C GLU B 397 15.27 -77.93 -35.83
N GLY B 398 14.15 -77.59 -36.45
CA GLY B 398 13.31 -76.52 -35.94
C GLY B 398 12.64 -76.87 -34.63
N ILE B 399 12.12 -78.10 -34.52
CA ILE B 399 11.52 -78.48 -33.24
C ILE B 399 12.60 -78.59 -32.16
N LYS B 400 13.81 -79.04 -32.53
CA LYS B 400 14.91 -79.01 -31.57
C LYS B 400 15.22 -77.59 -31.11
N TYR B 401 15.24 -76.65 -32.06
CA TYR B 401 15.50 -75.26 -31.73
C TYR B 401 14.42 -74.71 -30.82
N ILE B 402 13.17 -75.07 -31.08
CA ILE B 402 12.07 -74.62 -30.22
C ILE B 402 12.26 -75.16 -28.80
N ALA B 403 12.60 -76.45 -28.68
CA ALA B 403 12.78 -77.04 -27.36
C ALA B 403 13.90 -76.35 -26.59
N GLU B 404 15.04 -76.12 -27.26
CA GLU B 404 16.14 -75.44 -26.60
C GLU B 404 15.77 -74.01 -26.24
N THR B 405 15.01 -73.33 -27.09
CA THR B 405 14.65 -71.95 -26.82
C THR B 405 13.77 -71.84 -25.58
N MET B 406 12.72 -72.68 -25.49
CA MET B 406 11.88 -72.63 -24.30
C MET B 406 12.60 -73.12 -23.06
N LYS B 407 13.57 -74.04 -23.19
CA LYS B 407 14.39 -74.37 -22.03
C LYS B 407 15.20 -73.15 -21.56
N SER B 408 15.77 -72.41 -22.51
CA SER B 408 16.54 -71.22 -22.16
C SER B 408 15.65 -70.17 -21.50
N ASP B 409 14.45 -69.96 -22.03
CA ASP B 409 13.56 -68.97 -21.39
C ASP B 409 13.06 -69.46 -20.03
N GLN B 410 12.92 -70.78 -19.84
CA GLN B 410 12.59 -71.29 -18.52
C GLN B 410 13.70 -70.97 -17.52
N GLU B 411 14.95 -71.18 -17.91
CA GLU B 411 16.07 -70.84 -17.02
C GLU B 411 16.11 -69.35 -16.73
N SER B 412 15.90 -68.53 -17.75
CA SER B 412 15.88 -67.08 -17.56
C SER B 412 14.75 -66.66 -16.62
N ASN B 413 13.58 -67.28 -16.77
CA ASN B 413 12.46 -66.98 -15.89
C ASN B 413 12.77 -67.41 -14.46
N ASN B 414 13.49 -68.52 -14.29
CA ASN B 414 13.86 -68.95 -12.95
C ASN B 414 14.78 -67.93 -12.28
N ALA B 415 15.78 -67.45 -13.00
CA ALA B 415 16.66 -66.42 -12.44
C ALA B 415 15.90 -65.14 -12.13
N ALA B 416 15.01 -64.73 -13.03
CA ALA B 416 14.20 -63.55 -12.78
C ALA B 416 13.32 -63.74 -11.56
N ALA B 417 12.75 -64.94 -11.39
CA ALA B 417 11.94 -65.22 -10.21
C ALA B 417 12.77 -65.18 -8.94
N GLU B 418 14.03 -65.59 -9.01
CA GLU B 418 14.91 -65.44 -7.85
C GLU B 418 15.08 -63.97 -7.49
N TRP B 419 15.31 -63.12 -8.49
CA TRP B 419 15.41 -61.68 -8.21
C TRP B 419 14.11 -61.14 -7.63
N LYS B 420 12.97 -61.58 -8.16
CA LYS B 420 11.68 -61.13 -7.65
C LYS B 420 11.47 -61.56 -6.21
N TYR B 421 11.90 -62.78 -5.87
CA TYR B 421 11.80 -63.26 -4.49
C TYR B 421 12.66 -62.42 -3.56
N VAL B 422 13.86 -62.06 -4.02
CA VAL B 422 14.72 -61.18 -3.20
C VAL B 422 14.03 -59.85 -2.95
N ALA B 423 13.43 -59.27 -4.01
CA ALA B 423 12.73 -58.00 -3.86
C ALA B 423 11.55 -58.13 -2.90
N MET B 424 10.82 -59.25 -2.97
CA MET B 424 9.70 -59.47 -2.08
C MET B 424 10.14 -59.58 -0.63
N VAL B 425 11.24 -60.30 -0.36
CA VAL B 425 11.74 -60.41 1.00
C VAL B 425 12.15 -59.04 1.52
N MET B 426 12.83 -58.26 0.68
CA MET B 426 13.19 -56.89 1.07
C MET B 426 11.94 -56.08 1.39
N ASP B 427 10.89 -56.25 0.58
CA ASP B 427 9.64 -55.50 0.74
C ASP B 427 8.95 -55.85 2.04
N HIS B 428 8.94 -57.12 2.44
CA HIS B 428 8.35 -57.51 3.72
C HIS B 428 9.15 -56.94 4.89
N ILE B 429 10.47 -57.03 4.82
CA ILE B 429 11.31 -56.48 5.88
C ILE B 429 11.07 -54.98 6.01
N LEU B 430 10.98 -54.28 4.89
CA LEU B 430 10.79 -52.83 4.92
C LEU B 430 9.41 -52.46 5.42
N LEU B 431 8.39 -53.26 5.11
CA LEU B 431 7.06 -53.02 5.67
C LEU B 431 7.11 -53.05 7.19
N GLY B 432 7.71 -54.11 7.74
CA GLY B 432 7.84 -54.20 9.19
C GLY B 432 8.62 -53.03 9.77
N VAL B 433 9.76 -52.71 9.14
CA VAL B 433 10.63 -51.65 9.65
C VAL B 433 9.92 -50.31 9.62
N PHE B 434 9.22 -50.01 8.52
CA PHE B 434 8.62 -48.69 8.38
C PHE B 434 7.41 -48.54 9.29
N MET B 435 6.61 -49.60 9.47
CA MET B 435 5.53 -49.51 10.45
C MET B 435 6.07 -49.29 11.86
N LEU B 436 7.13 -50.02 12.22
CA LEU B 436 7.71 -49.84 13.55
C LEU B 436 8.29 -48.45 13.72
N VAL B 437 8.97 -47.93 12.70
CA VAL B 437 9.56 -46.61 12.78
C VAL B 437 8.48 -45.54 12.85
N CYS B 438 7.37 -45.74 12.14
CA CYS B 438 6.25 -44.80 12.24
C CYS B 438 5.73 -44.73 13.67
N ILE B 439 5.48 -45.89 14.28
CA ILE B 439 4.99 -45.90 15.65
C ILE B 439 6.03 -45.29 16.59
N ILE B 440 7.29 -45.66 16.41
CA ILE B 440 8.35 -45.21 17.33
C ILE B 440 8.54 -43.71 17.24
N GLY B 441 8.53 -43.15 16.03
CA GLY B 441 8.66 -41.70 15.89
C GLY B 441 7.45 -40.97 16.44
N THR B 442 6.24 -41.49 16.19
CA THR B 442 5.04 -40.86 16.72
C THR B 442 5.08 -40.81 18.24
N LEU B 443 5.54 -41.90 18.87
CA LEU B 443 5.67 -41.88 20.33
C LEU B 443 6.80 -40.96 20.77
N ALA B 444 7.97 -41.07 20.14
CA ALA B 444 9.14 -40.34 20.61
C ALA B 444 8.97 -38.83 20.50
N VAL B 445 8.12 -38.37 19.57
CA VAL B 445 7.89 -36.94 19.46
C VAL B 445 6.99 -36.44 20.59
N PHE B 446 5.84 -37.08 20.79
CA PHE B 446 4.77 -36.51 21.61
C PHE B 446 4.69 -37.08 23.03
N ALA B 447 5.01 -38.37 23.21
CA ALA B 447 4.69 -39.05 24.46
C ALA B 447 5.39 -38.43 25.66
N GLY B 448 6.58 -37.87 25.47
CA GLY B 448 7.25 -37.23 26.60
C GLY B 448 6.46 -36.09 27.18
N ARG B 449 6.02 -35.16 26.32
CA ARG B 449 5.21 -34.04 26.79
C ARG B 449 3.84 -34.51 27.26
N LEU B 450 3.27 -35.52 26.59
CA LEU B 450 1.97 -36.03 27.02
C LEU B 450 2.04 -36.63 28.42
N ILE B 451 3.10 -37.38 28.71
CA ILE B 451 3.28 -37.96 30.03
C ILE B 451 3.56 -36.88 31.05
N GLU B 452 4.33 -35.85 30.66
CA GLU B 452 4.60 -34.74 31.56
C GLU B 452 3.31 -34.04 31.97
N LEU B 453 2.41 -33.81 31.00
CA LEU B 453 1.12 -33.22 31.32
C LEU B 453 0.27 -34.16 32.16
N ASN B 454 0.28 -35.46 31.83
CA ASN B 454 -0.52 -36.42 32.58
C ASN B 454 -0.02 -36.59 34.01
N GLN B 455 1.27 -36.39 34.26
CA GLN B 455 1.86 -36.52 35.58
C GLN B 455 1.82 -35.21 36.37
N GLN B 456 0.92 -34.29 36.01
CA GLN B 456 0.82 -33.00 36.69
C GLN B 456 -0.64 -32.56 36.75
N SER C 24 15.20 35.94 23.89
CA SER C 24 14.11 35.93 22.88
C SER C 24 12.99 36.91 23.24
N GLU C 25 13.30 37.89 24.09
CA GLU C 25 12.28 38.87 24.46
C GLU C 25 11.92 39.80 23.30
N ALA C 26 12.87 40.07 22.40
CA ALA C 26 12.54 40.81 21.18
C ALA C 26 11.63 39.97 20.29
N GLU C 27 11.92 38.67 20.18
CA GLU C 27 11.04 37.78 19.44
C GLU C 27 9.66 37.72 20.08
N GLY C 28 9.59 37.71 21.41
CA GLY C 28 8.29 37.70 22.06
C GLY C 28 7.48 38.94 21.77
N ARG C 29 8.12 40.11 21.88
CA ARG C 29 7.42 41.36 21.58
C ARG C 29 6.98 41.39 20.13
N LEU C 30 7.84 40.95 19.21
CA LEU C 30 7.49 40.95 17.79
C LEU C 30 6.31 40.02 17.53
N ARG C 31 6.29 38.83 18.14
CA ARG C 31 5.17 37.92 17.96
C ARG C 31 3.87 38.52 18.50
N GLU C 32 3.94 39.12 19.68
CA GLU C 32 2.75 39.73 20.27
C GLU C 32 2.21 40.85 19.39
N LYS C 33 3.10 41.68 18.84
CA LYS C 33 2.65 42.73 17.93
C LYS C 33 2.10 42.14 16.63
N LEU C 34 2.73 41.06 16.14
CA LEU C 34 2.30 40.46 14.88
C LEU C 34 0.87 39.93 14.97
N PHE C 35 0.54 39.27 16.08
CA PHE C 35 -0.75 38.59 16.20
C PHE C 35 -1.78 39.39 16.97
N SER C 36 -1.55 40.69 17.17
CA SER C 36 -2.55 41.56 17.77
C SER C 36 -3.54 41.97 16.68
N GLY C 37 -4.79 41.53 16.80
CA GLY C 37 -5.79 41.81 15.80
C GLY C 37 -5.73 40.93 14.58
N TYR C 38 -4.89 39.91 14.57
CA TYR C 38 -4.73 39.03 13.43
C TYR C 38 -5.77 37.92 13.46
N ASP C 39 -6.36 37.64 12.30
CA ASP C 39 -7.39 36.61 12.13
C ASP C 39 -6.87 35.58 11.13
N SER C 40 -6.58 34.38 11.61
CA SER C 40 -6.03 33.34 10.76
C SER C 40 -7.07 32.65 9.87
N SER C 41 -8.36 32.95 10.06
CA SER C 41 -9.39 32.41 9.18
C SER C 41 -9.68 33.32 7.98
N VAL C 42 -9.18 34.55 7.98
CA VAL C 42 -9.43 35.50 6.90
C VAL C 42 -8.28 35.42 5.91
N ARG C 43 -8.63 35.23 4.63
CA ARG C 43 -7.62 35.19 3.57
C ARG C 43 -6.94 36.55 3.47
N PRO C 44 -5.58 36.61 3.47
CA PRO C 44 -4.93 37.93 3.38
C PRO C 44 -4.95 38.51 1.98
N ALA C 45 -5.88 39.43 1.74
CA ALA C 45 -5.94 40.21 0.51
C ALA C 45 -5.71 41.65 0.90
N ARG C 46 -4.66 42.26 0.36
CA ARG C 46 -4.28 43.66 0.69
C ARG C 46 -5.55 44.53 0.58
N GLU C 47 -6.23 44.50 -0.56
CA GLU C 47 -7.48 45.22 -0.78
C GLU C 47 -8.55 44.22 -1.17
N VAL C 48 -9.81 44.64 -1.02
CA VAL C 48 -10.93 43.81 -1.42
C VAL C 48 -10.87 43.59 -2.93
N GLY C 49 -10.92 42.33 -3.34
CA GLY C 49 -10.78 41.96 -4.73
C GLY C 49 -9.41 41.44 -5.12
N ASP C 50 -8.40 41.63 -4.27
CA ASP C 50 -7.07 41.13 -4.58
C ASP C 50 -7.02 39.62 -4.42
N ARG C 51 -6.21 38.98 -5.25
CA ARG C 51 -5.94 37.55 -5.17
C ARG C 51 -4.69 37.30 -4.33
N VAL C 52 -4.58 36.06 -3.86
CA VAL C 52 -3.39 35.58 -3.17
C VAL C 52 -2.72 34.55 -4.07
N ARG C 53 -1.48 34.82 -4.45
CA ARG C 53 -0.70 33.89 -5.25
C ARG C 53 -0.13 32.82 -4.34
N VAL C 54 -0.40 31.56 -4.66
CA VAL C 54 0.10 30.41 -3.91
C VAL C 54 0.92 29.56 -4.87
N SER C 55 2.22 29.53 -4.67
CA SER C 55 3.12 28.68 -5.44
C SER C 55 3.18 27.30 -4.79
N VAL C 56 2.95 26.27 -5.58
CA VAL C 56 2.83 24.89 -5.11
C VAL C 56 3.93 24.06 -5.76
N GLY C 57 4.71 23.37 -4.92
CA GLY C 57 5.69 22.42 -5.39
C GLY C 57 5.67 21.16 -4.54
N LEU C 58 6.36 20.13 -5.02
CA LEU C 58 6.34 18.83 -4.37
C LEU C 58 7.74 18.24 -4.34
N ILE C 59 8.09 17.62 -3.21
CA ILE C 59 9.31 16.84 -3.05
C ILE C 59 8.88 15.42 -2.71
N LEU C 60 9.38 14.44 -3.45
CA LEU C 60 9.01 13.03 -3.26
C LEU C 60 10.07 12.36 -2.38
N ALA C 61 9.74 12.16 -1.10
CA ALA C 61 10.68 11.48 -0.21
C ALA C 61 10.68 9.98 -0.45
N GLN C 62 9.52 9.39 -0.75
CA GLN C 62 9.44 7.95 -0.96
C GLN C 62 8.20 7.64 -1.78
N LEU C 63 8.37 6.82 -2.81
CA LEU C 63 7.25 6.19 -3.52
C LEU C 63 6.95 4.89 -2.77
N ILE C 64 5.99 4.94 -1.86
CA ILE C 64 5.76 3.81 -0.96
C ILE C 64 5.28 2.59 -1.75
N SER C 65 4.26 2.75 -2.57
CA SER C 65 3.76 1.61 -3.34
C SER C 65 2.74 2.09 -4.37
N LEU C 66 2.32 1.15 -5.23
CA LEU C 66 1.17 1.32 -6.10
C LEU C 66 0.34 0.04 -6.01
N ASN C 67 -0.68 0.05 -5.16
CA ASN C 67 -1.56 -1.09 -4.99
C ASN C 67 -2.49 -1.21 -6.19
N GLU C 68 -2.32 -2.29 -6.95
CA GLU C 68 -3.16 -2.52 -8.13
C GLU C 68 -4.56 -3.01 -7.74
N LYS C 69 -4.66 -3.82 -6.68
CA LYS C 69 -5.95 -4.32 -6.24
C LYS C 69 -6.87 -3.16 -5.84
N ASP C 70 -6.35 -2.23 -5.04
CA ASP C 70 -7.08 -1.04 -4.63
C ASP C 70 -6.92 0.12 -5.61
N GLU C 71 -6.01 0.01 -6.58
CA GLU C 71 -5.77 1.06 -7.58
C GLU C 71 -5.44 2.39 -6.92
N GLU C 72 -4.45 2.38 -6.04
CA GLU C 72 -4.03 3.60 -5.34
C GLU C 72 -2.52 3.65 -5.19
N MET C 73 -1.97 4.84 -5.39
CA MET C 73 -0.55 5.09 -5.23
C MET C 73 -0.32 5.69 -3.84
N SER C 74 0.54 5.05 -3.05
CA SER C 74 0.93 5.54 -1.74
C SER C 74 2.30 6.19 -1.87
N THR C 75 2.40 7.45 -1.44
CA THR C 75 3.64 8.22 -1.49
C THR C 75 3.85 8.96 -0.19
N LYS C 76 5.12 9.24 0.11
CA LYS C 76 5.53 10.16 1.15
C LYS C 76 6.18 11.36 0.50
N VAL C 77 5.69 12.56 0.83
CA VAL C 77 6.11 13.78 0.17
C VAL C 77 6.28 14.90 1.19
N TYR C 78 6.97 15.94 0.76
CA TYR C 78 6.94 17.25 1.40
C TYR C 78 6.33 18.22 0.40
N LEU C 79 5.23 18.86 0.80
CA LEU C 79 4.72 19.96 0.01
C LEU C 79 5.68 21.13 0.11
N ASP C 80 5.54 22.08 -0.81
CA ASP C 80 6.33 23.32 -0.79
C ASP C 80 5.37 24.42 -1.22
N LEU C 81 4.74 25.04 -0.24
CA LEU C 81 3.75 26.10 -0.47
C LEU C 81 4.37 27.43 -0.11
N GLU C 82 4.21 28.40 -1.00
CA GLU C 82 4.73 29.75 -0.79
C GLU C 82 3.64 30.77 -1.11
N TRP C 83 3.50 31.76 -0.25
CA TRP C 83 2.56 32.85 -0.52
C TRP C 83 3.02 34.09 0.23
N THR C 84 2.21 35.15 0.19
CA THR C 84 2.50 36.39 0.88
C THR C 84 1.30 36.74 1.77
N ASP C 85 1.58 37.01 3.04
CA ASP C 85 0.59 37.50 4.00
C ASP C 85 1.07 38.88 4.43
N TYR C 86 0.43 39.92 3.87
CA TYR C 86 0.88 41.29 4.13
C TYR C 86 0.80 41.64 5.61
N ARG C 87 -0.12 41.01 6.35
CA ARG C 87 -0.28 41.32 7.76
C ARG C 87 0.94 40.91 8.60
N LEU C 88 1.76 40.00 8.09
CA LEU C 88 2.89 39.44 8.82
C LEU C 88 4.21 40.06 8.39
N SER C 89 4.22 41.36 8.13
CA SER C 89 5.41 42.10 7.73
C SER C 89 5.82 43.06 8.84
N TRP C 90 7.13 43.23 9.01
CA TRP C 90 7.67 44.11 10.03
C TRP C 90 9.00 44.67 9.55
N ASP C 91 9.42 45.76 10.17
CA ASP C 91 10.73 46.33 9.92
C ASP C 91 11.75 45.67 10.85
N PRO C 92 12.76 44.95 10.33
CA PRO C 92 13.74 44.34 11.25
C PRO C 92 14.51 45.34 12.09
N ALA C 93 14.68 46.58 11.60
CA ALA C 93 15.40 47.59 12.36
C ALA C 93 14.71 47.92 13.68
N GLU C 94 13.38 47.79 13.73
CA GLU C 94 12.62 48.09 14.92
C GLU C 94 12.48 46.89 15.87
N HIS C 95 13.02 45.73 15.49
CA HIS C 95 12.84 44.50 16.27
C HIS C 95 14.16 43.74 16.36
N ASP C 96 15.24 44.48 16.65
CA ASP C 96 16.55 43.90 16.90
C ASP C 96 17.09 43.13 15.69
N GLY C 97 16.74 43.59 14.49
CA GLY C 97 17.27 42.97 13.29
C GLY C 97 16.73 41.59 12.98
N ILE C 98 15.61 41.20 13.58
CA ILE C 98 15.02 39.90 13.30
C ILE C 98 14.47 39.91 11.88
N ASP C 99 15.05 39.07 11.02
CA ASP C 99 14.68 39.04 9.61
C ASP C 99 13.61 38.00 9.29
N SER C 100 13.45 36.98 10.12
CA SER C 100 12.49 35.92 9.85
C SER C 100 12.06 35.27 11.16
N LEU C 101 10.95 34.54 11.09
CA LEU C 101 10.38 33.86 12.24
C LEU C 101 9.90 32.47 11.82
N ARG C 102 9.88 31.56 12.79
CA ARG C 102 9.32 30.22 12.61
C ARG C 102 8.11 30.11 13.53
N ILE C 103 6.92 29.97 12.93
CA ILE C 103 5.66 30.10 13.63
C ILE C 103 4.83 28.85 13.39
N THR C 104 4.14 28.38 14.43
CA THR C 104 3.24 27.23 14.28
C THR C 104 2.21 27.51 13.20
N ALA C 105 1.99 26.52 12.33
CA ALA C 105 1.16 26.74 11.14
C ALA C 105 -0.28 27.07 11.51
N GLU C 106 -0.77 26.58 12.64
CA GLU C 106 -2.13 26.89 13.06
C GLU C 106 -2.30 28.35 13.43
N SER C 107 -1.22 29.08 13.72
CA SER C 107 -1.34 30.47 14.15
C SER C 107 -1.68 31.40 13.00
N VAL C 108 -1.28 31.06 11.78
CA VAL C 108 -1.42 31.94 10.62
C VAL C 108 -2.44 31.36 9.66
N TRP C 109 -2.90 32.22 8.74
CA TRP C 109 -3.74 31.75 7.66
C TRP C 109 -2.95 30.81 6.75
N LEU C 110 -3.59 29.72 6.36
CA LEU C 110 -3.02 28.76 5.44
C LEU C 110 -3.93 28.64 4.22
N PRO C 111 -3.39 28.47 3.02
CA PRO C 111 -4.26 28.14 1.88
C PRO C 111 -4.72 26.70 2.03
N ASP C 112 -6.01 26.48 1.80
CA ASP C 112 -6.61 25.16 2.05
C ASP C 112 -6.30 24.20 0.91
N VAL C 113 -5.00 24.02 0.65
CA VAL C 113 -4.53 23.21 -0.46
C VAL C 113 -4.57 21.74 -0.03
N VAL C 114 -5.30 20.93 -0.79
CA VAL C 114 -5.53 19.53 -0.47
C VAL C 114 -5.32 18.71 -1.74
N LEU C 115 -5.08 17.42 -1.52
CA LEU C 115 -5.06 16.45 -2.60
C LEU C 115 -6.49 16.10 -2.95
N LEU C 116 -6.97 16.60 -4.08
CA LEU C 116 -8.36 16.38 -4.46
C LEU C 116 -8.62 14.92 -4.81
N ASN C 117 -7.66 14.25 -5.42
CA ASN C 117 -7.83 12.88 -5.92
C ASN C 117 -7.31 11.85 -4.93
N ASN C 118 -7.41 12.12 -3.64
CA ASN C 118 -7.09 11.11 -2.64
C ASN C 118 -8.10 9.96 -2.72
N ASN C 119 -7.65 8.78 -2.32
CA ASN C 119 -8.43 7.55 -2.45
C ASN C 119 -8.96 7.02 -1.13
N ASP C 120 -8.50 7.55 0.01
CA ASP C 120 -8.89 7.06 1.33
C ASP C 120 -9.70 8.06 2.14
N GLY C 121 -10.05 9.21 1.57
CA GLY C 121 -10.76 10.24 2.28
C GLY C 121 -9.91 11.22 3.05
N ASN C 122 -8.58 11.04 3.04
CA ASN C 122 -7.66 11.93 3.74
C ASN C 122 -7.22 13.03 2.78
N PHE C 123 -7.58 14.27 3.08
CA PHE C 123 -7.26 15.42 2.24
C PHE C 123 -6.01 16.18 2.71
N ASP C 124 -5.66 16.09 3.99
CA ASP C 124 -4.76 17.04 4.62
C ASP C 124 -3.35 16.50 4.75
N VAL C 125 -2.45 17.35 5.27
CA VAL C 125 -1.01 17.01 5.45
C VAL C 125 -0.86 16.14 6.70
N ALA C 126 0.27 15.43 6.85
CA ALA C 126 0.51 14.51 7.98
C ALA C 126 0.79 15.29 9.27
N LEU C 127 1.57 16.36 9.20
CA LEU C 127 1.94 17.18 10.38
C LEU C 127 1.95 18.64 9.95
N ASP C 128 1.38 19.55 10.73
CA ASP C 128 1.26 20.98 10.35
C ASP C 128 2.58 21.71 10.64
N ILE C 129 3.51 21.08 11.35
CA ILE C 129 4.87 21.65 11.62
C ILE C 129 4.90 23.15 11.90
N SER C 130 5.64 23.95 11.16
CA SER C 130 5.74 25.42 11.35
C SER C 130 5.99 26.08 10.00
N VAL C 131 5.58 27.33 9.85
CA VAL C 131 5.78 28.13 8.61
C VAL C 131 6.93 29.10 8.84
N VAL C 132 7.75 29.40 7.86
CA VAL C 132 8.83 30.38 7.93
C VAL C 132 8.30 31.67 7.32
N VAL C 133 8.28 32.74 8.11
CA VAL C 133 7.75 34.04 7.71
C VAL C 133 8.90 35.01 7.63
N SER C 134 9.07 35.66 6.49
CA SER C 134 10.05 36.71 6.31
C SER C 134 9.48 38.05 6.73
N SER C 135 10.36 39.03 6.91
CA SER C 135 9.93 40.35 7.35
C SER C 135 9.08 41.07 6.31
N ASP C 136 9.12 40.65 5.05
CA ASP C 136 8.27 41.21 4.01
C ASP C 136 6.94 40.50 3.88
N GLY C 137 6.59 39.64 4.83
CA GLY C 137 5.34 38.91 4.80
C GLY C 137 5.35 37.65 3.96
N SER C 138 6.46 37.31 3.32
CA SER C 138 6.54 36.07 2.56
C SER C 138 6.50 34.88 3.52
N VAL C 139 5.64 33.92 3.22
CA VAL C 139 5.44 32.73 4.04
C VAL C 139 5.80 31.52 3.20
N ARG C 140 6.63 30.65 3.76
CA ARG C 140 6.98 29.37 3.16
C ARG C 140 6.64 28.26 4.14
N TRP C 141 5.91 27.26 3.65
CA TRP C 141 5.43 26.13 4.46
C TRP C 141 5.77 24.85 3.73
N GLN C 142 6.40 23.92 4.43
CA GLN C 142 6.86 22.65 3.83
C GLN C 142 6.40 21.49 4.70
N PRO C 143 5.10 21.24 4.80
CA PRO C 143 4.60 20.17 5.67
C PRO C 143 4.85 18.81 5.05
N PRO C 144 5.04 17.77 5.86
CA PRO C 144 5.07 16.41 5.30
C PRO C 144 3.67 15.89 5.01
N GLY C 145 3.63 14.84 4.19
CA GLY C 145 2.37 14.22 3.86
C GLY C 145 2.50 12.80 3.35
N ILE C 146 1.67 11.90 3.88
CA ILE C 146 1.55 10.53 3.37
C ILE C 146 0.22 10.46 2.66
N TYR C 147 0.27 10.29 1.34
CA TYR C 147 -0.88 10.45 0.46
C TYR C 147 -1.16 9.14 -0.26
N ARG C 148 -2.44 8.75 -0.26
CA ARG C 148 -2.95 7.62 -1.03
C ARG C 148 -3.85 8.22 -2.11
N SER C 149 -3.34 8.28 -3.33
CA SER C 149 -4.01 8.95 -4.45
C SER C 149 -4.61 7.93 -5.40
N SER C 150 -5.76 8.25 -5.97
CA SER C 150 -6.42 7.36 -6.92
C SER C 150 -5.62 7.31 -8.22
N CYS C 151 -5.42 6.10 -8.73
CA CYS C 151 -4.68 5.90 -9.97
C CYS C 151 -5.34 4.75 -10.73
N SER C 152 -5.96 5.06 -11.86
CA SER C 152 -6.53 4.02 -12.72
C SER C 152 -5.40 3.24 -13.38
N ILE C 153 -5.39 1.93 -13.17
CA ILE C 153 -4.29 1.08 -13.62
C ILE C 153 -4.58 0.66 -15.06
N GLN C 154 -3.62 0.91 -15.95
CA GLN C 154 -3.65 0.37 -17.30
C GLN C 154 -3.18 -1.07 -17.20
N VAL C 155 -4.13 -2.01 -17.14
CA VAL C 155 -3.81 -3.40 -16.85
C VAL C 155 -3.43 -4.20 -18.08
N THR C 156 -3.43 -3.61 -19.27
CA THR C 156 -3.32 -4.38 -20.51
C THR C 156 -1.99 -5.12 -20.59
N TYR C 157 -0.89 -4.46 -20.21
CA TYR C 157 0.45 -5.01 -20.34
C TYR C 157 1.07 -5.40 -19.00
N PHE C 158 0.26 -5.61 -17.97
CA PHE C 158 0.79 -6.05 -16.69
C PHE C 158 1.42 -7.43 -16.84
N PRO C 159 2.59 -7.70 -16.22
CA PRO C 159 3.45 -6.85 -15.37
C PRO C 159 4.49 -6.06 -16.15
N PHE C 160 4.49 -6.10 -17.48
CA PHE C 160 5.42 -5.30 -18.29
C PHE C 160 4.81 -3.96 -18.66
N ASP C 161 4.27 -3.27 -17.67
CA ASP C 161 3.44 -2.09 -17.87
C ASP C 161 4.12 -0.85 -17.31
N TRP C 162 3.64 0.29 -17.77
CA TRP C 162 3.93 1.59 -17.18
C TRP C 162 2.61 2.24 -16.80
N GLN C 163 2.63 2.99 -15.70
CA GLN C 163 1.43 3.63 -15.14
C GLN C 163 1.60 5.13 -15.19
N ASN C 164 0.50 5.89 -15.12
CA ASN C 164 0.50 7.36 -15.18
C ASN C 164 -0.31 7.81 -13.96
N CYS C 165 0.32 7.96 -12.79
CA CYS C 165 -0.38 8.27 -11.53
C CYS C 165 -0.25 9.76 -11.20
N THR C 166 -1.37 10.48 -11.05
CA THR C 166 -1.37 11.92 -10.85
C THR C 166 -1.74 12.25 -9.42
N MET C 167 -1.15 13.35 -8.92
CA MET C 167 -1.46 13.92 -7.63
C MET C 167 -2.00 15.32 -7.91
N VAL C 168 -3.31 15.50 -7.72
CA VAL C 168 -3.99 16.74 -8.06
C VAL C 168 -4.15 17.54 -6.79
N PHE C 169 -3.47 18.68 -6.71
CA PHE C 169 -3.50 19.55 -5.56
C PHE C 169 -4.25 20.84 -5.91
N SER C 170 -5.10 21.28 -4.99
CA SER C 170 -5.84 22.50 -5.24
C SER C 170 -6.48 22.97 -3.94
N SER C 171 -6.85 24.24 -3.91
CA SER C 171 -7.64 24.74 -2.80
C SER C 171 -8.99 24.05 -2.80
N TYR C 172 -9.49 23.73 -1.60
CA TYR C 172 -10.80 23.08 -1.54
C TYR C 172 -11.95 24.07 -1.60
N SER C 173 -11.76 25.26 -1.03
CA SER C 173 -12.82 26.26 -0.90
C SER C 173 -12.63 27.47 -1.81
N TYR C 174 -11.45 28.09 -1.78
CA TYR C 174 -11.24 29.34 -2.50
C TYR C 174 -11.25 29.12 -4.00
N ASP C 175 -11.89 30.04 -4.73
CA ASP C 175 -11.94 30.00 -6.18
C ASP C 175 -10.73 30.72 -6.76
N SER C 176 -10.64 30.74 -8.09
CA SER C 176 -9.49 31.34 -8.76
C SER C 176 -9.42 32.84 -8.54
N SER C 177 -10.57 33.49 -8.33
CA SER C 177 -10.58 34.92 -8.05
C SER C 177 -10.08 35.26 -6.65
N GLU C 178 -9.88 34.26 -5.78
CA GLU C 178 -9.39 34.47 -4.42
C GLU C 178 -7.97 33.96 -4.22
N VAL C 179 -7.67 32.74 -4.68
CA VAL C 179 -6.36 32.14 -4.58
C VAL C 179 -5.95 31.67 -5.97
N SER C 180 -4.83 32.20 -6.46
CA SER C 180 -4.29 31.82 -7.77
C SER C 180 -3.10 30.90 -7.56
N LEU C 181 -3.15 29.72 -8.17
CA LEU C 181 -2.12 28.71 -8.00
C LEU C 181 -1.06 28.84 -9.09
N GLN C 182 0.18 28.54 -8.72
CA GLN C 182 1.31 28.48 -9.63
C GLN C 182 2.15 27.27 -9.29
N THR C 183 2.91 26.77 -10.27
CA THR C 183 3.84 25.64 -10.05
C THR C 183 5.07 26.22 -9.36
N GLY C 184 5.71 25.47 -8.47
CA GLY C 184 6.86 25.97 -7.69
C GLY C 184 8.16 25.77 -8.43
N LEU C 185 8.88 26.86 -8.70
CA LEU C 185 10.20 26.81 -9.40
C LEU C 185 10.98 28.07 -9.05
N GLY C 186 12.20 27.92 -8.52
CA GLY C 186 13.06 29.06 -8.14
C GLY C 186 14.11 29.35 -9.19
N GLY C 191 14.86 26.72 -11.06
CA GLY C 191 13.47 26.33 -10.95
C GLY C 191 13.01 25.46 -12.11
N HIS C 192 12.24 24.42 -11.79
CA HIS C 192 11.77 23.47 -12.79
C HIS C 192 10.34 23.06 -12.47
N GLN C 193 9.58 22.75 -13.52
CA GLN C 193 8.19 22.31 -13.37
C GLN C 193 8.17 20.78 -13.24
N GLU C 194 8.62 20.31 -12.09
CA GLU C 194 8.81 18.88 -11.86
C GLU C 194 8.68 18.57 -10.38
N ILE C 195 8.46 17.29 -10.08
CA ILE C 195 8.61 16.82 -8.72
C ILE C 195 10.08 16.77 -8.37
N HIS C 196 10.46 17.41 -7.27
CA HIS C 196 11.85 17.39 -6.84
C HIS C 196 12.17 16.07 -6.16
N ILE C 197 13.29 15.47 -6.56
CA ILE C 197 13.79 14.24 -5.94
C ILE C 197 15.25 14.47 -5.59
N HIS C 198 15.57 14.40 -4.29
CA HIS C 198 16.95 14.53 -3.85
C HIS C 198 17.70 13.23 -4.15
N GLU C 199 18.83 13.36 -4.84
CA GLU C 199 19.52 12.17 -5.34
C GLU C 199 20.03 11.31 -4.19
N GLY C 200 20.67 11.92 -3.20
CA GLY C 200 21.31 11.15 -2.14
C GLY C 200 20.31 10.45 -1.24
N THR C 201 19.24 11.13 -0.85
CA THR C 201 18.36 10.69 0.23
C THR C 201 17.07 10.05 -0.24
N PHE C 202 16.84 9.92 -1.55
CA PHE C 202 15.57 9.39 -2.03
C PHE C 202 15.50 7.89 -1.81
N ILE C 203 14.38 7.43 -1.25
CA ILE C 203 14.14 6.01 -1.01
C ILE C 203 13.57 5.43 -2.30
N GLU C 204 14.43 4.80 -3.10
CA GLU C 204 14.02 4.27 -4.39
C GLU C 204 13.18 3.02 -4.21
N ASN C 205 12.14 2.89 -5.02
CA ASN C 205 11.24 1.75 -4.95
C ASN C 205 11.83 0.57 -5.71
N GLY C 206 11.78 -0.62 -5.11
CA GLY C 206 12.33 -1.81 -5.73
C GLY C 206 11.51 -2.40 -6.85
N GLN C 207 10.29 -1.90 -7.05
CA GLN C 207 9.41 -2.40 -8.09
C GLN C 207 9.08 -1.37 -9.18
N TRP C 208 9.50 -0.11 -9.03
CA TRP C 208 9.10 0.96 -9.92
C TRP C 208 10.28 1.87 -10.24
N GLU C 209 10.39 2.24 -11.51
CA GLU C 209 11.38 3.20 -11.99
C GLU C 209 10.63 4.44 -12.48
N ILE C 210 11.06 5.61 -12.04
CA ILE C 210 10.41 6.87 -12.39
C ILE C 210 10.96 7.36 -13.72
N ILE C 211 10.10 7.35 -14.76
CA ILE C 211 10.53 7.78 -16.09
C ILE C 211 10.41 9.29 -16.22
N HIS C 212 9.23 9.84 -15.91
CA HIS C 212 8.96 11.26 -15.99
C HIS C 212 8.27 11.71 -14.71
N LYS C 213 8.53 12.96 -14.34
CA LYS C 213 7.92 13.53 -13.14
C LYS C 213 7.64 15.03 -13.30
N PRO C 214 6.82 15.42 -14.29
CA PRO C 214 6.53 16.85 -14.47
C PRO C 214 5.40 17.32 -13.55
N SER C 215 5.24 18.65 -13.52
CA SER C 215 4.14 19.30 -12.85
C SER C 215 3.54 20.33 -13.79
N ARG C 216 2.22 20.49 -13.70
CA ARG C 216 1.48 21.40 -14.58
C ARG C 216 0.45 22.17 -13.80
N LEU C 217 0.17 23.39 -14.27
CA LEU C 217 -0.93 24.21 -13.79
C LEU C 217 -2.08 24.06 -14.77
N ILE C 218 -3.23 23.59 -14.28
CA ILE C 218 -4.43 23.39 -15.08
C ILE C 218 -5.38 24.53 -14.77
N GLN C 219 -5.65 25.36 -15.77
CA GLN C 219 -6.57 26.47 -15.64
C GLN C 219 -8.01 25.99 -15.76
N PRO C 220 -8.99 26.74 -15.26
CA PRO C 220 -10.38 26.37 -15.48
C PRO C 220 -10.74 26.50 -16.95
N PRO C 221 -11.75 25.76 -17.44
CA PRO C 221 -12.11 25.87 -18.85
C PRO C 221 -12.78 27.19 -19.18
N GLY C 222 -12.07 28.09 -19.85
CA GLY C 222 -12.59 29.40 -20.19
C GLY C 222 -11.49 30.40 -20.48
N GLU C 229 -16.06 32.79 -11.00
CA GLU C 229 -17.29 32.46 -10.31
C GLU C 229 -17.36 30.97 -10.00
N GLY C 230 -16.62 30.54 -8.97
CA GLY C 230 -16.59 29.16 -8.56
C GLY C 230 -15.60 28.29 -9.30
N GLN C 231 -14.92 28.82 -10.32
CA GLN C 231 -13.91 28.06 -11.04
C GLN C 231 -12.60 28.04 -10.27
N ARG C 232 -11.87 26.92 -10.39
CA ARG C 232 -10.68 26.69 -9.59
C ARG C 232 -9.58 26.07 -10.44
N GLN C 233 -8.36 26.54 -10.22
CA GLN C 233 -7.18 25.98 -10.86
C GLN C 233 -6.74 24.70 -10.13
N GLU C 234 -5.81 23.98 -10.76
CA GLU C 234 -5.21 22.79 -10.15
C GLU C 234 -3.73 22.80 -10.45
N VAL C 235 -2.96 22.17 -9.57
CA VAL C 235 -1.56 21.86 -9.80
C VAL C 235 -1.45 20.35 -9.76
N ILE C 236 -1.13 19.74 -10.89
CA ILE C 236 -1.08 18.28 -11.02
C ILE C 236 0.38 17.89 -11.13
N PHE C 237 0.80 16.99 -10.23
CA PHE C 237 2.11 16.36 -10.29
C PHE C 237 1.96 14.96 -10.85
N TYR C 238 2.57 14.72 -12.00
CA TYR C 238 2.44 13.45 -12.71
C TYR C 238 3.63 12.58 -12.38
N LEU C 239 3.38 11.28 -12.22
CA LEU C 239 4.42 10.28 -12.04
C LEU C 239 4.18 9.17 -13.05
N ILE C 240 5.01 9.13 -14.09
CA ILE C 240 5.01 8.03 -15.03
C ILE C 240 6.07 7.05 -14.56
N ILE C 241 5.65 5.83 -14.27
CA ILE C 241 6.49 4.84 -13.59
C ILE C 241 6.40 3.52 -14.33
N ARG C 242 7.55 2.89 -14.54
CA ARG C 242 7.65 1.61 -15.21
C ARG C 242 7.91 0.52 -14.19
N ARG C 243 7.12 -0.55 -14.22
CA ARG C 243 7.34 -1.68 -13.34
C ARG C 243 8.59 -2.43 -13.75
N LYS C 244 9.28 -3.00 -12.76
CA LYS C 244 10.46 -3.82 -12.98
C LYS C 244 10.06 -5.29 -12.80
N PRO C 245 9.87 -6.07 -13.90
CA PRO C 245 9.10 -7.32 -13.79
C PRO C 245 9.89 -8.59 -13.46
N LEU C 246 11.11 -8.45 -12.90
CA LEU C 246 11.97 -9.61 -12.69
C LEU C 246 11.28 -10.70 -11.87
N PHE C 247 10.50 -10.31 -10.86
CA PHE C 247 9.80 -11.28 -10.02
C PHE C 247 8.88 -12.15 -10.85
N TYR C 248 8.13 -11.56 -11.78
CA TYR C 248 7.17 -12.33 -12.56
C TYR C 248 7.86 -13.13 -13.65
N LEU C 249 8.99 -12.66 -14.16
CA LEU C 249 9.78 -13.48 -15.07
C LEU C 249 10.27 -14.74 -14.38
N VAL C 250 10.76 -14.61 -13.14
CA VAL C 250 11.29 -15.75 -12.43
C VAL C 250 10.18 -16.70 -12.01
N ASN C 251 9.07 -16.16 -11.49
CA ASN C 251 8.09 -16.97 -10.78
C ASN C 251 6.94 -17.46 -11.65
N VAL C 252 6.73 -16.87 -12.82
CA VAL C 252 5.57 -17.21 -13.65
C VAL C 252 6.02 -17.59 -15.06
N ILE C 253 6.78 -16.72 -15.72
CA ILE C 253 7.03 -16.88 -17.15
C ILE C 253 7.91 -18.10 -17.41
N ALA C 254 9.01 -18.23 -16.66
CA ALA C 254 9.90 -19.37 -16.85
C ALA C 254 9.21 -20.71 -16.55
N PRO C 255 8.46 -20.87 -15.46
CA PRO C 255 7.67 -22.10 -15.30
C PRO C 255 6.71 -22.36 -16.43
N CYS C 256 6.06 -21.33 -16.96
CA CYS C 256 5.14 -21.54 -18.07
C CYS C 256 5.89 -22.05 -19.30
N ILE C 257 7.07 -21.49 -19.57
CA ILE C 257 7.87 -21.95 -20.70
C ILE C 257 8.28 -23.41 -20.50
N LEU C 258 8.71 -23.76 -19.29
CA LEU C 258 9.12 -25.15 -19.03
C LEU C 258 7.96 -26.12 -19.19
N ILE C 259 6.79 -25.76 -18.63
CA ILE C 259 5.61 -26.61 -18.75
C ILE C 259 5.21 -26.75 -20.21
N THR C 260 5.32 -25.67 -20.98
CA THR C 260 5.00 -25.72 -22.40
C THR C 260 5.95 -26.66 -23.14
N LEU C 261 7.23 -26.62 -22.78
CA LEU C 261 8.21 -27.53 -23.39
C LEU C 261 7.83 -28.98 -23.09
N LEU C 262 7.44 -29.27 -21.85
CA LEU C 262 7.02 -30.63 -21.52
C LEU C 262 5.78 -31.03 -22.31
N ALA C 263 4.83 -30.10 -22.47
CA ALA C 263 3.64 -30.40 -23.26
C ALA C 263 4.00 -30.73 -24.71
N ILE C 264 4.99 -30.03 -25.26
CA ILE C 264 5.47 -30.39 -26.59
C ILE C 264 6.07 -31.80 -26.57
N PHE C 265 6.90 -32.08 -25.57
CA PHE C 265 7.60 -33.36 -25.54
C PHE C 265 6.71 -34.54 -25.24
N VAL C 266 5.46 -34.32 -24.85
CA VAL C 266 4.52 -35.43 -24.70
C VAL C 266 4.40 -36.21 -26.02
N PHE C 267 4.40 -35.50 -27.15
CA PHE C 267 4.18 -36.15 -28.43
C PHE C 267 5.34 -37.03 -28.89
N TYR C 268 6.50 -36.93 -28.25
CA TYR C 268 7.60 -37.86 -28.48
C TYR C 268 7.53 -39.10 -27.59
N LEU C 269 6.65 -39.12 -26.60
CA LEU C 269 6.53 -40.26 -25.71
C LEU C 269 5.83 -41.40 -26.44
N PRO C 270 6.35 -42.63 -26.41
CA PRO C 270 5.71 -43.70 -27.17
C PRO C 270 4.39 -44.08 -26.55
N PRO C 271 3.39 -44.48 -27.35
CA PRO C 271 2.11 -44.91 -26.74
C PRO C 271 2.23 -46.10 -25.81
N ASP C 272 3.14 -47.03 -26.09
CA ASP C 272 3.25 -48.24 -25.28
C ASP C 272 3.70 -47.96 -23.86
N ALA C 273 4.34 -46.81 -23.61
CA ALA C 273 4.79 -46.50 -22.26
C ALA C 273 3.62 -46.29 -21.30
N GLY C 274 2.46 -45.90 -21.81
CA GLY C 274 1.31 -45.66 -20.96
C GLY C 274 1.51 -44.51 -19.99
N GLU C 275 2.09 -43.40 -20.47
CA GLU C 275 2.42 -42.27 -19.61
C GLU C 275 2.05 -40.91 -20.20
N LYS C 276 1.47 -40.87 -21.41
CA LYS C 276 1.15 -39.59 -22.05
C LYS C 276 0.13 -38.80 -21.24
N MET C 277 -0.91 -39.46 -20.76
CA MET C 277 -1.94 -38.80 -19.97
C MET C 277 -1.36 -38.24 -18.69
N GLY C 278 -0.53 -39.03 -18.00
CA GLY C 278 0.06 -38.56 -16.76
C GLY C 278 0.82 -37.27 -16.93
N LEU C 279 1.74 -37.23 -17.90
CA LEU C 279 2.55 -36.04 -18.11
C LEU C 279 1.70 -34.84 -18.52
N SER C 280 0.84 -35.01 -19.53
CA SER C 280 0.05 -33.88 -20.01
C SER C 280 -0.88 -33.32 -18.94
N ILE C 281 -1.59 -34.19 -18.23
CA ILE C 281 -2.58 -33.71 -17.29
C ILE C 281 -1.91 -33.16 -16.03
N PHE C 282 -0.75 -33.69 -15.63
CA PHE C 282 -0.08 -33.10 -14.48
C PHE C 282 0.55 -31.77 -14.85
N ALA C 283 0.90 -31.58 -16.13
CA ALA C 283 1.29 -30.26 -16.60
C ALA C 283 0.12 -29.27 -16.47
N LEU C 284 -1.08 -29.73 -16.80
CA LEU C 284 -2.27 -28.88 -16.60
C LEU C 284 -2.45 -28.55 -15.13
N LEU C 285 -2.24 -29.53 -14.25
CA LEU C 285 -2.38 -29.30 -12.81
C LEU C 285 -1.36 -28.27 -12.32
N THR C 286 -0.11 -28.34 -12.82
CA THR C 286 0.90 -27.35 -12.46
C THR C 286 0.48 -25.96 -12.93
N LEU C 287 -0.08 -25.86 -14.14
CA LEU C 287 -0.57 -24.57 -14.61
C LEU C 287 -1.68 -24.04 -13.71
N THR C 288 -2.55 -24.93 -13.22
CA THR C 288 -3.58 -24.49 -12.27
C THR C 288 -2.95 -23.92 -11.00
N VAL C 289 -1.89 -24.58 -10.51
CA VAL C 289 -1.20 -24.07 -9.33
C VAL C 289 -0.65 -22.67 -9.60
N PHE C 290 -0.15 -22.44 -10.82
CA PHE C 290 0.38 -21.11 -11.12
C PHE C 290 -0.73 -20.08 -11.31
N LEU C 291 -1.91 -20.51 -11.76
CA LEU C 291 -3.05 -19.60 -11.74
C LEU C 291 -3.37 -19.17 -10.31
N LEU C 292 -3.32 -20.13 -9.37
CA LEU C 292 -3.52 -19.79 -7.97
C LEU C 292 -2.43 -18.82 -7.49
N LEU C 293 -1.20 -19.01 -7.95
CA LEU C 293 -0.13 -18.07 -7.61
C LEU C 293 -0.45 -16.67 -8.11
N LEU C 294 -0.93 -16.55 -9.35
CA LEU C 294 -1.20 -15.23 -9.93
C LEU C 294 -2.44 -14.57 -9.36
N ALA C 295 -3.38 -15.36 -8.79
CA ALA C 295 -4.62 -14.79 -8.31
C ALA C 295 -4.40 -13.72 -7.23
N ASP C 296 -3.32 -13.84 -6.46
CA ASP C 296 -3.03 -12.88 -5.40
C ASP C 296 -2.46 -11.56 -5.92
N LYS C 297 -1.93 -11.54 -7.14
CA LYS C 297 -1.13 -10.41 -7.63
C LYS C 297 -1.83 -9.55 -8.66
N VAL C 298 -2.62 -10.14 -9.55
CA VAL C 298 -3.09 -9.43 -10.75
C VAL C 298 -4.15 -8.38 -10.38
N PRO C 299 -4.34 -7.34 -11.19
CA PRO C 299 -5.46 -6.43 -10.95
C PRO C 299 -6.80 -7.11 -11.22
N GLU C 300 -7.84 -6.57 -10.60
CA GLU C 300 -9.18 -7.15 -10.63
C GLU C 300 -10.13 -6.44 -11.57
N THR C 301 -9.68 -5.43 -12.32
CA THR C 301 -10.56 -4.68 -13.19
C THR C 301 -10.92 -5.49 -14.43
N SER C 302 -11.89 -4.98 -15.19
CA SER C 302 -12.47 -5.70 -16.32
C SER C 302 -12.52 -4.84 -17.59
N LEU C 303 -11.68 -3.79 -17.68
CA LEU C 303 -11.59 -3.02 -18.90
C LEU C 303 -10.66 -3.66 -19.93
N SER C 304 -9.76 -4.54 -19.49
CA SER C 304 -8.90 -5.28 -20.40
C SER C 304 -8.28 -6.44 -19.61
N VAL C 305 -7.60 -7.32 -20.32
CA VAL C 305 -6.99 -8.51 -19.76
C VAL C 305 -5.49 -8.30 -19.69
N PRO C 306 -4.83 -8.58 -18.56
CA PRO C 306 -3.36 -8.53 -18.55
C PRO C 306 -2.75 -9.51 -19.54
N ILE C 307 -1.63 -9.10 -20.13
CA ILE C 307 -0.97 -9.95 -21.13
C ILE C 307 -0.42 -11.20 -20.48
N ILE C 308 -0.06 -11.15 -19.19
CA ILE C 308 0.40 -12.35 -18.50
C ILE C 308 -0.76 -13.33 -18.33
N ILE C 309 -1.97 -12.83 -18.07
CA ILE C 309 -3.13 -13.70 -18.04
C ILE C 309 -3.39 -14.29 -19.41
N LYS C 310 -3.24 -13.48 -20.46
CA LYS C 310 -3.41 -14.00 -21.82
C LYS C 310 -2.42 -15.12 -22.10
N TYR C 311 -1.17 -14.93 -21.68
CA TYR C 311 -0.16 -15.98 -21.85
C TYR C 311 -0.51 -17.23 -21.07
N LEU C 312 -1.02 -17.05 -19.83
CA LEU C 312 -1.41 -18.20 -19.02
C LEU C 312 -2.54 -18.99 -19.67
N MET C 313 -3.56 -18.30 -20.17
CA MET C 313 -4.66 -19.03 -20.81
C MET C 313 -4.21 -19.63 -22.13
N PHE C 314 -3.30 -18.98 -22.85
CA PHE C 314 -2.73 -19.59 -24.04
C PHE C 314 -2.02 -20.89 -23.70
N THR C 315 -1.22 -20.88 -22.63
CA THR C 315 -0.52 -22.09 -22.21
C THR C 315 -1.49 -23.17 -21.76
N MET C 316 -2.55 -22.79 -21.04
CA MET C 316 -3.54 -23.78 -20.61
C MET C 316 -4.29 -24.38 -21.80
N VAL C 317 -4.62 -23.56 -22.80
CA VAL C 317 -5.25 -24.08 -24.01
C VAL C 317 -4.30 -25.02 -24.73
N LEU C 318 -3.02 -24.67 -24.77
CA LEU C 318 -2.02 -25.55 -25.40
C LEU C 318 -1.97 -26.90 -24.69
N VAL C 319 -1.91 -26.88 -23.35
CA VAL C 319 -1.81 -28.14 -22.61
C VAL C 319 -3.10 -28.95 -22.75
N THR C 320 -4.25 -28.27 -22.79
CA THR C 320 -5.51 -28.97 -22.98
C THR C 320 -5.55 -29.64 -24.35
N PHE C 321 -5.11 -28.93 -25.38
CA PHE C 321 -5.05 -29.52 -26.72
C PHE C 321 -4.05 -30.67 -26.76
N SER C 322 -2.97 -30.55 -25.98
CA SER C 322 -2.01 -31.65 -25.89
C SER C 322 -2.67 -32.89 -25.30
N VAL C 323 -3.48 -32.71 -24.26
CA VAL C 323 -4.21 -33.83 -23.67
C VAL C 323 -5.14 -34.44 -24.72
N ILE C 324 -5.89 -33.60 -25.42
CA ILE C 324 -6.89 -34.06 -26.37
C ILE C 324 -6.23 -34.84 -27.50
N LEU C 325 -5.15 -34.30 -28.04
CA LEU C 325 -4.48 -34.93 -29.17
C LEU C 325 -3.73 -36.19 -28.74
N SER C 326 -3.23 -36.23 -27.51
CA SER C 326 -2.65 -37.47 -26.99
C SER C 326 -3.72 -38.54 -26.85
N VAL C 327 -4.92 -38.16 -26.42
CA VAL C 327 -6.02 -39.12 -26.37
C VAL C 327 -6.33 -39.64 -27.77
N VAL C 328 -6.33 -38.76 -28.76
CA VAL C 328 -6.58 -39.17 -30.14
C VAL C 328 -5.51 -40.17 -30.60
N VAL C 329 -4.26 -39.87 -30.31
CA VAL C 329 -3.16 -40.74 -30.72
C VAL C 329 -3.28 -42.10 -30.03
N LEU C 330 -3.60 -42.11 -28.75
CA LEU C 330 -3.76 -43.38 -28.03
C LEU C 330 -4.93 -44.17 -28.58
N ASN C 331 -6.02 -43.48 -28.95
CA ASN C 331 -7.16 -44.16 -29.56
C ASN C 331 -6.76 -44.84 -30.87
N LEU C 332 -5.96 -44.14 -31.68
CA LEU C 332 -5.47 -44.76 -32.90
C LEU C 332 -4.55 -45.94 -32.61
N HIS C 333 -3.68 -45.81 -31.60
CA HIS C 333 -2.66 -46.82 -31.34
C HIS C 333 -3.29 -48.13 -30.86
N HIS C 334 -4.20 -48.05 -29.89
CA HIS C 334 -4.79 -49.23 -29.27
C HIS C 334 -6.01 -49.75 -30.03
N ARG C 335 -6.22 -49.31 -31.26
CA ARG C 335 -7.40 -49.68 -32.01
C ARG C 335 -7.40 -51.17 -32.33
N SER C 336 -8.52 -51.83 -32.09
CA SER C 336 -8.63 -53.27 -32.34
C SER C 336 -8.56 -53.53 -33.83
N PRO C 337 -7.61 -54.36 -34.32
CA PRO C 337 -7.51 -54.66 -35.75
C PRO C 337 -8.74 -55.44 -36.20
N HIS C 338 -9.16 -56.45 -35.42
CA HIS C 338 -10.33 -57.30 -35.74
C HIS C 338 -11.63 -56.51 -35.75
N THR C 339 -11.82 -55.49 -34.90
CA THR C 339 -13.09 -54.74 -34.78
C THR C 339 -13.13 -53.53 -35.69
N HIS C 340 -11.99 -52.90 -36.00
CA HIS C 340 -11.94 -51.67 -36.79
C HIS C 340 -11.23 -51.96 -38.10
N GLN C 341 -11.92 -51.70 -39.21
CA GLN C 341 -11.36 -51.88 -40.55
C GLN C 341 -10.78 -50.55 -41.00
N MET C 342 -9.55 -50.59 -41.46
CA MET C 342 -8.85 -49.38 -41.86
C MET C 342 -9.42 -48.84 -43.17
N PRO C 343 -9.94 -47.60 -43.23
CA PRO C 343 -10.33 -47.05 -44.53
C PRO C 343 -9.15 -46.87 -45.45
N LEU C 344 -9.42 -46.96 -46.76
CA LEU C 344 -8.34 -46.84 -47.74
C LEU C 344 -7.71 -45.45 -47.73
N TRP C 345 -8.51 -44.40 -47.52
CA TRP C 345 -7.95 -43.06 -47.49
C TRP C 345 -6.99 -42.90 -46.32
N VAL C 346 -7.27 -43.54 -45.19
CA VAL C 346 -6.35 -43.48 -44.06
C VAL C 346 -5.00 -44.07 -44.46
N ARG C 347 -5.03 -45.21 -45.15
CA ARG C 347 -3.79 -45.81 -45.65
C ARG C 347 -3.05 -44.86 -46.58
N GLN C 348 -3.77 -44.34 -47.58
CA GLN C 348 -3.11 -43.55 -48.62
C GLN C 348 -2.48 -42.29 -48.05
N ILE C 349 -3.16 -41.62 -47.12
CA ILE C 349 -2.61 -40.41 -46.53
C ILE C 349 -1.52 -40.74 -45.51
N PHE C 350 -1.84 -41.54 -44.50
CA PHE C 350 -0.98 -41.65 -43.32
C PHE C 350 0.11 -42.71 -43.42
N ILE C 351 0.10 -43.56 -44.45
CA ILE C 351 1.09 -44.64 -44.56
C ILE C 351 1.95 -44.44 -45.81
N HIS C 352 1.39 -43.80 -46.84
CA HIS C 352 2.07 -43.64 -48.12
C HIS C 352 2.52 -42.21 -48.39
N LYS C 353 1.64 -41.23 -48.19
CA LYS C 353 1.94 -39.85 -48.56
C LYS C 353 2.59 -39.07 -47.43
N LEU C 354 1.91 -38.98 -46.30
CA LEU C 354 2.41 -38.15 -45.19
C LEU C 354 3.76 -38.58 -44.63
N PRO C 355 4.07 -39.87 -44.45
CA PRO C 355 5.36 -40.22 -43.82
C PRO C 355 6.58 -39.69 -44.54
N LEU C 356 6.53 -39.53 -45.86
CA LEU C 356 7.67 -38.97 -46.57
C LEU C 356 7.93 -37.52 -46.17
N TYR C 357 6.88 -36.73 -46.02
CA TYR C 357 7.06 -35.33 -45.66
C TYR C 357 7.55 -35.18 -44.22
N LEU C 358 7.18 -36.10 -43.33
CA LEU C 358 7.59 -36.05 -41.94
C LEU C 358 8.91 -36.75 -41.69
N ARG C 359 9.60 -37.23 -42.73
CA ARG C 359 10.89 -37.91 -42.57
C ARG C 359 10.75 -39.16 -41.72
N LEU C 360 9.61 -39.85 -41.84
CA LEU C 360 9.36 -41.12 -41.17
C LEU C 360 9.43 -42.22 -42.22
N LYS C 361 10.53 -42.97 -42.21
CA LYS C 361 10.75 -44.07 -43.14
C LYS C 361 10.39 -45.37 -42.44
N ARG C 362 9.27 -45.95 -42.82
CA ARG C 362 8.88 -47.24 -42.26
C ARG C 362 9.86 -48.31 -42.72
N PRO C 363 10.43 -49.13 -41.83
CA PRO C 363 11.31 -50.19 -42.30
C PRO C 363 10.56 -51.19 -43.16
N LYS C 364 11.23 -51.69 -44.21
CA LYS C 364 10.62 -52.58 -45.19
C LYS C 364 9.40 -51.92 -45.83
N LEU C 430 -4.24 -95.69 -40.47
CA LEU C 430 -3.35 -94.82 -39.71
C LEU C 430 -4.06 -93.55 -39.26
N PRO C 431 -5.09 -93.69 -38.41
CA PRO C 431 -5.80 -92.49 -37.94
C PRO C 431 -4.93 -91.55 -37.12
N GLU C 432 -3.92 -92.08 -36.42
CA GLU C 432 -3.09 -91.23 -35.57
C GLU C 432 -2.30 -90.22 -36.39
N LEU C 433 -1.73 -90.67 -37.53
CA LEU C 433 -0.98 -89.75 -38.37
C LEU C 433 -1.88 -88.67 -38.95
N ARG C 434 -3.09 -89.05 -39.37
CA ARG C 434 -4.03 -88.05 -39.89
C ARG C 434 -4.42 -87.05 -38.82
N GLU C 435 -4.63 -87.52 -37.59
CA GLU C 435 -4.96 -86.60 -36.50
C GLU C 435 -3.80 -85.66 -36.19
N VAL C 436 -2.57 -86.17 -36.23
CA VAL C 436 -1.40 -85.32 -36.02
C VAL C 436 -1.29 -84.28 -37.13
N VAL C 437 -1.57 -84.68 -38.37
CA VAL C 437 -1.55 -83.74 -39.49
C VAL C 437 -2.60 -82.66 -39.27
N SER C 438 -3.79 -83.04 -38.82
CA SER C 438 -4.83 -82.06 -38.56
C SER C 438 -4.42 -81.10 -37.45
N SER C 439 -3.80 -81.61 -36.39
CA SER C 439 -3.37 -80.74 -35.30
C SER C 439 -2.30 -79.76 -35.76
N ILE C 440 -1.34 -80.24 -36.55
CA ILE C 440 -0.27 -79.38 -37.05
C ILE C 440 -0.85 -78.31 -37.97
N SER C 441 -1.79 -78.70 -38.83
CA SER C 441 -2.42 -77.74 -39.74
C SER C 441 -3.19 -76.68 -38.96
N TYR C 442 -3.89 -77.10 -37.90
CA TYR C 442 -4.62 -76.13 -37.08
C TYR C 442 -3.66 -75.16 -36.40
N ILE C 443 -2.54 -75.68 -35.88
CA ILE C 443 -1.55 -74.81 -35.23
C ILE C 443 -0.99 -73.79 -36.23
N ALA C 444 -0.67 -74.26 -37.44
CA ALA C 444 -0.14 -73.36 -38.46
C ALA C 444 -1.18 -72.32 -38.86
N ARG C 445 -2.45 -72.72 -38.99
CA ARG C 445 -3.50 -71.76 -39.33
C ARG C 445 -3.66 -70.71 -38.24
N GLN C 446 -3.61 -71.13 -36.98
CA GLN C 446 -3.70 -70.18 -35.88
C GLN C 446 -2.55 -69.19 -35.91
N LEU C 447 -1.33 -69.69 -36.16
CA LEU C 447 -0.18 -68.78 -36.22
C LEU C 447 -0.30 -67.81 -37.40
N GLN C 448 -0.80 -68.29 -38.54
CA GLN C 448 -0.98 -67.39 -39.69
C GLN C 448 -2.01 -66.31 -39.40
N GLU C 449 -3.12 -66.69 -38.74
CA GLU C 449 -4.12 -65.70 -38.36
C GLU C 449 -3.53 -64.69 -37.38
N GLN C 450 -2.72 -65.16 -36.44
CA GLN C 450 -2.08 -64.26 -35.50
C GLN C 450 -1.13 -63.31 -36.22
N GLU C 451 -0.44 -63.80 -37.25
CA GLU C 451 0.44 -62.95 -38.04
C GLU C 451 -0.34 -61.87 -38.77
N ASP C 452 -1.48 -62.22 -39.37
CA ASP C 452 -2.30 -61.22 -40.05
C ASP C 452 -2.82 -60.18 -39.07
N HIS C 453 -3.27 -60.63 -37.89
CA HIS C 453 -3.72 -59.71 -36.86
C HIS C 453 -2.60 -58.77 -36.43
N ASP C 454 -1.38 -59.31 -36.28
CA ASP C 454 -0.23 -58.48 -35.94
C ASP C 454 0.06 -57.46 -37.02
N ALA C 455 -0.06 -57.86 -38.29
CA ALA C 455 0.19 -56.91 -39.38
C ALA C 455 -0.80 -55.75 -39.34
N LEU C 456 -2.09 -56.05 -39.15
CA LEU C 456 -3.07 -54.98 -39.09
C LEU C 456 -2.86 -54.09 -37.86
N LYS C 457 -2.53 -54.70 -36.72
CA LYS C 457 -2.23 -53.92 -35.52
C LYS C 457 -1.03 -53.01 -35.75
N GLU C 458 0.01 -53.54 -36.41
CA GLU C 458 1.19 -52.74 -36.70
C GLU C 458 0.86 -51.58 -37.62
N ASP C 459 -0.03 -51.81 -38.59
CA ASP C 459 -0.45 -50.72 -39.47
C ASP C 459 -1.15 -49.62 -38.68
N TRP C 460 -2.06 -50.00 -37.78
CA TRP C 460 -2.72 -49.00 -36.93
C TRP C 460 -1.71 -48.25 -36.06
N GLN C 461 -0.75 -48.97 -35.49
CA GLN C 461 0.24 -48.33 -34.64
C GLN C 461 1.14 -47.39 -35.42
N PHE C 462 1.48 -47.75 -36.66
CA PHE C 462 2.27 -46.86 -37.50
C PHE C 462 1.48 -45.60 -37.84
N VAL C 463 0.18 -45.74 -38.11
CA VAL C 463 -0.64 -44.56 -38.35
C VAL C 463 -0.65 -43.67 -37.11
N ALA C 464 -0.74 -44.28 -35.93
CA ALA C 464 -0.69 -43.52 -34.69
C ALA C 464 0.63 -42.77 -34.55
N MET C 465 1.74 -43.44 -34.89
CA MET C 465 3.05 -42.80 -34.81
C MET C 465 3.14 -41.61 -35.76
N VAL C 466 2.63 -41.77 -36.99
CA VAL C 466 2.68 -40.69 -37.97
C VAL C 466 1.85 -39.51 -37.48
N VAL C 467 0.66 -39.78 -36.96
CA VAL C 467 -0.19 -38.72 -36.44
C VAL C 467 0.48 -38.03 -35.25
N ASP C 468 1.17 -38.81 -34.41
CA ASP C 468 1.88 -38.23 -33.27
C ASP C 468 3.00 -37.29 -33.72
N ARG C 469 3.76 -37.69 -34.74
CA ARG C 469 4.83 -36.82 -35.23
C ARG C 469 4.25 -35.56 -35.88
N LEU C 470 3.15 -35.69 -36.61
CA LEU C 470 2.50 -34.53 -37.19
C LEU C 470 2.06 -33.56 -36.09
N PHE C 471 1.46 -34.09 -35.02
CA PHE C 471 1.05 -33.22 -33.92
C PHE C 471 2.24 -32.62 -33.21
N LEU C 472 3.36 -33.34 -33.12
CA LEU C 472 4.57 -32.78 -32.52
C LEU C 472 5.03 -31.55 -33.29
N TRP C 473 5.13 -31.67 -34.61
CA TRP C 473 5.55 -30.52 -35.42
C TRP C 473 4.55 -29.38 -35.35
N THR C 474 3.25 -29.72 -35.38
CA THR C 474 2.22 -28.69 -35.30
C THR C 474 2.29 -27.94 -33.98
N PHE C 475 2.48 -28.67 -32.87
CA PHE C 475 2.59 -28.03 -31.57
C PHE C 475 3.84 -27.16 -31.48
N ILE C 476 4.95 -27.63 -32.04
CA ILE C 476 6.16 -26.81 -32.05
C ILE C 476 5.89 -25.50 -32.78
N ILE C 477 5.27 -25.57 -33.96
CA ILE C 477 5.03 -24.38 -34.76
C ILE C 477 4.09 -23.42 -34.02
N PHE C 478 2.96 -23.94 -33.55
CA PHE C 478 1.96 -23.08 -32.92
C PHE C 478 2.49 -22.47 -31.63
N THR C 479 3.22 -23.26 -30.83
CA THR C 479 3.84 -22.74 -29.63
C THR C 479 4.82 -21.63 -29.94
N SER C 480 5.70 -21.86 -30.91
CA SER C 480 6.70 -20.85 -31.24
C SER C 480 6.04 -19.56 -31.72
N VAL C 481 5.03 -19.68 -32.58
CA VAL C 481 4.39 -18.49 -33.12
C VAL C 481 3.67 -17.72 -32.02
N GLY C 482 2.88 -18.41 -31.20
CA GLY C 482 2.12 -17.73 -30.16
C GLY C 482 3.01 -17.12 -29.10
N THR C 483 4.02 -17.88 -28.65
CA THR C 483 4.93 -17.36 -27.65
C THR C 483 5.71 -16.16 -28.18
N LEU C 484 6.16 -16.23 -29.45
CA LEU C 484 6.88 -15.10 -30.03
C LEU C 484 5.98 -13.88 -30.13
N VAL C 485 4.72 -14.07 -30.53
CA VAL C 485 3.81 -12.94 -30.66
C VAL C 485 3.59 -12.28 -29.31
N ILE C 486 3.29 -13.08 -28.28
CA ILE C 486 3.03 -12.53 -26.95
C ILE C 486 4.28 -11.85 -26.40
N PHE C 487 5.44 -12.49 -26.57
CA PHE C 487 6.67 -11.95 -25.99
C PHE C 487 7.11 -10.69 -26.71
N LEU C 488 6.90 -10.60 -28.03
CA LEU C 488 7.22 -9.38 -28.76
C LEU C 488 6.26 -8.26 -28.39
N ASP C 489 4.99 -8.59 -28.17
CA ASP C 489 4.04 -7.58 -27.71
C ASP C 489 4.45 -7.04 -26.34
N ALA C 490 4.90 -7.92 -25.45
CA ALA C 490 5.34 -7.47 -24.12
C ALA C 490 6.63 -6.66 -24.21
N THR C 491 7.60 -7.13 -25.00
CA THR C 491 8.93 -6.52 -25.00
C THR C 491 8.89 -5.12 -25.61
N TYR C 492 8.10 -4.92 -26.66
CA TYR C 492 8.06 -3.66 -27.38
C TYR C 492 7.14 -2.63 -26.73
N HIS C 493 6.46 -2.97 -25.64
CA HIS C 493 5.65 -2.01 -24.90
C HIS C 493 6.59 -1.17 -24.04
N LEU C 494 7.03 -0.05 -24.58
CA LEU C 494 8.00 0.82 -23.96
C LEU C 494 7.32 2.00 -23.28
N PRO C 495 7.95 2.63 -22.29
CA PRO C 495 7.34 3.81 -21.67
C PRO C 495 7.33 4.98 -22.63
N PRO C 496 6.49 5.99 -22.40
CA PRO C 496 6.36 7.09 -23.36
C PRO C 496 7.62 7.93 -23.38
N PRO C 497 8.13 8.32 -24.56
CA PRO C 497 9.28 9.24 -24.57
C PRO C 497 8.98 10.60 -23.96
N ASP C 498 7.75 11.09 -24.12
CA ASP C 498 7.32 12.40 -23.64
C ASP C 498 6.19 12.25 -22.63
N PRO C 499 6.19 13.03 -21.54
CA PRO C 499 5.08 12.88 -20.57
C PRO C 499 3.72 13.30 -21.12
N PHE C 500 3.68 14.14 -22.16
CA PHE C 500 2.43 14.66 -22.71
C PHE C 500 2.44 14.48 -24.22
N PRO C 501 2.29 13.25 -24.71
CA PRO C 501 2.32 13.02 -26.16
C PRO C 501 1.10 13.62 -26.84
N SER C 502 1.28 13.97 -28.11
CA SER C 502 0.18 14.46 -28.92
C SER C 502 -0.80 13.33 -29.21
N LEU D 22 2.15 20.45 49.52
CA LEU D 22 3.03 21.00 48.44
C LEU D 22 2.82 22.49 48.32
N ASN D 23 2.94 23.19 49.45
CA ASN D 23 3.20 24.62 49.42
C ASN D 23 4.40 24.88 48.52
N GLU D 24 5.46 24.08 48.67
CA GLU D 24 6.72 24.35 47.99
C GLU D 24 6.62 24.10 46.47
N GLU D 25 6.16 22.93 46.04
CA GLU D 25 6.14 22.69 44.59
C GLU D 25 5.11 23.55 43.88
N GLU D 26 3.96 23.80 44.51
CA GLU D 26 2.98 24.69 43.92
C GLU D 26 3.51 26.12 43.83
N ARG D 27 4.19 26.57 44.90
CA ARG D 27 4.78 27.91 44.89
C ARG D 27 5.88 28.01 43.85
N LEU D 28 6.65 26.93 43.67
CA LEU D 28 7.72 26.93 42.67
C LEU D 28 7.17 26.99 41.26
N ILE D 29 6.13 26.21 40.97
CA ILE D 29 5.55 26.25 39.62
C ILE D 29 4.94 27.62 39.36
N ARG D 30 4.28 28.19 40.37
CA ARG D 30 3.70 29.55 40.27
C ARG D 30 4.84 30.53 39.99
N HIS D 31 5.98 30.42 40.67
CA HIS D 31 7.10 31.33 40.48
C HIS D 31 7.69 31.19 39.08
N LEU D 32 7.85 29.96 38.61
CA LEU D 32 8.53 29.75 37.34
C LEU D 32 7.66 30.18 36.16
N PHE D 33 6.38 29.82 36.17
CA PHE D 33 5.56 29.94 34.97
C PHE D 33 4.66 31.17 34.95
N GLN D 34 4.13 31.61 36.09
CA GLN D 34 3.25 32.76 36.15
C GLN D 34 3.97 34.05 36.56
N GLU D 35 4.82 33.99 37.58
CA GLU D 35 5.51 35.19 38.02
C GLU D 35 6.52 35.67 36.98
N LYS D 36 7.29 34.74 36.40
CA LYS D 36 8.30 35.09 35.42
C LYS D 36 7.80 35.02 33.98
N GLY D 37 6.53 34.71 33.75
CA GLY D 37 5.95 34.78 32.43
C GLY D 37 6.60 33.87 31.41
N TYR D 38 6.79 32.60 31.76
CA TYR D 38 7.44 31.66 30.86
C TYR D 38 6.62 31.51 29.57
N ASN D 39 7.31 31.60 28.44
CA ASN D 39 6.70 31.48 27.12
C ASN D 39 7.30 30.26 26.43
N LYS D 40 6.50 29.20 26.30
CA LYS D 40 6.97 27.97 25.68
C LYS D 40 7.13 28.09 24.16
N GLU D 41 6.63 29.15 23.55
CA GLU D 41 6.81 29.33 22.12
C GLU D 41 8.25 29.74 21.79
N LEU D 42 8.92 30.43 22.70
CA LEU D 42 10.28 30.92 22.47
C LEU D 42 11.30 29.87 22.89
N ARG D 43 12.40 29.80 22.14
CA ARG D 43 13.46 28.87 22.46
C ARG D 43 14.23 29.34 23.69
N PRO D 44 14.84 28.42 24.46
CA PRO D 44 15.67 28.87 25.59
C PRO D 44 17.06 29.34 25.18
N VAL D 45 17.13 30.54 24.62
CA VAL D 45 18.37 31.18 24.22
C VAL D 45 18.34 32.63 24.69
N ALA D 46 19.53 33.18 24.97
CA ALA D 46 19.62 34.58 25.38
C ALA D 46 19.41 35.50 24.18
N HIS D 47 19.95 35.14 23.02
CA HIS D 47 19.76 35.87 21.78
C HIS D 47 19.40 34.90 20.67
N LYS D 48 18.74 35.42 19.63
CA LYS D 48 18.16 34.58 18.60
C LYS D 48 19.22 33.83 17.80
N GLU D 49 20.41 34.40 17.63
CA GLU D 49 21.42 33.76 16.78
C GLU D 49 22.02 32.52 17.43
N GLU D 50 21.78 32.27 18.71
CA GLU D 50 22.28 31.07 19.36
C GLU D 50 21.43 29.87 19.01
N SER D 51 21.99 28.68 19.26
CA SER D 51 21.35 27.41 18.98
C SER D 51 21.25 26.60 20.26
N VAL D 52 20.12 25.91 20.42
CA VAL D 52 19.88 25.08 21.60
C VAL D 52 20.49 23.71 21.37
N ASP D 53 21.34 23.28 22.30
CA ASP D 53 21.95 21.96 22.22
C ASP D 53 20.96 20.93 22.75
N VAL D 54 20.62 19.95 21.90
CA VAL D 54 19.68 18.89 22.23
C VAL D 54 20.44 17.57 22.13
N ALA D 55 20.64 16.91 23.25
CA ALA D 55 21.28 15.61 23.29
C ALA D 55 20.22 14.52 23.19
N LEU D 56 20.45 13.54 22.32
CA LEU D 56 19.50 12.47 22.05
C LEU D 56 20.15 11.11 22.28
N ALA D 57 19.39 10.20 22.88
CA ALA D 57 19.76 8.80 22.97
C ALA D 57 18.52 7.96 22.69
N LEU D 58 18.74 6.72 22.25
CA LEU D 58 17.68 5.79 21.91
C LEU D 58 17.87 4.51 22.70
N THR D 59 16.78 4.01 23.32
CA THR D 59 16.77 2.72 23.98
C THR D 59 15.77 1.83 23.27
N LEU D 60 16.22 0.69 22.75
CA LEU D 60 15.34 -0.24 22.05
C LEU D 60 14.69 -1.17 23.07
N SER D 61 13.41 -0.97 23.35
CA SER D 61 12.70 -1.84 24.28
C SER D 61 12.46 -3.21 23.66
N ASN D 62 11.96 -3.25 22.42
CA ASN D 62 11.85 -4.51 21.70
C ASN D 62 11.74 -4.22 20.21
N LEU D 63 12.39 -5.06 19.41
CA LEU D 63 12.21 -5.06 17.96
C LEU D 63 10.97 -5.86 17.66
N ILE D 64 9.88 -5.18 17.31
CA ILE D 64 8.60 -5.87 17.13
C ILE D 64 8.63 -6.76 15.90
N SER D 65 8.97 -6.19 14.75
CA SER D 65 9.00 -7.02 13.54
C SER D 65 9.70 -6.29 12.41
N LEU D 66 10.02 -7.06 11.37
CA LEU D 66 10.43 -6.52 10.07
C LEU D 66 9.60 -7.25 9.01
N LYS D 67 8.57 -6.58 8.50
CA LYS D 67 7.73 -7.14 7.45
C LYS D 67 8.40 -6.93 6.10
N GLU D 68 8.76 -8.03 5.44
CA GLU D 68 9.53 -7.94 4.19
C GLU D 68 8.65 -7.47 3.03
N VAL D 69 7.42 -7.95 2.95
CA VAL D 69 6.55 -7.61 1.82
C VAL D 69 6.27 -6.11 1.82
N GLU D 70 5.95 -5.55 2.99
CA GLU D 70 5.76 -4.12 3.14
C GLU D 70 7.05 -3.36 3.41
N GLU D 71 8.16 -4.06 3.64
CA GLU D 71 9.47 -3.44 3.86
C GLU D 71 9.43 -2.45 5.02
N THR D 72 8.80 -2.86 6.12
CA THR D 72 8.53 -1.99 7.26
C THR D 72 9.13 -2.58 8.51
N LEU D 73 9.87 -1.76 9.26
CA LEU D 73 10.42 -2.15 10.56
C LEU D 73 9.56 -1.52 11.64
N THR D 74 8.99 -2.36 12.50
CA THR D 74 8.21 -1.92 13.65
C THR D 74 9.05 -2.13 14.90
N THR D 75 9.30 -1.03 15.62
CA THR D 75 10.12 -1.03 16.82
C THR D 75 9.43 -0.25 17.95
N ASN D 76 9.78 -0.63 19.18
CA ASN D 76 9.38 0.08 20.39
C ASN D 76 10.67 0.68 20.93
N VAL D 77 10.72 2.01 20.99
CA VAL D 77 11.93 2.73 21.41
C VAL D 77 11.56 3.78 22.43
N TRP D 78 12.53 4.15 23.25
CA TRP D 78 12.41 5.20 24.25
C TRP D 78 13.45 6.25 23.90
N ILE D 79 12.99 7.46 23.56
CA ILE D 79 13.89 8.52 23.12
C ILE D 79 14.21 9.41 24.32
N GLU D 80 15.46 9.39 24.75
CA GLU D 80 15.92 10.29 25.81
C GLU D 80 16.36 11.61 25.18
N HIS D 81 15.62 12.67 25.49
CA HIS D 81 15.96 14.04 25.13
C HIS D 81 16.54 14.72 26.36
N GLY D 82 17.63 15.44 26.17
CA GLY D 82 18.20 16.26 27.22
C GLY D 82 18.59 17.63 26.69
N TRP D 83 18.10 18.69 27.32
CA TRP D 83 18.51 20.04 26.92
C TRP D 83 18.52 20.93 28.15
N THR D 84 18.89 22.19 27.94
CA THR D 84 19.00 23.18 29.01
C THR D 84 17.98 24.28 28.76
N ASP D 85 17.24 24.64 29.81
CA ASP D 85 16.31 25.76 29.78
C ASP D 85 16.61 26.60 31.02
N ASN D 86 17.40 27.66 30.84
CA ASN D 86 17.81 28.48 31.97
C ASN D 86 16.66 29.27 32.57
N ARG D 87 15.56 29.44 31.85
CA ARG D 87 14.38 30.07 32.42
C ARG D 87 13.77 29.24 33.54
N LEU D 88 13.99 27.93 33.55
CA LEU D 88 13.42 27.01 34.52
C LEU D 88 14.40 26.65 35.63
N LYS D 89 15.26 27.59 36.02
CA LYS D 89 16.22 27.41 37.10
C LYS D 89 15.67 27.99 38.40
N TRP D 90 16.02 27.35 39.51
CA TRP D 90 15.63 27.85 40.82
C TRP D 90 16.65 27.40 41.85
N ASN D 91 16.65 28.09 42.99
CA ASN D 91 17.47 27.70 44.13
C ASN D 91 16.69 26.68 44.96
N ALA D 92 17.22 25.47 45.08
CA ALA D 92 16.56 24.39 45.83
C ALA D 92 16.32 24.82 47.28
N GLU D 93 17.22 25.62 47.87
CA GLU D 93 17.09 25.97 49.28
C GLU D 93 15.98 26.99 49.50
N GLU D 94 15.67 27.81 48.50
CA GLU D 94 14.59 28.78 48.58
C GLU D 94 13.21 28.15 48.42
N PHE D 95 13.13 26.91 47.95
CA PHE D 95 11.86 26.23 47.66
C PHE D 95 11.86 24.85 48.30
N GLY D 96 12.15 24.78 49.60
CA GLY D 96 12.08 23.52 50.36
C GLY D 96 12.95 22.41 49.83
N ASN D 97 14.20 22.68 49.46
CA ASN D 97 15.18 21.66 48.97
C ASN D 97 14.59 20.82 47.83
N ILE D 98 13.64 21.35 47.05
CA ILE D 98 13.10 20.65 45.85
C ILE D 98 14.22 20.69 44.80
N SER D 99 14.58 19.56 44.20
CA SER D 99 15.63 19.47 43.19
C SER D 99 15.13 19.04 41.82
N VAL D 100 13.92 18.50 41.72
CA VAL D 100 13.39 18.02 40.45
C VAL D 100 11.88 18.20 40.44
N LEU D 101 11.34 18.52 39.27
CA LEU D 101 9.92 18.71 39.05
C LEU D 101 9.48 17.84 37.89
N ARG D 102 8.27 17.28 38.00
CA ARG D 102 7.61 16.59 36.90
C ARG D 102 6.53 17.53 36.35
N LEU D 103 6.63 17.87 35.07
CA LEU D 103 5.71 18.81 34.44
C LEU D 103 5.12 18.20 33.17
N PRO D 104 3.90 18.58 32.77
CA PRO D 104 3.40 18.13 31.47
C PRO D 104 4.26 18.67 30.35
N PRO D 105 4.47 17.91 29.27
CA PRO D 105 5.32 18.42 28.18
C PRO D 105 4.72 19.63 27.46
N ASP D 106 3.39 19.78 27.49
CA ASP D 106 2.76 20.94 26.86
C ASP D 106 3.02 22.24 27.62
N MET D 107 3.57 22.18 28.83
CA MET D 107 3.83 23.39 29.61
C MET D 107 5.16 24.05 29.27
N VAL D 108 6.09 23.32 28.64
CA VAL D 108 7.45 23.81 28.38
C VAL D 108 7.71 23.79 26.89
N TRP D 109 8.69 24.59 26.49
CA TRP D 109 9.23 24.49 25.14
C TRP D 109 9.82 23.10 24.93
N LEU D 110 9.62 22.54 23.74
CA LEU D 110 10.12 21.22 23.38
C LEU D 110 10.96 21.29 22.11
N PRO D 111 12.07 20.52 22.01
CA PRO D 111 12.76 20.39 20.73
C PRO D 111 12.10 19.33 19.87
N GLU D 112 11.13 19.70 19.05
CA GLU D 112 10.24 18.70 18.48
C GLU D 112 10.98 17.81 17.49
N ILE D 113 11.51 16.69 17.98
CA ILE D 113 12.17 15.69 17.16
C ILE D 113 11.10 14.74 16.62
N VAL D 114 11.26 14.33 15.37
CA VAL D 114 10.35 13.40 14.71
C VAL D 114 11.18 12.36 13.96
N LEU D 115 10.56 11.21 13.72
CA LEU D 115 11.17 10.19 12.87
C LEU D 115 10.95 10.59 11.41
N GLU D 116 12.02 11.04 10.75
CA GLU D 116 11.89 11.52 9.39
C GLU D 116 11.50 10.39 8.44
N ASN D 117 12.10 9.21 8.60
CA ASN D 117 11.93 8.11 7.67
C ASN D 117 10.83 7.14 8.07
N ASN D 118 9.79 7.63 8.74
CA ASN D 118 8.58 6.83 8.91
C ASN D 118 7.88 6.65 7.57
N ASN D 119 7.07 5.57 7.48
CA ASN D 119 6.33 5.26 6.26
C ASN D 119 4.84 5.08 6.51
N ASP D 120 4.31 5.64 7.60
CA ASP D 120 2.89 5.56 7.90
C ASP D 120 2.28 6.88 8.36
N GLY D 121 3.06 7.95 8.44
CA GLY D 121 2.55 9.23 8.90
C GLY D 121 2.68 9.48 10.38
N SER D 122 3.11 8.49 11.16
CA SER D 122 3.34 8.67 12.59
C SER D 122 4.75 9.24 12.78
N PHE D 123 4.83 10.57 12.67
CA PHE D 123 6.11 11.26 12.82
C PHE D 123 6.54 11.38 14.28
N GLN D 124 5.60 11.42 15.21
CA GLN D 124 5.85 11.84 16.58
C GLN D 124 5.88 10.66 17.54
N ILE D 125 6.37 10.95 18.75
CA ILE D 125 6.38 9.95 19.81
C ILE D 125 4.94 9.57 20.20
N SER D 126 4.79 8.37 20.75
CA SER D 126 3.45 7.84 21.00
C SER D 126 2.83 8.42 22.28
N TYR D 127 3.60 8.41 23.38
CA TYR D 127 3.12 8.84 24.69
C TYR D 127 3.93 10.04 25.15
N SER D 128 3.28 11.20 25.23
CA SER D 128 3.93 12.43 25.68
C SER D 128 3.94 12.44 27.21
N CYS D 129 4.95 11.79 27.76
CA CYS D 129 5.12 11.71 29.21
C CYS D 129 5.55 13.07 29.77
N ASN D 130 5.60 13.15 31.10
CA ASN D 130 6.07 14.35 31.76
C ASN D 130 7.55 14.59 31.47
N VAL D 131 7.92 15.86 31.39
CA VAL D 131 9.31 16.27 31.43
C VAL D 131 9.77 16.31 32.88
N LEU D 132 11.05 15.98 33.09
CA LEU D 132 11.72 16.14 34.37
C LEU D 132 12.63 17.37 34.28
N VAL D 133 12.38 18.36 35.11
CA VAL D 133 13.12 19.62 35.12
C VAL D 133 13.89 19.70 36.42
N TYR D 134 15.20 19.81 36.33
CA TYR D 134 16.08 19.91 37.49
C TYR D 134 16.36 21.37 37.83
N HIS D 135 16.77 21.60 39.07
CA HIS D 135 16.91 22.97 39.57
C HIS D 135 18.00 23.73 38.84
N TYR D 136 19.00 23.03 38.31
CA TYR D 136 20.10 23.67 37.59
C TYR D 136 19.78 23.85 36.11
N GLY D 137 18.52 23.71 35.70
CA GLY D 137 18.09 24.10 34.38
C GLY D 137 18.04 23.00 33.34
N PHE D 138 18.30 21.75 33.73
CA PHE D 138 18.32 20.64 32.78
C PHE D 138 16.93 20.05 32.65
N VAL D 139 16.47 19.91 31.41
CA VAL D 139 15.19 19.29 31.08
C VAL D 139 15.49 17.92 30.48
N TYR D 140 14.97 16.88 31.13
CA TYR D 140 15.09 15.49 30.74
C TYR D 140 13.71 15.00 30.33
N TRP D 141 13.63 14.29 29.21
CA TRP D 141 12.33 13.85 28.69
C TRP D 141 12.52 12.51 28.00
N LEU D 142 11.80 11.48 28.45
CA LEU D 142 11.95 10.12 27.94
C LEU D 142 10.62 9.60 27.40
N PRO D 143 10.12 10.18 26.31
CA PRO D 143 8.92 9.65 25.69
C PRO D 143 9.17 8.29 25.06
N PRO D 144 8.31 7.30 25.31
CA PRO D 144 8.35 6.08 24.52
C PRO D 144 7.53 6.22 23.24
N ALA D 145 7.84 5.35 22.27
CA ALA D 145 7.26 5.45 20.95
C ALA D 145 7.22 4.07 20.30
N ILE D 146 6.16 3.84 19.52
CA ILE D 146 6.09 2.74 18.58
C ILE D 146 6.25 3.35 17.20
N PHE D 147 7.32 2.96 16.50
CA PHE D 147 7.67 3.52 15.20
C PHE D 147 7.64 2.45 14.14
N ARG D 148 6.99 2.77 13.02
CA ARG D 148 6.97 1.95 11.81
C ARG D 148 7.75 2.73 10.75
N SER D 149 8.90 2.20 10.36
CA SER D 149 9.86 2.92 9.54
C SER D 149 10.14 2.15 8.25
N SER D 150 10.56 2.90 7.23
CA SER D 150 10.94 2.29 5.96
C SER D 150 12.28 1.58 6.10
N CYS D 151 12.34 0.33 5.62
CA CYS D 151 13.57 -0.44 5.60
C CYS D 151 13.59 -1.23 4.29
N PRO D 152 14.26 -0.71 3.25
CA PRO D 152 14.41 -1.50 2.02
C PRO D 152 15.11 -2.82 2.29
N ILE D 153 14.61 -3.88 1.66
CA ILE D 153 14.99 -5.25 1.97
C ILE D 153 15.88 -5.77 0.85
N SER D 154 17.04 -6.30 1.22
CA SER D 154 17.93 -6.99 0.28
C SER D 154 17.59 -8.47 0.33
N VAL D 155 16.95 -8.97 -0.73
CA VAL D 155 16.44 -10.33 -0.75
C VAL D 155 17.46 -11.31 -1.32
N THR D 156 18.71 -10.85 -1.52
CA THR D 156 19.65 -11.61 -2.33
C THR D 156 19.98 -12.97 -1.72
N TYR D 157 20.14 -13.03 -0.40
CA TYR D 157 20.55 -14.24 0.30
C TYR D 157 19.45 -14.82 1.18
N PHE D 158 18.20 -14.45 0.93
CA PHE D 158 17.09 -14.95 1.74
C PHE D 158 16.99 -16.47 1.58
N PRO D 159 16.82 -17.24 2.68
CA PRO D 159 16.59 -16.87 4.08
C PRO D 159 17.87 -16.69 4.90
N PHE D 160 19.05 -16.64 4.28
CA PHE D 160 20.31 -16.41 4.98
C PHE D 160 20.74 -14.95 4.91
N ASP D 161 19.78 -14.03 4.93
CA ASP D 161 20.01 -12.62 4.68
C ASP D 161 20.17 -11.85 5.97
N TRP D 162 20.83 -10.70 5.85
CA TRP D 162 20.89 -9.69 6.89
C TRP D 162 20.44 -8.36 6.30
N GLN D 163 19.78 -7.56 7.15
CA GLN D 163 19.19 -6.26 6.72
C GLN D 163 19.92 -5.12 7.41
N ASN D 164 19.74 -3.90 6.91
CA ASN D 164 20.40 -2.70 7.45
C ASN D 164 19.30 -1.64 7.54
N CYS D 165 18.59 -1.60 8.65
CA CYS D 165 17.46 -0.65 8.84
C CYS D 165 18.02 0.60 9.53
N SER D 166 17.29 1.71 9.52
CA SER D 166 17.73 2.95 10.13
C SER D 166 16.52 3.72 10.63
N LEU D 167 16.72 4.40 11.76
CA LEU D 167 15.75 5.34 12.32
C LEU D 167 16.42 6.71 12.31
N LYS D 168 15.95 7.58 11.41
CA LYS D 168 16.51 8.91 11.22
C LYS D 168 15.64 9.92 11.97
N PHE D 169 16.24 10.64 12.89
CA PHE D 169 15.54 11.60 13.75
C PHE D 169 16.04 13.00 13.45
N SER D 170 15.10 13.91 13.16
CA SER D 170 15.42 15.30 12.90
C SER D 170 14.25 16.14 13.40
N SER D 171 14.38 17.46 13.23
CA SER D 171 13.34 18.41 13.57
C SER D 171 12.87 19.09 12.30
N LEU D 172 11.56 19.04 12.04
CA LEU D 172 10.97 19.79 10.95
C LEU D 172 10.58 21.20 11.37
N LYS D 173 10.25 21.39 12.65
CA LYS D 173 9.90 22.72 13.14
C LYS D 173 11.12 23.60 13.38
N TYR D 174 12.30 23.01 13.53
CA TYR D 174 13.53 23.76 13.77
C TYR D 174 14.63 23.23 12.87
N THR D 175 15.57 24.11 12.53
CA THR D 175 16.71 23.80 11.68
C THR D 175 17.98 23.87 12.51
N ALA D 176 19.12 23.65 11.84
CA ALA D 176 20.42 23.71 12.51
C ALA D 176 20.70 25.10 13.07
N LYS D 177 20.08 26.13 12.53
CA LYS D 177 20.21 27.47 13.09
C LYS D 177 19.60 27.55 14.48
N GLU D 178 18.47 26.88 14.70
CA GLU D 178 17.71 27.03 15.94
C GLU D 178 18.05 25.99 16.99
N ILE D 179 18.32 24.75 16.60
CA ILE D 179 18.72 23.70 17.53
C ILE D 179 19.92 22.98 16.97
N THR D 180 20.77 22.46 17.86
CA THR D 180 21.92 21.65 17.51
C THR D 180 21.71 20.26 18.08
N LEU D 181 21.65 19.25 17.21
CA LEU D 181 21.50 17.87 17.63
C LEU D 181 22.86 17.26 17.93
N SER D 182 22.92 16.47 18.99
CA SER D 182 24.14 15.77 19.37
C SER D 182 23.76 14.49 20.10
N LEU D 183 24.73 13.61 20.25
CA LEU D 183 24.52 12.36 20.96
C LEU D 183 24.69 12.57 22.47
N LYS D 184 23.97 11.76 23.24
CA LYS D 184 24.06 11.81 24.69
C LYS D 184 25.47 11.45 25.14
N GLN D 185 25.94 12.14 26.18
CA GLN D 185 27.26 11.92 26.76
C GLN D 185 27.13 11.22 28.10
N ASP D 186 27.83 10.11 28.25
CA ASP D 186 27.93 9.37 29.51
C ASP D 186 29.30 9.58 30.12
N ALA D 187 29.43 9.19 31.39
CA ALA D 187 30.66 9.37 32.15
C ALA D 187 31.02 8.08 32.87
N LYS D 188 32.32 7.78 32.91
CA LYS D 188 32.85 6.70 33.72
C LYS D 188 34.18 7.18 34.31
N GLU D 189 34.29 7.10 35.64
CA GLU D 189 35.52 7.47 36.35
C GLU D 189 35.95 8.90 36.02
N ASN D 190 34.98 9.80 35.97
CA ASN D 190 35.21 11.21 35.64
C ASN D 190 35.82 11.37 34.26
N ARG D 191 35.48 10.49 33.33
CA ARG D 191 35.87 10.60 31.93
C ARG D 191 34.61 10.51 31.07
N THR D 192 34.40 11.51 30.23
CA THR D 192 33.19 11.60 29.42
C THR D 192 33.41 10.98 28.05
N TYR D 193 32.36 10.34 27.53
CA TYR D 193 32.36 9.77 26.20
C TYR D 193 30.98 9.93 25.59
N PRO D 194 30.87 9.90 24.26
CA PRO D 194 29.53 9.91 23.65
C PRO D 194 28.93 8.52 23.56
N VAL D 195 27.61 8.48 23.65
CA VAL D 195 26.84 7.25 23.48
C VAL D 195 26.57 7.11 21.98
N GLU D 196 27.37 6.27 21.31
CA GLU D 196 27.33 6.11 19.87
C GLU D 196 26.71 4.76 19.47
N TRP D 197 25.69 4.33 20.22
CA TRP D 197 25.02 3.08 19.95
C TRP D 197 23.60 3.15 20.49
N ILE D 198 22.75 2.25 20.00
CA ILE D 198 21.44 2.08 20.59
C ILE D 198 21.59 1.37 21.92
N ILE D 199 20.94 1.90 22.96
CA ILE D 199 21.03 1.32 24.29
C ILE D 199 20.08 0.13 24.37
N ILE D 200 20.58 -1.00 24.86
CA ILE D 200 19.78 -2.19 25.09
C ILE D 200 20.05 -2.66 26.52
N ASP D 201 18.99 -2.84 27.29
CA ASP D 201 19.13 -3.38 28.64
C ASP D 201 19.43 -4.88 28.54
N PRO D 202 20.54 -5.37 29.10
CA PRO D 202 20.81 -6.82 28.98
C PRO D 202 19.75 -7.68 29.66
N GLU D 203 19.11 -7.19 30.71
CA GLU D 203 18.14 -7.98 31.47
C GLU D 203 16.74 -7.88 30.88
N GLY D 204 16.26 -6.66 30.63
CA GLY D 204 14.88 -6.45 30.22
C GLY D 204 14.59 -6.62 28.74
N PHE D 205 15.62 -6.85 27.92
CA PHE D 205 15.43 -6.95 26.48
C PHE D 205 15.20 -8.41 26.08
N THR D 206 14.10 -8.65 25.36
CA THR D 206 13.79 -9.95 24.80
C THR D 206 14.11 -9.92 23.31
N GLU D 207 14.95 -10.86 22.87
CA GLU D 207 15.35 -10.88 21.46
C GLU D 207 14.17 -11.26 20.58
N ASN D 208 14.13 -10.66 19.39
CA ASN D 208 13.08 -10.98 18.43
C ASN D 208 13.18 -12.44 18.02
N GLY D 209 12.02 -13.05 17.74
CA GLY D 209 11.97 -14.46 17.42
C GLY D 209 12.57 -14.82 16.07
N GLU D 210 12.94 -13.83 15.25
CA GLU D 210 13.49 -14.07 13.92
C GLU D 210 14.77 -13.30 13.62
N TRP D 211 15.06 -12.21 14.32
CA TRP D 211 16.15 -11.31 13.98
C TRP D 211 17.08 -11.15 15.18
N GLU D 212 18.39 -11.28 14.92
CA GLU D 212 19.43 -11.06 15.93
C GLU D 212 20.16 -9.77 15.57
N ILE D 213 20.33 -8.90 16.55
CA ILE D 213 21.03 -7.63 16.34
C ILE D 213 22.53 -7.89 16.37
N VAL D 214 23.23 -7.49 15.30
CA VAL D 214 24.68 -7.67 15.20
C VAL D 214 25.35 -6.35 15.57
N HIS D 215 25.00 -5.29 14.85
CA HIS D 215 25.51 -3.95 15.11
C HIS D 215 24.34 -3.00 15.36
N ARG D 216 24.59 -1.94 16.11
CA ARG D 216 23.56 -0.96 16.46
C ARG D 216 24.21 0.39 16.73
N PRO D 217 24.79 1.01 15.72
CA PRO D 217 25.47 2.29 15.90
C PRO D 217 24.51 3.48 15.93
N ALA D 218 25.03 4.60 16.40
CA ALA D 218 24.34 5.88 16.40
C ALA D 218 25.28 6.95 15.86
N ARG D 219 24.77 7.80 14.97
CA ARG D 219 25.60 8.75 14.25
C ARG D 219 24.90 10.10 14.12
N VAL D 220 25.65 11.17 14.30
CA VAL D 220 25.19 12.52 13.95
C VAL D 220 25.61 12.78 12.51
N ASN D 221 24.64 12.97 11.63
CA ASN D 221 24.87 13.24 10.22
C ASN D 221 24.57 14.71 9.94
N VAL D 222 25.55 15.40 9.37
CA VAL D 222 25.43 16.79 8.95
C VAL D 222 25.71 16.84 7.45
N ASP D 223 24.81 17.47 6.70
CA ASP D 223 24.97 17.60 5.25
C ASP D 223 25.69 18.91 4.96
N PRO D 224 26.95 18.90 4.50
CA PRO D 224 27.61 20.18 4.21
C PRO D 224 26.96 20.93 3.04
N ARG D 225 26.34 20.22 2.11
CA ARG D 225 25.79 20.88 0.92
C ARG D 225 24.52 21.66 1.24
N ALA D 226 23.67 21.11 2.10
CA ALA D 226 22.40 21.78 2.39
C ALA D 226 22.65 23.07 3.17
N PRO D 227 21.79 24.07 3.03
CA PRO D 227 21.97 25.30 3.81
C PRO D 227 21.64 25.08 5.27
N LEU D 228 22.18 25.95 6.11
CA LEU D 228 22.00 25.82 7.55
C LEU D 228 20.55 26.01 7.96
N ASP D 229 19.76 26.75 7.17
CA ASP D 229 18.35 26.98 7.47
C ASP D 229 17.43 25.94 6.85
N SER D 230 17.96 24.77 6.49
CA SER D 230 17.17 23.67 5.93
C SER D 230 16.91 22.60 6.98
N PRO D 231 15.73 21.99 7.07
CA PRO D 231 15.58 20.86 8.00
C PRO D 231 16.45 19.66 7.68
N SER D 232 16.91 19.53 6.44
CA SER D 232 17.72 18.39 6.02
C SER D 232 19.21 18.57 6.36
N ARG D 233 19.60 19.67 6.99
CA ARG D 233 21.00 19.88 7.32
C ARG D 233 21.51 18.83 8.30
N GLN D 234 20.76 18.59 9.39
CA GLN D 234 21.22 17.75 10.49
C GLN D 234 20.22 16.65 10.78
N ASP D 235 20.74 15.51 11.22
CA ASP D 235 19.91 14.43 11.75
C ASP D 235 20.77 13.54 12.63
N ILE D 236 20.12 12.73 13.44
CA ILE D 236 20.77 11.66 14.19
C ILE D 236 20.13 10.36 13.74
N THR D 237 20.95 9.44 13.24
CA THR D 237 20.49 8.16 12.72
C THR D 237 20.95 7.04 13.64
N PHE D 238 20.00 6.20 14.03
CA PHE D 238 20.27 4.99 14.79
C PHE D 238 20.03 3.79 13.87
N TYR D 239 21.09 3.05 13.59
CA TYR D 239 21.04 1.95 12.64
C TYR D 239 20.90 0.63 13.37
N LEU D 240 20.30 -0.34 12.69
CA LEU D 240 20.17 -1.71 13.17
C LEU D 240 20.58 -2.63 12.04
N ILE D 241 21.75 -3.28 12.21
CA ILE D 241 22.15 -4.39 11.36
C ILE D 241 21.62 -5.65 12.03
N ILE D 242 20.71 -6.35 11.35
CA ILE D 242 20.00 -7.48 11.94
C ILE D 242 20.12 -8.68 11.01
N ARG D 243 20.53 -9.81 11.55
CA ARG D 243 20.70 -11.05 10.82
C ARG D 243 19.49 -11.94 11.08
N ARG D 244 18.94 -12.51 10.01
CA ARG D 244 17.83 -13.44 10.17
C ARG D 244 18.31 -14.74 10.81
N LYS D 245 17.45 -15.32 11.64
CA LYS D 245 17.66 -16.66 12.16
C LYS D 245 16.92 -17.63 11.25
N PRO D 246 17.61 -18.43 10.41
CA PRO D 246 16.90 -19.14 9.34
C PRO D 246 16.35 -20.51 9.71
N LEU D 247 16.26 -20.82 11.01
CA LEU D 247 15.89 -22.17 11.42
C LEU D 247 14.49 -22.54 10.95
N PHE D 248 13.53 -21.62 11.09
CA PHE D 248 12.16 -21.92 10.64
C PHE D 248 12.14 -22.17 9.14
N TYR D 249 12.71 -21.25 8.36
CA TYR D 249 12.71 -21.42 6.91
C TYR D 249 13.46 -22.68 6.51
N ILE D 250 14.58 -22.95 7.17
CA ILE D 250 15.33 -24.18 6.92
C ILE D 250 14.41 -25.39 7.06
N ILE D 251 13.92 -25.61 8.29
CA ILE D 251 13.18 -26.82 8.62
C ILE D 251 11.92 -26.95 7.78
N ASN D 252 11.25 -25.83 7.48
CA ASN D 252 9.92 -25.89 6.90
C ASN D 252 9.90 -25.85 5.38
N ILE D 253 10.95 -25.32 4.73
CA ILE D 253 10.96 -25.18 3.27
C ILE D 253 12.20 -25.82 2.69
N LEU D 254 13.38 -25.47 3.19
CA LEU D 254 14.60 -25.74 2.43
C LEU D 254 14.93 -27.22 2.40
N VAL D 255 14.89 -27.88 3.56
CA VAL D 255 15.17 -29.31 3.60
C VAL D 255 14.12 -30.10 2.82
N PRO D 256 12.82 -29.90 3.03
CA PRO D 256 11.84 -30.58 2.16
C PRO D 256 12.02 -30.27 0.69
N CYS D 257 12.21 -28.99 0.34
CA CYS D 257 12.33 -28.63 -1.07
C CYS D 257 13.57 -29.24 -1.69
N VAL D 258 14.71 -29.17 -0.99
CA VAL D 258 15.95 -29.71 -1.53
C VAL D 258 15.85 -31.22 -1.68
N LEU D 259 15.30 -31.91 -0.67
CA LEU D 259 15.20 -33.36 -0.77
C LEU D 259 14.24 -33.79 -1.88
N ILE D 260 13.12 -33.09 -2.03
CA ILE D 260 12.17 -33.43 -3.08
C ILE D 260 12.79 -33.19 -4.44
N SER D 261 13.55 -32.11 -4.59
CA SER D 261 14.24 -31.87 -5.85
C SER D 261 15.29 -32.95 -6.13
N PHE D 262 16.03 -33.35 -5.11
CA PHE D 262 17.08 -34.35 -5.29
C PHE D 262 16.49 -35.71 -5.65
N MET D 263 15.27 -36.01 -5.19
CA MET D 263 14.70 -37.32 -5.48
C MET D 263 14.45 -37.55 -6.97
N VAL D 264 14.38 -36.50 -7.78
CA VAL D 264 14.11 -36.68 -9.21
C VAL D 264 15.21 -37.48 -9.89
N ASN D 265 16.41 -37.50 -9.33
CA ASN D 265 17.48 -38.34 -9.87
C ASN D 265 17.17 -39.83 -9.75
N LEU D 266 16.25 -40.21 -8.85
CA LEU D 266 15.88 -41.61 -8.71
C LEU D 266 15.24 -42.19 -9.96
N VAL D 267 14.69 -41.35 -10.83
CA VAL D 267 14.01 -41.85 -12.03
C VAL D 267 15.00 -42.56 -12.94
N PHE D 268 16.26 -42.13 -12.93
CA PHE D 268 17.27 -42.80 -13.75
C PHE D 268 17.50 -44.23 -13.29
N TYR D 269 17.31 -44.51 -12.00
CA TYR D 269 17.45 -45.86 -11.47
C TYR D 269 16.17 -46.68 -11.58
N LEU D 270 15.04 -46.06 -11.92
CA LEU D 270 13.82 -46.83 -12.17
C LEU D 270 13.91 -47.50 -13.54
N PRO D 271 13.34 -48.70 -13.69
CA PRO D 271 13.31 -49.31 -15.03
C PRO D 271 12.23 -48.69 -15.90
N ALA D 272 12.48 -48.73 -17.22
CA ALA D 272 11.51 -48.21 -18.16
C ALA D 272 10.22 -49.02 -18.16
N ASP D 273 10.30 -50.31 -17.83
CA ASP D 273 9.11 -51.15 -17.79
C ASP D 273 8.22 -50.85 -16.59
N SER D 274 8.71 -50.11 -15.59
CA SER D 274 7.88 -49.77 -14.44
C SER D 274 6.70 -48.91 -14.84
N GLY D 275 6.88 -48.03 -15.84
CA GLY D 275 5.80 -47.18 -16.28
C GLY D 275 5.45 -46.05 -15.34
N GLU D 276 6.38 -45.64 -14.48
CA GLU D 276 6.12 -44.59 -13.49
C GLU D 276 7.30 -43.62 -13.39
N LYS D 277 7.99 -43.39 -14.51
CA LYS D 277 9.18 -42.53 -14.51
C LYS D 277 8.79 -41.06 -14.68
N THR D 278 8.11 -40.74 -15.79
CA THR D 278 7.71 -39.36 -16.04
C THR D 278 6.69 -38.90 -15.01
N SER D 279 5.89 -39.81 -14.46
CA SER D 279 4.96 -39.44 -13.40
C SER D 279 5.72 -38.93 -12.17
N VAL D 280 6.79 -39.65 -11.80
CA VAL D 280 7.61 -39.22 -10.66
C VAL D 280 8.22 -37.85 -10.96
N ALA D 281 8.79 -37.69 -12.15
CA ALA D 281 9.48 -36.44 -12.47
C ALA D 281 8.52 -35.26 -12.51
N ILE D 282 7.37 -35.41 -13.15
CA ILE D 282 6.41 -34.30 -13.23
C ILE D 282 5.80 -34.03 -11.87
N SER D 283 5.64 -35.06 -11.02
CA SER D 283 5.17 -34.80 -9.67
C SER D 283 6.18 -34.00 -8.86
N VAL D 284 7.47 -34.27 -9.05
CA VAL D 284 8.50 -33.44 -8.41
C VAL D 284 8.38 -32.00 -8.90
N LEU D 285 8.13 -31.82 -10.20
CA LEU D 285 7.94 -30.46 -10.71
C LEU D 285 6.72 -29.80 -10.06
N LEU D 286 5.63 -30.54 -9.89
CA LEU D 286 4.45 -29.99 -9.23
C LEU D 286 4.74 -29.59 -7.80
N ALA D 287 5.49 -30.42 -7.07
CA ALA D 287 5.86 -30.08 -5.70
C ALA D 287 6.71 -28.81 -5.66
N GLN D 288 7.65 -28.69 -6.59
CA GLN D 288 8.45 -27.47 -6.67
C GLN D 288 7.58 -26.25 -6.95
N SER D 289 6.56 -26.42 -7.79
CA SER D 289 5.63 -25.32 -8.06
C SER D 289 4.87 -24.93 -6.80
N VAL D 290 4.47 -25.93 -5.99
CA VAL D 290 3.79 -25.62 -4.74
C VAL D 290 4.72 -24.88 -3.78
N PHE D 291 5.99 -25.25 -3.75
CA PHE D 291 6.95 -24.52 -2.93
C PHE D 291 7.12 -23.09 -3.42
N LEU D 292 7.12 -22.90 -4.74
CA LEU D 292 7.19 -21.55 -5.29
C LEU D 292 5.97 -20.73 -4.90
N LEU D 293 4.79 -21.36 -4.92
CA LEU D 293 3.58 -20.68 -4.44
C LEU D 293 3.71 -20.30 -2.98
N LEU D 294 4.29 -21.19 -2.16
CA LEU D 294 4.50 -20.87 -0.75
C LEU D 294 5.42 -19.68 -0.58
N ILE D 295 6.52 -19.64 -1.34
CA ILE D 295 7.50 -18.57 -1.18
C ILE D 295 6.98 -17.25 -1.74
N SER D 296 6.07 -17.31 -2.73
CA SER D 296 5.62 -16.09 -3.38
C SER D 296 4.90 -15.13 -2.45
N LYS D 297 4.37 -15.63 -1.32
CA LYS D 297 3.61 -14.80 -0.40
C LYS D 297 4.47 -14.13 0.66
N ARG D 298 5.77 -14.43 0.74
CA ARG D 298 6.60 -14.08 1.88
C ARG D 298 7.62 -12.98 1.61
N LEU D 299 7.84 -12.60 0.36
CA LEU D 299 8.83 -11.60 -0.01
C LEU D 299 8.20 -10.59 -0.96
N PRO D 300 8.73 -9.36 -1.01
CA PRO D 300 8.21 -8.40 -2.00
C PRO D 300 8.69 -8.74 -3.40
N ALA D 301 7.97 -8.23 -4.39
CA ALA D 301 8.29 -8.46 -5.80
C ALA D 301 9.32 -7.47 -6.32
N THR D 302 10.45 -7.36 -5.62
CA THR D 302 11.52 -6.46 -6.03
C THR D 302 12.37 -7.10 -7.12
N SER D 303 13.04 -6.25 -7.88
CA SER D 303 13.88 -6.67 -9.01
C SER D 303 15.36 -6.46 -8.75
N MET D 304 15.76 -6.12 -7.52
CA MET D 304 17.18 -5.92 -7.24
C MET D 304 17.97 -7.21 -7.41
N ALA D 305 17.38 -8.35 -7.06
CA ALA D 305 18.04 -9.63 -7.17
C ALA D 305 17.01 -10.74 -7.05
N ILE D 306 17.38 -11.93 -7.52
CA ILE D 306 16.56 -13.11 -7.35
C ILE D 306 16.89 -13.66 -5.96
N PRO D 307 15.92 -14.06 -5.13
CA PRO D 307 16.28 -14.63 -3.83
C PRO D 307 17.04 -15.95 -3.98
N LEU D 308 17.84 -16.26 -2.97
CA LEU D 308 18.63 -17.48 -2.99
C LEU D 308 17.74 -18.70 -3.10
N ILE D 309 16.67 -18.76 -2.31
CA ILE D 309 15.71 -19.84 -2.44
C ILE D 309 15.03 -19.77 -3.81
N GLY D 310 14.76 -18.56 -4.30
CA GLY D 310 14.24 -18.43 -5.65
C GLY D 310 15.20 -18.93 -6.70
N LYS D 311 16.49 -18.63 -6.55
CA LYS D 311 17.50 -19.14 -7.47
C LYS D 311 17.53 -20.66 -7.46
N PHE D 312 17.50 -21.26 -6.27
CA PHE D 312 17.52 -22.71 -6.18
C PHE D 312 16.27 -23.32 -6.80
N LEU D 313 15.11 -22.70 -6.56
CA LEU D 313 13.87 -23.24 -7.10
C LEU D 313 13.87 -23.17 -8.63
N LEU D 314 14.35 -22.05 -9.20
CA LEU D 314 14.44 -21.94 -10.65
C LEU D 314 15.40 -22.97 -11.22
N PHE D 315 16.57 -23.12 -10.59
CA PHE D 315 17.56 -24.09 -11.05
C PHE D 315 17.00 -25.50 -10.98
N GLY D 316 16.35 -25.85 -9.86
CA GLY D 316 15.80 -27.18 -9.70
C GLY D 316 14.66 -27.46 -10.66
N MET D 317 13.85 -26.44 -10.95
CA MET D 317 12.73 -26.64 -11.87
C MET D 317 13.24 -26.83 -13.29
N VAL D 318 14.26 -26.07 -13.69
CA VAL D 318 14.88 -26.27 -15.00
C VAL D 318 15.49 -27.67 -15.07
N LEU D 319 16.17 -28.09 -14.01
CA LEU D 319 16.78 -29.43 -14.01
C LEU D 319 15.72 -30.52 -14.07
N VAL D 320 14.62 -30.35 -13.35
CA VAL D 320 13.55 -31.35 -13.35
C VAL D 320 12.89 -31.41 -14.72
N THR D 321 12.72 -30.26 -15.38
CA THR D 321 12.20 -30.25 -16.74
C THR D 321 13.13 -31.00 -17.69
N MET D 322 14.44 -30.77 -17.56
CA MET D 322 15.40 -31.52 -18.36
C MET D 322 15.32 -33.01 -18.06
N VAL D 323 15.09 -33.38 -16.80
CA VAL D 323 14.99 -34.79 -16.44
C VAL D 323 13.74 -35.40 -17.05
N VAL D 324 12.63 -34.65 -17.08
CA VAL D 324 11.41 -35.16 -17.72
C VAL D 324 11.67 -35.39 -19.21
N VAL D 325 12.36 -34.45 -19.85
CA VAL D 325 12.70 -34.63 -21.26
C VAL D 325 13.57 -35.86 -21.46
N ILE D 326 14.55 -36.06 -20.58
CA ILE D 326 15.43 -37.22 -20.67
C ILE D 326 14.63 -38.51 -20.47
N CYS D 327 13.67 -38.50 -19.55
CA CYS D 327 12.84 -39.67 -19.33
C CYS D 327 12.00 -39.98 -20.57
N VAL D 328 11.47 -38.92 -21.20
CA VAL D 328 10.71 -39.11 -22.44
C VAL D 328 11.59 -39.76 -23.51
N ILE D 329 12.82 -39.26 -23.65
CA ILE D 329 13.72 -39.80 -24.66
C ILE D 329 14.09 -41.25 -24.34
N VAL D 330 14.35 -41.55 -23.08
CA VAL D 330 14.70 -42.91 -22.68
C VAL D 330 13.55 -43.86 -22.94
N LEU D 331 12.33 -43.44 -22.60
CA LEU D 331 11.16 -44.29 -22.87
C LEU D 331 10.94 -44.48 -24.36
N ASN D 332 11.17 -43.42 -25.15
CA ASN D 332 11.08 -43.55 -26.60
C ASN D 332 12.08 -44.58 -27.12
N ILE D 333 13.31 -44.55 -26.61
CA ILE D 333 14.33 -45.49 -27.05
C ILE D 333 13.97 -46.91 -26.61
N HIS D 334 13.42 -47.05 -25.40
CA HIS D 334 13.18 -48.37 -24.83
C HIS D 334 12.17 -49.16 -25.64
N PHE D 335 11.14 -48.49 -26.15
CA PHE D 335 10.00 -49.16 -26.78
C PHE D 335 10.15 -49.29 -28.28
N ARG D 336 11.32 -49.01 -28.84
CA ARG D 336 11.53 -49.21 -30.27
C ARG D 336 11.56 -50.69 -30.60
N THR D 337 11.08 -51.02 -31.79
CA THR D 337 10.98 -52.39 -32.28
C THR D 337 11.44 -52.43 -33.72
N PRO D 338 11.74 -53.62 -34.26
CA PRO D 338 12.12 -53.70 -35.67
C PRO D 338 11.08 -53.13 -36.63
N SER D 339 9.79 -53.25 -36.31
CA SER D 339 8.74 -52.73 -37.17
C SER D 339 8.67 -51.20 -37.16
N THR D 340 9.32 -50.55 -36.21
CA THR D 340 9.27 -49.10 -36.05
C THR D 340 10.60 -48.40 -36.31
N HIS D 341 11.71 -48.98 -35.88
CA HIS D 341 13.02 -48.36 -35.98
C HIS D 341 14.06 -49.39 -36.39
N VAL D 342 15.13 -48.90 -37.01
CA VAL D 342 16.26 -49.73 -37.41
C VAL D 342 17.37 -49.53 -36.38
N LEU D 343 17.83 -50.63 -35.79
CA LEU D 343 18.92 -50.60 -34.82
C LEU D 343 20.22 -50.79 -35.59
N SER D 344 20.97 -49.71 -35.77
CA SER D 344 22.20 -49.74 -36.54
C SER D 344 23.32 -50.42 -35.76
N GLU D 345 24.36 -50.82 -36.50
CA GLU D 345 25.51 -51.44 -35.86
C GLU D 345 26.32 -50.44 -35.05
N GLY D 346 26.40 -49.19 -35.50
CA GLY D 346 27.12 -48.18 -34.75
C GLY D 346 26.48 -47.88 -33.41
N VAL D 347 25.14 -47.77 -33.38
CA VAL D 347 24.43 -47.53 -32.13
C VAL D 347 24.66 -48.68 -31.17
N LYS D 348 24.59 -49.92 -31.67
CA LYS D 348 24.85 -51.09 -30.83
C LYS D 348 26.28 -51.05 -30.28
N LYS D 349 27.24 -50.72 -31.13
CA LYS D 349 28.63 -50.68 -30.67
C LYS D 349 28.81 -49.63 -29.59
N LEU D 350 28.21 -48.45 -29.78
CA LEU D 350 28.40 -47.37 -28.82
C LEU D 350 27.70 -47.66 -27.49
N PHE D 351 26.47 -48.17 -27.53
CA PHE D 351 25.62 -48.19 -26.34
C PHE D 351 25.56 -49.55 -25.66
N LEU D 352 25.96 -50.64 -26.32
CA LEU D 352 25.91 -51.97 -25.72
C LEU D 352 27.25 -52.49 -25.23
N GLU D 353 28.36 -52.04 -25.82
CA GLU D 353 29.69 -52.51 -25.41
C GLU D 353 30.57 -51.40 -24.83
N THR D 354 30.80 -50.32 -25.58
CA THR D 354 31.79 -49.33 -25.17
C THR D 354 31.35 -48.60 -23.89
N LEU D 355 30.19 -47.97 -23.92
CA LEU D 355 29.73 -47.16 -22.79
C LEU D 355 29.53 -47.96 -21.52
N PRO D 356 28.94 -49.16 -21.58
CA PRO D 356 28.80 -49.96 -20.34
C PRO D 356 30.12 -50.26 -19.64
N GLU D 357 31.21 -50.53 -20.37
CA GLU D 357 32.48 -50.77 -19.69
C GLU D 357 33.17 -49.45 -19.31
N LEU D 358 32.87 -48.36 -20.00
CA LEU D 358 33.23 -47.04 -19.47
C LEU D 358 32.49 -46.76 -18.17
N LEU D 359 31.19 -47.08 -18.12
CA LEU D 359 30.36 -46.75 -16.97
C LEU D 359 30.34 -47.84 -15.90
N HIS D 360 31.10 -48.93 -16.09
CA HIS D 360 31.17 -50.01 -15.11
C HIS D 360 29.80 -50.61 -14.84
N MET D 361 28.97 -50.70 -15.89
CA MET D 361 27.67 -51.32 -15.75
C MET D 361 27.80 -52.84 -15.66
N SER D 362 26.91 -53.45 -14.88
CA SER D 362 26.91 -54.91 -14.74
C SER D 362 26.40 -55.53 -16.03
N ARG D 363 27.26 -56.29 -16.71
CA ARG D 363 26.90 -56.96 -17.94
C ARG D 363 26.34 -58.34 -17.66
N PRO D 364 25.60 -58.94 -18.61
CA PRO D 364 25.17 -60.32 -18.42
C PRO D 364 26.34 -61.28 -18.45
N ALA D 365 26.17 -62.40 -17.75
CA ALA D 365 27.19 -63.44 -17.67
C ALA D 365 28.52 -62.91 -17.13
N GLN D 429 5.74 -92.48 -53.08
CA GLN D 429 5.77 -91.14 -52.48
C GLN D 429 4.42 -90.75 -51.90
N GLU D 430 3.50 -91.72 -51.75
CA GLU D 430 2.18 -91.40 -51.21
C GLU D 430 2.27 -91.00 -49.75
N LEU D 431 3.13 -91.66 -48.98
CA LEU D 431 3.31 -91.28 -47.58
C LEU D 431 3.87 -89.87 -47.46
N PHE D 432 4.85 -89.53 -48.30
CA PHE D 432 5.39 -88.18 -48.28
C PHE D 432 4.34 -87.17 -48.71
N ASN D 433 3.50 -87.52 -49.69
CA ASN D 433 2.43 -86.62 -50.09
C ASN D 433 1.43 -86.39 -48.96
N GLU D 434 1.12 -87.44 -48.21
CA GLU D 434 0.20 -87.29 -47.08
C GLU D 434 0.82 -86.48 -45.94
N LEU D 435 2.14 -86.61 -45.73
CA LEU D 435 2.81 -85.90 -44.66
C LEU D 435 3.26 -84.49 -45.05
N LYS D 436 3.18 -84.14 -46.34
CA LYS D 436 3.62 -82.81 -46.77
C LYS D 436 2.88 -81.67 -46.09
N PRO D 437 1.56 -81.70 -45.90
CA PRO D 437 0.93 -80.63 -45.10
C PRO D 437 1.51 -80.52 -43.70
N ALA D 438 1.79 -81.64 -43.04
CA ALA D 438 2.36 -81.59 -41.70
C ALA D 438 3.75 -80.98 -41.72
N VAL D 439 4.58 -81.34 -42.70
CA VAL D 439 5.93 -80.79 -42.79
C VAL D 439 5.88 -79.29 -43.07
N ASP D 440 4.98 -78.88 -43.97
CA ASP D 440 4.83 -77.45 -44.26
C ASP D 440 4.37 -76.69 -43.03
N GLY D 441 3.41 -77.24 -42.29
CA GLY D 441 2.96 -76.59 -41.08
C GLY D 441 4.06 -76.49 -40.04
N ALA D 442 4.85 -77.55 -39.88
CA ALA D 442 5.95 -77.52 -38.93
C ALA D 442 6.98 -76.47 -39.33
N ASN D 443 7.30 -76.38 -40.62
CA ASN D 443 8.25 -75.36 -41.05
C ASN D 443 7.70 -73.95 -40.84
N PHE D 444 6.39 -73.76 -41.08
CA PHE D 444 5.78 -72.46 -40.83
C PHE D 444 5.85 -72.10 -39.35
N ILE D 445 5.57 -73.09 -38.48
CA ILE D 445 5.64 -72.85 -37.05
C ILE D 445 7.07 -72.48 -36.64
N VAL D 446 8.05 -73.18 -37.19
CA VAL D 446 9.45 -72.91 -36.87
C VAL D 446 9.84 -71.51 -37.31
N ASN D 447 9.43 -71.12 -38.53
CA ASN D 447 9.75 -69.78 -39.01
C ASN D 447 9.08 -68.71 -38.14
N HIS D 448 7.84 -68.95 -37.73
CA HIS D 448 7.16 -68.02 -36.85
C HIS D 448 7.89 -67.86 -35.53
N MET D 449 8.31 -68.98 -34.93
CA MET D 449 9.02 -68.91 -33.67
C MET D 449 10.36 -68.20 -33.82
N ARG D 450 11.10 -68.48 -34.89
CA ARG D 450 12.38 -67.83 -35.10
C ARG D 450 12.22 -66.33 -35.30
N ASP D 451 11.22 -65.93 -36.09
CA ASP D 451 10.98 -64.51 -36.30
C ASP D 451 10.59 -63.82 -35.00
N GLN D 452 9.74 -64.46 -34.19
CA GLN D 452 9.36 -63.88 -32.92
C GLN D 452 10.57 -63.74 -31.99
N ASN D 453 11.44 -64.75 -31.98
CA ASN D 453 12.62 -64.69 -31.13
C ASN D 453 13.55 -63.57 -31.56
N ASN D 454 13.77 -63.41 -32.87
CA ASN D 454 14.63 -62.33 -33.35
C ASN D 454 14.03 -60.97 -33.02
N TYR D 455 12.71 -60.83 -33.19
CA TYR D 455 12.01 -59.60 -32.83
C TYR D 455 12.21 -59.27 -31.36
N ASN D 456 12.03 -60.26 -30.49
CA ASN D 456 12.20 -60.05 -29.06
C ASN D 456 13.66 -59.71 -28.73
N GLU D 457 14.61 -60.31 -29.44
CA GLU D 457 16.01 -59.99 -29.20
C GLU D 457 16.32 -58.54 -29.55
N GLU D 458 15.78 -58.05 -30.67
CA GLU D 458 15.99 -56.65 -31.02
C GLU D 458 15.34 -55.73 -30.00
N LYS D 459 14.15 -56.10 -29.52
CA LYS D 459 13.52 -55.29 -28.47
C LYS D 459 14.38 -55.27 -27.20
N ASP D 460 14.96 -56.41 -26.84
CA ASP D 460 15.85 -56.46 -25.69
C ASP D 460 17.08 -55.58 -25.88
N SER D 461 17.61 -55.57 -27.11
CA SER D 461 18.75 -54.69 -27.38
C SER D 461 18.37 -53.23 -27.21
N TRP D 462 17.18 -52.85 -27.68
CA TRP D 462 16.73 -51.48 -27.47
C TRP D 462 16.57 -51.18 -25.98
N ASN D 463 16.09 -52.15 -25.21
CA ASN D 463 16.00 -51.96 -23.76
C ASN D 463 17.37 -51.75 -23.15
N ARG D 464 18.37 -52.51 -23.60
CA ARG D 464 19.73 -52.33 -23.08
C ARG D 464 20.27 -50.95 -23.42
N VAL D 465 20.02 -50.47 -24.64
CA VAL D 465 20.45 -49.13 -25.03
C VAL D 465 19.79 -48.08 -24.13
N ALA D 466 18.49 -48.25 -23.87
CA ALA D 466 17.78 -47.30 -23.00
C ALA D 466 18.38 -47.28 -21.60
N ARG D 467 18.71 -48.45 -21.06
CA ARG D 467 19.31 -48.51 -19.73
C ARG D 467 20.71 -47.88 -19.72
N THR D 468 21.49 -48.08 -20.77
CA THR D 468 22.79 -47.43 -20.85
C THR D 468 22.64 -45.92 -20.86
N VAL D 469 21.69 -45.40 -21.65
CA VAL D 469 21.46 -43.97 -21.69
C VAL D 469 21.02 -43.47 -20.32
N ASP D 470 20.21 -44.26 -19.60
CA ASP D 470 19.72 -43.88 -18.26
C ASP D 470 20.88 -43.78 -17.29
N ARG D 471 21.81 -44.73 -17.35
CA ARG D 471 22.96 -44.69 -16.45
C ARG D 471 23.87 -43.51 -16.76
N LEU D 472 24.12 -43.24 -18.05
CA LEU D 472 24.93 -42.09 -18.42
C LEU D 472 24.29 -40.80 -17.97
N CYS D 473 22.97 -40.68 -18.15
CA CYS D 473 22.27 -39.47 -17.74
C CYS D 473 22.27 -39.33 -16.23
N LEU D 474 22.23 -40.43 -15.49
CA LEU D 474 22.37 -40.35 -14.04
C LEU D 474 23.72 -39.74 -13.66
N PHE D 475 24.80 -40.32 -14.18
CA PHE D 475 26.14 -39.85 -13.82
C PHE D 475 26.42 -38.44 -14.34
N VAL D 476 25.67 -37.97 -15.34
CA VAL D 476 25.84 -36.61 -15.81
C VAL D 476 24.99 -35.62 -15.00
N VAL D 477 23.74 -35.98 -14.71
CA VAL D 477 22.78 -35.02 -14.17
C VAL D 477 22.93 -34.88 -12.66
N THR D 478 23.11 -35.99 -11.94
CA THR D 478 23.14 -35.89 -10.48
C THR D 478 24.31 -35.04 -9.98
N PRO D 479 25.55 -35.19 -10.48
CA PRO D 479 26.60 -34.27 -10.01
C PRO D 479 26.32 -32.82 -10.33
N VAL D 480 25.71 -32.53 -11.47
CA VAL D 480 25.41 -31.15 -11.83
C VAL D 480 24.45 -30.53 -10.82
N MET D 481 23.38 -31.25 -10.48
CA MET D 481 22.42 -30.73 -9.52
C MET D 481 23.03 -30.59 -8.14
N VAL D 482 23.84 -31.57 -7.73
CA VAL D 482 24.48 -31.51 -6.41
C VAL D 482 25.40 -30.29 -6.34
N VAL D 483 26.24 -30.10 -7.36
CA VAL D 483 27.20 -29.00 -7.34
C VAL D 483 26.49 -27.66 -7.41
N GLY D 484 25.46 -27.54 -8.27
CA GLY D 484 24.74 -26.28 -8.36
C GLY D 484 24.03 -25.93 -7.07
N THR D 485 23.37 -26.92 -6.45
CA THR D 485 22.71 -26.66 -5.17
C THR D 485 23.71 -26.28 -4.09
N ALA D 486 24.84 -26.97 -4.04
CA ALA D 486 25.87 -26.65 -3.07
C ALA D 486 26.39 -25.24 -3.28
N TRP D 487 26.64 -24.85 -4.52
CA TRP D 487 27.10 -23.50 -4.81
C TRP D 487 26.08 -22.45 -4.36
N ILE D 488 24.82 -22.64 -4.77
CA ILE D 488 23.78 -21.66 -4.47
C ILE D 488 23.62 -21.50 -2.96
N PHE D 489 23.58 -22.61 -2.22
CA PHE D 489 23.39 -22.51 -0.78
C PHE D 489 24.65 -22.10 -0.04
N LEU D 490 25.83 -22.33 -0.61
CA LEU D 490 27.06 -21.90 0.04
C LEU D 490 27.27 -20.40 -0.08
N GLN D 491 26.70 -19.76 -1.11
CA GLN D 491 26.66 -18.29 -1.07
C GLN D 491 25.89 -17.79 0.14
N GLY D 492 24.81 -18.49 0.52
CA GLY D 492 24.02 -18.05 1.65
C GLY D 492 24.60 -18.43 3.00
N VAL D 493 25.24 -19.60 3.09
CA VAL D 493 25.73 -20.07 4.38
C VAL D 493 26.81 -19.14 4.92
N TYR D 494 27.74 -18.72 4.06
CA TYR D 494 28.82 -17.81 4.44
C TYR D 494 28.50 -16.35 4.19
N ASN D 495 27.21 -15.98 4.23
CA ASN D 495 26.78 -14.59 4.14
C ASN D 495 26.53 -14.08 5.56
N GLN D 496 27.35 -13.14 6.00
CA GLN D 496 27.22 -12.50 7.30
C GLN D 496 27.48 -11.01 7.13
N PRO D 497 26.97 -10.18 8.04
CA PRO D 497 27.23 -8.73 7.93
C PRO D 497 28.70 -8.44 8.17
N PRO D 498 29.19 -7.27 7.74
CA PRO D 498 30.61 -6.98 7.87
C PRO D 498 31.01 -6.80 9.32
N PRO D 499 32.30 -6.95 9.65
CA PRO D 499 32.71 -6.80 11.06
C PRO D 499 32.42 -5.43 11.65
N GLN D 500 32.44 -4.37 10.82
CA GLN D 500 32.18 -3.01 11.25
C GLN D 500 30.83 -2.54 10.68
N PRO D 501 30.08 -1.69 11.38
CA PRO D 501 28.79 -1.24 10.82
C PRO D 501 28.93 -0.44 9.54
N PHE D 502 29.99 0.36 9.41
CA PHE D 502 30.19 1.24 8.26
C PHE D 502 31.46 0.81 7.51
N PRO D 503 31.39 0.37 6.25
CA PRO D 503 32.63 0.10 5.51
C PRO D 503 33.49 1.35 5.39
N GLY D 504 34.79 1.16 5.56
CA GLY D 504 35.74 2.25 5.56
C GLY D 504 35.98 2.89 6.92
N ASP D 505 35.12 2.63 7.90
CA ASP D 505 35.25 3.16 9.25
C ASP D 505 35.73 2.05 10.18
N PRO D 506 36.94 2.10 10.75
CA PRO D 506 37.37 0.98 11.63
C PRO D 506 36.61 0.91 12.94
N TYR D 507 35.92 1.96 13.36
CA TYR D 507 35.29 1.97 14.67
C TYR D 507 34.13 0.99 14.73
N SER D 508 33.98 0.34 15.88
CA SER D 508 32.99 -0.72 16.05
C SER D 508 31.65 -0.23 16.57
N TYR D 509 31.59 0.96 17.18
CA TYR D 509 30.35 1.51 17.74
C TYR D 509 29.75 0.55 18.77
N ASN D 510 30.58 0.14 19.73
CA ASN D 510 30.19 -0.77 20.79
C ASN D 510 30.50 -0.15 22.13
N VAL D 511 29.72 -0.53 23.15
CA VAL D 511 29.91 0.01 24.49
C VAL D 511 31.27 -0.36 25.04
N GLN D 512 31.86 -1.47 24.58
CA GLN D 512 33.19 -1.86 25.05
C GLN D 512 34.23 -0.82 24.65
N ASP D 513 34.16 -0.32 23.41
CA ASP D 513 35.16 0.61 22.87
C ASP D 513 34.62 2.04 22.98
N LYS D 514 34.71 2.59 24.19
CA LYS D 514 34.31 3.96 24.43
C LYS D 514 35.37 4.93 23.91
N ARG D 515 34.92 5.96 23.20
CA ARG D 515 35.82 6.98 22.65
C ARG D 515 35.81 8.19 23.59
N PHE D 516 36.64 8.11 24.62
CA PHE D 516 36.76 9.19 25.57
C PHE D 516 37.38 10.42 24.88
N ILE D 517 37.00 11.59 25.37
CA ILE D 517 37.53 12.84 24.84
C ILE D 517 39.00 12.96 25.22
N LYS E 21 -37.43 38.05 16.16
CA LYS E 21 -36.64 37.50 17.30
C LYS E 21 -36.99 36.03 17.53
N ASN E 22 -35.99 35.16 17.47
CA ASN E 22 -36.18 33.74 17.64
C ASN E 22 -36.42 33.41 19.11
N GLU E 23 -37.54 32.76 19.40
CA GLU E 23 -37.83 32.34 20.77
C GLU E 23 -36.96 31.16 21.21
N GLU E 24 -36.37 30.42 20.24
CA GLU E 24 -35.47 29.34 20.60
C GLU E 24 -34.26 29.86 21.37
N LEU E 25 -33.74 31.02 20.97
CA LEU E 25 -32.59 31.60 21.67
C LEU E 25 -32.95 31.98 23.09
N ARG E 26 -34.12 32.59 23.28
CA ARG E 26 -34.55 32.95 24.63
C ARG E 26 -34.74 31.70 25.49
N LEU E 27 -35.35 30.65 24.92
CA LEU E 27 -35.51 29.41 25.67
C LEU E 27 -34.17 28.79 26.02
N TYR E 28 -33.22 28.79 25.08
CA TYR E 28 -31.91 28.21 25.34
C TYR E 28 -31.20 28.96 26.46
N HIS E 29 -31.23 30.29 26.42
CA HIS E 29 -30.61 31.06 27.49
C HIS E 29 -31.31 30.83 28.82
N HIS E 30 -32.64 30.72 28.80
CA HIS E 30 -33.37 30.47 30.04
C HIS E 30 -32.99 29.14 30.66
N LEU E 31 -32.85 28.11 29.83
CA LEU E 31 -32.58 26.77 30.36
C LEU E 31 -31.13 26.58 30.75
N PHE E 32 -30.18 27.13 29.98
CA PHE E 32 -28.78 26.74 30.08
C PHE E 32 -27.85 27.82 30.62
N ASN E 33 -28.36 29.00 30.97
CA ASN E 33 -27.47 30.03 31.53
C ASN E 33 -26.91 29.59 32.87
N ASN E 34 -27.73 28.94 33.69
CA ASN E 34 -27.31 28.38 34.98
C ASN E 34 -27.67 26.89 34.96
N TYR E 35 -26.77 26.08 34.43
CA TYR E 35 -27.01 24.65 34.29
C TYR E 35 -25.68 23.92 34.33
N ASP E 36 -25.65 22.81 35.08
CA ASP E 36 -24.44 22.02 35.28
C ASP E 36 -24.62 20.65 34.64
N PRO E 37 -24.02 20.38 33.46
CA PRO E 37 -24.17 19.04 32.87
C PRO E 37 -23.40 17.96 33.61
N GLY E 38 -22.56 18.31 34.58
CA GLY E 38 -21.84 17.32 35.36
C GLY E 38 -22.61 16.71 36.51
N SER E 39 -23.74 17.30 36.90
CA SER E 39 -24.54 16.84 38.03
C SER E 39 -25.77 16.09 37.54
N ARG E 40 -26.11 15.02 38.26
CA ARG E 40 -27.30 14.25 37.90
C ARG E 40 -28.55 15.10 38.11
N PRO E 41 -29.61 14.86 37.32
CA PRO E 41 -30.87 15.61 37.59
C PRO E 41 -31.67 15.01 38.74
N VAL E 42 -31.17 15.23 39.96
CA VAL E 42 -31.82 14.76 41.18
C VAL E 42 -31.85 15.89 42.18
N ARG E 43 -32.97 16.02 42.89
CA ARG E 43 -33.08 17.05 43.92
C ARG E 43 -32.31 16.67 45.18
N GLU E 44 -32.12 15.37 45.43
CA GLU E 44 -31.35 14.86 46.55
C GLU E 44 -30.30 13.89 46.04
N PRO E 45 -29.14 13.78 46.71
CA PRO E 45 -28.13 12.82 46.24
C PRO E 45 -28.61 11.37 46.27
N GLU E 46 -29.55 11.03 47.14
CA GLU E 46 -29.99 9.66 47.30
C GLU E 46 -31.07 9.26 46.30
N ASP E 47 -31.60 10.19 45.53
CA ASP E 47 -32.59 9.87 44.51
C ASP E 47 -31.91 9.19 43.32
N THR E 48 -32.70 8.41 42.59
CA THR E 48 -32.24 7.67 41.42
C THR E 48 -32.81 8.29 40.16
N VAL E 49 -32.03 8.27 39.08
CA VAL E 49 -32.46 8.73 37.77
C VAL E 49 -32.90 7.51 36.99
N THR E 50 -34.15 7.53 36.52
CA THR E 50 -34.71 6.43 35.75
C THR E 50 -34.50 6.69 34.27
N ILE E 51 -33.93 5.72 33.57
CA ILE E 51 -33.58 5.83 32.16
C ILE E 51 -34.40 4.81 31.39
N SER E 52 -35.23 5.29 30.47
CA SER E 52 -35.99 4.42 29.58
C SER E 52 -35.14 4.14 28.34
N LEU E 53 -34.96 2.85 28.04
CA LEU E 53 -34.01 2.40 27.04
C LEU E 53 -34.71 1.61 25.94
N LYS E 54 -34.32 1.89 24.70
CA LYS E 54 -34.67 1.10 23.54
C LYS E 54 -33.41 0.97 22.69
N VAL E 55 -33.26 -0.17 22.03
CA VAL E 55 -32.13 -0.41 21.13
C VAL E 55 -32.71 -0.90 19.82
N THR E 56 -32.45 -0.15 18.75
CA THR E 56 -32.97 -0.47 17.42
C THR E 56 -31.80 -0.91 16.55
N LEU E 57 -31.86 -2.15 16.06
CA LEU E 57 -30.84 -2.68 15.17
C LEU E 57 -31.24 -2.38 13.72
N THR E 58 -30.35 -1.71 12.98
CA THR E 58 -30.59 -1.42 11.57
C THR E 58 -29.97 -2.48 10.67
N ASN E 59 -28.76 -2.92 10.97
CA ASN E 59 -28.07 -3.92 10.17
C ASN E 59 -27.19 -4.79 11.07
N LEU E 60 -27.10 -6.07 10.71
CA LEU E 60 -26.10 -6.98 11.26
C LEU E 60 -24.98 -7.06 10.22
N ILE E 61 -23.89 -6.34 10.46
CA ILE E 61 -22.84 -6.26 9.44
C ILE E 61 -22.16 -7.61 9.27
N SER E 62 -21.71 -8.22 10.36
CA SER E 62 -21.01 -9.50 10.20
C SER E 62 -20.81 -10.17 11.55
N LEU E 63 -20.43 -11.44 11.49
CA LEU E 63 -19.89 -12.18 12.64
C LEU E 63 -18.59 -12.82 12.17
N ASN E 64 -17.46 -12.21 12.53
CA ASN E 64 -16.14 -12.74 12.22
C ASN E 64 -15.83 -13.85 13.21
N GLU E 65 -15.79 -15.09 12.71
CA GLU E 65 -15.54 -16.24 13.57
C GLU E 65 -14.08 -16.34 13.98
N LYS E 66 -13.16 -15.92 13.11
CA LYS E 66 -11.74 -15.96 13.47
C LYS E 66 -11.45 -15.04 14.65
N GLU E 67 -12.00 -13.83 14.63
CA GLU E 67 -11.86 -12.88 15.73
C GLU E 67 -12.97 -13.00 16.76
N GLU E 68 -14.02 -13.78 16.50
CA GLU E 68 -15.15 -13.94 17.41
C GLU E 68 -15.78 -12.58 17.74
N THR E 69 -16.07 -11.81 16.70
CA THR E 69 -16.54 -10.43 16.82
C THR E 69 -17.83 -10.25 16.03
N LEU E 70 -18.86 -9.71 16.67
CA LEU E 70 -20.12 -9.38 16.02
C LEU E 70 -20.14 -7.88 15.73
N THR E 71 -20.21 -7.52 14.45
CA THR E 71 -20.30 -6.14 14.02
C THR E 71 -21.74 -5.83 13.65
N THR E 72 -22.35 -4.87 14.35
CA THR E 72 -23.73 -4.46 14.16
C THR E 72 -23.81 -2.94 14.09
N SER E 73 -24.87 -2.46 13.43
CA SER E 73 -25.22 -1.05 13.39
C SER E 73 -26.56 -0.86 14.08
N VAL E 74 -26.60 0.04 15.06
CA VAL E 74 -27.78 0.24 15.90
C VAL E 74 -27.97 1.73 16.14
N TRP E 75 -29.08 2.07 16.79
CA TRP E 75 -29.22 3.35 17.45
C TRP E 75 -30.00 3.17 18.74
N ILE E 76 -29.56 3.88 19.77
CA ILE E 76 -30.02 3.69 21.13
C ILE E 76 -30.96 4.84 21.47
N GLY E 77 -32.22 4.53 21.72
CA GLY E 77 -33.16 5.52 22.20
C GLY E 77 -33.12 5.61 23.71
N ILE E 78 -32.74 6.78 24.23
CA ILE E 78 -32.56 7.00 25.67
C ILE E 78 -33.47 8.15 26.05
N ASP E 79 -34.39 7.90 26.99
CA ASP E 79 -35.33 8.91 27.47
C ASP E 79 -35.18 9.06 28.98
N TRP E 80 -35.27 10.28 29.48
CA TRP E 80 -35.29 10.49 30.93
C TRP E 80 -35.85 11.88 31.22
N GLN E 81 -35.89 12.21 32.51
CA GLN E 81 -36.40 13.48 33.00
C GLN E 81 -35.27 14.30 33.58
N ASP E 82 -35.24 15.59 33.23
CA ASP E 82 -34.30 16.56 33.79
C ASP E 82 -35.14 17.76 34.25
N TYR E 83 -35.37 17.84 35.56
CA TYR E 83 -36.24 18.89 36.09
C TYR E 83 -35.67 20.27 35.85
N ARG E 84 -34.34 20.39 35.77
CA ARG E 84 -33.73 21.70 35.52
C ARG E 84 -34.07 22.21 34.13
N LEU E 85 -34.32 21.31 33.16
CA LEU E 85 -34.62 21.66 31.75
C LEU E 85 -36.13 21.68 31.54
N ASN E 86 -36.90 21.98 32.59
CA ASN E 86 -38.39 22.00 32.52
C ASN E 86 -38.85 23.38 32.03
N TYR E 87 -39.72 23.43 31.03
CA TYR E 87 -40.30 24.69 30.51
C TYR E 87 -41.68 24.40 29.93
N SER E 88 -42.51 25.42 29.76
CA SER E 88 -43.85 25.33 29.19
C SER E 88 -43.87 26.02 27.84
N LYS E 89 -44.59 25.43 26.88
CA LYS E 89 -44.68 26.01 25.55
C LYS E 89 -45.39 27.37 25.57
N ASP E 90 -46.28 27.59 26.54
CA ASP E 90 -47.00 28.85 26.60
C ASP E 90 -46.09 30.02 26.91
N ASP E 91 -45.03 29.80 27.69
CA ASP E 91 -44.12 30.87 28.07
C ASP E 91 -43.05 31.16 27.03
N PHE E 92 -42.97 30.38 25.95
CA PHE E 92 -41.93 30.54 24.94
C PHE E 92 -42.51 30.42 23.54
N GLY E 93 -43.67 31.03 23.32
CA GLY E 93 -44.22 31.15 21.99
C GLY E 93 -44.66 29.85 21.35
N GLY E 94 -44.98 28.84 22.16
CA GLY E 94 -45.46 27.57 21.62
C GLY E 94 -44.39 26.58 21.22
N ILE E 95 -43.13 26.80 21.61
CA ILE E 95 -42.08 25.83 21.32
C ILE E 95 -42.30 24.60 22.19
N GLU E 96 -42.36 23.43 21.54
CA GLU E 96 -42.55 22.15 22.23
C GLU E 96 -41.30 21.29 22.22
N THR E 97 -40.31 21.57 21.38
CA THR E 97 -39.07 20.81 21.31
C THR E 97 -37.92 21.76 21.04
N LEU E 98 -36.79 21.52 21.70
CA LEU E 98 -35.57 22.25 21.46
C LEU E 98 -34.43 21.26 21.23
N ARG E 99 -33.74 21.40 20.11
CA ARG E 99 -32.56 20.59 19.83
C ARG E 99 -31.33 21.31 20.34
N VAL E 100 -30.51 20.63 21.12
CA VAL E 100 -29.24 21.19 21.58
C VAL E 100 -28.16 20.12 21.50
N PRO E 101 -26.89 20.53 21.40
CA PRO E 101 -25.81 19.53 21.41
C PRO E 101 -25.81 18.72 22.71
N SER E 102 -25.53 17.42 22.57
CA SER E 102 -25.57 16.52 23.71
C SER E 102 -24.53 16.88 24.78
N GLU E 103 -23.46 17.58 24.41
CA GLU E 103 -22.43 17.93 25.37
C GLU E 103 -22.92 18.96 26.39
N LEU E 104 -24.03 19.64 26.13
CA LEU E 104 -24.52 20.66 27.03
C LEU E 104 -25.43 20.14 28.13
N VAL E 105 -25.96 18.92 27.99
CA VAL E 105 -26.85 18.33 28.99
C VAL E 105 -26.12 17.21 29.71
N TRP E 106 -26.58 16.90 30.91
CA TRP E 106 -26.15 15.70 31.59
C TRP E 106 -26.64 14.48 30.80
N LEU E 107 -25.78 13.47 30.72
CA LEU E 107 -26.10 12.20 30.08
C LEU E 107 -25.80 11.07 31.05
N PRO E 108 -26.54 9.96 30.99
CA PRO E 108 -26.21 8.82 31.87
C PRO E 108 -24.95 8.06 31.45
N GLU E 109 -24.37 8.37 30.28
CA GLU E 109 -23.13 7.75 29.82
C GLU E 109 -23.30 6.24 29.63
N ILE E 110 -24.23 5.90 28.75
CA ILE E 110 -24.48 4.49 28.41
C ILE E 110 -23.37 4.02 27.47
N VAL E 111 -22.84 2.83 27.74
CA VAL E 111 -21.79 2.23 26.93
C VAL E 111 -22.08 0.75 26.79
N LEU E 112 -21.57 0.18 25.70
CA LEU E 112 -21.56 -1.26 25.52
C LEU E 112 -20.37 -1.83 26.27
N GLU E 113 -20.63 -2.61 27.32
CA GLU E 113 -19.55 -3.09 28.17
C GLU E 113 -18.75 -4.20 27.50
N ASN E 114 -19.42 -5.05 26.72
CA ASN E 114 -18.77 -6.23 26.13
C ASN E 114 -18.26 -5.96 24.72
N ASN E 115 -17.85 -4.73 24.42
CA ASN E 115 -17.16 -4.47 23.17
C ASN E 115 -15.80 -5.15 23.17
N ILE E 116 -15.32 -5.49 21.97
CA ILE E 116 -14.05 -6.17 21.80
C ILE E 116 -12.94 -5.26 21.28
N ASP E 117 -13.28 -4.17 20.59
CA ASP E 117 -12.29 -3.29 19.95
C ASP E 117 -11.93 -2.08 20.79
N GLY E 118 -12.45 -1.98 22.02
CA GLY E 118 -12.18 -0.82 22.85
C GLY E 118 -13.06 0.38 22.62
N GLN E 119 -14.07 0.27 21.75
CA GLN E 119 -15.00 1.36 21.48
C GLN E 119 -16.21 1.20 22.38
N PHE E 120 -16.30 2.04 23.41
CA PHE E 120 -17.38 1.96 24.39
C PHE E 120 -18.58 2.82 24.03
N GLY E 121 -18.36 3.97 23.38
CA GLY E 121 -19.39 4.95 23.17
C GLY E 121 -20.08 4.82 21.81
N VAL E 122 -20.88 5.84 21.49
CA VAL E 122 -21.66 5.87 20.27
C VAL E 122 -20.80 6.44 19.13
N ALA E 123 -21.27 6.24 17.90
CA ALA E 123 -20.52 6.66 16.74
C ALA E 123 -20.73 8.13 16.39
N TYR E 124 -21.92 8.67 16.63
CA TYR E 124 -22.24 10.05 16.29
C TYR E 124 -22.99 10.69 17.44
N ASP E 125 -22.45 11.78 17.97
CA ASP E 125 -23.08 12.51 19.07
C ASP E 125 -24.15 13.41 18.48
N ALA E 126 -25.35 12.84 18.34
CA ALA E 126 -26.49 13.60 17.83
C ALA E 126 -26.97 14.59 18.88
N ASN E 127 -27.77 15.55 18.43
CA ASN E 127 -28.40 16.48 19.35
C ASN E 127 -29.37 15.75 20.27
N VAL E 128 -29.50 16.26 21.48
CA VAL E 128 -30.57 15.87 22.39
C VAL E 128 -31.77 16.74 22.13
N LEU E 129 -32.96 16.13 22.22
CA LEU E 129 -34.23 16.82 22.12
C LEU E 129 -34.77 17.06 23.52
N VAL E 130 -35.00 18.32 23.87
CA VAL E 130 -35.58 18.71 25.15
C VAL E 130 -37.03 19.11 24.88
N TYR E 131 -37.96 18.32 25.40
CA TYR E 131 -39.38 18.61 25.28
C TYR E 131 -39.85 19.39 26.51
N GLU E 132 -41.00 20.04 26.36
CA GLU E 132 -41.59 20.72 27.50
C GLU E 132 -41.96 19.69 28.57
N GLY E 133 -41.83 20.11 29.83
CA GLY E 133 -42.01 19.21 30.96
C GLY E 133 -40.75 18.53 31.44
N GLY E 134 -39.59 18.90 30.89
CA GLY E 134 -38.33 18.34 31.36
C GLY E 134 -37.93 17.02 30.74
N SER E 135 -38.66 16.54 29.73
CA SER E 135 -38.34 15.27 29.11
C SER E 135 -37.18 15.44 28.12
N VAL E 136 -36.14 14.63 28.28
CA VAL E 136 -34.95 14.67 27.46
C VAL E 136 -34.85 13.35 26.71
N THR E 137 -34.65 13.43 25.41
CA THR E 137 -34.50 12.28 24.52
C THR E 137 -33.20 12.40 23.76
N TRP E 138 -32.48 11.28 23.65
CA TRP E 138 -31.23 11.21 22.90
C TRP E 138 -31.26 9.92 22.10
N LEU E 139 -31.04 10.03 20.78
CA LEU E 139 -31.15 8.90 19.86
C LEU E 139 -29.90 8.78 18.99
N PRO E 140 -28.72 8.60 19.59
CA PRO E 140 -27.50 8.57 18.80
C PRO E 140 -27.34 7.23 18.11
N PRO E 141 -26.81 7.20 16.89
CA PRO E 141 -26.49 5.91 16.26
C PRO E 141 -25.11 5.42 16.68
N ALA E 142 -24.85 4.15 16.40
CA ALA E 142 -23.61 3.53 16.83
C ALA E 142 -23.29 2.32 15.96
N ILE E 143 -21.99 2.10 15.76
CA ILE E 143 -21.45 0.87 15.19
C ILE E 143 -20.73 0.15 16.32
N TYR E 144 -21.18 -1.07 16.64
CA TYR E 144 -20.65 -1.84 17.75
C TYR E 144 -19.98 -3.09 17.23
N ARG E 145 -18.77 -3.35 17.74
CA ARG E 145 -18.05 -4.60 17.53
C ARG E 145 -17.97 -5.29 18.89
N SER E 146 -18.86 -6.26 19.11
CA SER E 146 -19.06 -6.89 20.40
C SER E 146 -18.44 -8.28 20.42
N VAL E 147 -18.20 -8.77 21.63
CA VAL E 147 -17.67 -10.12 21.84
C VAL E 147 -18.80 -11.12 21.65
N CYS E 148 -18.54 -12.15 20.84
CA CYS E 148 -19.47 -13.27 20.67
C CYS E 148 -18.63 -14.53 20.50
N ALA E 149 -18.53 -15.32 21.58
CA ALA E 149 -17.85 -16.61 21.48
C ALA E 149 -18.65 -17.54 20.58
N VAL E 150 -17.97 -18.13 19.61
CA VAL E 150 -18.62 -18.93 18.58
C VAL E 150 -18.63 -20.38 19.03
N GLU E 151 -19.81 -20.94 19.23
CA GLU E 151 -19.97 -22.36 19.51
C GLU E 151 -19.78 -23.11 18.20
N VAL E 152 -18.65 -23.82 18.07
CA VAL E 152 -18.22 -24.32 16.77
C VAL E 152 -18.77 -25.70 16.44
N THR E 153 -19.48 -26.35 17.37
CA THR E 153 -19.69 -27.80 17.30
C THR E 153 -20.39 -28.22 16.02
N TYR E 154 -21.44 -27.49 15.62
CA TYR E 154 -22.23 -27.82 14.44
C TYR E 154 -21.98 -26.87 13.28
N PHE E 155 -20.83 -26.20 13.27
CA PHE E 155 -20.46 -25.33 12.16
C PHE E 155 -20.36 -26.15 10.88
N PRO E 156 -20.92 -25.70 9.74
CA PRO E 156 -21.62 -24.44 9.47
C PRO E 156 -23.13 -24.47 9.76
N PHE E 157 -23.68 -25.58 10.23
CA PHE E 157 -25.11 -25.67 10.57
C PHE E 157 -25.36 -25.26 12.01
N ASP E 158 -24.85 -24.08 12.38
CA ASP E 158 -24.79 -23.65 13.76
C ASP E 158 -25.64 -22.39 13.96
N TRP E 159 -26.08 -22.21 15.20
CA TRP E 159 -26.70 -20.96 15.65
C TRP E 159 -25.91 -20.43 16.84
N GLN E 160 -25.89 -19.11 16.98
CA GLN E 160 -25.06 -18.45 18.01
C GLN E 160 -25.93 -17.65 18.97
N ASN E 161 -25.39 -17.30 20.13
CA ASN E 161 -26.08 -16.51 21.16
C ASN E 161 -25.16 -15.32 21.46
N CYS E 162 -25.27 -14.23 20.71
CA CYS E 162 -24.38 -13.05 20.85
C CYS E 162 -25.02 -12.06 21.82
N SER E 163 -24.31 -11.65 22.87
CA SER E 163 -24.80 -10.73 23.89
C SER E 163 -24.42 -9.30 23.56
N LEU E 164 -25.35 -8.38 23.79
CA LEU E 164 -25.11 -6.95 23.79
C LEU E 164 -25.44 -6.44 25.19
N ILE E 165 -24.41 -6.02 25.92
CA ILE E 165 -24.53 -5.64 27.32
C ILE E 165 -24.30 -4.14 27.40
N PHE E 166 -25.31 -3.41 27.88
CA PHE E 166 -25.29 -1.97 28.02
C PHE E 166 -25.33 -1.60 29.49
N ARG E 167 -24.52 -0.62 29.87
CA ARG E 167 -24.52 -0.16 31.25
C ARG E 167 -24.02 1.28 31.29
N SER E 168 -24.28 1.95 32.41
CA SER E 168 -23.68 3.24 32.68
C SER E 168 -22.21 3.04 33.07
N GLN E 169 -21.32 3.79 32.42
CA GLN E 169 -19.90 3.68 32.75
C GLN E 169 -19.58 4.34 34.09
N THR E 170 -20.37 5.33 34.50
CA THR E 170 -20.06 6.17 35.66
C THR E 170 -20.87 5.84 36.90
N TYR E 171 -22.16 5.53 36.76
CA TYR E 171 -23.10 5.53 37.86
C TYR E 171 -23.51 4.11 38.23
N ASN E 172 -23.72 3.88 39.53
CA ASN E 172 -24.20 2.60 40.03
C ASN E 172 -25.73 2.57 39.99
N ALA E 173 -26.30 1.43 40.40
CA ALA E 173 -27.74 1.23 40.26
C ALA E 173 -28.54 2.20 41.13
N GLU E 174 -27.99 2.59 42.29
CA GLU E 174 -28.69 3.55 43.13
C GLU E 174 -28.73 4.94 42.48
N GLU E 175 -27.74 5.25 41.63
CA GLU E 175 -27.67 6.55 40.98
C GLU E 175 -28.43 6.60 39.66
N VAL E 176 -28.31 5.55 38.85
CA VAL E 176 -28.99 5.47 37.56
C VAL E 176 -29.54 4.06 37.41
N GLU E 177 -30.83 3.95 37.04
CA GLU E 177 -31.49 2.68 36.82
C GLU E 177 -32.09 2.67 35.43
N PHE E 178 -32.33 1.46 34.91
CA PHE E 178 -32.82 1.25 33.56
C PHE E 178 -34.22 0.66 33.58
N THR E 179 -35.04 1.11 32.64
CA THR E 179 -36.32 0.49 32.33
C THR E 179 -36.44 0.40 30.82
N PHE E 180 -37.25 -0.56 30.36
CA PHE E 180 -37.49 -0.70 28.93
C PHE E 180 -38.54 0.30 28.47
N ALA E 181 -38.37 0.76 27.23
CA ALA E 181 -39.35 1.66 26.63
C ALA E 181 -40.60 0.87 26.24
N VAL E 182 -41.70 1.61 26.07
CA VAL E 182 -43.01 1.05 25.76
C VAL E 182 -43.42 1.50 24.36
N ASP E 183 -44.25 0.68 23.71
CA ASP E 183 -44.74 0.99 22.37
C ASP E 183 -45.98 1.87 22.48
N ASN E 184 -46.68 2.07 21.36
CA ASN E 184 -47.88 2.91 21.37
C ASN E 184 -48.99 2.30 22.21
N ASP E 185 -49.11 0.98 22.21
CA ASP E 185 -50.15 0.28 22.96
C ASP E 185 -49.79 0.09 24.43
N GLY E 186 -48.63 0.57 24.89
CA GLY E 186 -48.20 0.39 26.25
C GLY E 186 -47.43 -0.89 26.51
N LYS E 187 -47.27 -1.75 25.51
CA LYS E 187 -46.53 -2.98 25.71
C LYS E 187 -45.04 -2.68 25.87
N THR E 188 -44.42 -3.29 26.88
CA THR E 188 -43.00 -3.08 27.14
C THR E 188 -42.17 -3.69 26.02
N ILE E 189 -41.27 -2.89 25.46
CA ILE E 189 -40.39 -3.37 24.37
C ILE E 189 -39.14 -3.91 25.06
N ASN E 190 -39.23 -5.14 25.54
CA ASN E 190 -38.11 -5.85 26.16
C ASN E 190 -37.37 -6.71 25.13
N LYS E 191 -36.93 -6.08 24.04
CA LYS E 191 -36.26 -6.79 22.96
C LYS E 191 -35.58 -5.77 22.05
N ILE E 192 -34.77 -6.28 21.14
CA ILE E 192 -34.20 -5.44 20.09
C ILE E 192 -35.29 -5.11 19.08
N ASP E 193 -35.55 -3.83 18.87
CA ASP E 193 -36.52 -3.40 17.87
C ASP E 193 -35.88 -3.38 16.49
N ILE E 194 -36.62 -3.86 15.49
CA ILE E 194 -36.14 -3.85 14.11
C ILE E 194 -37.27 -3.32 13.23
N ASP E 195 -36.97 -2.27 12.47
CA ASP E 195 -37.92 -1.74 11.49
C ASP E 195 -37.99 -2.70 10.31
N THR E 196 -39.15 -3.34 10.13
CA THR E 196 -39.27 -4.39 9.12
C THR E 196 -39.05 -3.85 7.71
N GLU E 197 -39.59 -2.66 7.43
CA GLU E 197 -39.52 -2.12 6.08
C GLU E 197 -38.09 -1.83 5.67
N ALA E 198 -37.30 -1.24 6.56
CA ALA E 198 -35.93 -0.84 6.26
C ALA E 198 -34.91 -1.96 6.49
N TYR E 199 -35.30 -3.07 7.10
CA TYR E 199 -34.36 -4.11 7.47
C TYR E 199 -33.98 -4.95 6.25
N THR E 200 -32.68 -5.12 6.03
CA THR E 200 -32.15 -6.04 5.03
C THR E 200 -31.38 -7.12 5.78
N GLU E 201 -31.78 -8.37 5.60
CA GLU E 201 -31.17 -9.46 6.34
C GLU E 201 -29.72 -9.66 5.91
N ASN E 202 -28.88 -10.03 6.86
CA ASN E 202 -27.49 -10.35 6.57
C ASN E 202 -27.42 -11.54 5.61
N GLY E 203 -26.45 -11.51 4.71
CA GLY E 203 -26.34 -12.54 3.69
C GLY E 203 -26.09 -13.93 4.22
N GLU E 204 -25.55 -14.03 5.44
CA GLU E 204 -25.21 -15.31 6.06
C GLU E 204 -25.94 -15.60 7.35
N TRP E 205 -26.53 -14.60 8.00
CA TRP E 205 -27.08 -14.73 9.34
C TRP E 205 -28.51 -14.23 9.39
N ALA E 206 -29.40 -15.04 9.96
CA ALA E 206 -30.79 -14.68 10.19
C ALA E 206 -31.02 -14.50 11.68
N ILE E 207 -31.63 -13.40 12.06
CA ILE E 207 -31.90 -13.09 13.47
C ILE E 207 -33.21 -13.76 13.83
N ASP E 208 -33.12 -14.84 14.62
CA ASP E 208 -34.31 -15.59 15.01
C ASP E 208 -34.95 -15.06 16.28
N PHE E 209 -34.16 -14.67 17.28
CA PHE E 209 -34.71 -14.10 18.50
C PHE E 209 -33.80 -12.99 19.01
N CYS E 210 -34.38 -12.11 19.83
CA CYS E 210 -33.60 -11.02 20.42
C CYS E 210 -34.22 -10.51 21.71
N PRO E 211 -34.38 -11.34 22.74
CA PRO E 211 -34.93 -10.85 24.01
C PRO E 211 -33.95 -9.93 24.73
N GLY E 212 -34.51 -9.15 25.65
CA GLY E 212 -33.72 -8.27 26.49
C GLY E 212 -34.14 -8.39 27.94
N VAL E 213 -33.16 -8.27 28.84
CA VAL E 213 -33.38 -8.43 30.27
C VAL E 213 -32.58 -7.36 31.01
N ILE E 214 -33.21 -6.77 32.02
CA ILE E 214 -32.54 -5.83 32.93
C ILE E 214 -32.09 -6.62 34.15
N ARG E 215 -30.79 -6.67 34.37
CA ARG E 215 -30.20 -7.41 35.48
C ARG E 215 -29.72 -6.44 36.54
N ARG E 216 -29.96 -6.79 37.80
CA ARG E 216 -29.44 -6.08 38.97
C ARG E 216 -28.71 -7.09 39.84
N HIS E 217 -27.52 -6.71 40.31
CA HIS E 217 -26.69 -7.62 41.09
C HIS E 217 -25.73 -6.79 41.93
N HIS E 218 -24.83 -7.48 42.64
CA HIS E 218 -23.79 -6.84 43.52
C HIS E 218 -24.47 -5.93 44.56
N GLY E 219 -25.70 -6.22 44.95
CA GLY E 219 -26.40 -5.44 45.95
C GLY E 219 -26.25 -5.93 47.38
N GLY E 220 -25.41 -6.93 47.62
CA GLY E 220 -25.21 -7.41 48.98
C GLY E 220 -24.44 -6.42 49.83
N ALA E 221 -24.50 -6.65 51.14
CA ALA E 221 -23.80 -5.77 52.08
C ALA E 221 -22.29 -5.82 51.85
N THR E 222 -21.74 -7.03 51.69
CA THR E 222 -20.32 -7.14 51.37
C THR E 222 -20.01 -6.54 50.01
N ASP E 223 -20.90 -6.76 49.03
CA ASP E 223 -20.68 -6.19 47.70
C ASP E 223 -20.68 -4.67 47.72
N GLY E 224 -21.61 -4.08 48.48
CA GLY E 224 -21.71 -2.64 48.58
C GLY E 224 -22.79 -2.08 47.67
N PRO E 225 -22.50 -1.05 46.88
CA PRO E 225 -23.57 -0.44 46.07
C PRO E 225 -24.00 -1.36 44.93
N GLY E 226 -25.30 -1.41 44.69
CA GLY E 226 -25.83 -2.28 43.66
C GLY E 226 -25.46 -1.80 42.28
N GLU E 227 -25.30 -2.77 41.38
CA GLU E 227 -24.98 -2.53 39.97
C GLU E 227 -26.10 -3.09 39.11
N THR E 228 -26.23 -2.53 37.91
CA THR E 228 -27.27 -2.95 36.99
C THR E 228 -26.77 -2.82 35.56
N ASP E 229 -27.36 -3.62 34.68
CA ASP E 229 -27.10 -3.49 33.25
C ASP E 229 -28.29 -4.07 32.48
N VAL E 230 -28.23 -3.96 31.16
CA VAL E 230 -29.26 -4.46 30.26
C VAL E 230 -28.57 -5.35 29.23
N ILE E 231 -29.01 -6.61 29.15
CA ILE E 231 -28.42 -7.60 28.26
C ILE E 231 -29.46 -8.00 27.22
N TYR E 232 -29.10 -7.84 25.95
CA TYR E 232 -29.88 -8.36 24.84
C TYR E 232 -29.17 -9.59 24.28
N SER E 233 -29.96 -10.62 23.95
CA SER E 233 -29.43 -11.91 23.50
C SER E 233 -29.87 -12.15 22.06
N LEU E 234 -29.03 -11.78 21.10
CA LEU E 234 -29.31 -12.06 19.69
C LEU E 234 -29.08 -13.54 19.43
N ILE E 235 -30.16 -14.28 19.26
CA ILE E 235 -30.11 -15.67 18.80
C ILE E 235 -30.19 -15.64 17.29
N ILE E 236 -29.07 -15.94 16.64
CA ILE E 236 -28.89 -15.81 15.20
C ILE E 236 -28.60 -17.18 14.61
N ARG E 237 -29.10 -17.41 13.40
CA ARG E 237 -28.98 -18.68 12.70
C ARG E 237 -28.17 -18.48 11.43
N ARG E 238 -27.22 -19.38 11.18
CA ARG E 238 -26.45 -19.30 9.94
C ARG E 238 -27.22 -19.93 8.80
N LYS E 239 -27.14 -19.30 7.63
CA LYS E 239 -27.65 -19.89 6.40
C LYS E 239 -26.49 -20.61 5.73
N PRO E 240 -26.46 -21.96 5.70
CA PRO E 240 -25.22 -22.66 5.34
C PRO E 240 -25.05 -22.91 3.84
N LEU E 241 -25.79 -22.17 3.01
CA LEU E 241 -25.86 -22.48 1.58
C LEU E 241 -24.48 -22.44 0.92
N PHE E 242 -23.66 -21.44 1.26
CA PHE E 242 -22.33 -21.36 0.65
C PHE E 242 -21.50 -22.58 0.97
N TYR E 243 -21.48 -22.99 2.24
CA TYR E 243 -20.70 -24.16 2.63
C TYR E 243 -21.26 -25.43 2.02
N VAL E 244 -22.58 -25.51 1.85
CA VAL E 244 -23.18 -26.68 1.23
C VAL E 244 -22.76 -26.79 -0.23
N ILE E 245 -22.88 -25.69 -0.97
CA ILE E 245 -22.63 -25.74 -2.41
C ILE E 245 -21.14 -25.87 -2.70
N ASN E 246 -20.31 -25.11 -2.00
CA ASN E 246 -18.92 -24.93 -2.41
C ASN E 246 -17.96 -25.88 -1.73
N ILE E 247 -18.32 -26.47 -0.59
CA ILE E 247 -17.39 -27.27 0.20
C ILE E 247 -17.97 -28.66 0.45
N ILE E 248 -19.15 -28.71 1.08
CA ILE E 248 -19.63 -29.98 1.64
C ILE E 248 -20.02 -30.96 0.54
N VAL E 249 -20.76 -30.49 -0.47
CA VAL E 249 -21.26 -31.40 -1.51
C VAL E 249 -20.10 -31.91 -2.37
N PRO E 250 -19.22 -31.05 -2.88
CA PRO E 250 -18.05 -31.58 -3.60
C PRO E 250 -17.20 -32.51 -2.77
N CYS E 251 -17.00 -32.18 -1.49
CA CYS E 251 -16.22 -33.05 -0.62
C CYS E 251 -16.89 -34.39 -0.42
N VAL E 252 -18.22 -34.40 -0.28
CA VAL E 252 -18.95 -35.64 -0.10
C VAL E 252 -18.81 -36.52 -1.35
N LEU E 253 -18.94 -35.92 -2.53
CA LEU E 253 -18.83 -36.70 -3.76
C LEU E 253 -17.41 -37.26 -3.93
N ILE E 254 -16.40 -36.42 -3.72
CA ILE E 254 -15.02 -36.85 -3.87
C ILE E 254 -14.70 -37.94 -2.85
N SER E 255 -15.23 -37.82 -1.64
CA SER E 255 -15.02 -38.83 -0.62
C SER E 255 -15.79 -40.11 -0.92
N GLY E 256 -16.91 -40.01 -1.62
CA GLY E 256 -17.61 -41.20 -2.04
C GLY E 256 -16.92 -41.93 -3.19
N LEU E 257 -16.05 -41.23 -3.91
CA LEU E 257 -15.37 -41.86 -5.05
C LEU E 257 -14.54 -43.08 -4.65
N VAL E 258 -14.01 -43.14 -3.42
CA VAL E 258 -13.13 -44.26 -3.06
C VAL E 258 -13.86 -45.59 -3.09
N LEU E 259 -15.19 -45.58 -2.92
CA LEU E 259 -15.94 -46.83 -3.01
C LEU E 259 -15.85 -47.43 -4.41
N LEU E 260 -15.61 -46.60 -5.43
CA LEU E 260 -15.45 -47.11 -6.79
C LEU E 260 -14.21 -47.98 -6.96
N ALA E 261 -13.21 -47.83 -6.08
CA ALA E 261 -11.99 -48.60 -6.22
C ALA E 261 -12.24 -50.10 -6.10
N TYR E 262 -13.27 -50.50 -5.37
CA TYR E 262 -13.60 -51.91 -5.23
C TYR E 262 -14.04 -52.54 -6.54
N PHE E 263 -14.53 -51.74 -7.49
CA PHE E 263 -15.02 -52.25 -8.76
C PHE E 263 -13.98 -52.25 -9.86
N LEU E 264 -12.79 -51.68 -9.63
CA LEU E 264 -11.73 -51.73 -10.60
C LEU E 264 -10.98 -53.05 -10.48
N PRO E 265 -10.40 -53.56 -11.58
CA PRO E 265 -9.73 -54.86 -11.51
C PRO E 265 -8.45 -54.79 -10.69
N ALA E 266 -8.10 -55.92 -10.09
CA ALA E 266 -6.87 -56.03 -9.29
C ALA E 266 -5.69 -56.48 -10.15
N GLN E 267 -5.44 -55.71 -11.22
CA GLN E 267 -4.40 -55.99 -12.19
C GLN E 267 -3.51 -54.76 -12.32
N ALA E 268 -2.48 -54.86 -13.17
CA ALA E 268 -1.53 -53.76 -13.32
C ALA E 268 -2.20 -52.52 -13.87
N GLY E 269 -3.12 -52.67 -14.83
CA GLY E 269 -3.82 -51.56 -15.42
C GLY E 269 -5.11 -51.15 -14.73
N GLY E 270 -5.44 -51.75 -13.59
CA GLY E 270 -6.71 -51.45 -12.94
C GLY E 270 -6.79 -50.07 -12.33
N GLN E 271 -5.67 -49.56 -11.81
CA GLN E 271 -5.58 -48.20 -11.28
C GLN E 271 -6.42 -48.01 -10.02
N LYS E 272 -6.46 -49.04 -9.18
CA LYS E 272 -7.21 -48.99 -7.93
C LYS E 272 -6.61 -47.96 -6.96
N CYS E 273 -5.31 -48.11 -6.70
CA CYS E 273 -4.63 -47.19 -5.79
C CYS E 273 -4.61 -45.77 -6.33
N THR E 274 -4.57 -45.62 -7.65
CA THR E 274 -4.65 -44.30 -8.26
C THR E 274 -5.87 -43.55 -7.75
N VAL E 275 -7.04 -44.18 -7.88
CA VAL E 275 -8.30 -43.57 -7.41
C VAL E 275 -8.22 -43.29 -5.92
N SER E 276 -7.79 -44.28 -5.13
CA SER E 276 -7.86 -44.12 -3.68
C SER E 276 -6.96 -43.00 -3.18
N ILE E 277 -5.68 -43.05 -3.55
CA ILE E 277 -4.73 -42.08 -3.01
C ILE E 277 -4.96 -40.69 -3.60
N ASN E 278 -5.45 -40.60 -4.84
CA ASN E 278 -5.71 -39.27 -5.37
C ASN E 278 -6.96 -38.66 -4.75
N VAL E 279 -7.95 -39.48 -4.36
CA VAL E 279 -9.04 -38.94 -3.55
C VAL E 279 -8.50 -38.40 -2.23
N LEU E 280 -7.54 -39.11 -1.64
CA LEU E 280 -6.92 -38.60 -0.41
C LEU E 280 -6.23 -37.25 -0.67
N LEU E 281 -5.54 -37.11 -1.80
CA LEU E 281 -4.89 -35.84 -2.14
C LEU E 281 -5.91 -34.72 -2.29
N ALA E 282 -7.04 -35.01 -2.95
CA ALA E 282 -8.10 -34.02 -3.07
C ALA E 282 -8.65 -33.63 -1.71
N GLN E 283 -8.76 -34.61 -0.80
CA GLN E 283 -9.21 -34.30 0.55
C GLN E 283 -8.21 -33.41 1.28
N THR E 284 -6.91 -33.60 1.03
CA THR E 284 -5.92 -32.68 1.61
C THR E 284 -6.10 -31.27 1.07
N VAL E 285 -6.38 -31.14 -0.23
CA VAL E 285 -6.69 -29.83 -0.79
C VAL E 285 -7.90 -29.22 -0.09
N PHE E 286 -8.92 -30.04 0.18
CA PHE E 286 -10.09 -29.54 0.89
C PHE E 286 -9.77 -29.16 2.33
N LEU E 287 -8.82 -29.85 2.95
CA LEU E 287 -8.35 -29.44 4.28
C LEU E 287 -7.73 -28.06 4.23
N PHE E 288 -6.91 -27.80 3.20
CA PHE E 288 -6.37 -26.46 3.04
C PHE E 288 -7.48 -25.44 2.84
N LEU E 289 -8.48 -25.78 2.02
CA LEU E 289 -9.58 -24.84 1.77
C LEU E 289 -10.36 -24.54 3.05
N ILE E 290 -10.62 -25.56 3.86
CA ILE E 290 -11.42 -25.38 5.06
C ILE E 290 -10.62 -24.70 6.18
N ALA E 291 -9.29 -24.77 6.15
CA ALA E 291 -8.49 -24.11 7.18
C ALA E 291 -8.75 -22.60 7.21
N GLN E 292 -9.08 -22.02 6.07
CA GLN E 292 -9.27 -20.55 5.94
C GLN E 292 -10.65 -20.13 6.42
N LYS E 293 -11.54 -21.06 6.81
CA LYS E 293 -12.91 -20.73 7.16
C LYS E 293 -13.30 -21.07 8.60
N ILE E 294 -12.82 -22.18 9.14
CA ILE E 294 -13.30 -22.66 10.43
C ILE E 294 -12.81 -21.75 11.55
N PRO E 295 -13.50 -21.67 12.69
CA PRO E 295 -12.93 -20.96 13.84
C PRO E 295 -11.73 -21.69 14.42
N GLU E 296 -10.87 -20.91 15.07
CA GLU E 296 -9.58 -21.38 15.56
C GLU E 296 -9.60 -21.75 17.04
N THR E 297 -10.77 -22.02 17.61
CA THR E 297 -10.89 -22.39 19.01
C THR E 297 -10.77 -23.90 19.19
N SER E 298 -10.65 -24.33 20.45
CA SER E 298 -10.40 -25.72 20.78
C SER E 298 -11.36 -26.27 21.84
N LEU E 299 -12.46 -25.58 22.12
CA LEU E 299 -13.44 -26.12 23.06
C LEU E 299 -14.14 -27.35 22.49
N SER E 300 -14.31 -27.40 21.18
CA SER E 300 -14.90 -28.56 20.52
C SER E 300 -14.43 -28.57 19.07
N VAL E 301 -14.64 -29.71 18.42
CA VAL E 301 -14.27 -29.88 17.01
C VAL E 301 -15.45 -29.46 16.14
N PRO E 302 -15.28 -28.62 15.12
CA PRO E 302 -16.42 -28.30 14.25
C PRO E 302 -16.85 -29.50 13.41
N LEU E 303 -18.13 -29.46 13.02
CA LEU E 303 -18.70 -30.56 12.26
C LEU E 303 -17.99 -30.72 10.91
N LEU E 304 -17.65 -29.61 10.27
CA LEU E 304 -16.95 -29.69 8.99
C LEU E 304 -15.60 -30.40 9.15
N GLY E 305 -14.84 -30.02 10.18
CA GLY E 305 -13.58 -30.69 10.43
C GLY E 305 -13.75 -32.15 10.80
N ARG E 306 -14.77 -32.46 11.61
CA ARG E 306 -15.02 -33.84 11.98
C ARG E 306 -15.34 -34.69 10.76
N PHE E 307 -16.20 -34.18 9.88
CA PHE E 307 -16.53 -34.93 8.67
C PHE E 307 -15.31 -35.10 7.77
N LEU E 308 -14.50 -34.05 7.64
CA LEU E 308 -13.30 -34.16 6.80
C LEU E 308 -12.34 -35.21 7.34
N ILE E 309 -12.09 -35.17 8.66
CA ILE E 309 -11.19 -36.15 9.25
C ILE E 309 -11.76 -37.55 9.10
N PHE E 310 -13.08 -37.70 9.24
CA PHE E 310 -13.69 -39.01 9.08
C PHE E 310 -13.49 -39.56 7.67
N VAL E 311 -13.72 -38.72 6.65
CA VAL E 311 -13.55 -39.22 5.29
C VAL E 311 -12.08 -39.47 4.98
N MET E 312 -11.17 -38.69 5.55
CA MET E 312 -9.74 -38.99 5.38
C MET E 312 -9.40 -40.35 6.00
N VAL E 313 -9.94 -40.65 7.18
CA VAL E 313 -9.68 -41.94 7.81
C VAL E 313 -10.27 -43.07 6.96
N VAL E 314 -11.48 -42.87 6.44
CA VAL E 314 -12.11 -43.90 5.61
C VAL E 314 -11.30 -44.12 4.33
N ALA E 315 -10.82 -43.05 3.71
CA ALA E 315 -10.01 -43.18 2.51
C ALA E 315 -8.70 -43.89 2.82
N THR E 316 -8.08 -43.61 3.97
CA THR E 316 -6.86 -44.31 4.35
C THR E 316 -7.13 -45.80 4.53
N LEU E 317 -8.23 -46.15 5.20
CA LEU E 317 -8.56 -47.57 5.37
C LEU E 317 -8.83 -48.24 4.03
N ILE E 318 -9.50 -47.55 3.11
CA ILE E 318 -9.77 -48.13 1.81
C ILE E 318 -8.48 -48.27 0.99
N VAL E 319 -7.55 -47.33 1.16
CA VAL E 319 -6.24 -47.47 0.51
C VAL E 319 -5.54 -48.71 1.01
N MET E 320 -5.54 -48.92 2.34
CA MET E 320 -4.91 -50.10 2.90
C MET E 320 -5.58 -51.38 2.39
N ASN E 321 -6.92 -51.37 2.33
CA ASN E 321 -7.65 -52.53 1.84
C ASN E 321 -7.34 -52.81 0.38
N CYS E 322 -7.25 -51.76 -0.44
CA CYS E 322 -6.93 -51.94 -1.84
C CYS E 322 -5.52 -52.49 -2.01
N VAL E 323 -4.58 -52.03 -1.18
CA VAL E 323 -3.23 -52.59 -1.20
C VAL E 323 -3.27 -54.07 -0.86
N ILE E 324 -4.05 -54.44 0.15
CA ILE E 324 -4.14 -55.85 0.55
C ILE E 324 -4.74 -56.69 -0.57
N VAL E 325 -5.79 -56.17 -1.23
CA VAL E 325 -6.44 -56.92 -2.30
C VAL E 325 -5.48 -57.09 -3.48
N LEU E 326 -4.72 -56.04 -3.81
CA LEU E 326 -3.73 -56.17 -4.88
C LEU E 326 -2.64 -57.16 -4.51
N ASN E 327 -2.25 -57.18 -3.23
CA ASN E 327 -1.26 -58.16 -2.78
C ASN E 327 -1.78 -59.58 -2.94
N VAL E 328 -3.04 -59.81 -2.58
CA VAL E 328 -3.62 -61.16 -2.66
C VAL E 328 -3.81 -61.57 -4.12
N SER E 329 -4.23 -60.64 -4.98
CA SER E 329 -4.59 -61.01 -6.35
C SER E 329 -3.38 -61.31 -7.21
N GLN E 330 -2.26 -60.63 -6.98
CA GLN E 330 -1.08 -60.75 -7.82
C GLN E 330 -0.15 -61.90 -7.43
N ARG E 331 -0.52 -62.70 -6.42
CA ARG E 331 0.36 -63.77 -5.96
C ARG E 331 0.57 -64.81 -7.06
N THR E 332 1.83 -65.20 -7.26
CA THR E 332 2.27 -66.13 -8.28
C THR E 332 2.70 -67.45 -7.64
N PRO E 333 2.50 -68.61 -8.30
CA PRO E 333 2.98 -69.87 -7.69
C PRO E 333 4.47 -69.91 -7.47
N THR E 334 5.26 -69.30 -8.35
CA THR E 334 6.72 -69.38 -8.23
C THR E 334 7.22 -68.64 -6.99
N THR E 335 6.46 -67.67 -6.49
CA THR E 335 6.90 -66.81 -5.38
C THR E 335 6.08 -66.96 -4.12
N HIS E 336 4.80 -67.35 -4.21
CA HIS E 336 3.95 -67.56 -3.05
C HIS E 336 3.31 -68.93 -3.12
N ALA E 337 2.96 -69.45 -1.94
CA ALA E 337 2.36 -70.77 -1.79
C ALA E 337 0.84 -70.65 -1.71
N MET E 338 0.17 -71.70 -2.17
CA MET E 338 -1.29 -71.74 -2.16
C MET E 338 -1.77 -72.14 -0.78
N SER E 339 -2.24 -71.17 -0.01
CA SER E 339 -2.78 -71.45 1.32
C SER E 339 -4.17 -72.06 1.17
N PRO E 340 -4.42 -73.29 1.69
CA PRO E 340 -5.77 -73.87 1.51
C PRO E 340 -6.77 -73.26 2.48
N ARG E 341 -6.31 -72.79 3.64
CA ARG E 341 -7.22 -72.24 4.64
C ARG E 341 -7.92 -70.99 4.10
N LEU E 342 -7.15 -70.04 3.56
CA LEU E 342 -7.75 -68.81 3.07
C LEU E 342 -8.66 -69.08 1.88
N ARG E 343 -8.25 -69.98 0.99
CA ARG E 343 -9.09 -70.32 -0.16
C ARG E 343 -10.40 -70.95 0.28
N HIS E 344 -10.34 -71.86 1.26
CA HIS E 344 -11.57 -72.48 1.76
C HIS E 344 -12.46 -71.45 2.44
N VAL E 345 -11.86 -70.53 3.19
CA VAL E 345 -12.66 -69.52 3.89
C VAL E 345 -13.35 -68.60 2.90
N LEU E 346 -12.65 -68.18 1.84
CA LEU E 346 -13.17 -67.14 0.96
C LEU E 346 -14.03 -67.69 -0.17
N LEU E 347 -13.57 -68.74 -0.85
CA LEU E 347 -14.24 -69.22 -2.07
C LEU E 347 -15.24 -70.33 -1.80
N GLU E 348 -15.11 -71.08 -0.70
CA GLU E 348 -16.01 -72.17 -0.35
C GLU E 348 -16.98 -71.81 0.76
N LEU E 349 -16.46 -71.30 1.88
CA LEU E 349 -17.31 -71.05 3.05
C LEU E 349 -18.09 -69.76 2.93
N LEU E 350 -17.45 -68.70 2.43
CA LEU E 350 -18.10 -67.38 2.39
C LEU E 350 -19.35 -67.34 1.52
N PRO E 351 -19.36 -67.87 0.29
CA PRO E 351 -20.60 -67.81 -0.50
C PRO E 351 -21.76 -68.53 0.13
N ARG E 352 -21.51 -69.65 0.81
CA ARG E 352 -22.59 -70.33 1.52
C ARG E 352 -23.03 -69.53 2.74
N LEU E 353 -22.07 -68.96 3.48
CA LEU E 353 -22.43 -68.12 4.61
C LEU E 353 -23.13 -66.85 4.14
N LEU E 354 -22.71 -66.30 3.01
CA LEU E 354 -23.33 -65.10 2.45
C LEU E 354 -24.75 -65.39 2.01
N ALA E 417 18.41 -95.41 -33.03
CA ALA E 417 17.72 -94.32 -33.70
C ALA E 417 17.56 -93.12 -32.78
N PRO E 418 18.68 -92.49 -32.38
CA PRO E 418 18.58 -91.37 -31.44
C PRO E 418 17.83 -90.17 -31.99
N GLU E 419 17.73 -90.01 -33.31
CA GLU E 419 17.03 -88.87 -33.89
C GLU E 419 15.55 -88.90 -33.53
N VAL E 420 14.92 -90.06 -33.70
CA VAL E 420 13.49 -90.19 -33.40
C VAL E 420 13.23 -89.95 -31.93
N ARG E 421 14.07 -90.53 -31.06
CA ARG E 421 13.90 -90.34 -29.63
C ARG E 421 14.09 -88.89 -29.23
N CYS E 422 15.05 -88.21 -29.85
CA CYS E 422 15.27 -86.80 -29.54
C CYS E 422 14.08 -85.95 -29.99
N CYS E 423 13.52 -86.24 -31.16
CA CYS E 423 12.33 -85.51 -31.60
C CYS E 423 11.17 -85.74 -30.65
N VAL E 424 10.96 -86.99 -30.22
CA VAL E 424 9.88 -87.29 -29.30
C VAL E 424 10.11 -86.60 -27.96
N ASP E 425 11.37 -86.54 -27.52
CA ASP E 425 11.68 -85.84 -26.27
C ASP E 425 11.39 -84.35 -26.39
N ALA E 426 11.72 -83.76 -27.53
CA ALA E 426 11.42 -82.34 -27.74
C ALA E 426 9.92 -82.09 -27.70
N VAL E 427 9.14 -82.93 -28.39
CA VAL E 427 7.69 -82.77 -28.40
C VAL E 427 7.13 -82.93 -26.99
N ASN E 428 7.62 -83.93 -26.25
CA ASN E 428 7.15 -84.15 -24.89
C ASN E 428 7.53 -82.97 -23.99
N PHE E 429 8.72 -82.40 -24.20
CA PHE E 429 9.13 -81.26 -23.41
C PHE E 429 8.21 -80.07 -23.66
N VAL E 430 7.86 -79.83 -24.93
CA VAL E 430 6.94 -78.74 -25.23
C VAL E 430 5.57 -78.99 -24.59
N ALA E 431 5.09 -80.24 -24.67
CA ALA E 431 3.80 -80.57 -24.08
C ALA E 431 3.80 -80.36 -22.56
N GLU E 432 4.87 -80.79 -21.89
CA GLU E 432 4.95 -80.63 -20.45
C GLU E 432 5.10 -79.16 -20.06
N SER E 433 5.81 -78.37 -20.87
CA SER E 433 5.88 -76.94 -20.62
C SER E 433 4.51 -76.30 -20.71
N THR E 434 3.71 -76.70 -21.71
CA THR E 434 2.35 -76.19 -21.83
C THR E 434 1.51 -76.62 -20.63
N ARG E 435 1.68 -77.85 -20.17
CA ARG E 435 0.95 -78.32 -18.99
C ARG E 435 1.29 -77.50 -17.75
N ASP E 436 2.59 -77.23 -17.55
CA ASP E 436 3.00 -76.42 -16.41
C ASP E 436 2.44 -75.01 -16.52
N GLN E 437 2.42 -74.43 -17.73
CA GLN E 437 1.84 -73.11 -17.91
C GLN E 437 0.35 -73.11 -17.56
N GLU E 438 -0.38 -74.15 -17.99
CA GLU E 438 -1.81 -74.20 -17.68
C GLU E 438 -2.06 -74.34 -16.18
N ALA E 439 -1.26 -75.14 -15.48
CA ALA E 439 -1.45 -75.25 -14.04
C ALA E 439 -1.08 -73.99 -13.29
N THR E 440 -0.03 -73.29 -13.75
CA THR E 440 0.34 -72.02 -13.15
C THR E 440 -0.76 -70.99 -13.36
N GLY E 441 -1.33 -70.93 -14.57
CA GLY E 441 -2.42 -70.02 -14.83
C GLY E 441 -3.69 -70.36 -14.09
N GLU E 442 -3.92 -71.63 -13.78
CA GLU E 442 -5.08 -72.01 -12.99
C GLU E 442 -4.93 -71.60 -11.53
N GLU E 443 -3.73 -71.73 -10.96
CA GLU E 443 -3.52 -71.22 -9.61
C GLU E 443 -3.58 -69.71 -9.55
N VAL E 444 -3.09 -69.03 -10.59
CA VAL E 444 -3.25 -67.58 -10.66
C VAL E 444 -4.72 -67.21 -10.71
N SER E 445 -5.51 -67.95 -11.49
CA SER E 445 -6.94 -67.68 -11.57
C SER E 445 -7.60 -67.84 -10.20
N ASP E 446 -7.22 -68.88 -9.46
CA ASP E 446 -7.72 -69.04 -8.10
C ASP E 446 -7.39 -67.82 -7.24
N TRP E 447 -6.17 -67.31 -7.38
CA TRP E 447 -5.79 -66.11 -6.62
C TRP E 447 -6.67 -64.91 -6.98
N VAL E 448 -6.96 -64.72 -8.27
CA VAL E 448 -7.81 -63.60 -8.65
C VAL E 448 -9.23 -63.79 -8.11
N ARG E 449 -9.74 -65.02 -8.09
CA ARG E 449 -11.08 -65.22 -7.53
C ARG E 449 -11.10 -64.88 -6.04
N MET E 450 -10.05 -65.26 -5.32
CA MET E 450 -10.00 -64.90 -3.90
C MET E 450 -9.97 -63.39 -3.71
N GLY E 451 -9.18 -62.70 -4.54
CA GLY E 451 -9.17 -61.24 -4.47
C GLY E 451 -10.52 -60.63 -4.79
N ASN E 452 -11.22 -61.19 -5.77
CA ASN E 452 -12.54 -60.71 -6.13
C ASN E 452 -13.53 -60.86 -4.97
N ALA E 453 -13.49 -62.02 -4.29
CA ALA E 453 -14.38 -62.22 -3.15
C ALA E 453 -14.07 -61.24 -2.04
N LEU E 454 -12.78 -61.01 -1.77
CA LEU E 454 -12.41 -60.01 -0.76
C LEU E 454 -12.93 -58.64 -1.13
N ASP E 455 -12.78 -58.24 -2.39
CA ASP E 455 -13.31 -56.96 -2.84
C ASP E 455 -14.81 -56.88 -2.64
N ASN E 456 -15.52 -57.97 -2.96
CA ASN E 456 -16.97 -57.97 -2.87
C ASN E 456 -17.44 -57.75 -1.44
N ILE E 457 -16.84 -58.45 -0.48
CA ILE E 457 -17.29 -58.28 0.90
C ILE E 457 -16.87 -56.89 1.42
N CYS E 458 -15.65 -56.48 1.11
CA CYS E 458 -15.14 -55.25 1.70
C CYS E 458 -15.79 -54.01 1.10
N PHE E 459 -16.34 -54.09 -0.12
CA PHE E 459 -17.09 -52.97 -0.66
C PHE E 459 -18.31 -52.68 0.21
N TRP E 460 -19.06 -53.73 0.56
CA TRP E 460 -20.24 -53.53 1.40
C TRP E 460 -19.83 -53.04 2.79
N ALA E 461 -18.73 -53.58 3.33
CA ALA E 461 -18.27 -53.09 4.63
C ALA E 461 -17.94 -51.60 4.58
N ALA E 462 -17.18 -51.18 3.56
CA ALA E 462 -16.78 -49.78 3.45
C ALA E 462 -17.98 -48.87 3.18
N LEU E 463 -18.92 -49.34 2.36
CA LEU E 463 -20.12 -48.56 2.10
C LEU E 463 -20.92 -48.34 3.37
N VAL E 464 -21.08 -49.39 4.17
CA VAL E 464 -21.81 -49.26 5.43
C VAL E 464 -21.10 -48.27 6.35
N LEU E 465 -19.76 -48.38 6.45
CA LEU E 465 -19.01 -47.48 7.32
C LEU E 465 -19.17 -46.03 6.88
N PHE E 466 -18.94 -45.77 5.59
CA PHE E 466 -19.02 -44.40 5.09
C PHE E 466 -20.41 -43.82 5.27
N SER E 467 -21.44 -44.59 4.87
CA SER E 467 -22.81 -44.09 4.96
C SER E 467 -23.22 -43.82 6.41
N VAL E 468 -22.93 -44.77 7.30
CA VAL E 468 -23.34 -44.62 8.70
C VAL E 468 -22.64 -43.42 9.34
N GLY E 469 -21.32 -43.31 9.13
CA GLY E 469 -20.60 -42.21 9.75
C GLY E 469 -21.04 -40.86 9.23
N SER E 470 -21.18 -40.74 7.90
CA SER E 470 -21.63 -39.47 7.34
C SER E 470 -23.05 -39.13 7.82
N SER E 471 -23.93 -40.13 7.85
CA SER E 471 -25.31 -39.89 8.26
C SER E 471 -25.38 -39.43 9.70
N LEU E 472 -24.64 -40.09 10.60
CA LEU E 472 -24.63 -39.66 12.00
C LEU E 472 -24.05 -38.26 12.16
N ILE E 473 -22.95 -37.97 11.46
CA ILE E 473 -22.32 -36.66 11.60
C ILE E 473 -23.28 -35.55 11.16
N PHE E 474 -23.96 -35.76 10.04
CA PHE E 474 -24.87 -34.72 9.55
C PHE E 474 -26.19 -34.69 10.32
N LEU E 475 -26.65 -35.83 10.84
CA LEU E 475 -27.86 -35.83 11.64
C LEU E 475 -27.64 -35.14 12.97
N GLY E 476 -26.40 -35.12 13.46
CA GLY E 476 -26.09 -34.31 14.62
C GLY E 476 -26.43 -32.85 14.41
N ALA E 477 -26.17 -32.34 13.20
CA ALA E 477 -26.59 -30.99 12.84
C ALA E 477 -28.09 -30.91 12.56
N TYR E 478 -28.68 -31.98 12.02
CA TYR E 478 -30.09 -31.93 11.63
C TYR E 478 -31.00 -31.71 12.83
N PHE E 479 -30.58 -32.13 14.04
CA PHE E 479 -31.30 -31.85 15.27
C PHE E 479 -30.72 -30.67 16.04
N ASN E 480 -30.01 -29.78 15.37
CA ASN E 480 -29.42 -28.58 15.99
C ASN E 480 -30.19 -27.32 15.64
N ARG E 481 -31.51 -27.40 15.60
CA ARG E 481 -32.31 -26.21 15.35
C ARG E 481 -32.19 -25.25 16.52
N VAL E 482 -32.60 -24.01 16.28
CA VAL E 482 -32.70 -23.06 17.39
C VAL E 482 -33.77 -23.57 18.37
N PRO E 483 -33.53 -23.59 19.68
CA PRO E 483 -34.56 -24.10 20.58
C PRO E 483 -35.80 -23.23 20.58
N ASP E 484 -36.94 -23.85 20.83
CA ASP E 484 -38.22 -23.13 20.86
C ASP E 484 -38.31 -22.32 22.16
N LEU E 485 -37.80 -21.10 22.13
CA LEU E 485 -37.79 -20.26 23.31
C LEU E 485 -39.17 -19.62 23.52
N PRO E 486 -39.49 -19.21 24.76
CA PRO E 486 -40.78 -18.54 25.00
C PRO E 486 -40.71 -17.04 24.71
N TYR E 487 -40.38 -16.70 23.48
CA TYR E 487 -40.25 -15.32 23.04
C TYR E 487 -40.89 -15.16 21.67
N ALA E 488 -41.35 -13.95 21.38
CA ALA E 488 -41.84 -13.64 20.06
C ALA E 488 -40.66 -13.56 19.09
N PRO E 489 -40.90 -13.76 17.79
CA PRO E 489 -39.80 -13.61 16.83
C PRO E 489 -39.26 -12.19 16.81
N CYS E 490 -37.97 -12.07 16.55
CA CYS E 490 -37.33 -10.75 16.53
C CYS E 490 -37.92 -9.88 15.43
N ILE E 491 -38.16 -10.45 14.25
CA ILE E 491 -38.79 -9.77 13.13
C ILE E 491 -40.15 -10.43 12.92
N GLN E 492 -41.21 -9.66 13.11
CA GLN E 492 -42.55 -10.20 12.92
C GLN E 492 -42.78 -10.53 11.45
N PRO E 493 -43.42 -11.67 11.14
CA PRO E 493 -43.57 -12.00 9.72
C PRO E 493 -44.68 -11.20 9.04
N GLN F 32 20.80 43.33 -1.29
CA GLN F 32 20.39 41.97 -1.73
C GLN F 32 19.69 42.02 -3.08
N VAL F 33 18.64 42.83 -3.16
CA VAL F 33 17.84 42.98 -4.37
C VAL F 33 18.38 44.18 -5.15
N GLN F 34 18.48 44.02 -6.47
CA GLN F 34 19.00 45.05 -7.36
C GLN F 34 18.02 45.27 -8.49
N LEU F 35 17.84 46.55 -8.85
CA LEU F 35 16.92 46.99 -9.88
C LEU F 35 17.71 47.60 -11.02
N GLN F 36 17.34 47.27 -12.26
CA GLN F 36 18.03 47.75 -13.45
C GLN F 36 17.02 48.22 -14.48
N GLU F 37 17.06 49.52 -14.80
CA GLU F 37 16.22 50.07 -15.85
C GLU F 37 16.81 49.77 -17.23
N SER F 38 15.94 49.71 -18.22
CA SER F 38 16.37 49.54 -19.60
C SER F 38 15.26 50.02 -20.53
N GLY F 39 15.65 50.34 -21.76
CA GLY F 39 14.72 50.79 -22.77
C GLY F 39 15.38 51.78 -23.72
N PRO F 40 14.66 52.20 -24.76
CA PRO F 40 15.23 53.18 -25.70
C PRO F 40 15.55 54.49 -25.00
N ARG F 41 16.72 55.03 -25.30
CA ARG F 41 17.15 56.31 -24.74
C ARG F 41 16.56 57.51 -25.48
N LEU F 42 15.95 57.29 -26.65
CA LEU F 42 15.38 58.37 -27.46
C LEU F 42 14.09 57.88 -28.08
N VAL F 43 13.02 58.65 -27.90
CA VAL F 43 11.72 58.37 -28.49
C VAL F 43 11.20 59.65 -29.13
N LYS F 44 10.40 59.49 -30.19
CA LYS F 44 9.84 60.65 -30.88
C LYS F 44 8.52 61.06 -30.23
N PRO F 45 8.12 62.33 -30.37
CA PRO F 45 6.88 62.76 -29.72
C PRO F 45 5.65 62.10 -30.35
N SER F 46 4.60 62.01 -29.55
CA SER F 46 3.32 61.39 -29.91
C SER F 46 3.40 59.88 -30.03
N GLN F 47 4.53 59.27 -29.68
CA GLN F 47 4.73 57.83 -29.72
C GLN F 47 4.57 57.27 -28.30
N THR F 48 4.92 56.00 -28.13
CA THR F 48 4.84 55.32 -26.84
C THR F 48 6.23 55.16 -26.26
N LEU F 49 6.44 55.70 -25.06
CA LEU F 49 7.68 55.53 -24.33
C LEU F 49 7.57 54.26 -23.49
N SER F 50 8.50 53.33 -23.68
CA SER F 50 8.48 52.04 -23.03
C SER F 50 9.77 51.84 -22.23
N LEU F 51 9.63 51.42 -20.97
CA LEU F 51 10.76 51.11 -20.12
C LEU F 51 10.50 49.79 -19.41
N THR F 52 11.57 49.09 -19.04
CA THR F 52 11.49 47.82 -18.36
C THR F 52 12.50 47.80 -17.22
N CYS F 53 12.06 47.41 -16.02
CA CYS F 53 12.90 47.28 -14.85
C CYS F 53 13.06 45.80 -14.54
N THR F 54 14.31 45.34 -14.54
CA THR F 54 14.66 43.96 -14.21
C THR F 54 15.07 43.90 -12.75
N VAL F 55 14.54 42.91 -12.04
CA VAL F 55 14.78 42.71 -10.61
C VAL F 55 15.61 41.46 -10.44
N SER F 56 16.76 41.59 -9.80
CA SER F 56 17.63 40.47 -9.45
C SER F 56 17.71 40.35 -7.94
N GLY F 57 17.82 39.11 -7.47
CA GLY F 57 17.85 38.88 -6.03
C GLY F 57 16.52 39.06 -5.35
N GLY F 58 15.43 38.90 -6.07
CA GLY F 58 14.11 39.06 -5.49
C GLY F 58 13.00 38.78 -6.49
N SER F 59 11.93 38.13 -6.04
CA SER F 59 10.81 37.81 -6.91
C SER F 59 9.85 38.99 -7.01
N VAL F 60 9.30 39.21 -8.20
CA VAL F 60 8.37 40.32 -8.41
C VAL F 60 6.96 40.03 -7.91
N THR F 61 6.67 38.78 -7.53
CA THR F 61 5.36 38.39 -7.02
C THR F 61 5.38 37.92 -5.58
N ARG F 62 6.48 38.16 -4.85
CA ARG F 62 6.66 37.66 -3.50
C ARG F 62 7.03 38.82 -2.58
N GLY F 63 6.34 38.90 -1.44
CA GLY F 63 6.59 39.94 -0.46
C GLY F 63 5.68 41.14 -0.63
N ASN F 64 5.46 41.84 0.49
CA ASN F 64 4.57 43.01 0.50
C ASN F 64 5.32 44.20 -0.06
N TYR F 65 5.33 44.28 -1.40
CA TYR F 65 6.09 45.29 -2.12
C TYR F 65 5.21 45.94 -3.17
N TYR F 66 5.51 47.21 -3.47
CA TYR F 66 4.95 47.91 -4.63
C TYR F 66 6.09 48.25 -5.58
N TRP F 67 6.02 47.75 -6.80
CA TRP F 67 7.03 48.02 -7.80
C TRP F 67 6.68 49.33 -8.50
N THR F 68 7.55 50.33 -8.34
CA THR F 68 7.22 51.73 -8.53
C THR F 68 8.02 52.34 -9.67
N TRP F 69 7.38 53.27 -10.37
CA TRP F 69 8.00 54.10 -11.39
C TRP F 69 7.89 55.56 -10.98
N ILE F 70 9.04 56.25 -10.96
CA ILE F 70 9.17 57.65 -10.60
C ILE F 70 9.95 58.30 -11.74
N ARG F 71 9.79 59.62 -11.89
CA ARG F 71 10.60 60.36 -12.85
C ARG F 71 11.01 61.71 -12.26
N GLN F 72 12.16 62.19 -12.73
CA GLN F 72 12.66 63.53 -12.40
C GLN F 72 13.03 64.22 -13.70
N PRO F 73 12.26 65.21 -14.17
CA PRO F 73 12.80 66.09 -15.21
C PRO F 73 13.99 66.86 -14.68
N ALA F 74 14.94 67.14 -15.58
CA ALA F 74 16.23 67.69 -15.17
C ALA F 74 16.06 69.04 -14.48
N GLY F 75 16.56 69.14 -13.25
CA GLY F 75 16.51 70.37 -12.51
C GLY F 75 15.16 70.72 -11.91
N LYS F 76 14.29 69.72 -11.70
CA LYS F 76 12.95 69.95 -11.15
C LYS F 76 12.65 68.84 -10.16
N GLU F 77 11.40 68.80 -9.70
CA GLU F 77 10.98 67.88 -8.65
C GLU F 77 10.89 66.45 -9.17
N LEU F 78 10.91 65.51 -8.23
CA LEU F 78 10.64 64.11 -8.54
C LEU F 78 9.14 63.87 -8.59
N GLU F 79 8.70 63.11 -9.59
CA GLU F 79 7.29 62.85 -9.84
C GLU F 79 7.04 61.34 -9.80
N TRP F 80 6.11 60.93 -8.94
CA TRP F 80 5.71 59.54 -8.82
C TRP F 80 4.78 59.19 -9.99
N ILE F 81 5.25 58.35 -10.91
CA ILE F 81 4.42 57.94 -12.03
C ILE F 81 3.35 56.97 -11.56
N GLY F 82 3.76 55.89 -10.91
CA GLY F 82 2.79 54.89 -10.50
C GLY F 82 3.47 53.72 -9.81
N HIS F 83 2.67 52.74 -9.43
CA HIS F 83 3.22 51.47 -9.02
C HIS F 83 2.23 50.34 -9.30
N ILE F 84 2.74 49.12 -9.19
CA ILE F 84 1.95 47.89 -9.33
C ILE F 84 2.24 47.02 -8.12
N TYR F 85 1.17 46.48 -7.53
CA TYR F 85 1.30 45.56 -6.40
C TYR F 85 1.58 44.15 -6.93
N ILE F 86 2.05 43.29 -6.03
CA ILE F 86 2.39 41.91 -6.40
C ILE F 86 1.17 41.17 -6.93
N SER F 87 -0.04 41.56 -6.50
CA SER F 87 -1.26 40.91 -6.99
C SER F 87 -1.66 41.35 -8.39
N GLY F 88 -0.99 42.36 -8.96
CA GLY F 88 -1.32 42.88 -10.27
C GLY F 88 -2.11 44.16 -10.25
N ARG F 89 -2.65 44.56 -9.12
CA ARG F 89 -3.36 45.83 -9.01
C ARG F 89 -2.38 46.98 -9.20
N THR F 90 -2.81 48.00 -9.95
CA THR F 90 -1.98 49.14 -10.28
C THR F 90 -2.59 50.42 -9.71
N ASN F 91 -1.73 51.38 -9.41
CA ASN F 91 -2.12 52.73 -9.03
C ASN F 91 -1.27 53.70 -9.82
N PHE F 92 -1.88 54.81 -10.23
CA PHE F 92 -1.24 55.75 -11.14
C PHE F 92 -1.44 57.18 -10.66
N ASN F 93 -0.54 58.04 -11.08
CA ASN F 93 -0.66 59.46 -10.79
C ASN F 93 -1.89 60.01 -11.52
N PRO F 94 -2.77 60.77 -10.85
CA PRO F 94 -3.93 61.34 -11.57
C PRO F 94 -3.55 62.24 -12.74
N SER F 95 -2.40 62.91 -12.68
CA SER F 95 -2.02 63.80 -13.77
C SER F 95 -1.78 63.02 -15.06
N LEU F 96 -1.17 61.84 -14.96
CA LEU F 96 -0.81 61.02 -16.11
C LEU F 96 -1.66 59.76 -16.21
N LYS F 97 -2.85 59.74 -15.60
CA LYS F 97 -3.61 58.51 -15.46
C LYS F 97 -4.00 57.92 -16.81
N SER F 98 -4.43 58.77 -17.74
CA SER F 98 -4.96 58.26 -19.00
C SER F 98 -3.87 57.64 -19.86
N ARG F 99 -2.65 58.17 -19.81
CA ARG F 99 -1.58 57.79 -20.74
C ARG F 99 -0.67 56.69 -20.22
N VAL F 100 -0.84 56.24 -18.98
CA VAL F 100 0.15 55.41 -18.30
C VAL F 100 -0.39 54.00 -18.12
N SER F 101 0.49 53.02 -18.28
CA SER F 101 0.20 51.63 -17.99
C SER F 101 1.43 50.99 -17.38
N ILE F 102 1.21 50.09 -16.42
CA ILE F 102 2.29 49.35 -15.75
C ILE F 102 1.92 47.88 -15.74
N SER F 103 2.91 47.03 -16.04
CA SER F 103 2.69 45.59 -16.13
C SER F 103 3.83 44.86 -15.45
N VAL F 104 3.58 43.59 -15.10
CA VAL F 104 4.56 42.73 -14.46
C VAL F 104 4.66 41.44 -15.26
N ASP F 105 5.88 41.00 -15.54
CA ASP F 105 6.15 39.71 -16.17
C ASP F 105 6.92 38.87 -15.16
N THR F 106 6.30 37.78 -14.71
CA THR F 106 6.87 36.94 -13.67
C THR F 106 7.98 36.04 -14.19
N SER F 107 7.90 35.59 -15.44
CA SER F 107 8.90 34.68 -15.97
C SER F 107 10.28 35.33 -16.02
N LYS F 108 10.35 36.58 -16.45
CA LYS F 108 11.61 37.32 -16.53
C LYS F 108 11.89 38.15 -15.28
N ASN F 109 11.01 38.12 -14.28
CA ASN F 109 11.20 38.89 -13.04
C ASN F 109 11.30 40.38 -13.35
N GLN F 110 10.43 40.87 -14.23
CA GLN F 110 10.49 42.24 -14.73
C GLN F 110 9.17 42.94 -14.49
N PHE F 111 9.22 44.27 -14.48
CA PHE F 111 8.00 45.07 -14.56
C PHE F 111 8.27 46.29 -15.43
N SER F 112 7.29 46.61 -16.27
CA SER F 112 7.46 47.55 -17.36
C SER F 112 6.45 48.69 -17.27
N LEU F 113 6.84 49.82 -17.83
CA LEU F 113 6.06 51.05 -17.90
C LEU F 113 5.87 51.44 -19.36
N LYS F 114 4.64 51.86 -19.69
CA LYS F 114 4.31 52.38 -21.01
C LYS F 114 3.60 53.71 -20.84
N LEU F 115 4.05 54.72 -21.58
CA LEU F 115 3.49 56.07 -21.55
C LEU F 115 3.19 56.49 -22.97
N THR F 116 1.90 56.52 -23.33
CA THR F 116 1.48 56.77 -24.70
C THR F 116 1.34 58.26 -24.97
N SER F 117 1.62 58.65 -26.21
CA SER F 117 1.48 60.03 -26.69
C SER F 117 2.34 60.98 -25.87
N VAL F 118 3.65 60.77 -25.95
CA VAL F 118 4.59 61.55 -25.15
C VAL F 118 4.88 62.85 -25.85
N THR F 119 5.02 63.93 -25.07
CA THR F 119 5.41 65.23 -25.55
C THR F 119 6.82 65.56 -25.07
N VAL F 120 7.27 66.78 -25.36
CA VAL F 120 8.60 67.19 -24.95
C VAL F 120 8.71 67.28 -23.43
N ALA F 121 7.59 67.54 -22.75
CA ALA F 121 7.61 67.66 -21.29
C ALA F 121 7.86 66.34 -20.57
N ASP F 122 7.82 65.21 -21.28
CA ASP F 122 8.06 63.90 -20.68
C ASP F 122 9.53 63.50 -20.70
N THR F 123 10.42 64.39 -21.12
CA THR F 123 11.85 64.13 -21.03
C THR F 123 12.28 64.18 -19.57
N ALA F 124 12.95 63.12 -19.10
CA ALA F 124 13.30 63.04 -17.69
C ALA F 124 14.17 61.82 -17.45
N VAL F 125 14.73 61.75 -16.24
CA VAL F 125 15.39 60.55 -15.75
C VAL F 125 14.33 59.72 -15.03
N TYR F 126 14.12 58.50 -15.53
CA TYR F 126 13.11 57.59 -15.00
C TYR F 126 13.79 56.59 -14.07
N TYR F 127 13.21 56.41 -12.89
CA TYR F 127 13.69 55.49 -11.88
C TYR F 127 12.65 54.41 -11.62
N CYS F 128 13.11 53.18 -11.47
CA CYS F 128 12.30 52.08 -10.98
C CYS F 128 12.75 51.74 -9.57
N ALA F 129 11.78 51.60 -8.67
CA ALA F 129 12.05 51.43 -7.25
C ALA F 129 11.15 50.35 -6.68
N ARG F 130 11.44 49.96 -5.45
CA ARG F 130 10.63 49.01 -4.68
C ARG F 130 10.22 49.68 -3.39
N GLU F 131 8.91 49.89 -3.21
CA GLU F 131 8.37 50.42 -1.97
C GLU F 131 8.05 49.25 -1.06
N ARG F 132 8.77 49.18 0.06
CA ARG F 132 8.49 48.22 1.11
C ARG F 132 7.38 48.77 2.00
N GLU F 133 6.48 47.88 2.42
CA GLU F 133 5.39 48.21 3.32
C GLU F 133 5.38 47.20 4.45
N VAL F 134 5.31 47.67 5.69
CA VAL F 134 5.27 46.83 6.88
C VAL F 134 4.10 47.23 7.75
N ILE F 135 3.33 46.24 8.19
CA ILE F 135 2.07 46.45 8.90
C ILE F 135 2.30 46.58 10.41
N VAL F 136 3.22 45.80 10.96
CA VAL F 136 3.45 45.82 12.40
C VAL F 136 3.92 47.19 12.85
N ASP F 137 4.93 47.74 12.17
CA ASP F 137 5.46 49.05 12.48
C ASP F 137 4.75 50.17 11.74
N ARG F 138 3.83 49.84 10.82
CA ARG F 138 3.06 50.83 10.06
C ARG F 138 3.98 51.80 9.33
N ARG F 139 4.78 51.26 8.41
CA ARG F 139 5.75 52.05 7.68
C ARG F 139 5.72 51.69 6.20
N ARG F 140 6.08 52.68 5.38
CA ARG F 140 6.17 52.50 3.93
C ARG F 140 7.32 53.36 3.44
N TRP F 141 8.27 52.75 2.72
CA TRP F 141 9.40 53.54 2.22
C TRP F 141 10.02 52.88 1.00
N LEU F 142 10.62 53.71 0.16
CA LEU F 142 11.22 53.25 -1.10
C LEU F 142 12.63 52.76 -0.85
N ASP F 143 12.87 51.47 -1.07
CA ASP F 143 14.20 50.90 -0.93
C ASP F 143 14.27 49.54 -1.62
N PRO F 144 15.23 49.29 -2.54
CA PRO F 144 16.23 50.18 -3.15
C PRO F 144 15.70 50.91 -4.38
N TRP F 145 16.42 51.89 -4.87
CA TRP F 145 16.11 52.58 -6.12
C TRP F 145 16.92 51.99 -7.26
N GLY F 146 16.45 52.23 -8.48
CA GLY F 146 17.26 51.93 -9.65
C GLY F 146 18.30 53.00 -9.90
N GLN F 147 19.21 52.71 -10.84
CA GLN F 147 20.24 53.68 -11.17
C GLN F 147 19.66 54.90 -11.87
N GLY F 148 18.71 54.69 -12.77
CA GLY F 148 18.05 55.75 -13.52
C GLY F 148 18.38 55.64 -14.99
N ILE F 149 17.41 55.99 -15.83
CA ILE F 149 17.57 55.99 -17.28
C ILE F 149 17.04 57.32 -17.82
N LEU F 150 17.90 58.05 -18.53
CA LEU F 150 17.51 59.35 -19.09
C LEU F 150 16.84 59.14 -20.43
N VAL F 151 15.56 59.49 -20.53
CA VAL F 151 14.79 59.40 -21.77
C VAL F 151 14.45 60.82 -22.20
N THR F 152 14.79 61.14 -23.45
CA THR F 152 14.48 62.42 -24.06
C THR F 152 13.48 62.22 -25.18
N VAL F 153 12.49 63.10 -25.25
CA VAL F 153 11.48 63.08 -26.30
C VAL F 153 11.83 64.15 -27.32
N SER F 154 12.15 63.75 -28.54
CA SER F 154 12.55 64.68 -29.57
C SER F 154 12.47 64.01 -30.93
N SER F 155 11.82 64.67 -31.88
CA SER F 155 11.86 64.25 -33.28
C SER F 155 13.13 64.69 -33.98
N ALA F 156 13.98 65.48 -33.33
CA ALA F 156 15.24 65.90 -33.92
C ALA F 156 16.16 64.70 -34.11
N SER F 157 17.11 64.86 -35.01
CA SER F 157 18.10 63.84 -35.35
C SER F 157 19.49 64.37 -34.99
N THR F 158 20.50 63.51 -35.14
CA THR F 158 21.87 63.89 -34.81
C THR F 158 22.34 65.01 -35.72
N LYS F 159 23.04 65.98 -35.13
CA LYS F 159 23.61 67.09 -35.89
C LYS F 159 24.84 67.56 -35.12
N GLY F 160 25.98 67.64 -35.79
CA GLY F 160 27.20 68.07 -35.14
C GLY F 160 27.15 69.56 -34.80
N PRO F 161 27.92 69.99 -33.80
CA PRO F 161 27.95 71.42 -33.47
C PRO F 161 28.74 72.23 -34.46
N SER F 162 28.41 73.52 -34.52
CA SER F 162 29.31 74.52 -35.08
C SER F 162 30.05 75.19 -33.94
N VAL F 163 31.36 75.28 -34.07
CA VAL F 163 32.24 75.82 -33.05
C VAL F 163 32.71 77.19 -33.53
N PHE F 164 32.42 78.22 -32.73
CA PHE F 164 32.75 79.60 -33.06
C PHE F 164 33.67 80.18 -31.99
N PRO F 165 34.62 81.05 -32.34
CA PRO F 165 35.50 81.61 -31.30
C PRO F 165 34.80 82.70 -30.52
N LEU F 166 35.04 82.71 -29.21
CA LEU F 166 34.69 83.82 -28.34
C LEU F 166 36.02 84.53 -28.08
N ALA F 167 36.30 85.56 -28.89
CA ALA F 167 37.63 86.13 -28.97
C ALA F 167 37.87 87.13 -27.84
N PRO F 168 39.06 87.13 -27.21
CA PRO F 168 39.30 88.10 -26.13
C PRO F 168 39.29 89.53 -26.65
N SER F 169 38.79 90.44 -25.81
CA SER F 169 38.70 91.84 -26.19
C SER F 169 40.04 92.54 -26.07
N GLY F 176 44.62 92.52 -14.31
CA GLY F 176 44.85 92.40 -15.74
C GLY F 176 44.65 90.99 -16.23
N THR F 177 43.40 90.54 -16.23
CA THR F 177 43.02 89.21 -16.71
C THR F 177 42.03 89.35 -17.86
N ALA F 178 42.25 88.56 -18.91
CA ALA F 178 41.40 88.53 -20.08
C ALA F 178 40.65 87.21 -20.14
N ALA F 179 39.48 87.25 -20.76
CA ALA F 179 38.62 86.09 -20.95
C ALA F 179 38.53 85.73 -22.42
N LEU F 180 38.37 84.44 -22.70
CA LEU F 180 38.12 83.95 -24.04
C LEU F 180 37.41 82.62 -23.92
N GLY F 181 36.86 82.14 -25.04
CA GLY F 181 36.10 80.92 -24.98
C GLY F 181 35.82 80.35 -26.35
N CYS F 182 34.93 79.36 -26.38
CA CYS F 182 34.41 78.78 -27.60
C CYS F 182 32.92 78.58 -27.46
N LEU F 183 32.16 78.98 -28.46
CA LEU F 183 30.71 78.76 -28.50
C LEU F 183 30.44 77.50 -29.30
N VAL F 184 29.85 76.51 -28.64
CA VAL F 184 29.49 75.23 -29.26
C VAL F 184 27.97 75.27 -29.43
N LYS F 185 27.51 75.47 -30.66
CA LYS F 185 26.13 75.83 -30.95
C LYS F 185 25.47 74.73 -31.78
N ASP F 186 24.17 74.51 -31.52
CA ASP F 186 23.28 73.77 -32.41
C ASP F 186 23.76 72.35 -32.66
N TYR F 187 23.71 71.52 -31.61
CA TYR F 187 24.02 70.10 -31.72
C TYR F 187 22.93 69.28 -31.05
N PHE F 188 22.87 68.01 -31.43
CA PHE F 188 21.96 67.04 -30.84
C PHE F 188 22.56 65.66 -31.08
N PRO F 189 22.48 64.72 -30.11
CA PRO F 189 22.02 64.82 -28.72
C PRO F 189 23.17 65.21 -27.80
N GLU F 190 22.95 65.30 -26.49
CA GLU F 190 24.05 65.41 -25.56
C GLU F 190 24.86 64.11 -25.57
N PRO F 191 26.13 64.16 -25.13
CA PRO F 191 26.93 65.28 -24.62
C PRO F 191 28.00 65.79 -25.58
N VAL F 192 28.61 66.92 -25.24
CA VAL F 192 29.82 67.42 -25.89
C VAL F 192 30.87 67.59 -24.81
N THR F 193 32.11 67.23 -25.14
CA THR F 193 33.25 67.41 -24.26
C THR F 193 34.15 68.50 -24.82
N VAL F 194 34.58 69.41 -23.95
CA VAL F 194 35.43 70.54 -24.33
C VAL F 194 36.66 70.53 -23.44
N SER F 195 37.84 70.60 -24.05
CA SER F 195 39.11 70.78 -23.36
C SER F 195 39.89 71.88 -24.05
N TRP F 196 40.90 72.40 -23.36
CA TRP F 196 41.70 73.52 -23.84
C TRP F 196 43.15 73.10 -23.92
N ASN F 197 43.76 73.36 -25.08
CA ASN F 197 45.17 73.03 -25.33
C ASN F 197 45.44 71.55 -25.09
N SER F 198 44.52 70.70 -25.56
CA SER F 198 44.63 69.25 -25.43
C SER F 198 44.70 68.81 -23.97
N GLY F 199 43.98 69.53 -23.09
CA GLY F 199 43.95 69.21 -21.69
C GLY F 199 45.05 69.82 -20.86
N ALA F 200 46.01 70.51 -21.48
CA ALA F 200 47.09 71.14 -20.73
C ALA F 200 46.63 72.38 -19.98
N LEU F 201 45.54 73.01 -20.40
CA LEU F 201 44.99 74.20 -19.76
C LEU F 201 43.69 73.80 -19.07
N THR F 202 43.70 73.81 -17.73
CA THR F 202 42.54 73.45 -16.94
C THR F 202 42.22 74.54 -15.92
N SER F 203 43.23 75.28 -15.47
CA SER F 203 43.02 76.34 -14.49
C SER F 203 42.16 77.45 -15.09
N GLY F 204 41.08 77.79 -14.40
CA GLY F 204 40.19 78.86 -14.82
C GLY F 204 39.22 78.49 -15.91
N VAL F 205 39.18 77.23 -16.34
CA VAL F 205 38.27 76.80 -17.39
C VAL F 205 36.90 76.54 -16.80
N HIS F 206 35.87 77.08 -17.43
CA HIS F 206 34.48 76.83 -17.06
C HIS F 206 33.69 76.46 -18.30
N THR F 207 33.18 75.22 -18.32
CA THR F 207 32.32 74.73 -19.39
C THR F 207 30.89 74.70 -18.86
N PHE F 208 30.02 75.50 -19.45
CA PHE F 208 28.68 75.69 -18.93
C PHE F 208 27.79 74.50 -19.29
N PRO F 209 26.75 74.22 -18.47
CA PRO F 209 25.78 73.19 -18.89
C PRO F 209 25.05 73.61 -20.16
N ALA F 210 24.73 72.60 -20.98
CA ALA F 210 24.05 72.86 -22.24
C ALA F 210 22.64 73.37 -22.01
N VAL F 211 22.20 74.26 -22.89
CA VAL F 211 20.84 74.80 -22.90
C VAL F 211 20.12 74.25 -24.12
N LEU F 212 18.88 73.82 -23.94
CA LEU F 212 18.06 73.31 -25.03
C LEU F 212 17.27 74.46 -25.63
N GLN F 213 17.50 74.73 -26.92
CA GLN F 213 16.84 75.81 -27.61
C GLN F 213 15.46 75.37 -28.10
N SER F 214 14.64 76.35 -28.50
CA SER F 214 13.32 76.04 -29.05
C SER F 214 13.42 75.25 -30.34
N SER F 215 14.54 75.32 -31.05
CA SER F 215 14.75 74.48 -32.23
C SER F 215 14.92 73.00 -31.88
N GLY F 216 15.08 72.65 -30.60
CA GLY F 216 15.32 71.29 -30.19
C GLY F 216 16.78 70.89 -30.13
N LEU F 217 17.70 71.80 -30.46
CA LEU F 217 19.12 71.55 -30.47
C LEU F 217 19.78 72.19 -29.26
N TYR F 218 20.91 71.62 -28.85
CA TYR F 218 21.62 72.07 -27.66
C TYR F 218 22.70 73.07 -28.02
N SER F 219 23.14 73.83 -27.01
CA SER F 219 24.19 74.82 -27.18
C SER F 219 24.87 75.07 -25.85
N LEU F 220 26.18 75.27 -25.89
CA LEU F 220 26.95 75.57 -24.68
C LEU F 220 28.14 76.43 -25.05
N SER F 221 28.73 77.04 -24.02
CA SER F 221 29.96 77.82 -24.16
C SER F 221 30.96 77.35 -23.11
N SER F 222 32.23 77.34 -23.52
CA SER F 222 33.34 77.04 -22.63
C SER F 222 34.28 78.24 -22.64
N VAL F 223 34.63 78.74 -21.45
CA VAL F 223 35.41 79.96 -21.30
C VAL F 223 36.59 79.68 -20.38
N VAL F 224 37.62 80.50 -20.52
CA VAL F 224 38.79 80.45 -19.65
C VAL F 224 39.32 81.86 -19.47
N THR F 225 39.73 82.19 -18.24
CA THR F 225 40.36 83.46 -17.93
C THR F 225 41.86 83.26 -17.88
N VAL F 226 42.58 84.16 -18.53
CA VAL F 226 44.04 84.07 -18.67
C VAL F 226 44.64 85.45 -18.43
N PRO F 227 45.94 85.51 -18.13
CA PRO F 227 46.58 86.83 -18.05
C PRO F 227 46.52 87.55 -19.39
N SER F 228 46.22 88.85 -19.34
CA SER F 228 46.14 89.63 -20.56
C SER F 228 47.49 89.75 -21.25
N SER F 229 48.58 89.67 -20.49
CA SER F 229 49.91 89.73 -21.07
C SER F 229 50.24 88.51 -21.92
N SER F 230 49.57 87.38 -21.68
CA SER F 230 49.81 86.14 -22.42
C SER F 230 49.05 86.05 -23.73
N LEU F 231 48.21 87.05 -24.05
CA LEU F 231 47.40 86.97 -25.26
C LEU F 231 48.25 87.01 -26.52
N GLY F 232 49.37 87.72 -26.50
CA GLY F 232 50.23 87.83 -27.65
C GLY F 232 51.25 86.71 -27.79
N THR F 233 51.55 86.01 -26.68
CA THR F 233 52.62 85.02 -26.65
C THR F 233 52.13 83.58 -26.63
N GLN F 234 50.96 83.31 -26.06
CA GLN F 234 50.47 81.96 -25.84
C GLN F 234 49.29 81.68 -26.76
N THR F 235 49.27 80.46 -27.31
CA THR F 235 48.20 79.99 -28.16
C THR F 235 47.13 79.31 -27.31
N TYR F 236 45.87 79.53 -27.66
CA TYR F 236 44.72 78.95 -26.96
C TYR F 236 43.82 78.27 -27.96
N ILE F 237 43.64 76.96 -27.79
CA ILE F 237 42.85 76.13 -28.69
C ILE F 237 41.87 75.33 -27.84
N CYS F 238 40.59 75.36 -28.21
CA CYS F 238 39.57 74.55 -27.58
C CYS F 238 39.32 73.31 -28.43
N ASN F 239 39.30 72.14 -27.79
CA ASN F 239 39.12 70.86 -28.46
C ASN F 239 37.71 70.36 -28.18
N VAL F 240 36.87 70.37 -29.20
CA VAL F 240 35.46 70.04 -29.08
C VAL F 240 35.24 68.67 -29.72
N ASN F 241 34.56 67.78 -29.00
CA ASN F 241 34.23 66.45 -29.47
C ASN F 241 32.76 66.17 -29.27
N HIS F 242 32.09 65.71 -30.33
CA HIS F 242 30.68 65.29 -30.28
C HIS F 242 30.63 63.93 -30.97
N LYS F 243 30.59 62.86 -30.18
CA LYS F 243 30.72 61.52 -30.73
C LYS F 243 29.59 61.14 -31.70
N PRO F 244 28.32 61.45 -31.44
CA PRO F 244 27.25 61.01 -32.37
C PRO F 244 27.42 61.49 -33.80
N SER F 245 28.10 62.62 -34.02
CA SER F 245 28.45 63.09 -35.35
C SER F 245 29.91 62.87 -35.71
N ASN F 246 30.71 62.34 -34.80
CA ASN F 246 32.16 62.24 -34.98
C ASN F 246 32.76 63.60 -35.34
N THR F 247 32.27 64.65 -34.67
CA THR F 247 32.81 65.98 -34.84
C THR F 247 34.04 66.13 -33.96
N LYS F 248 35.17 66.49 -34.56
CA LYS F 248 36.40 66.80 -33.82
C LYS F 248 36.94 68.11 -34.37
N VAL F 249 36.90 69.16 -33.54
CA VAL F 249 37.27 70.51 -33.94
C VAL F 249 38.29 71.05 -32.95
N ASP F 250 39.38 71.59 -33.46
CA ASP F 250 40.40 72.29 -32.68
C ASP F 250 40.43 73.73 -33.17
N LYS F 251 39.78 74.63 -32.42
CA LYS F 251 39.53 76.00 -32.85
C LYS F 251 40.49 76.91 -32.10
N LYS F 252 41.39 77.56 -32.83
CA LYS F 252 42.31 78.53 -32.26
C LYS F 252 41.58 79.83 -31.99
N VAL F 253 41.65 80.31 -30.76
CA VAL F 253 40.98 81.53 -30.33
C VAL F 253 42.05 82.58 -30.07
N GLU F 254 41.95 83.72 -30.75
CA GLU F 254 42.92 84.79 -30.69
C GLU F 254 42.19 86.12 -30.79
N PRO F 255 42.82 87.22 -30.32
CA PRO F 255 42.12 88.51 -30.44
C PRO F 255 41.94 88.96 -31.88
N ILE G 21 -2.59 65.61 -1.24
CA ILE G 21 -1.61 66.11 -0.23
C ILE G 21 -0.57 66.96 -0.95
N VAL G 22 -0.21 68.07 -0.33
CA VAL G 22 0.81 68.98 -0.83
C VAL G 22 1.87 69.14 0.25
N MET G 23 3.13 68.94 -0.12
CA MET G 23 4.24 68.98 0.81
C MET G 23 5.05 70.24 0.53
N THR G 24 5.11 71.14 1.51
CA THR G 24 5.82 72.40 1.39
C THR G 24 7.15 72.28 2.14
N GLN G 25 8.25 72.20 1.39
CA GLN G 25 9.57 72.07 1.96
C GLN G 25 10.21 73.45 2.03
N SER G 26 10.56 73.88 3.24
CA SER G 26 11.21 75.15 3.50
C SER G 26 12.59 74.91 4.11
N PRO G 27 13.60 75.76 3.80
CA PRO G 27 13.66 76.81 2.77
C PRO G 27 14.02 76.24 1.41
N SER G 28 13.78 76.98 0.32
CA SER G 28 14.10 76.46 -1.00
C SER G 28 15.61 76.33 -1.21
N SER G 29 16.39 77.20 -0.58
CA SER G 29 17.85 77.10 -0.67
C SER G 29 18.46 77.62 0.62
N LEU G 30 19.57 76.99 1.02
CA LEU G 30 20.35 77.39 2.18
C LEU G 30 21.82 77.36 1.86
N SER G 31 22.57 78.16 2.62
CA SER G 31 24.02 78.13 2.63
C SER G 31 24.47 77.78 4.03
N ALA G 32 25.38 76.81 4.13
CA ALA G 32 26.02 76.45 5.39
C ALA G 32 27.49 76.18 5.11
N SER G 33 28.28 76.11 6.18
CA SER G 33 29.71 75.85 6.10
C SER G 33 30.03 74.55 6.81
N ILE G 34 31.27 74.08 6.59
CA ILE G 34 31.70 72.81 7.18
C ILE G 34 31.72 72.97 8.69
N GLY G 35 30.96 72.10 9.37
CA GLY G 35 30.87 72.11 10.82
C GLY G 35 29.62 72.75 11.38
N ASP G 36 28.90 73.55 10.59
CA ASP G 36 27.68 74.18 11.05
C ASP G 36 26.52 73.19 11.01
N ARG G 37 25.40 73.62 11.57
CA ARG G 37 24.17 72.83 11.62
C ARG G 37 23.22 73.30 10.52
N VAL G 38 22.45 72.34 10.00
CA VAL G 38 21.45 72.59 8.95
C VAL G 38 20.11 72.07 9.46
N THR G 39 19.06 72.85 9.23
CA THR G 39 17.69 72.45 9.57
C THR G 39 16.81 72.69 8.35
N ILE G 40 16.05 71.67 7.96
CA ILE G 40 15.14 71.75 6.82
C ILE G 40 13.78 71.21 7.26
N THR G 41 12.74 72.04 7.12
CA THR G 41 11.39 71.67 7.50
C THR G 41 10.60 71.28 6.26
N CYS G 42 9.68 70.33 6.43
CA CYS G 42 8.80 69.90 5.34
C CYS G 42 7.39 69.75 5.90
N ARG G 43 6.61 70.82 5.83
CA ARG G 43 5.25 70.80 6.32
C ARG G 43 4.35 70.05 5.33
N ALA G 44 3.27 69.49 5.86
CA ALA G 44 2.30 68.72 5.08
C ALA G 44 0.92 69.33 5.24
N SER G 45 0.19 69.39 4.12
CA SER G 45 -1.16 69.94 4.14
C SER G 45 -2.09 69.09 5.01
N HIS G 46 -1.98 67.77 4.91
CA HIS G 46 -2.81 66.83 5.65
C HIS G 46 -1.98 66.07 6.67
N ASN G 47 -2.67 65.52 7.66
CA ASN G 47 -2.00 64.74 8.70
C ASN G 47 -1.37 63.49 8.11
N ILE G 48 -0.09 63.28 8.43
CA ILE G 48 0.67 62.11 8.00
C ILE G 48 1.09 61.36 9.26
N SER G 49 0.88 60.05 9.27
CA SER G 49 1.23 59.22 10.42
C SER G 49 2.70 58.80 10.35
N ARG G 50 3.57 59.81 10.29
CA ARG G 50 5.02 59.64 10.18
C ARG G 50 5.43 58.89 8.91
N TYR G 51 4.57 58.84 7.90
CA TYR G 51 4.91 58.22 6.62
C TYR G 51 5.70 59.22 5.79
N LEU G 52 6.92 59.52 6.26
CA LEU G 52 7.77 60.53 5.65
C LEU G 52 9.19 59.99 5.53
N SER G 53 9.83 60.31 4.41
CA SER G 53 11.21 59.96 4.14
C SER G 53 11.98 61.19 3.69
N TRP G 54 13.26 61.22 4.07
CA TRP G 54 14.20 62.25 3.65
C TRP G 54 15.26 61.61 2.76
N PHE G 55 15.39 62.14 1.55
CA PHE G 55 16.32 61.68 0.52
C PHE G 55 17.37 62.74 0.27
N GLN G 56 18.54 62.29 -0.18
CA GLN G 56 19.64 63.17 -0.58
C GLN G 56 20.02 62.80 -2.02
N GLN G 57 20.00 63.80 -2.90
CA GLN G 57 20.42 63.65 -4.30
C GLN G 57 21.64 64.52 -4.54
N ARG G 58 22.71 63.89 -5.03
CA ARG G 58 23.89 64.58 -5.50
C ARG G 58 23.72 64.92 -6.99
N PRO G 59 24.45 65.91 -7.51
CA PRO G 59 24.32 66.23 -8.94
C PRO G 59 24.63 65.03 -9.83
N GLY G 60 23.66 64.64 -10.66
CA GLY G 60 23.84 63.59 -11.62
C GLY G 60 23.63 62.18 -11.10
N LYS G 61 23.35 62.01 -9.81
CA LYS G 61 23.17 60.70 -9.20
C LYS G 61 21.71 60.49 -8.83
N ALA G 62 21.36 59.23 -8.58
CA ALA G 62 20.02 58.89 -8.16
C ALA G 62 19.78 59.39 -6.74
N PRO G 63 18.53 59.64 -6.36
CA PRO G 63 18.26 60.01 -4.96
C PRO G 63 18.66 58.88 -4.01
N LYS G 64 19.22 59.28 -2.87
CA LYS G 64 19.72 58.36 -1.86
C LYS G 64 18.86 58.53 -0.61
N LEU G 65 18.25 57.43 -0.15
CA LEU G 65 17.44 57.48 1.06
C LEU G 65 18.33 57.68 2.28
N LEU G 66 18.04 58.71 3.06
CA LEU G 66 18.69 58.96 4.34
C LEU G 66 17.84 58.49 5.51
N ILE G 67 16.59 58.95 5.57
CA ILE G 67 15.71 58.64 6.69
C ILE G 67 14.37 58.18 6.13
N TYR G 68 13.73 57.24 6.82
CA TYR G 68 12.36 56.84 6.51
C TYR G 68 11.60 56.73 7.83
N ALA G 69 10.27 56.78 7.71
CA ALA G 69 9.36 56.74 8.86
C ALA G 69 9.56 57.92 9.80
N ALA G 70 10.18 59.01 9.32
CA ALA G 70 10.33 60.29 10.00
C ALA G 70 11.35 60.28 11.15
N SER G 71 11.82 59.11 11.58
CA SER G 71 12.90 59.03 12.56
C SER G 71 13.93 57.95 12.26
N SER G 72 13.60 56.90 11.52
CA SER G 72 14.51 55.78 11.35
C SER G 72 15.64 56.16 10.41
N LEU G 73 16.87 55.82 10.80
CA LEU G 73 18.05 56.12 10.00
C LEU G 73 18.36 54.91 9.12
N GLN G 74 18.50 55.16 7.81
CA GLN G 74 18.83 54.09 6.88
C GLN G 74 20.22 53.55 7.19
N SER G 75 20.40 52.24 6.97
CA SER G 75 21.69 51.63 7.22
C SER G 75 22.76 52.21 6.31
N GLY G 76 23.95 52.41 6.87
CA GLY G 76 25.03 53.00 6.11
C GLY G 76 24.98 54.51 6.01
N VAL G 77 24.16 55.17 6.81
CA VAL G 77 24.04 56.63 6.82
C VAL G 77 24.77 57.14 8.06
N PRO G 78 25.54 58.23 7.99
CA PRO G 78 26.15 58.76 9.22
C PRO G 78 25.11 59.18 10.24
N SER G 79 25.45 59.00 11.51
CA SER G 79 24.52 59.30 12.60
C SER G 79 24.24 60.79 12.74
N ARG G 80 25.02 61.66 12.09
CA ARG G 80 24.78 63.10 12.21
C ARG G 80 23.42 63.48 11.62
N PHE G 81 23.00 62.82 10.53
CA PHE G 81 21.66 63.04 10.00
C PHE G 81 20.63 62.59 11.03
N SER G 82 19.62 63.43 11.25
CA SER G 82 18.56 63.13 12.21
C SER G 82 17.22 63.59 11.66
N GLY G 83 16.20 62.76 11.85
CA GLY G 83 14.85 63.10 11.43
C GLY G 83 13.94 63.16 12.65
N SER G 84 12.98 64.06 12.59
CA SER G 84 12.04 64.21 13.70
C SER G 84 10.74 64.79 13.20
N GLY G 85 9.71 64.72 14.03
CA GLY G 85 8.43 65.34 13.78
C GLY G 85 7.31 64.32 13.75
N SER G 86 6.11 64.85 13.51
CA SER G 86 4.89 64.06 13.51
C SER G 86 3.78 64.92 12.94
N GLY G 87 2.60 64.31 12.81
CA GLY G 87 1.42 65.03 12.33
C GLY G 87 1.62 65.63 10.96
N THR G 88 1.72 66.96 10.92
CA THR G 88 1.95 67.71 9.68
C THR G 88 3.35 68.32 9.60
N ASP G 89 4.13 68.30 10.69
CA ASP G 89 5.40 69.01 10.76
C ASP G 89 6.53 68.02 10.93
N TYR G 90 7.53 68.11 10.05
CA TYR G 90 8.68 67.22 10.05
C TYR G 90 9.94 68.01 9.74
N THR G 91 11.04 67.59 10.36
CA THR G 91 12.32 68.30 10.28
C THR G 91 13.46 67.30 10.05
N LEU G 92 14.42 67.72 9.23
CA LEU G 92 15.70 67.06 9.06
C LEU G 92 16.79 67.96 9.60
N THR G 93 17.71 67.37 10.37
CA THR G 93 18.78 68.08 11.04
C THR G 93 20.11 67.45 10.63
N ILE G 94 21.04 68.30 10.22
CA ILE G 94 22.40 67.87 9.84
C ILE G 94 23.35 68.68 10.72
N SER G 95 23.71 68.11 11.87
CA SER G 95 24.67 68.73 12.77
C SER G 95 26.08 68.22 12.44
N ASN G 96 27.06 69.09 12.60
CA ASN G 96 28.46 68.79 12.26
C ASN G 96 28.53 68.38 10.77
N LEU G 97 28.33 69.41 9.95
CA LEU G 97 28.34 69.23 8.50
C LEU G 97 29.67 68.65 8.04
N HIS G 98 29.68 68.12 6.83
CA HIS G 98 30.85 67.53 6.19
C HIS G 98 30.97 68.06 4.77
N PRO G 99 32.15 67.96 4.16
CA PRO G 99 32.27 68.39 2.75
C PRO G 99 31.37 67.62 1.80
N GLU G 100 31.06 66.36 2.12
CA GLU G 100 30.23 65.52 1.24
C GLU G 100 28.74 65.75 1.46
N ASP G 101 28.33 66.56 2.43
CA ASP G 101 26.92 66.76 2.76
C ASP G 101 26.31 67.95 2.03
N PHE G 102 26.93 68.41 0.94
CA PHE G 102 26.40 69.51 0.12
C PHE G 102 25.68 68.87 -1.06
N ALA G 103 24.35 68.85 -0.98
CA ALA G 103 23.53 68.15 -1.95
C ALA G 103 22.11 68.71 -1.87
N THR G 104 21.22 68.16 -2.69
CA THR G 104 19.80 68.50 -2.63
C THR G 104 19.08 67.53 -1.71
N TYR G 105 18.20 68.07 -0.86
CA TYR G 105 17.47 67.29 0.12
C TYR G 105 15.98 67.34 -0.20
N PHE G 106 15.36 66.17 -0.30
CA PHE G 106 13.96 66.03 -0.66
C PHE G 106 13.20 65.35 0.47
N CYS G 107 11.94 65.75 0.65
CA CYS G 107 11.02 65.10 1.56
C CYS G 107 9.91 64.44 0.75
N GLN G 108 9.65 63.18 1.05
CA GLN G 108 8.66 62.35 0.36
C GLN G 108 7.66 61.80 1.36
N GLN G 109 6.39 61.77 0.98
CA GLN G 109 5.32 61.26 1.83
C GLN G 109 4.75 60.00 1.21
N SER G 110 4.40 59.03 2.07
CA SER G 110 3.84 57.75 1.65
C SER G 110 2.53 57.43 2.37
N TYR G 111 1.86 58.42 2.94
CA TYR G 111 0.62 58.15 3.66
C TYR G 111 -0.48 57.74 2.71
N SER G 112 -0.57 58.39 1.54
CA SER G 112 -1.59 58.06 0.55
C SER G 112 -1.02 58.28 -0.83
N THR G 113 -1.66 57.64 -1.82
CA THR G 113 -1.26 57.82 -3.21
C THR G 113 -1.95 59.05 -3.79
N PRO G 114 -1.32 59.78 -4.73
CA PRO G 114 0.03 59.60 -5.30
C PRO G 114 1.12 60.02 -4.33
N LEU G 115 2.29 59.40 -4.41
CA LEU G 115 3.42 59.81 -3.57
C LEU G 115 3.88 61.19 -3.99
N ILE G 116 4.12 62.05 -3.00
CA ILE G 116 4.46 63.45 -3.23
C ILE G 116 5.85 63.70 -2.67
N PHE G 117 6.76 64.16 -3.53
CA PHE G 117 8.09 64.60 -3.11
C PHE G 117 8.06 66.09 -2.79
N GLY G 118 9.06 66.51 -2.02
CA GLY G 118 9.20 67.92 -1.71
C GLY G 118 9.76 68.71 -2.88
N GLN G 119 9.76 70.04 -2.71
CA GLN G 119 10.29 70.91 -3.75
C GLN G 119 11.78 70.68 -3.94
N GLY G 120 12.52 70.52 -2.85
CA GLY G 120 13.95 70.26 -2.90
C GLY G 120 14.77 71.43 -2.38
N THR G 121 15.41 71.24 -1.23
CA THR G 121 16.25 72.25 -0.61
C THR G 121 17.71 71.91 -0.91
N LYS G 122 18.40 72.83 -1.57
CA LYS G 122 19.82 72.66 -1.92
C LYS G 122 20.66 73.39 -0.88
N VAL G 123 21.66 72.70 -0.34
CA VAL G 123 22.61 73.27 0.60
C VAL G 123 23.98 73.23 -0.05
N GLU G 124 24.63 74.41 -0.09
CA GLU G 124 25.95 74.56 -0.76
C GLU G 124 26.90 75.34 0.16
N ILE G 125 28.19 75.35 -0.14
CA ILE G 125 29.22 75.97 0.75
C ILE G 125 28.98 77.47 0.84
N LYS G 126 29.11 78.05 2.04
CA LYS G 126 28.92 79.51 2.27
C LYS G 126 30.28 80.20 2.29
N ARG G 127 30.49 81.18 1.40
CA ARG G 127 31.81 81.80 1.12
C ARG G 127 31.71 83.33 1.16
N THR G 128 32.83 84.05 1.05
CA THR G 128 32.88 85.53 1.11
C THR G 128 32.19 86.13 -0.12
N VAL G 129 31.39 87.20 0.05
CA VAL G 129 30.67 87.86 -1.06
C VAL G 129 31.70 88.34 -2.08
N ALA G 130 31.63 87.86 -3.32
CA ALA G 130 32.56 88.24 -4.41
C ALA G 130 31.73 88.71 -5.59
N ALA G 131 32.11 89.81 -6.24
CA ALA G 131 31.33 90.40 -7.36
C ALA G 131 31.83 89.82 -8.68
N PRO G 132 30.98 89.70 -9.71
CA PRO G 132 31.36 89.06 -10.98
C PRO G 132 32.28 89.94 -11.80
N SER G 133 33.20 89.29 -12.51
CA SER G 133 33.97 89.94 -13.56
C SER G 133 33.22 89.76 -14.87
N VAL G 134 32.77 90.86 -15.45
CA VAL G 134 31.83 90.84 -16.56
C VAL G 134 32.59 90.99 -17.87
N PHE G 135 32.23 90.17 -18.86
CA PHE G 135 32.81 90.23 -20.19
C PHE G 135 31.68 90.11 -21.20
N ILE G 136 31.78 90.87 -22.30
CA ILE G 136 30.85 90.80 -23.42
C ILE G 136 31.66 90.44 -24.66
N PHE G 137 31.12 89.54 -25.49
CA PHE G 137 31.83 89.04 -26.66
C PHE G 137 30.93 89.25 -27.88
N PRO G 138 31.40 89.88 -28.95
CA PRO G 138 30.55 89.99 -30.16
C PRO G 138 30.49 88.67 -30.91
N PRO G 139 29.56 88.54 -31.87
CA PRO G 139 29.55 87.33 -32.70
C PRO G 139 30.80 87.27 -33.57
N SER G 140 31.22 86.04 -33.87
CA SER G 140 32.36 85.83 -34.75
C SER G 140 31.94 86.04 -36.20
N ASP G 141 32.92 86.39 -37.04
CA ASP G 141 32.67 86.46 -38.47
C ASP G 141 32.28 85.10 -39.03
N GLU G 142 32.80 84.03 -38.45
CA GLU G 142 32.46 82.68 -38.91
C GLU G 142 30.97 82.39 -38.72
N GLN G 143 30.41 82.79 -37.57
CA GLN G 143 28.99 82.53 -37.35
C GLN G 143 28.14 83.44 -38.22
N LEU G 144 28.59 84.68 -38.44
CA LEU G 144 27.88 85.57 -39.35
C LEU G 144 27.89 85.04 -40.77
N LYS G 145 28.88 84.21 -41.13
CA LYS G 145 28.86 83.60 -42.45
C LYS G 145 27.69 82.64 -42.62
N SER G 146 27.11 82.12 -41.54
CA SER G 146 26.03 81.15 -41.59
C SER G 146 24.64 81.77 -41.43
N GLY G 147 24.54 83.07 -41.18
CA GLY G 147 23.26 83.75 -41.15
C GLY G 147 22.64 83.98 -39.78
N THR G 148 23.38 83.72 -38.70
CA THR G 148 22.90 84.00 -37.35
C THR G 148 23.98 84.76 -36.58
N ALA G 149 23.57 85.34 -35.45
CA ALA G 149 24.46 86.12 -34.61
C ALA G 149 24.13 85.85 -33.14
N SER G 150 25.15 85.48 -32.36
CA SER G 150 25.02 85.28 -30.93
C SER G 150 25.92 86.26 -30.18
N VAL G 151 25.37 86.90 -29.15
CA VAL G 151 26.13 87.79 -28.27
C VAL G 151 26.16 87.15 -26.89
N VAL G 152 27.35 86.94 -26.35
CA VAL G 152 27.56 86.23 -25.10
C VAL G 152 28.05 87.22 -24.06
N CYS G 153 27.42 87.20 -22.89
CA CYS G 153 27.86 87.97 -21.72
C CYS G 153 28.21 86.99 -20.62
N LEU G 154 29.46 87.06 -20.14
CA LEU G 154 29.97 86.14 -19.14
C LEU G 154 30.07 86.87 -17.80
N LEU G 155 29.51 86.26 -16.76
CA LEU G 155 29.71 86.66 -15.37
C LEU G 155 30.56 85.58 -14.73
N ASN G 156 31.77 85.92 -14.31
CA ASN G 156 32.77 84.96 -13.87
C ASN G 156 33.06 85.10 -12.38
N ASN G 157 33.02 83.97 -11.68
CA ASN G 157 33.57 83.83 -10.33
C ASN G 157 32.92 84.82 -9.35
N PHE G 158 31.63 84.62 -9.05
CA PHE G 158 30.86 85.53 -8.15
C PHE G 158 29.98 84.74 -7.18
N TYR G 159 29.85 85.19 -5.93
CA TYR G 159 28.97 84.56 -4.91
C TYR G 159 28.32 85.69 -4.09
N PRO G 160 27.00 85.75 -3.88
CA PRO G 160 26.09 84.58 -3.96
C PRO G 160 25.67 84.25 -5.39
N ARG G 161 24.77 83.29 -5.58
CA ARG G 161 24.28 82.94 -6.91
C ARG G 161 23.32 83.99 -7.48
N GLU G 162 22.66 84.77 -6.63
CA GLU G 162 21.64 85.69 -7.12
C GLU G 162 22.28 86.81 -7.93
N ALA G 163 21.95 86.86 -9.22
CA ALA G 163 22.43 87.90 -10.12
C ALA G 163 21.42 88.06 -11.25
N LYS G 164 21.39 89.25 -11.84
CA LYS G 164 20.46 89.58 -12.90
C LYS G 164 21.26 90.19 -14.04
N VAL G 165 21.15 89.59 -15.23
CA VAL G 165 21.69 90.12 -16.47
C VAL G 165 20.53 90.72 -17.27
N GLN G 166 20.71 91.96 -17.73
CA GLN G 166 19.81 92.60 -18.68
C GLN G 166 20.58 92.99 -19.92
N TRP G 167 20.01 92.69 -21.08
CA TRP G 167 20.56 93.05 -22.37
C TRP G 167 19.94 94.34 -22.88
N LYS G 168 20.77 95.21 -23.46
CA LYS G 168 20.29 96.42 -24.12
C LYS G 168 20.85 96.43 -25.53
N VAL G 169 20.03 96.83 -26.49
CA VAL G 169 20.46 97.06 -27.86
C VAL G 169 20.08 98.49 -28.21
N ASP G 170 21.09 99.35 -28.37
CA ASP G 170 20.89 100.78 -28.53
C ASP G 170 20.05 101.35 -27.39
N ASN G 171 20.36 100.91 -26.17
CA ASN G 171 19.68 101.35 -24.95
C ASN G 171 18.20 100.94 -24.94
N ALA G 172 17.85 99.86 -25.63
CA ALA G 172 16.50 99.31 -25.66
C ALA G 172 16.52 97.94 -25.01
N LEU G 173 15.67 97.74 -24.01
CA LEU G 173 15.68 96.50 -23.24
C LEU G 173 15.14 95.34 -24.08
N GLN G 174 15.79 94.19 -23.99
CA GLN G 174 15.40 92.98 -24.70
C GLN G 174 14.61 92.05 -23.81
N SER G 175 13.85 91.17 -24.43
CA SER G 175 13.04 90.21 -23.69
C SER G 175 12.65 89.05 -24.61
N GLY G 176 12.74 87.83 -24.07
CA GLY G 176 12.29 86.65 -24.77
C GLY G 176 13.27 86.07 -25.78
N ASN G 177 14.47 86.66 -25.93
CA ASN G 177 15.44 86.23 -26.92
C ASN G 177 16.82 86.02 -26.31
N SER G 178 16.90 85.68 -25.02
CA SER G 178 18.15 85.32 -24.37
C SER G 178 17.95 84.07 -23.51
N GLN G 179 19.03 83.33 -23.31
CA GLN G 179 19.03 82.14 -22.45
C GLN G 179 20.25 82.19 -21.54
N GLU G 180 20.11 81.58 -20.37
CA GLU G 180 21.15 81.59 -19.34
C GLU G 180 21.58 80.17 -18.99
N SER G 181 22.85 80.03 -18.65
CA SER G 181 23.41 78.78 -18.16
C SER G 181 24.36 79.10 -17.02
N VAL G 182 24.42 78.22 -16.03
CA VAL G 182 25.14 78.46 -14.78
C VAL G 182 25.92 77.19 -14.43
N THR G 183 27.17 77.37 -14.02
CA THR G 183 27.97 76.26 -13.54
C THR G 183 27.58 75.90 -12.10
N GLU G 184 28.15 74.81 -11.58
CA GLU G 184 28.00 74.44 -10.15
C GLU G 184 29.01 75.27 -9.35
N GLN G 185 28.96 75.29 -8.01
CA GLN G 185 30.00 75.99 -7.21
C GLN G 185 31.35 75.37 -7.57
N ASP G 186 32.34 76.19 -7.95
CA ASP G 186 33.67 75.71 -8.38
C ASP G 186 34.24 74.78 -7.31
N SER G 187 35.03 73.77 -7.70
CA SER G 187 35.60 72.85 -6.72
C SER G 187 36.67 73.53 -5.87
N LYS G 188 37.22 74.63 -6.38
CA LYS G 188 38.29 75.39 -5.66
C LYS G 188 37.69 76.50 -4.79
N ASP G 189 37.07 77.54 -5.35
CA ASP G 189 36.60 78.72 -4.57
C ASP G 189 35.11 78.64 -4.25
N SER G 190 34.39 77.66 -4.80
CA SER G 190 32.93 77.49 -4.57
C SER G 190 32.21 78.78 -4.99
N THR G 191 32.62 79.38 -6.11
CA THR G 191 31.97 80.60 -6.66
C THR G 191 31.23 80.16 -7.91
N TYR G 192 30.29 80.98 -8.39
CA TYR G 192 29.44 80.63 -9.55
C TYR G 192 29.78 81.48 -10.77
N SER G 193 29.72 80.91 -11.97
CA SER G 193 29.81 81.71 -13.18
C SER G 193 28.54 81.52 -13.99
N LEU G 194 28.20 82.53 -14.78
CA LEU G 194 26.95 82.54 -15.52
C LEU G 194 27.21 83.13 -16.90
N SER G 195 26.65 82.48 -17.91
CA SER G 195 26.69 82.93 -19.30
C SER G 195 25.28 83.26 -19.76
N SER G 196 25.13 84.37 -20.45
CA SER G 196 23.87 84.77 -21.08
C SER G 196 24.13 85.00 -22.55
N THR G 197 23.35 84.36 -23.41
CA THR G 197 23.56 84.35 -24.84
C THR G 197 22.37 84.98 -25.54
N LEU G 198 22.58 86.12 -26.18
CA LEU G 198 21.56 86.78 -27.00
C LEU G 198 21.62 86.25 -28.42
N THR G 199 20.55 85.63 -28.88
CA THR G 199 20.46 85.08 -30.23
C THR G 199 19.58 86.01 -31.07
N LEU G 200 20.16 86.56 -32.13
CA LEU G 200 19.45 87.38 -33.10
C LEU G 200 19.76 86.88 -34.50
N SER G 201 18.85 87.14 -35.43
CA SER G 201 19.13 86.90 -36.84
C SER G 201 20.21 87.87 -37.30
N LYS G 202 20.95 87.47 -38.34
CA LYS G 202 21.95 88.37 -38.91
C LYS G 202 21.32 89.65 -39.41
N ALA G 203 20.16 89.55 -40.07
CA ALA G 203 19.47 90.74 -40.55
C ALA G 203 19.19 91.69 -39.39
N ASP G 204 18.64 91.16 -38.29
CA ASP G 204 18.34 91.99 -37.13
C ASP G 204 19.61 92.51 -36.47
N TYR G 205 20.68 91.72 -36.49
CA TYR G 205 21.93 92.14 -35.85
C TYR G 205 22.48 93.42 -36.46
N GLU G 206 22.29 93.60 -37.76
CA GLU G 206 22.87 94.74 -38.47
C GLU G 206 22.03 96.02 -38.36
N LYS G 207 20.83 95.97 -37.80
CA LYS G 207 19.97 97.14 -37.72
C LYS G 207 20.27 98.01 -36.51
N HIS G 208 21.16 97.56 -35.61
CA HIS G 208 21.44 98.26 -34.36
C HIS G 208 22.95 98.31 -34.17
N LYS G 209 23.39 99.32 -33.43
CA LYS G 209 24.82 99.64 -33.32
C LYS G 209 25.44 99.16 -32.01
N VAL G 210 24.84 99.51 -30.87
CA VAL G 210 25.42 99.25 -29.56
C VAL G 210 24.75 98.05 -28.92
N TYR G 211 25.55 97.11 -28.45
CA TYR G 211 25.09 95.90 -27.78
C TYR G 211 25.70 95.86 -26.38
N ALA G 212 24.86 95.72 -25.36
CA ALA G 212 25.28 95.83 -23.98
C ALA G 212 24.56 94.80 -23.11
N CYS G 213 25.27 94.30 -22.09
CA CYS G 213 24.67 93.52 -21.02
C CYS G 213 24.96 94.22 -19.69
N GLU G 214 23.93 94.42 -18.89
CA GLU G 214 24.05 95.09 -17.60
C GLU G 214 23.90 94.06 -16.49
N VAL G 215 24.82 94.09 -15.52
CA VAL G 215 24.92 93.08 -14.48
C VAL G 215 24.69 93.76 -13.14
N THR G 216 23.79 93.21 -12.34
CA THR G 216 23.55 93.64 -10.97
C THR G 216 23.82 92.49 -10.03
N HIS G 217 24.52 92.77 -8.94
CA HIS G 217 24.93 91.74 -8.00
C HIS G 217 25.34 92.43 -6.70
N GLN G 218 25.05 91.78 -5.57
CA GLN G 218 25.17 92.45 -4.28
C GLN G 218 26.60 92.85 -3.96
N GLY G 219 27.59 92.21 -4.58
CA GLY G 219 28.97 92.63 -4.46
C GLY G 219 29.35 93.82 -5.32
N LEU G 220 28.45 94.29 -6.18
CA LEU G 220 28.68 95.46 -7.02
C LEU G 220 28.02 96.68 -6.39
N SER G 221 28.79 97.76 -6.24
CA SER G 221 28.23 98.99 -5.69
C SER G 221 27.15 99.56 -6.59
N SER G 222 27.26 99.36 -7.90
CA SER G 222 26.27 99.81 -8.86
C SER G 222 26.31 98.85 -10.04
N PRO G 223 25.29 98.87 -10.90
CA PRO G 223 25.28 97.95 -12.06
C PRO G 223 26.49 98.17 -12.96
N VAL G 224 27.01 97.06 -13.49
CA VAL G 224 28.18 97.06 -14.37
C VAL G 224 27.69 96.79 -15.79
N THR G 225 28.13 97.63 -16.73
CA THR G 225 27.81 97.51 -18.15
C THR G 225 29.08 97.18 -18.92
N LYS G 226 28.99 96.19 -19.79
CA LYS G 226 30.01 95.90 -20.79
C LYS G 226 29.34 95.95 -22.16
N SER G 227 29.97 96.65 -23.10
CA SER G 227 29.34 96.93 -24.38
C SER G 227 30.38 96.97 -25.49
N PHE G 228 29.90 96.82 -26.73
CA PHE G 228 30.71 97.02 -27.91
C PHE G 228 29.86 97.69 -28.98
N ASN G 229 30.55 98.37 -29.90
CA ASN G 229 29.93 98.93 -31.10
C ASN G 229 30.34 98.07 -32.29
N ARG G 230 29.36 97.57 -33.03
CA ARG G 230 29.65 96.70 -34.17
C ARG G 230 30.43 97.44 -35.25
C1 NAG H . -33.75 1.13 -6.78
C2 NAG H . -34.85 1.21 -7.83
C3 NAG H . -35.59 2.53 -7.72
C4 NAG H . -36.09 2.75 -6.30
C5 NAG H . -34.94 2.63 -5.31
C6 NAG H . -35.38 2.68 -3.87
C7 NAG H . -34.54 0.06 -10.01
C8 NAG H . -34.91 -1.26 -9.38
N2 NAG H . -34.28 1.06 -9.16
O3 NAG H . -36.66 2.53 -8.65
O4 NAG H . -36.60 4.07 -6.15
O5 NAG H . -34.26 1.36 -5.47
O6 NAG H . -36.14 1.52 -3.53
O7 NAG H . -34.51 0.21 -11.22
H2 NAG H . -35.47 0.48 -7.69
H3 NAG H . -34.98 3.27 -7.92
H4 NAG H . -36.77 2.09 -6.12
H5 NAG H . -34.36 3.38 -5.50
H61 NAG H . -34.61 2.74 -3.29
H62 NAG H . -35.91 3.48 -3.72
H81 NAG H . -35.08 -1.90 -10.08
H82 NAG H . -34.16 -1.56 -8.83
H83 NAG H . -35.70 -1.15 -8.84
HN2 NAG H . -33.73 1.67 -9.42
HO3 NAG H . -37.07 3.25 -8.60
HO4 NAG H . -36.88 4.17 -5.36
HO6 NAG H . -36.38 1.57 -2.72
C1 NAG H . -38.01 4.13 -6.38
C2 NAG H . -38.55 4.98 -5.24
C3 NAG H . -40.04 5.24 -5.48
C4 NAG H . -40.21 5.93 -6.82
C5 NAG H . -39.62 5.05 -7.91
C6 NAG H . -39.68 5.69 -9.28
C7 NAG H . -37.44 4.86 -3.06
C8 NAG H . -37.50 4.25 -1.69
N2 NAG H . -38.31 4.37 -3.95
O3 NAG H . -40.62 6.00 -4.43
O4 NAG H . -41.60 6.16 -7.07
O5 NAG H . -38.23 4.81 -7.62
O6 NAG H . -39.19 4.79 -10.26
O7 NAG H . -36.65 5.75 -3.33
H2 NAG H . -38.09 5.83 -5.21
H3 NAG H . -40.50 4.39 -5.49
H4 NAG H . -39.76 6.79 -6.81
H5 NAG H . -40.14 4.24 -7.92
H61 NAG H . -40.59 5.94 -9.49
H62 NAG H . -39.15 6.50 -9.28
H81 NAG H . -36.83 4.68 -1.12
H82 NAG H . -38.38 4.38 -1.31
H83 NAG H . -37.30 3.30 -1.76
HN2 NAG H . -38.74 3.65 -3.75
HO3 NAG H . -41.44 6.13 -4.60
HO4 NAG H . -41.69 6.55 -7.81
HO6 NAG H . -39.22 5.16 -11.02
C1 BMA H . -41.84 7.57 -7.25
C2 BMA H . -43.22 7.72 -7.83
C3 BMA H . -43.57 9.19 -8.03
C4 BMA H . -43.41 9.93 -6.72
C5 BMA H . -42.00 9.72 -6.16
C6 BMA H . -41.82 10.34 -4.79
O2 BMA H . -44.18 7.08 -6.99
O3 BMA H . -44.91 9.31 -8.48
O4 BMA H . -43.62 11.32 -6.93
O5 BMA H . -41.73 8.31 -6.02
O6 BMA H . -42.79 9.84 -3.88
H2 BMA H . -43.24 7.30 -8.70
H3 BMA H . -42.96 9.56 -8.69
H4 BMA H . -44.05 9.59 -6.09
H5 BMA H . -41.40 10.15 -6.79
H61 BMA H . -40.93 10.15 -4.46
H62 BMA H . -41.90 11.30 -4.85
HO2 BMA H . -43.97 6.27 -6.90
HO3 BMA H . -45.00 8.88 -9.21
HO4 BMA H . -44.40 11.44 -7.24
HO6 BMA H . -42.68 10.19 -3.12
C1 MAN H . -44.98 9.14 -9.91
C2 MAN H . -46.08 10.04 -10.43
C3 MAN H . -47.41 9.58 -9.88
C4 MAN H . -47.66 8.13 -10.23
C5 MAN H . -46.50 7.28 -9.73
C6 MAN H . -46.59 5.83 -10.13
O2 MAN H . -46.09 10.05 -11.85
O3 MAN H . -48.46 10.41 -10.41
O4 MAN H . -48.88 7.68 -9.65
O5 MAN H . -45.24 7.78 -10.25
O6 MAN H . -47.59 5.14 -9.37
H2 MAN H . -45.92 10.94 -10.11
H3 MAN H . -47.42 9.68 -8.91
H4 MAN H . -47.71 8.06 -11.20
H5 MAN H . -46.53 7.34 -8.76
H61 MAN H . -46.81 5.77 -11.07
H62 MAN H . -45.74 5.40 -10.01
HO2 MAN H . -46.70 10.54 -12.13
HO3 MAN H . -49.20 10.16 -10.10
HO4 MAN H . -49.00 6.87 -9.86
HO6 MAN H . -47.63 4.34 -9.62
C1 MAN H . -42.69 10.53 -2.63
C2 MAN H . -43.39 9.70 -1.58
C3 MAN H . -44.87 9.64 -1.85
C4 MAN H . -45.43 11.05 -1.92
C5 MAN H . -44.67 11.86 -2.97
C6 MAN H . -45.09 13.31 -3.01
O2 MAN H . -43.13 10.23 -0.28
O3 MAN H . -45.54 8.89 -0.84
O4 MAN H . -46.81 11.03 -2.25
O5 MAN H . -43.26 11.84 -2.66
O6 MAN H . -44.46 14.01 -4.08
H2 MAN H . -43.05 8.79 -1.60
H3 MAN H . -45.03 9.21 -2.70
H4 MAN H . -45.32 11.47 -1.04
H5 MAN H . -44.87 11.44 -3.82
H61 MAN H . -46.06 13.36 -3.12
H62 MAN H . -44.88 13.73 -2.17
HO2 MAN H . -43.52 9.76 0.30
HO3 MAN H . -46.36 8.87 -1.00
HO4 MAN H . -47.10 11.82 -2.29
HO6 MAN H . -44.72 14.81 -4.08
C1 NAG I . 6.35 -16.48 35.54
C2 NAG I . 6.61 -17.33 36.79
C3 NAG I . 6.49 -16.47 38.04
C4 NAG I . 7.40 -15.25 37.95
C5 NAG I . 7.10 -14.48 36.67
C6 NAG I . 8.06 -13.34 36.43
C7 NAG I . 6.07 -19.72 36.66
C8 NAG I . 5.07 -20.76 37.07
N2 NAG I . 5.69 -18.45 36.84
O3 NAG I . 6.78 -17.26 39.18
O4 NAG I . 7.18 -14.35 39.03
O5 NAG I . 7.21 -15.35 35.53
O6 NAG I . 7.62 -12.53 35.35
O7 NAG I . 7.16 -20.00 36.19
H2 NAG I . 7.51 -17.68 36.75
H3 NAG I . 5.57 -16.13 38.13
H4 NAG I . 8.31 -15.58 37.97
H5 NAG I . 6.21 -14.13 36.78
H61 NAG I . 8.14 -12.81 37.24
H62 NAG I . 8.95 -13.70 36.24
H81 NAG I . 5.46 -21.63 36.90
H82 NAG I . 4.87 -20.66 38.01
H83 NAG I . 4.26 -20.65 36.54
HN2 NAG I . 4.86 -18.29 36.99
HO3 NAG I . 6.72 -16.78 39.87
HO4 NAG I . 7.71 -13.69 38.95
HO6 NAG I . 8.17 -11.90 35.23
C1 NAG I . 8.13 -14.59 40.07
C2 NAG I . 8.59 -13.21 40.54
C3 NAG I . 9.53 -13.39 41.73
C4 NAG I . 8.81 -14.16 42.82
C5 NAG I . 8.35 -15.50 42.27
C6 NAG I . 7.55 -16.30 43.26
C7 NAG I . 8.61 -11.39 38.89
C8 NAG I . 9.45 -10.60 37.95
N2 NAG I . 9.20 -12.45 39.47
O3 NAG I . 10.01 -12.15 42.21
O4 NAG I . 9.67 -14.34 43.94
O5 NAG I . 7.50 -15.28 41.13
O6 NAG I . 7.15 -17.55 42.70
O7 NAG I . 7.44 -11.11 39.11
H2 NAG I . 7.82 -12.69 40.82
H3 NAG I . 10.31 -13.90 41.42
H4 NAG I . 8.03 -13.65 43.13
H5 NAG I . 9.16 -16.00 42.04
H61 NAG I . 8.08 -16.46 44.06
H62 NAG I . 6.77 -15.80 43.54
H81 NAG I . 8.93 -9.86 37.60
H82 NAG I . 10.22 -10.25 38.44
H83 NAG I . 9.75 -11.17 37.23
HN2 NAG I . 9.97 -12.69 39.18
HO3 NAG I . 10.53 -12.28 42.86
HO4 NAG I . 9.28 -14.76 44.54
HO6 NAG I . 6.71 -17.99 43.27
C1 BMA I . 9.10 -13.69 45.08
C2 BMA I . 9.70 -14.29 46.33
C3 BMA I . 9.11 -13.65 47.56
C4 BMA I . 9.30 -12.15 47.50
C5 BMA I . 8.71 -11.60 46.21
C6 BMA I . 8.95 -10.12 46.02
O2 BMA I . 11.12 -14.14 46.29
O3 BMA I . 9.71 -14.17 48.75
O4 BMA I . 8.66 -11.53 48.62
O5 BMA I . 9.29 -12.27 45.08
O6 BMA I . 10.32 -9.87 45.72
H2 BMA I . 9.49 -15.24 46.37
H3 BMA I . 8.15 -13.85 47.60
H4 BMA I . 10.26 -11.96 47.53
H5 BMA I . 7.75 -11.75 46.28
H61 BMA I . 8.40 -9.79 45.30
H62 BMA I . 8.70 -9.64 46.82
HO2 BMA I . 11.42 -14.51 45.60
HO3 BMA I . 9.59 -15.00 48.78
HO4 BMA I . 8.99 -11.83 49.33
HO6 BMA I . 10.45 -9.05 45.61
C1 MAN I . 9.57 -15.60 48.78
C2 MAN I . 9.15 -16.01 50.18
C3 MAN I . 10.26 -15.70 51.16
C4 MAN I . 11.54 -16.39 50.73
C5 MAN I . 11.89 -15.96 49.31
C6 MAN I . 13.10 -16.68 48.75
O2 MAN I . 8.82 -17.40 50.20
O3 MAN I . 9.89 -16.14 52.47
O4 MAN I . 12.60 -16.03 51.59
O5 MAN I . 10.79 -16.25 48.42
O6 MAN I . 12.82 -18.06 48.55
H2 MAN I . 8.37 -15.51 50.44
H3 MAN I . 10.41 -14.74 51.19
H4 MAN I . 11.41 -17.34 50.74
H5 MAN I . 12.08 -15.01 49.35
H61 MAN I . 13.36 -16.28 47.91
H62 MAN I . 13.84 -16.57 49.35
HO2 MAN I . 8.60 -17.62 50.98
HO3 MAN I . 10.50 -15.96 53.01
HO4 MAN I . 13.31 -16.41 51.34
HO6 MAN I . 13.51 -18.44 48.24
C1 MAN I . 10.54 -8.45 45.58
C2 MAN I . 11.88 -8.24 44.91
C3 MAN I . 13.00 -8.71 45.80
C4 MAN I . 12.92 -8.03 47.14
C5 MAN I . 11.54 -8.25 47.77
C6 MAN I . 11.35 -7.49 49.06
O2 MAN I . 12.03 -6.86 44.57
O3 MAN I . 14.25 -8.45 45.18
O4 MAN I . 13.92 -8.55 48.02
O5 MAN I . 10.52 -7.81 46.86
O6 MAN I . 11.45 -6.09 48.85
H2 MAN I . 11.91 -8.76 44.09
H3 MAN I . 12.91 -9.67 45.93
H4 MAN I . 13.07 -7.08 47.02
H5 MAN I . 11.48 -9.20 47.94
H61 MAN I . 10.49 -7.71 49.43
H62 MAN I . 12.02 -7.77 49.70
HO2 MAN I . 12.77 -6.75 44.19
HO3 MAN I . 14.88 -8.72 45.67
HO4 MAN I . 13.86 -8.16 48.76
HO6 MAN I . 11.34 -5.69 49.58
C1 NAG J . -0.77 11.13 -18.15
C2 NAG J . -0.47 11.38 -19.64
C3 NAG J . -0.63 12.85 -19.96
C4 NAG J . -2.01 13.35 -19.54
C5 NAG J . -2.24 13.04 -18.07
C6 NAG J . -3.65 13.37 -17.63
C7 NAG J . 1.12 9.91 -20.80
C8 NAG J . 2.54 9.73 -21.18
N2 NAG J . 0.85 10.91 -19.97
O3 NAG J . -0.43 13.04 -21.35
O4 NAG J . -2.11 14.76 -19.72
O5 NAG J . -2.05 11.64 -17.82
O6 NAG J . -3.88 12.97 -16.29
O7 NAG J . 0.23 9.16 -21.23
H2 NAG J . -1.11 10.88 -20.17
H3 NAG J . 0.02 13.37 -19.47
H4 NAG J . -2.68 12.91 -20.09
H5 NAG J . -1.61 13.59 -17.58
H61 NAG J . -3.81 14.31 -17.72
H62 NAG J . -4.29 12.92 -18.21
H81 NAG J . 2.63 8.98 -21.79
H82 NAG J . 2.87 10.53 -21.63
H83 NAG J . 3.07 9.57 -20.39
HN2 NAG J . 1.52 11.31 -19.60
HO3 NAG J . -0.52 13.85 -21.55
HO4 NAG J . -2.88 15.02 -19.49
HO6 NAG J . -4.67 13.16 -16.07
C1 NAG J . -3.00 14.99 -20.82
C2 NAG J . -3.62 16.37 -20.58
C3 NAG J . -4.51 16.72 -21.76
C4 NAG J . -3.72 16.66 -23.05
C5 NAG J . -3.08 15.28 -23.20
C6 NAG J . -2.17 15.17 -24.39
C7 NAG J . -4.03 17.09 -18.29
C8 NAG J . -2.88 18.03 -18.49
N2 NAG J . -4.37 16.36 -19.34
O3 NAG J . -5.05 18.03 -21.55
O4 NAG J . -4.59 16.89 -24.14
O5 NAG J . -2.28 14.97 -22.04
O6 NAG J . -0.94 15.85 -24.14
O7 NAG J . -4.64 17.01 -17.22
H2 NAG J . -2.93 17.04 -20.49
H3 NAG J . -5.25 16.10 -21.83
H4 NAG J . -3.01 17.33 -23.03
H5 NAG J . -3.83 14.67 -23.30
H61 NAG J . -2.00 14.24 -24.59
H62 NAG J . -2.60 15.55 -25.17
H81 NAG J . -2.72 18.52 -17.66
H82 NAG J . -2.10 17.51 -18.72
H83 NAG J . -3.09 18.65 -19.20
HN2 NAG J . -5.06 15.85 -19.28
HO3 NAG J . -5.54 18.23 -22.21
HO4 NAG J . -4.16 16.85 -24.87
HO6 NAG J . -0.44 15.78 -24.81
C1 BMA J . -4.17 18.04 -24.89
C2 BMA J . -4.85 17.97 -26.24
C3 BMA J . -4.50 19.18 -27.08
C4 BMA J . -4.85 20.45 -26.31
C5 BMA J . -4.16 20.45 -24.95
C6 BMA J . -4.60 21.61 -24.08
O2 BMA J . -6.26 17.85 -26.06
O3 BMA J . -5.24 19.15 -28.30
O4 BMA J . -4.43 21.59 -27.05
O5 BMA J . -4.50 19.26 -24.23
O6 BMA J . -5.96 21.46 -23.69
H2 BMA J . -4.53 17.19 -26.72
H3 BMA J . -3.56 19.18 -27.27
H4 BMA J . -5.81 20.48 -26.19
H5 BMA J . -3.21 20.52 -25.13
H61 BMA J . -4.03 21.67 -23.29
H62 BMA J . -4.47 22.45 -24.56
HO2 BMA J . -6.42 17.16 -25.60
HO3 BMA J . -5.04 18.44 -28.72
HO4 BMA J . -4.80 21.59 -27.80
HO6 BMA J . -6.18 22.12 -23.21
C1 MAN J . -4.69 18.12 -29.15
C2 MAN J . -4.62 18.68 -30.55
C3 MAN J . -6.00 18.95 -31.08
C4 MAN J . -6.83 17.69 -31.01
C5 MAN J . -6.85 17.15 -29.59
C6 MAN J . -7.58 15.82 -29.47
O2 MAN J . -3.91 17.77 -31.39
O3 MAN J . -5.92 19.42 -32.42
O4 MAN J . -8.17 17.95 -31.43
O5 MAN J . -5.51 16.94 -29.13
O6 MAN J . -7.79 15.47 -28.11
H2 MAN J . -4.13 19.52 -30.53
H3 MAN J . -6.42 19.64 -30.53
H4 MAN J . -6.44 17.03 -31.61
H5 MAN J . -7.33 17.81 -29.06
H61 MAN J . -8.43 15.88 -29.94
H62 MAN J . -7.05 15.13 -29.91
HO2 MAN J . -3.87 18.09 -32.17
HO3 MAN J . -6.70 19.58 -32.71
HO4 MAN J . -8.63 17.24 -31.39
HO6 MAN J . -8.19 14.73 -28.07
C1 MAN J . -6.29 22.41 -22.67
C2 MAN J . -7.65 22.05 -22.12
C3 MAN J . -8.71 22.21 -23.19
C4 MAN J . -8.68 23.62 -23.73
C5 MAN J . -7.27 23.96 -24.24
C6 MAN J . -7.12 25.39 -24.69
O2 MAN J . -7.95 22.85 -20.99
O3 MAN J . -9.99 21.91 -22.65
O4 MAN J . -9.61 23.76 -24.80
O5 MAN J . -6.31 23.75 -23.18
O6 MAN J . -7.76 25.61 -25.95
H2 MAN J . -7.64 21.11 -21.85
H3 MAN J . -8.53 21.59 -23.92
H4 MAN J . -8.91 24.24 -23.02
H5 MAN J . -7.12 23.37 -24.99
H61 MAN J . -7.51 25.98 -24.02
H62 MAN J . -6.18 25.60 -24.76
HO2 MAN J . -8.71 22.64 -20.69
HO3 MAN J . -10.57 22.00 -23.25
HO4 MAN J . -9.59 24.55 -25.08
HO6 MAN J . -7.66 26.41 -26.18
C1 NAG K . 23.93 0.61 6.55
C2 NAG K . 25.40 0.49 6.11
C3 NAG K . 26.15 1.78 6.40
C4 NAG K . 25.45 2.96 5.76
C5 NAG K . 24.00 3.02 6.21
C6 NAG K . 23.21 4.07 5.48
C7 NAG K . 26.43 -1.76 6.21
C8 NAG K . 26.06 -1.94 4.76
N2 NAG K . 26.02 -0.64 6.79
O3 NAG K . 27.48 1.64 5.92
O4 NAG K . 26.08 4.19 6.14
O5 NAG K . 23.34 1.76 5.94
O6 NAG K . 21.82 4.01 5.83
O7 NAG K . 27.07 -2.61 6.81
H2 NAG K . 25.43 0.33 5.17
H3 NAG K . 26.17 1.93 7.36
H4 NAG K . 25.50 2.85 4.80
H5 NAG K . 24.02 3.21 7.17
H61 NAG K . 23.55 4.96 5.71
H62 NAG K . 23.30 3.97 4.53
H81 NAG K . 26.41 -2.79 4.45
H82 NAG K . 25.09 -1.94 4.68
H83 NAG K . 26.44 -1.21 4.25
HN2 NAG K . 26.12 -0.57 7.64
HO3 NAG K . 27.91 2.35 6.08
HO4 NAG K . 25.68 4.83 5.77
HO6 NAG K . 21.40 4.60 5.42
C1 NAG K . 26.77 4.69 4.99
C2 NAG K . 26.79 6.20 5.10
C3 NAG K . 27.60 6.79 3.96
C4 NAG K . 28.99 6.17 3.91
C5 NAG K . 28.87 4.64 3.84
C6 NAG K . 30.21 3.95 3.94
C7 NAG K . 24.88 7.34 6.11
C8 NAG K . 25.73 7.48 7.33
N2 NAG K . 25.45 6.72 5.08
O3 NAG K . 27.69 8.20 4.13
O4 NAG K . 29.66 6.63 2.73
O5 NAG K . 28.08 4.15 4.92
O6 NAG K . 30.67 3.96 5.30
O7 NAG K . 23.73 7.77 6.07
H2 NAG K . 27.21 6.45 5.94
H3 NAG K . 27.17 6.61 3.11
H4 NAG K . 29.48 6.41 4.70
H5 NAG K . 28.48 4.46 2.97
H61 NAG K . 30.13 3.03 3.63
H62 NAG K . 30.86 4.39 3.38
H81 NAG K . 25.23 7.95 8.02
H82 NAG K . 25.98 6.60 7.65
H83 NAG K . 26.52 8.00 7.12
HN2 NAG K . 24.98 6.64 4.36
HO3 NAG K . 28.14 8.54 3.50
HO4 NAG K . 30.41 6.29 2.69
HO6 NAG K . 31.40 3.57 5.34
C1 BMA K . 30.86 7.33 3.06
C2 BMA K . 31.74 7.35 1.84
C3 BMA K . 33.02 8.09 2.11
C4 BMA K . 32.71 9.49 2.61
C5 BMA K . 31.80 9.41 3.83
C6 BMA K . 31.37 10.77 4.33
O2 BMA K . 31.04 7.92 0.74
O3 BMA K . 33.82 8.15 0.93
O4 BMA K . 33.91 10.16 2.95
O5 BMA K . 30.61 8.67 3.51
O6 BMA K . 30.54 11.45 3.38
H2 BMA K . 31.97 6.43 1.59
H3 BMA K . 33.52 7.62 2.80
H4 BMA K . 32.26 9.97 1.89
H5 BMA K . 32.32 8.98 4.52
H61 BMA K . 30.88 10.66 5.16
H62 BMA K . 32.15 11.31 4.52
HO2 BMA K . 30.33 7.49 0.60
HO3 BMA K . 33.99 7.37 0.67
HO4 BMA K . 34.41 10.20 2.29
HO6 BMA K . 30.32 12.20 3.70
C1 MAN K . 34.80 7.09 0.98
C2 MAN K . 36.10 7.63 0.45
C3 MAN K . 35.97 8.02 -1.00
C4 MAN K . 35.49 6.82 -1.80
C5 MAN K . 34.18 6.30 -1.21
C6 MAN K . 33.71 5.03 -1.89
O2 MAN K . 37.14 6.67 0.64
O3 MAN K . 37.23 8.48 -1.49
O4 MAN K . 35.28 7.20 -3.15
O5 MAN K . 34.37 5.98 0.18
O6 MAN K . 32.48 4.58 -1.34
H2 MAN K . 36.34 8.43 0.96
H3 MAN K . 35.32 8.73 -1.08
H4 MAN K . 36.17 6.13 -1.76
H5 MAN K . 33.52 7.00 -1.35
H61 MAN K . 33.60 5.19 -2.84
H62 MAN K . 34.38 4.33 -1.80
HO2 MAN K . 37.86 6.98 0.35
HO3 MAN K . 37.14 8.70 -2.30
HO4 MAN K . 35.01 6.54 -3.59
HO6 MAN K . 32.23 3.88 -1.74
C1 MAN K . 29.95 12.58 4.06
C2 MAN K . 28.96 13.27 3.16
C3 MAN K . 29.66 13.90 1.97
C4 MAN K . 30.73 14.85 2.47
C5 MAN K . 31.70 14.11 3.40
C6 MAN K . 32.73 15.02 4.02
O2 MAN K . 28.23 14.24 3.89
O3 MAN K . 28.73 14.59 1.15
O4 MAN K . 31.45 15.39 1.36
O5 MAN K . 30.95 13.52 4.49
O6 MAN K . 33.74 15.37 3.08
H2 MAN K . 28.33 12.61 2.81
H3 MAN K . 30.09 13.20 1.44
H4 MAN K . 30.30 15.57 2.95
H5 MAN K . 32.15 13.46 2.85
H61 MAN K . 32.30 15.83 4.36
H62 MAN K . 33.13 14.58 4.78
HO2 MAN K . 27.68 14.62 3.39
HO3 MAN K . 29.12 14.92 0.50
HO4 MAN K . 32.04 15.92 1.64
HO6 MAN K . 34.30 15.88 3.45
C1 NAG L . -28.16 -16.82 25.65
C2 NAG L . -28.96 -17.97 26.29
C3 NAG L . -29.67 -17.50 27.55
C4 NAG L . -28.70 -16.83 28.51
C5 NAG L . -27.93 -15.72 27.81
C6 NAG L . -26.84 -15.12 28.65
C7 NAG L . -29.94 -19.64 24.76
C8 NAG L . -28.72 -20.49 24.93
N2 NAG L . -29.93 -18.44 25.33
O3 NAG L . -30.30 -18.61 28.17
O4 NAG L . -29.42 -16.30 29.61
O5 NAG L . -27.30 -16.22 26.61
O6 NAG L . -25.80 -16.06 28.88
O7 NAG L . -30.91 -20.02 24.11
H2 NAG L . -28.33 -18.67 26.54
H3 NAG L . -30.34 -16.84 27.31
H4 NAG L . -28.06 -17.49 28.83
H5 NAG L . -28.60 -15.04 27.61
H61 NAG L . -26.47 -14.34 28.21
H62 NAG L . -27.20 -14.82 29.50
H81 NAG L . -28.85 -21.33 24.47
H82 NAG L . -27.96 -20.02 24.56
H83 NAG L . -28.58 -20.65 25.88
HN2 NAG L . -30.55 -17.89 25.12
HO3 NAG L . -30.70 -18.35 28.87
HO4 NAG L . -28.90 -15.94 30.15
HO6 NAG L . -25.20 -15.72 29.35
C1 NAG L . -28.84 -16.73 30.85
C2 NAG L . -29.53 -15.90 31.91
C3 NAG L . -29.06 -16.33 33.29
C4 NAG L . -29.26 -17.83 33.48
C5 NAG L . -28.57 -18.59 32.35
C6 NAG L . -28.84 -20.07 32.42
C7 NAG L . -30.19 -13.63 31.25
C8 NAG L . -31.50 -14.21 30.80
N2 NAG L . -29.28 -14.49 31.68
O3 NAG L . -29.77 -15.60 34.28
O4 NAG L . -28.68 -18.23 34.73
O5 NAG L . -29.03 -18.12 31.07
O6 NAG L . -28.06 -20.76 31.45
O7 NAG L . -29.98 -12.42 31.22
H2 NAG L . -30.49 -16.04 31.86
H3 NAG L . -28.12 -16.14 33.39
H4 NAG L . -30.21 -18.02 33.48
H5 NAG L . -27.62 -18.42 32.47
H61 NAG L . -28.63 -20.41 33.30
H62 NAG L . -29.78 -20.23 32.25
H81 NAG L . -32.09 -13.50 30.52
H82 NAG L . -31.33 -14.82 30.06
H83 NAG L . -31.89 -14.69 31.55
HN2 NAG L . -28.48 -14.20 31.83
HO3 NAG L . -29.51 -15.83 35.05
HO4 NAG L . -28.80 -19.05 34.83
HO6 NAG L . -28.23 -21.59 31.48
C1 BMA L . -29.71 -18.74 35.60
C2 BMA L . -29.09 -19.78 36.50
C3 BMA L . -30.12 -20.32 37.48
C4 BMA L . -30.75 -19.18 38.25
C5 BMA L . -31.32 -18.15 37.29
C6 BMA L . -31.84 -16.92 38.01
O2 BMA L . -27.97 -19.23 37.19
O3 BMA L . -29.51 -21.24 38.38
O4 BMA L . -31.78 -19.68 39.09
O5 BMA L . -30.30 -17.69 36.37
O6 BMA L . -32.40 -15.99 37.08
H2 BMA L . -28.78 -20.52 35.96
H3 BMA L . -30.81 -20.78 36.97
H4 BMA L . -30.05 -18.76 38.80
H5 BMA L . -32.05 -18.58 36.83
H61 BMA L . -32.52 -17.18 38.65
H62 BMA L . -31.12 -16.50 38.51
HO2 BMA L . -27.42 -18.94 36.63
HO3 BMA L . -29.16 -21.88 37.95
HO4 BMA L . -31.46 -20.25 39.62
HO6 BMA L . -32.68 -15.32 37.50
C1 MAN L . -29.47 -22.55 37.77
C2 MAN L . -29.65 -23.57 38.87
C3 MAN L . -28.50 -23.49 39.86
C4 MAN L . -27.20 -23.68 39.11
C5 MAN L . -27.07 -22.65 38.00
C6 MAN L . -25.84 -22.82 37.15
O2 MAN L . -29.77 -24.87 38.31
O3 MAN L . -28.66 -24.50 40.86
O4 MAN L . -26.10 -23.53 40.01
O5 MAN L . -28.21 -22.75 37.11
O6 MAN L . -24.68 -22.34 37.81
H2 MAN L . -30.46 -23.37 39.36
H3 MAN L . -28.50 -22.63 40.28
H4 MAN L . -27.17 -24.58 38.72
H5 MAN L . -27.02 -21.78 38.44
H61 MAN L . -25.73 -23.77 36.93
H62 MAN L . -25.96 -22.35 36.30
HO2 MAN L . -29.87 -25.43 38.92
HO3 MAN L . -28.02 -24.45 41.39
HO4 MAN L . -25.37 -23.64 39.59
HO6 MAN L . -24.01 -22.45 37.31
C1 NAG M . -42.41 22.63 35.07
C2 NAG M . -42.84 21.95 36.38
C3 NAG M . -44.36 21.87 36.44
C4 NAG M . -44.94 23.27 36.32
C5 NAG M . -44.44 23.90 35.02
C6 NAG M . -44.93 25.30 34.81
C7 NAG M . -42.07 19.69 35.68
C8 NAG M . -40.77 18.96 35.69
N2 NAG M . -42.20 20.67 36.58
O3 NAG M . -44.76 21.24 37.64
O4 NAG M . -46.36 23.24 36.32
O5 NAG M . -43.00 23.92 35.00
O6 NAG M . -44.40 25.86 33.61
O7 NAG M . -42.97 19.40 34.90
H2 NAG M . -42.54 22.51 37.12
H3 NAG M . -44.69 21.34 35.70
H4 NAG M . -44.65 23.80 37.08
H5 NAG M . -44.81 23.34 34.30
H61 NAG M . -45.89 25.33 34.77
H62 NAG M . -44.67 25.86 35.57
H81 NAG M . -40.78 18.29 35.01
H82 NAG M . -40.05 19.60 35.52
H83 NAG M . -40.63 18.56 36.57
HN2 NAG M . -41.87 20.53 37.36
HO3 NAG M . -45.60 21.20 37.68
HO4 NAG M . -46.66 24.03 36.25
HO6 NAG M . -44.68 26.65 33.52
C1 NAG M . -46.87 23.74 37.57
C2 NAG M . -48.16 24.52 37.32
C3 NAG M . -48.75 25.00 38.64
C4 NAG M . -48.93 23.82 39.59
C5 NAG M . -47.61 23.08 39.75
C6 NAG M . -47.73 21.83 40.59
C7 NAG M . -48.45 25.72 35.21
C8 NAG M . -48.37 27.06 34.54
N2 NAG M . -47.95 25.65 36.43
O3 NAG M . -49.99 25.65 38.41
O4 NAG M . -49.36 24.31 40.86
O5 NAG M . -47.09 22.67 38.47
O6 NAG M . -46.45 21.37 41.02
O7 NAG M . -48.96 24.75 34.65
H2 NAG M . -48.79 23.93 36.88
H3 NAG M . -48.14 25.62 39.06
H4 NAG M . -49.60 23.21 39.22
H5 NAG M . -47.02 23.71 40.20
H61 NAG M . -48.30 22.01 41.36
H62 NAG M . -48.17 21.13 40.08
H81 NAG M . -48.76 27.00 33.65
H82 NAG M . -48.85 27.71 35.07
H83 NAG M . -47.43 27.31 34.46
HN2 NAG M . -47.46 26.30 36.72
HO3 NAG M . -50.31 25.92 39.14
HO4 NAG M . -49.46 23.67 41.38
HO6 NAG M . -46.55 20.69 41.49
N POV N . -15.07 -43.25 -42.43
P POV N . -11.94 -43.50 -38.94
C1 POV N . -9.56 -42.52 -38.35
C2 POV N . -8.97 -41.13 -38.27
C3 POV N . -7.48 -41.09 -38.52
C210 POV N . -10.01 -32.53 -32.75
C11 POV N . -14.37 -43.63 -39.99
O11 POV N . -10.76 -42.44 -39.17
C211 POV N . -10.14 -31.33 -31.86
C12 POV N . -15.28 -42.93 -40.96
O12 POV N . -13.08 -42.96 -39.93
C212 POV N . -11.36 -31.36 -30.99
C13 POV N . -13.79 -42.67 -42.92
O13 POV N . -11.48 -44.85 -39.44
C213 POV N . -11.54 -30.12 -30.13
C14 POV N . -15.04 -44.73 -42.62
O14 POV N . -12.44 -43.36 -37.53
C15 POV N . -16.19 -42.68 -43.23
C21 POV N . -10.51 -40.18 -36.70
O21 POV N . -9.27 -40.56 -36.96
C22 POV N . -10.70 -39.78 -35.26
O22 POV N . -11.39 -40.13 -37.52
C23 POV N . -9.81 -38.64 -34.85
C24 POV N . -10.17 -37.34 -35.54
C25 POV N . -10.92 -36.37 -34.69
C26 POV N . -10.15 -35.88 -33.47
C27 POV N . -8.82 -35.23 -33.81
C28 POV N . -8.91 -33.92 -34.52
C29 POV N . -9.05 -32.74 -33.60
C31 POV N . -6.91 -38.89 -37.87
O31 POV N . -7.10 -39.74 -38.87
C32 POV N . -7.34 -37.51 -38.24
O32 POV N . -6.45 -39.22 -36.80
C33 POV N . -7.06 -36.48 -37.17
C34 POV N . -5.59 -36.08 -37.11
C35 POV N . -5.24 -34.88 -37.96
C36 POV N . -5.22 -35.14 -39.44
C37 POV N . -4.88 -33.94 -40.29
H29 POV N . -8.35 -32.08 -33.65
H1 POV N . -8.93 -43.14 -38.73
H1A POV N . -9.78 -42.85 -37.47
H2 POV N . -9.38 -40.61 -38.98
H3 POV N . -7.01 -41.37 -37.72
H3A POV N . -7.23 -41.71 -39.22
H210 POV N . -10.70 -33.21 -32.68
H11 POV N . -14.77 -43.65 -39.10
H11A POV N . -14.25 -44.56 -40.25
H211 POV N . -9.35 -31.26 -31.30
H21A POV N . -10.16 -30.54 -32.41
H12 POV N . -15.17 -41.98 -40.83
H12A POV N . -16.19 -43.15 -40.72
H22 POV N . -11.62 -39.52 -35.11
H212 POV N . -12.14 -31.47 -31.56
H22A POV N . -10.51 -40.53 -34.69
H21B POV N . -11.31 -32.14 -30.41
H32 POV N . -6.88 -37.24 -39.05
H32A POV N . -8.29 -37.50 -38.44
H13 POV N . -13.68 -42.88 -43.84
H13A POV N . -13.82 -41.71 -42.79
H13B POV N . -13.06 -43.05 -42.39
H23 POV N . -9.86 -38.52 -33.89
H23A POV N . -8.88 -38.87 -35.06
H33 POV N . -7.61 -35.70 -37.34
H33A POV N . -7.33 -36.85 -36.31
H14 POV N . -14.91 -44.91 -43.56
H14A POV N . -14.30 -45.10 -42.11
H14B POV N . -15.88 -45.11 -42.33
H24 POV N . -9.35 -36.91 -35.85
H24A POV N . -10.70 -37.54 -36.33
H34 POV N . -5.37 -35.89 -36.19
H34A POV N . -5.06 -36.84 -37.39
H15 POV N . -16.05 -42.89 -44.17
H15A POV N . -17.03 -43.07 -42.92
H15B POV N . -16.21 -41.72 -43.10
H25 POV N . -11.17 -35.59 -35.23
H25A POV N . -11.74 -36.78 -34.39
H35 POV N . -5.87 -34.17 -37.78
H35A POV N . -4.36 -34.57 -37.69
H26 POV N . -10.70 -35.24 -33.00
H26A POV N . -10.00 -36.63 -32.88
H36 POV N . -4.58 -35.84 -39.64
H36A POV N . -6.10 -35.47 -39.71
H27 POV N . -8.32 -35.09 -32.97
H27A POV N . -8.30 -35.84 -34.34
H28 POV N . -8.12 -33.80 -35.07
H28A POV N . -9.67 -33.95 -35.12
C1 CLR O . 10.32 -19.63 -25.34
C2 CLR O . 9.94 -21.11 -25.43
C3 CLR O . 9.09 -21.40 -26.63
C4 CLR O . 9.81 -20.97 -27.89
C5 CLR O . 10.19 -19.50 -27.82
C6 CLR O . 9.80 -18.65 -28.76
C7 CLR O . 10.27 -17.24 -28.88
C8 CLR O . 11.34 -16.86 -27.87
C9 CLR O . 11.06 -17.53 -26.52
C10 CLR O . 11.02 -19.08 -26.61
C11 CLR O . 12.04 -17.03 -25.43
C12 CLR O . 12.07 -15.51 -25.31
C13 CLR O . 12.40 -14.84 -26.65
C14 CLR O . 11.38 -15.34 -27.67
C15 CLR O . 11.58 -14.44 -28.89
C16 CLR O . 11.94 -13.08 -28.28
C17 CLR O . 12.16 -13.31 -26.76
C18 CLR O . 13.85 -15.17 -27.07
C19 CLR O . 12.42 -19.71 -26.74
C20 CLR O . 13.16 -12.31 -26.15
C21 CLR O . 13.17 -12.32 -24.62
C22 CLR O . 12.89 -10.90 -26.70
C23 CLR O . 13.97 -9.88 -26.41
C24 CLR O . 13.68 -9.01 -25.21
C25 CLR O . 14.84 -8.14 -24.73
C26 CLR O . 16.04 -8.99 -24.34
C27 CLR O . 15.23 -7.11 -25.76
O1 CLR O . 8.80 -22.81 -26.69
H11 CLR O . 9.52 -19.11 -25.18
H12 CLR O . 10.91 -19.50 -24.58
H21 CLR O . 10.75 -21.65 -25.46
H22 CLR O . 9.47 -21.38 -24.62
H3 CLR O . 8.25 -20.92 -26.56
H41 CLR O . 10.61 -21.50 -28.01
H42 CLR O . 9.25 -21.12 -28.66
H6 CLR O . 9.19 -18.95 -29.38
H71 CLR O . 10.61 -17.10 -29.78
H72 CLR O . 9.50 -16.64 -28.77
H8 CLR O . 12.20 -17.16 -28.22
H9 CLR O . 10.18 -17.26 -26.25
H111 CLR O . 11.78 -17.41 -24.58
H112 CLR O . 12.93 -17.36 -25.63
H121 CLR O . 11.21 -15.19 -25.00
H122 CLR O . 12.72 -15.25 -24.65
H14 CLR O . 10.46 -15.27 -27.37
H151 CLR O . 12.27 -14.77 -29.47
H152 CLR O . 10.76 -14.38 -29.42
H161 CLR O . 12.75 -12.73 -28.69
H162 CLR O . 11.25 -12.42 -28.44
H17 CLR O . 11.40 -13.09 -26.18
H181 CLR O . 14.04 -14.73 -27.92
H182 CLR O . 14.46 -14.84 -26.40
H183 CLR O . 13.94 -16.13 -27.16
H191 CLR O . 12.84 -19.35 -27.53
H192 CLR O . 12.94 -19.47 -25.95
H193 CLR O . 12.34 -20.67 -26.81
H20 CLR O . 14.05 -12.60 -26.42
H211 CLR O . 13.82 -11.67 -24.31
H212 CLR O . 12.28 -12.08 -24.31
H213 CLR O . 13.40 -13.21 -24.32
H221 CLR O . 12.76 -10.95 -27.65
H222 CLR O . 12.06 -10.58 -26.32
H231 CLR O . 14.81 -10.34 -26.27
H232 CLR O . 14.09 -9.32 -27.19
H241 CLR O . 12.93 -8.43 -25.42
H242 CLR O . 13.39 -9.59 -24.48
H25 CLR O . 14.53 -7.67 -23.93
H261 CLR O . 16.75 -8.41 -24.03
H262 CLR O . 15.78 -9.60 -23.62
H263 CLR O . 16.32 -9.50 -25.11
H271 CLR O . 15.97 -6.58 -25.43
H272 CLR O . 15.50 -7.57 -26.58
H273 CLR O . 14.47 -6.54 -25.95
H1 CLR O . 8.32 -22.96 -27.37
C1 NAG P . 17.38 21.69 53.32
C2 NAG P . 16.42 21.85 54.50
C3 NAG P . 16.98 22.86 55.49
C4 NAG P . 18.38 22.42 55.93
C5 NAG P . 19.26 22.25 54.70
C6 NAG P . 20.63 21.72 55.03
C7 NAG P . 14.70 23.42 53.67
C8 NAG P . 13.25 23.77 53.85
N2 NAG P . 15.07 22.22 54.14
O3 NAG P . 16.11 22.99 56.60
O4 NAG P . 18.93 23.41 56.79
O5 NAG P . 18.66 21.32 53.79
O6 NAG P . 21.39 21.50 53.85
O7 NAG P . 15.49 24.19 53.15
H2 NAG P . 16.34 20.96 54.90
H3 NAG P . 17.06 23.73 55.06
H4 NAG P . 18.32 21.58 56.41
H5 NAG P . 19.35 23.14 54.31
H61 NAG P . 21.10 22.36 55.60
H62 NAG P . 20.55 20.89 55.52
H81 NAG P . 13.09 24.66 53.48
H82 NAG P . 12.72 23.12 53.38
H83 NAG P . 13.04 23.76 54.79
HN2 NAG P . 14.45 21.62 54.22
HO3 NAG P . 16.42 23.55 57.14
HO4 NAG P . 19.70 23.17 57.04
HO6 NAG P . 22.15 21.21 54.05
C1 CLR Q . 19.65 -28.55 9.01
C2 CLR Q . 18.92 -27.30 9.51
C3 CLR Q . 19.17 -27.07 10.99
C4 CLR Q . 18.70 -28.26 11.79
C5 CLR Q . 18.35 -29.45 10.92
C6 CLR Q . 17.19 -30.09 11.07
C7 CLR Q . 16.87 -31.41 10.46
C8 CLR Q . 18.03 -32.01 9.67
C9 CLR Q . 18.76 -30.90 8.90
C10 CLR Q . 19.36 -29.82 9.83
C11 CLR Q . 19.79 -31.48 7.91
C12 CLR Q . 19.21 -32.57 7.00
C13 CLR Q . 18.57 -33.71 7.80
C14 CLR Q . 17.51 -33.05 8.71
C15 CLR Q . 16.71 -34.23 9.25
C16 CLR Q . 16.71 -35.25 8.09
C17 CLR Q . 17.67 -34.69 7.00
C18 CLR Q . 19.63 -34.48 8.60
C19 CLR Q . 20.65 -30.29 10.54
C20 CLR Q . 18.28 -35.82 6.15
C21 CLR Q . 19.40 -35.33 5.24
C22 CLR Q . 17.19 -36.52 5.33
C23 CLR Q . 17.61 -37.76 4.62
C24 CLR Q . 16.52 -38.34 3.75
C25 CLR Q . 16.88 -39.59 2.96
C26 CLR Q . 17.25 -40.75 3.87
C27 CLR Q . 18.01 -39.30 1.97
O1 CLR Q . 20.57 -26.86 11.21
H11 CLR Q . 19.39 -28.70 8.09
H12 CLR Q . 20.60 -28.38 9.01
H21 CLR Q . 19.22 -26.52 9.01
H22 CLR Q . 17.98 -27.39 9.36
H3 CLR Q . 18.67 -26.29 11.27
H41 CLR Q . 19.40 -28.52 12.41
H42 CLR Q . 17.93 -28.01 12.31
H6 CLR Q . 16.55 -29.67 11.59
H71 CLR Q . 16.61 -32.03 11.17
H72 CLR Q . 16.10 -31.31 9.88
H8 CLR Q . 18.65 -32.43 10.29
H9 CLR Q . 18.10 -30.44 8.36
H111 CLR Q . 20.14 -30.76 7.36
H112 CLR Q . 20.53 -31.85 8.40
H121 CLR Q . 18.55 -32.18 6.41
H122 CLR Q . 19.91 -32.92 6.44
H14 CLR Q . 16.91 -32.46 8.21
H151 CLR Q . 17.11 -34.60 10.05
H152 CLR Q . 15.81 -33.97 9.49
H161 CLR Q . 17.01 -36.12 8.40
H162 CLR Q . 15.82 -35.37 7.74
H17 CLR Q . 17.26 -34.19 6.28
H181 CLR Q . 19.21 -35.20 9.09
H182 CLR Q . 20.28 -34.85 7.98
H183 CLR Q . 20.07 -33.87 9.21
H191 CLR Q . 20.47 -31.09 11.05
H192 CLR Q . 21.32 -30.48 9.85
H193 CLR Q . 20.98 -29.58 11.12
H20 CLR Q . 18.69 -36.44 6.77
H211 CLR Q . 19.75 -36.09 4.73
H212 CLR Q . 19.05 -34.66 4.63
H213 CLR Q . 20.11 -34.94 5.78
H221 CLR Q . 16.45 -36.73 5.93
H222 CLR Q . 16.85 -35.89 4.68
H231 CLR Q . 18.38 -37.58 4.06
H232 CLR Q . 17.89 -38.43 5.27
H241 CLR Q . 15.76 -38.56 4.33
H242 CLR Q . 16.22 -37.66 3.13
H25 CLR Q . 16.10 -39.85 2.45
H261 CLR Q . 17.48 -41.52 3.33
H262 CLR Q . 18.02 -40.49 4.41
H263 CLR Q . 16.50 -40.95 4.45
H271 CLR Q . 18.21 -40.13 1.49
H272 CLR Q . 17.72 -38.61 1.35
H273 CLR Q . 18.79 -39.01 2.47
H1 CLR Q . 20.70 -26.73 12.04
N POV R . 21.58 -43.60 -36.92
P POV R . 17.82 -42.34 -37.87
C1 POV R . 17.18 -42.29 -35.30
C2 POV R . 17.69 -41.75 -33.99
C3 POV R . 17.82 -40.24 -33.98
C210 POV R . 20.97 -39.17 -25.68
C310 POV R . 15.34 -32.69 -27.02
C11 POV R . 19.98 -43.40 -38.93
O11 POV R . 18.18 -42.08 -36.33
C211 POV R . 20.20 -38.45 -24.61
C311 POV R . 15.53 -31.20 -27.17
C12 POV R . 21.39 -43.32 -38.40
O12 POV R . 19.23 -42.20 -38.61
C212 POV R . 20.11 -36.98 -24.88
C312 POV R . 16.45 -30.59 -26.15
C13 POV R . 22.96 -44.09 -36.67
O13 POV R . 17.35 -43.78 -38.00
C213 POV R . 19.35 -36.20 -23.82
C313 POV R . 16.38 -29.09 -26.06
C14 POV R . 21.36 -42.35 -36.13
O14 POV R . 16.91 -41.23 -38.33
C214 POV R . 19.17 -34.74 -24.15
C314 POV R . 15.03 -28.57 -25.63
C15 POV R . 20.60 -44.64 -36.48
C215 POV R . 18.41 -33.96 -23.11
C315 POV R . 14.58 -29.03 -24.28
C216 POV R . 18.16 -32.52 -23.48
C316 POV R . 15.49 -28.62 -23.16
C217 POV R . 17.38 -31.75 -22.45
C218 POV R . 18.05 -31.69 -21.10
C21 POV R . 19.09 -43.61 -33.37
O21 POV R . 19.00 -42.31 -33.67
C22 POV R . 20.44 -43.98 -32.81
O22 POV R . 18.19 -44.40 -33.50
C23 POV R . 20.74 -43.35 -31.50
C24 POV R . 19.69 -43.69 -30.45
C25 POV R . 20.23 -43.80 -29.05
C26 POV R . 20.86 -42.53 -28.51
C27 POV R . 19.94 -41.33 -28.57
C28 POV R . 20.52 -40.09 -27.94
C29 POV R . 20.50 -40.12 -26.45
C31 POV R . 17.47 -39.71 -31.71
O31 POV R . 18.34 -39.81 -32.70
C32 POV R . 18.06 -39.00 -30.53
O32 POV R . 16.34 -40.13 -31.76
C33 POV R . 17.14 -38.90 -29.35
C34 POV R . 16.07 -37.84 -29.51
C35 POV R . 16.60 -36.43 -29.59
C36 POV R . 15.54 -35.37 -29.49
C37 POV R . 16.04 -33.96 -29.68
C38 POV R . 17.08 -33.52 -28.68
C39 POV R . 16.59 -33.51 -27.25
H29 POV R . 20.11 -40.89 -26.02
H1 POV R . 16.98 -43.23 -35.23
H1A POV R . 16.36 -41.84 -35.56
H2 POV R . 17.04 -42.01 -33.33
H3 POV R . 18.40 -39.95 -34.70
H3A POV R . 16.95 -39.83 -34.15
H310 POV R . 15.00 -32.87 -26.14
H31A POV R . 14.66 -32.98 -27.66
H210 POV R . 21.89 -38.92 -25.81
H11 POV R . 20.00 -43.54 -39.89
H11A POV R . 19.53 -44.18 -38.55
H211 POV R . 19.31 -38.82 -24.55
H21A POV R . 20.64 -38.59 -23.76
H311 POV R . 15.88 -31.02 -28.06
H31B POV R . 14.67 -30.77 -27.11
H12 POV R . 21.73 -42.42 -38.58
H12A POV R . 21.94 -43.94 -38.90
H22 POV R . 20.49 -44.94 -32.73
H212 POV R . 21.00 -36.62 -24.95
H22A POV R . 21.12 -43.72 -33.45
H21B POV R . 19.67 -36.85 -25.73
H32 POV R . 18.88 -39.45 -30.27
H312 POV R . 16.25 -30.97 -25.28
H32A POV R . 18.32 -38.09 -30.80
H31C POV R . 17.37 -30.85 -26.36
H13 POV R . 23.06 -44.26 -35.72
H13A POV R . 23.10 -44.90 -37.18
H13B POV R . 23.59 -43.40 -36.96
H23 POV R . 21.61 -43.64 -31.19
H213 POV R . 18.47 -36.61 -23.70
H23A POV R . 20.77 -42.38 -31.60
H21C POV R . 19.82 -36.27 -22.98
H33 POV R . 16.72 -39.77 -29.22
H313 POV R . 17.05 -28.78 -25.43
H33A POV R . 17.66 -38.71 -28.55
H31D POV R . 16.60 -28.71 -26.93
H14 POV R . 21.47 -42.55 -35.19
H14A POV R . 22.00 -41.69 -36.42
H14B POV R . 20.46 -42.04 -36.29
H24 POV R . 19.00 -43.01 -30.47
H214 POV R . 20.04 -34.34 -24.27
H24A POV R . 19.27 -44.53 -30.69
H21D POV R . 18.70 -34.66 -25.00
H34 POV R . 15.57 -38.03 -30.32
H314 POV R . 15.06 -27.59 -25.64
H34A POV R . 15.45 -37.91 -28.77
H31E POV R . 14.37 -28.84 -26.29
H15 POV R . 20.73 -44.80 -35.53
H15A POV R . 19.70 -44.31 -36.64
H15B POV R . 20.76 -45.45 -36.99
H25 POV R . 19.50 -44.06 -28.45
H215 POV R . 17.55 -34.39 -22.95
H25A POV R . 20.89 -44.51 -29.02
H21E POV R . 18.90 -33.98 -22.27
H35 POV R . 17.24 -36.30 -28.87
H315 POV R . 13.68 -28.68 -24.10
H35A POV R . 17.08 -36.32 -30.43
H31F POV R . 14.50 -30.00 -24.28
H26 POV R . 21.13 -42.68 -27.59
H216 POV R . 19.01 -32.08 -23.63
H26A POV R . 21.66 -42.35 -29.03
H21F POV R . 17.68 -32.49 -24.33
H36 POV R . 14.85 -35.55 -30.16
H316 POV R . 15.14 -28.95 -22.32
H36A POV R . 15.12 -35.43 -28.61
H31G POV R . 16.37 -28.98 -23.31
H31H POV R . 15.54 -27.64 -23.13
H27 POV R . 19.73 -41.13 -29.49
H217 POV R . 17.23 -30.84 -22.77
H27A POV R . 19.11 -41.53 -28.12
H21G POV R . 16.50 -32.15 -22.35
H37 POV R . 16.42 -33.88 -30.57
H37A POV R . 15.29 -33.36 -29.65
H28 POV R . 21.44 -39.99 -28.24
H218 POV R . 17.49 -31.19 -20.50
H28A POV R . 20.03 -39.32 -28.26
H21H POV R . 18.17 -32.59 -20.77
H21J POV R . 18.92 -31.26 -21.21
H38 POV R . 17.84 -34.10 -28.74
H38A POV R . 17.37 -32.62 -28.91
H39 POV R . 17.29 -33.17 -26.68
H39A POV R . 16.41 -34.42 -26.97
C1 CLR S . 28.44 -25.76 9.38
C2 CLR S . 29.55 -26.60 10.02
C3 CLR S . 30.84 -25.83 10.18
C4 CLR S . 31.15 -25.01 8.94
C5 CLR S . 30.28 -25.42 7.76
C6 CLR S . 30.83 -25.88 6.64
C7 CLR S . 30.08 -26.21 5.39
C8 CLR S . 28.58 -25.93 5.47
C9 CLR S . 28.06 -26.17 6.90
C10 CLR S . 28.78 -25.27 7.94
C11 CLR S . 26.53 -26.11 6.99
C12 CLR S . 25.85 -27.01 5.95
C13 CLR S . 26.29 -26.67 4.53
C14 CLR S . 27.82 -26.81 4.50
C15 CLR S . 28.17 -26.75 3.01
C16 CLR S . 26.92 -27.32 2.30
C17 CLR S . 25.94 -27.72 3.44
C18 CLR S . 25.82 -25.27 4.13
C19 CLR S . 28.42 -23.79 7.80
C20 CLR S . 24.47 -27.88 3.02
C21 CLR S . 23.76 -28.90 3.91
C22 CLR S . 24.32 -28.26 1.53
C23 CLR S . 22.90 -28.27 1.03
C24 CLR S . 22.78 -28.71 -0.41
C25 CLR S . 23.17 -30.16 -0.74
C26 CLR S . 22.81 -31.11 0.39
C27 CLR S . 24.64 -30.28 -1.09
O1 CLR S . 30.73 -24.95 11.31
H11 CLR S . 27.62 -26.28 9.35
H12 CLR S . 28.28 -24.99 9.93
H21 CLR S . 29.26 -26.93 10.89
H22 CLR S . 29.72 -27.38 9.47
H3 CLR S . 31.56 -26.46 10.32
H41 CLR S . 31.00 -24.07 9.13
H42 CLR S . 32.08 -25.13 8.71
H6 CLR S . 31.75 -25.99 6.63
H71 CLR S . 30.45 -25.70 4.65
H72 CLR S . 30.21 -27.14 5.19
H8 CLR S . 28.44 -24.99 5.24
H9 CLR S . 28.30 -27.09 7.14
H111 CLR S . 26.25 -26.37 7.87
H112 CLR S . 26.24 -25.20 6.85
H121 CLR S . 26.04 -27.94 6.15
H122 CLR S . 24.88 -26.91 6.02
H14 CLR S . 28.15 -27.66 4.86
H151 CLR S . 28.36 -25.84 2.72
H152 CLR S . 28.96 -27.28 2.81
H161 CLR S . 26.52 -26.66 1.72
H162 CLR S . 27.15 -28.09 1.76
H17 CLR S . 26.04 -28.62 3.77
H181 CLR S . 26.11 -25.08 3.23
H182 CLR S . 24.85 -25.24 4.17
H183 CLR S . 26.19 -24.62 4.75
H191 CLR S . 28.65 -23.50 6.89
H192 CLR S . 27.47 -23.67 7.96
H193 CLR S . 28.93 -23.27 8.44
H20 CLR S . 24.04 -27.02 3.13
H211 CLR S . 22.84 -28.98 3.62
H212 CLR S . 24.21 -29.76 3.82
H213 CLR S . 23.79 -28.60 4.82
H221 CLR S . 24.84 -27.64 1.00
H222 CLR S . 24.70 -29.14 1.41
H231 CLR S . 22.37 -28.86 1.58
H232 CLR S . 22.53 -27.38 1.12
H241 CLR S . 21.86 -28.57 -0.70
H242 CLR S . 23.33 -28.12 -0.96
H25 CLR S . 22.66 -30.42 -1.52
H261 CLR S . 23.07 -32.00 0.15
H262 CLR S . 23.28 -30.83 1.19
H263 CLR S . 21.85 -31.07 0.55
H271 CLR S . 24.84 -31.21 -1.28
H272 CLR S . 24.83 -29.73 -1.87
H273 CLR S . 25.17 -29.97 -0.33
H1 CLR S . 31.45 -24.51 11.39
C1 CLR T . 23.57 -25.83 9.73
C2 CLR T . 24.15 -25.28 11.04
C3 CLR T . 24.99 -24.04 10.86
C4 CLR T . 25.43 -23.89 9.40
C5 CLR T . 24.26 -23.81 8.45
C6 CLR T . 24.29 -23.06 7.37
C7 CLR T . 23.50 -23.31 6.13
C8 CLR T . 22.38 -24.34 6.30
C9 CLR T . 22.74 -25.40 7.36
C10 CLR T . 23.10 -24.75 8.72
C11 CLR T . 21.66 -26.50 7.45
C12 CLR T . 21.38 -27.14 6.09
C13 CLR T . 20.98 -26.11 5.03
C14 CLR T . 22.11 -25.06 4.98
C15 CLR T . 21.82 -24.23 3.74
C16 CLR T . 21.19 -25.25 2.76
C17 CLR T . 21.05 -26.58 3.55
C18 CLR T . 19.62 -25.48 5.37
C19 CLR T . 21.91 -23.94 9.30
C20 CLR T . 19.98 -27.53 2.96
C21 CLR T . 18.57 -26.94 2.91
C22 CLR T . 19.97 -28.85 3.73
C23 CLR T . 19.37 -30.02 2.99
C24 CLR T . 19.26 -31.26 3.84
C25 CLR T . 20.42 -32.25 3.75
C26 CLR T . 21.75 -31.58 4.11
C27 CLR T . 20.51 -32.90 2.39
O1 CLR T . 24.24 -22.88 11.24
H11 CLR T . 24.24 -26.38 9.30
H12 CLR T . 22.82 -26.41 9.93
H21 CLR T . 23.41 -25.08 11.65
H22 CLR T . 24.69 -25.96 11.46
H3 CLR T . 25.78 -24.13 11.40
H41 CLR T . 25.97 -23.09 9.32
H42 CLR T . 25.99 -24.64 9.16
H6 CLR T . 24.85 -22.31 7.38
H71 CLR T . 23.10 -22.47 5.83
H72 CLR T . 24.09 -23.61 5.43
H8 CLR T . 21.59 -23.86 6.58
H9 CLR T . 23.55 -25.85 7.07
H111 CLR T . 21.96 -27.18 8.08
H112 CLR T . 20.85 -26.11 7.80
H121 CLR T . 22.15 -27.63 5.79
H122 CLR T . 20.65 -27.79 6.19
H14 CLR T . 23.00 -25.46 4.90
H151 CLR T . 21.22 -23.50 3.94
H152 CLR T . 22.63 -23.84 3.37
H161 CLR T . 20.32 -24.93 2.46
H162 CLR T . 21.74 -25.36 1.97
H17 CLR T . 21.78 -27.22 3.46
H181 CLR T . 19.40 -24.84 4.68
H182 CLR T . 18.96 -26.18 5.39
H183 CLR T . 19.68 -25.05 6.23
H191 CLR T . 21.64 -23.28 8.65
H192 CLR T . 21.18 -24.55 9.48
H193 CLR T . 22.20 -23.51 10.12
H20 CLR T . 20.22 -27.67 2.03
H211 CLR T . 17.96 -27.60 2.52
H212 CLR T . 18.28 -26.72 3.81
H213 CLR T . 18.58 -26.14 2.35
H221 CLR T . 20.88 -29.07 3.96
H222 CLR T . 19.49 -28.72 4.56
H231 CLR T . 18.48 -29.77 2.67
H232 CLR T . 19.91 -30.21 2.21
H241 CLR T . 19.15 -30.99 4.77
H242 CLR T . 18.45 -31.73 3.60
H25 CLR T . 20.26 -32.94 4.42
H261 CLR T . 22.46 -32.24 4.04
H262 CLR T . 21.91 -30.86 3.48
H263 CLR T . 21.70 -31.24 5.01
H271 CLR T . 21.25 -33.51 2.37
H272 CLR T . 19.68 -33.37 2.21
H273 CLR T . 20.63 -32.20 1.72
H1 CLR T . 24.72 -22.19 11.13
N POV U . 22.92 -11.80 -7.55
P POV U . 19.96 -10.30 -10.76
C1 POV U . 19.49 -11.75 -12.91
C2 POV U . 20.01 -12.93 -13.70
C3 POV U . 19.25 -13.15 -14.99
C210 POV U . 20.53 -23.47 -15.34
C11 POV U . 20.68 -11.93 -8.81
O11 POV U . 20.29 -11.54 -11.71
C211 POV U . 20.27 -24.82 -15.93
C12 POV U . 21.42 -11.97 -7.50
O12 POV U . 20.80 -10.63 -9.43
C212 POV U . 21.25 -25.86 -15.49
C13 POV U . 23.54 -12.44 -6.37
O13 POV U . 20.54 -9.06 -11.39
C213 POV U . 22.69 -25.59 -15.91
C14 POV U . 23.46 -12.43 -8.78
O14 POV U . 18.50 -10.35 -10.42
C15 POV U . 23.27 -10.35 -7.55
C21 POV U . 21.02 -14.45 -12.14
O21 POV U . 19.97 -14.14 -12.91
C22 POV U . 20.78 -15.63 -11.24
O22 POV U . 22.05 -13.82 -12.17
C23 POV U . 20.51 -16.89 -12.00
C24 POV U . 20.42 -18.10 -11.07
C25 POV U . 20.27 -19.42 -11.78
C26 POV U . 19.01 -19.54 -12.62
C27 POV U . 18.80 -20.92 -13.21
C28 POV U . 19.93 -21.43 -14.04
C29 POV U . 19.70 -22.80 -14.59
C31 POV U . 17.08 -13.75 -15.66
O31 POV U . 17.86 -13.35 -14.66
C32 POV U . 16.65 -15.17 -15.48
O32 POV U . 16.77 -13.04 -16.59
C33 POV U . 15.17 -15.36 -15.49
C34 POV U . 14.61 -15.54 -16.88
C35 POV U . 13.15 -15.93 -16.92
C36 POV U . 12.65 -16.32 -18.29
C37 POV U . 12.71 -15.22 -19.32
C38 POV U . 12.21 -15.61 -20.68
C39 POV U . 12.22 -14.49 -21.69
H29 POV U . 18.86 -23.23 -14.37
H1 POV U . 19.50 -10.95 -13.44
H1A POV U . 18.57 -11.91 -12.65
H2 POV U . 20.93 -12.70 -13.93
H3 POV U . 19.35 -12.40 -15.59
H3A POV U . 19.59 -13.93 -15.45
H210 POV U . 21.40 -23.06 -15.53
H11 POV U . 21.03 -12.61 -9.40
H11A POV U . 19.74 -12.15 -8.67
H211 POV U . 19.38 -25.11 -15.69
H21A POV U . 20.29 -24.75 -16.89
H12 POV U . 21.22 -12.82 -7.06
H12A POV U . 21.05 -11.27 -6.93
H22 POV U . 21.56 -15.75 -10.68
H212 POV U . 21.22 -25.94 -14.52
H22A POV U . 20.03 -15.44 -10.66
H21B POV U . 20.98 -26.72 -15.85
H32 POV U . 17.03 -15.72 -16.18
H32A POV U . 17.01 -15.51 -14.63
H13 POV U . 24.50 -12.33 -6.41
H13A POV U . 23.20 -12.02 -5.56
H13B POV U . 23.32 -13.38 -6.36
H23 POV U . 19.69 -16.81 -12.49
H23A POV U . 21.22 -17.05 -12.64
H33 POV U . 14.94 -16.14 -14.95
H33A POV U . 14.75 -14.60 -15.07
H14 POV U . 24.42 -12.32 -8.80
H14A POV U . 23.24 -13.38 -8.78
H14B POV U . 23.06 -12.01 -9.56
H24 POV U . 21.20 -18.13 -10.51
H24A POV U . 19.66 -17.97 -10.48
H34 POV U . 14.72 -14.71 -17.37
H34A POV U . 15.13 -16.21 -17.35
H15 POV U . 24.23 -10.27 -7.59
H15A POV U . 22.88 -9.93 -8.33
H15B POV U . 22.93 -9.94 -6.74
H25 POV U . 21.03 -19.56 -12.35
H25A POV U . 20.26 -20.13 -11.11
H35 POV U . 13.02 -16.68 -16.32
H35A POV U . 12.62 -15.20 -16.60
H26 POV U . 18.24 -19.31 -12.06
H26A POV U . 19.05 -18.89 -13.33
H36 POV U . 13.18 -17.08 -18.61
H36A POV U . 11.74 -16.63 -18.22
H27 POV U . 18.64 -21.56 -12.48
H27A POV U . 17.99 -20.91 -13.75
H37 POV U . 12.20 -14.47 -19.00
H37A POV U . 13.63 -14.92 -19.40
H28 POV U . 20.07 -20.80 -14.78
H28A POV U . 20.74 -21.43 -13.51
H38 POV U . 12.74 -16.34 -21.01
H38A POV U . 11.31 -15.95 -20.59
C1 CLR V . -20.34 -33.49 22.96
C2 CLR V . -20.52 -32.19 23.73
C3 CLR V . -19.49 -31.17 23.34
C4 CLR V . -19.54 -30.92 21.85
C5 CLR V . -19.37 -32.21 21.07
C6 CLR V . -18.42 -32.33 20.16
C7 CLR V . -18.29 -33.46 19.19
C8 CLR V . -19.44 -34.46 19.29
C9 CLR V . -19.85 -34.65 20.76
C10 CLR V . -20.33 -33.33 21.41
C11 CLR V . -20.84 -35.82 20.94
C12 CLR V . -20.37 -37.12 20.28
C13 CLR V . -20.08 -36.92 18.78
C14 CLR V . -19.02 -35.80 18.70
C15 CLR V . -18.52 -35.85 17.26
C16 CLR V . -18.60 -37.34 16.89
C17 CLR V . -19.32 -38.07 18.06
C18 CLR V . -21.36 -36.57 18.02
C19 CLR V . -21.74 -32.92 20.94
C20 CLR V . -20.08 -39.31 17.59
C21 CLR V . -20.84 -40.00 18.72
C22 CLR V . -19.12 -40.30 16.92
C23 CLR V . -19.14 -40.29 15.42
C24 CLR V . -18.07 -41.14 14.81
C25 CLR V . -18.07 -41.21 13.28
C26 CLR V . -17.11 -42.26 12.78
C27 CLR V . -17.72 -39.85 12.68
O1 CLR V . -19.72 -29.94 24.04
H11 CLR V . -19.49 -33.90 23.23
H12 CLR V . -21.04 -34.11 23.20
H21 CLR V . -21.41 -31.83 23.55
H22 CLR V . -20.47 -32.36 24.68
H3 CLR V . -18.60 -31.50 23.58
H41 CLR V . -20.38 -30.50 21.62
H42 CLR V . -18.83 -30.29 21.59
H6 CLR V . -17.77 -31.66 20.11
H71 CLR V . -18.26 -33.11 18.29
H72 CLR V . -17.45 -33.92 19.34
H8 CLR V . -20.19 -34.12 18.79
H9 CLR V . -19.05 -34.90 21.25
H111 CLR V . -20.97 -35.98 21.88
H112 CLR V . -21.69 -35.56 20.57
H121 CLR V . -19.58 -37.45 20.72
H122 CLR V . -21.05 -37.80 20.38
H14 CLR V . -18.26 -35.95 19.30
H151 CLR V . -19.08 -35.30 16.68
H152 CLR V . -17.62 -35.52 17.19
H161 CLR V . -19.09 -37.46 16.07
H162 CLR V . -17.72 -37.70 16.76
H17 CLR V . -18.74 -38.49 18.71
H181 CLR V . -21.16 -36.44 17.09
H182 CLR V . -22.00 -37.29 18.13
H183 CLR V . -21.73 -35.75 18.38
H191 CLR V . -21.73 -32.82 19.97
H192 CLR V . -22.37 -33.62 21.19
H193 CLR V . -21.98 -32.08 21.35
H20 CLR V . -20.74 -39.02 16.95
H211 CLR V . -21.29 -40.78 18.36
H212 CLR V . -20.21 -40.28 19.41
H213 CLR V . -21.49 -39.38 19.09
H221 CLR V . -18.22 -40.10 17.21
H222 CLR V . -19.32 -41.20 17.23
H231 CLR V . -20.01 -40.60 15.11
H232 CLR V . -19.04 -39.38 15.10
H241 CLR V . -17.20 -40.81 15.10
H242 CLR V . -18.16 -42.05 15.15
H25 CLR V . -18.96 -41.45 13.00
H261 CLR V . -17.13 -42.28 11.80
H262 CLR V . -16.21 -42.05 13.08
H263 CLR V . -17.37 -43.13 13.13
H271 CLR V . -17.72 -39.93 11.71
H272 CLR V . -18.38 -39.20 12.96
H273 CLR V . -16.84 -39.58 12.99
H1 CLR V . -19.14 -29.37 23.82
C1 CLR W . -14.64 -32.62 21.59
C2 CLR W . -14.88 -32.04 22.98
C3 CLR W . -15.96 -32.78 23.72
C4 CLR W . -15.60 -34.25 23.80
C5 CLR W . -15.35 -34.85 22.44
C6 CLR W . -16.02 -35.91 22.03
C7 CLR W . -15.72 -36.70 20.80
C8 CLR W . -14.49 -36.21 20.05
C9 CLR W . -14.41 -34.67 20.12
C10 CLR W . -14.31 -34.14 21.58
C11 CLR W . -13.30 -34.12 19.21
C12 CLR W . -13.39 -34.64 17.77
C13 CLR W . -13.37 -36.17 17.72
C14 CLR W . -14.54 -36.65 18.60
C15 CLR W . -14.67 -38.14 18.28
C16 CLR W . -14.29 -38.23 16.79
C17 CLR W . -13.77 -36.83 16.36
C18 CLR W . -12.01 -36.72 18.19
C19 CLR W . -12.93 -34.38 22.21
C20 CLR W . -12.76 -36.92 15.21
C21 CLR W . -12.02 -35.61 14.95
C22 CLR W . -13.46 -37.40 13.94
C23 CLR W . -12.79 -38.54 13.23
C24 CLR W . -12.99 -39.86 13.92
C25 CLR W . -12.29 -41.04 13.28
C26 CLR W . -12.82 -42.36 13.83
C27 CLR W . -10.78 -40.97 13.48
O1 CLR W . -16.13 -32.24 25.03
H11 CLR W . -15.43 -32.47 21.04
H12 CLR W . -13.91 -32.15 21.16
H21 CLR W . -14.05 -32.08 23.49
H22 CLR W . -15.11 -31.11 22.90
H3 CLR W . -16.79 -32.69 23.23
H41 CLR W . -14.80 -34.35 24.36
H42 CLR W . -16.32 -34.73 24.25
H6 CLR W . -16.74 -36.19 22.55
H71 CLR W . -15.59 -37.63 21.05
H72 CLR W . -16.48 -36.67 20.20
H8 CLR W . -13.70 -36.59 20.48
H9 CLR W . -15.24 -34.33 19.78
H111 CLR W . -13.35 -33.15 19.19
H112 CLR W . -12.43 -34.35 19.58
H121 CLR W . -14.20 -34.31 17.35
H122 CLR W . -12.64 -34.29 17.25
H14 CLR W . -15.37 -36.20 18.39
H151 CLR W . -14.08 -38.66 18.84
H152 CLR W . -15.57 -38.45 18.44
H161 CLR W . -13.60 -38.90 16.66
H162 CLR W . -15.05 -38.49 16.26
H17 CLR W . -14.41 -36.24 15.94
H181 CLR W . -12.02 -37.68 18.16
H182 CLR W . -11.31 -36.37 17.62
H183 CLR W . -11.85 -36.42 19.11
H191 CLR W . -12.73 -35.33 22.19
H192 CLR W . -12.26 -33.90 21.69
H193 CLR W . -12.94 -34.05 23.12
H20 CLR W . -12.09 -37.56 15.49
H211 CLR W . -11.40 -35.75 14.21
H212 CLR W . -12.67 -34.92 14.72
H213 CLR W . -11.54 -35.36 15.74
H221 CLR W . -14.37 -37.66 14.15
H222 CLR W . -13.53 -36.64 13.32
H231 CLR W . -13.14 -38.60 12.32
H232 CLR W . -11.85 -38.36 13.15
H241 CLR W . -12.67 -39.78 14.84
H242 CLR W . -13.94 -40.04 13.97
H25 CLR W . -12.47 -41.02 12.33
H261 CLR W . -12.36 -43.10 13.40
H262 CLR W . -12.67 -42.39 14.79
H263 CLR W . -13.78 -42.42 13.64
H271 CLR W . -10.37 -41.74 13.06
H272 CLR W . -10.45 -40.16 13.08
H273 CLR W . -10.59 -40.97 14.43
H1 CLR W . -16.73 -32.65 25.44
N POV X . -13.58 -56.34 -9.26
P POV X . -17.86 -58.16 -10.19
C1 POV X . -19.51 -56.15 -10.61
C2 POV X . -20.27 -55.08 -9.86
C3 POV X . -21.46 -55.62 -9.11
C210 POV X . -20.20 -46.43 -5.34
C11 POV X . -15.84 -56.46 -10.47
O11 POV X . -18.77 -56.96 -9.66
C211 POV X . -19.73 -45.11 -5.87
C12 POV X . -14.65 -57.21 -9.92
O12 POV X . -16.76 -57.40 -11.10
C212 POV X . -20.76 -44.03 -5.74
C13 POV X . -12.50 -57.21 -8.71
O13 POV X . -18.71 -58.99 -11.11
C213 POV X . -20.29 -42.67 -6.25
C14 POV X . -13.00 -55.42 -10.26
O14 POV X . -17.17 -58.80 -9.01
C214 POV X . -19.33 -41.96 -5.33
C15 POV X . -14.18 -55.55 -8.15
C215 POV X . -19.96 -41.54 -4.02
C216 POV X . -21.00 -40.47 -4.16
C217 POV X . -21.86 -40.29 -2.94
C218 POV X . -21.09 -40.10 -1.66
C21 POV X . -19.79 -53.17 -11.22
O21 POV X . -20.70 -54.04 -10.79
C22 POV X . -20.32 -52.15 -12.18
O22 POV X . -18.64 -53.17 -10.83
C23 POV X . -20.10 -50.75 -11.73
C24 POV X . -20.64 -50.48 -10.34
C25 POV X . -20.51 -49.05 -9.89
C26 POV X . -21.12 -48.75 -8.55
C27 POV X . -21.26 -47.28 -8.24
C28 POV X . -22.04 -46.98 -6.99
C29 POV X . -21.24 -47.14 -5.73
C31 POV X . -23.18 -54.83 -7.70
O31 POV X . -22.13 -54.51 -8.45
C32 POV X . -24.03 -53.63 -7.43
O32 POV X . -23.40 -55.94 -7.32
C33 POV X . -23.32 -52.56 -6.65
C34 POV X . -24.21 -51.35 -6.39
C35 POV X . -23.66 -50.38 -5.38
C36 POV X . -24.56 -49.21 -5.10
C37 POV X . -24.08 -48.31 -4.00
C38 POV X . -24.93 -47.07 -3.80
H29 POV X . -21.52 -47.85 -5.14
H1 POV X . -20.11 -56.70 -11.12
H1A POV X . -18.90 -55.74 -11.25
H2 POV X . -19.66 -54.71 -9.20
H3 POV X . -22.08 -56.06 -9.72
H3A POV X . -21.19 -56.28 -8.46
H210 POV X . -19.68 -46.82 -4.62
H11 POV X . -16.29 -55.98 -9.76
H11A POV X . -15.54 -55.80 -11.12
H211 POV X . -18.93 -44.86 -5.39
H21A POV X . -19.50 -45.22 -6.80
H12 POV X . -14.24 -57.71 -10.63
H12A POV X . -14.97 -57.85 -9.26
H22 POV X . -19.91 -52.28 -13.04
H212 POV X . -21.55 -44.28 -6.23
H22A POV X . -21.27 -52.30 -12.30
H21B POV X . -21.00 -43.94 -4.80
H32 POV X . -24.34 -53.25 -8.26
H32A POV X . -24.82 -53.90 -6.93
H13 POV X . -11.84 -56.64 -8.29
H13A POV X . -12.89 -57.81 -8.05
H13B POV X . -12.11 -57.72 -9.43
H23 POV X . -19.15 -50.55 -11.75
H213 POV X . -19.87 -42.80 -7.11
H23A POV X . -20.52 -50.14 -12.36
H21C POV X . -21.06 -42.11 -6.40
H33 POV X . -23.02 -52.93 -5.80
H33A POV X . -22.53 -52.29 -7.13
H14 POV X . -12.32 -54.88 -9.84
H14A POV X . -12.60 -55.94 -10.98
H14B POV X . -13.70 -54.85 -10.62
H24 POV X . -21.58 -50.73 -10.32
H214 POV X . -18.58 -42.54 -5.15
H24A POV X . -20.18 -51.05 -9.71
H21D POV X . -18.99 -41.18 -5.78
H34 POV X . -24.34 -50.88 -7.23
H34A POV X . -25.08 -51.66 -6.10
H15 POV X . -13.49 -55.00 -7.74
H15A POV X . -14.88 -54.98 -8.52
H15B POV X . -14.56 -56.16 -7.50
H25 POV X . -19.57 -48.82 -9.86
H215 POV X . -20.35 -42.32 -3.59
H25A POV X . -20.91 -48.47 -10.56
H21E POV X . -19.25 -41.22 -3.44
H35 POV X . -23.48 -50.86 -4.55
H35A POV X . -22.81 -50.04 -5.71
H26 POV X . -22.00 -49.17 -8.51
H216 POV X . -20.57 -39.63 -4.36
H26A POV X . -20.58 -49.17 -7.86
H21F POV X . -21.57 -40.69 -4.91
H36 POV X . -24.67 -48.69 -5.91
H36A POV X . -25.44 -49.55 -4.87
H27 POV X . -20.37 -46.89 -8.16
H217 POV X . -22.45 -39.53 -3.07
H27A POV X . -21.69 -46.83 -8.99
H21G POV X . -22.44 -41.06 -2.84
H37 POV X . -24.05 -48.80 -3.18
H37A POV X . -23.18 -48.02 -4.20
H28 POV X . -22.37 -46.06 -7.03
H218 POV X . -21.70 -39.99 -0.92
H28A POV X . -22.80 -47.56 -6.95
H21H POV X . -20.53 -40.88 -1.52
H21J POV X . -20.53 -39.32 -1.74
#